data_3OPM
#
_entry.id   3OPM
#
_cell.length_a   121.771
_cell.length_b   122.557
_cell.length_c   144.737
_cell.angle_alpha   90.00
_cell.angle_beta   115.00
_cell.angle_gamma   90.00
#
_symmetry.space_group_name_H-M   'P 1 21 1'
#
loop_
_entity.id
_entity.type
_entity.pdbx_description
1 polymer 'Dipeptidyl peptidase 4'
2 branched 2-acetamido-2-deoxy-beta-D-glucopyranose-(1-4)-2-acetamido-2-deoxy-beta-D-glucopyranose
3 non-polymer 2-{[3-(aminomethyl)-2-(2-methylpropyl)-1-oxo-4-phenyl-1,2-dihydroisoquinolin-6-yl]oxy}acetamide
4 non-polymer 2-acetamido-2-deoxy-beta-D-glucopyranose
5 water water
#
_entity_poly.entity_id   1
_entity_poly.type   'polypeptide(L)'
_entity_poly.pdbx_seq_one_letter_code
;ADPGGSHHHHHHSRKTYTLTDYLKNTYRLKLYSLRWISDHEYLYKQENNILVFNAEYGNSSVFLENSTFDEFGHSINDYS
ISPDGQFILLEYNYVKQWRHSYTASYDIYDLNKRQLITEERIPNNTQWVTWSPVGHKLAYVWNNDIYVKIEPNLPSYRIT
WTGKEDIIYNGITDWVYEEEVFSAYSALWWSPNGTFLAYAQFNDTEVPLIEYSFYSDESLQYPKTVRVPYPKAGAVNPTV
KFFVVNTDSLSSVTNATSIQITAPASMLIGDHYLCDVTWATQERISLQWLRRIQNYSVMDICDYDESSGRWNCLVARQHI
EMSTTGWVGRFRPSEPHFTLDGNSFYKIISNEEGYRHICYFQIDKKDCTFITKGTWEVIGIEALTSDYLYYISNEYKGMP
GGRNLYKIQLSDYTKVTCLSCELNPERCQYYSVSFSKEAKYYQLRCSGPGLPLYTLHSSVNDKGLRVLEDNSALDKMLQN
VQMPSKKLDFIILNETKFWYQMILPPHFDKSKKYPLLLDVYAGPCSQKADTVFRLNWATYLASTENIIVASFDGRGSGYQ
GDKIMHAINRRLGTFEVEDQIEAARQFSKMGFVDNKRIAIWGWSYGGYVTSMVLGSGSGVFKCGIAVAPVSRWEYYDSVY
TERYMGLPTPEDNLDHYRNSTVMSRAENFKQVEYLLIHGTADDNVHFQQSAQISKALVDVGVDFQAMWYTDEDHGIASST
AHQHIYTHMSHFIKQCFSLP
;
_entity_poly.pdbx_strand_id   A,B,C,D
#
loop_
_chem_comp.id
_chem_comp.type
_chem_comp.name
_chem_comp.formula
LUI non-polymer 2-{[3-(aminomethyl)-2-(2-methylpropyl)-1-oxo-4-phenyl-1,2-dihydroisoquinolin-6-yl]oxy}acetamide 'C22 H25 N3 O3'
NAG D-saccharide, beta linking 2-acetamido-2-deoxy-beta-D-glucopyranose 'C8 H15 N O6'
#
# COMPACT_ATOMS: atom_id res chain seq x y z
CA ARG A 14 -14.68 28.97 7.57
C ARG A 14 -14.22 27.82 8.52
N LYS A 15 -13.39 26.91 8.01
CA LYS A 15 -12.99 25.71 8.75
C LYS A 15 -11.97 25.94 9.88
N THR A 16 -12.20 25.32 11.03
CA THR A 16 -11.26 25.38 12.16
C THR A 16 -10.25 24.23 12.13
N TYR A 17 -9.25 24.32 13.00
CA TYR A 17 -8.24 23.27 13.14
C TYR A 17 -8.79 22.26 14.12
N THR A 18 -9.18 21.09 13.59
CA THR A 18 -9.96 20.09 14.34
C THR A 18 -9.07 19.11 15.11
N LEU A 19 -9.67 18.37 16.03
CA LEU A 19 -8.94 17.32 16.77
C LEU A 19 -8.35 16.29 15.82
N THR A 20 -9.13 15.93 14.80
CA THR A 20 -8.65 15.03 13.76
C THR A 20 -7.40 15.55 13.08
N ASP A 21 -7.41 16.83 12.74
CA ASP A 21 -6.27 17.49 12.07
C ASP A 21 -5.01 17.27 12.88
N TYR A 22 -5.11 17.57 14.18
CA TYR A 22 -4.02 17.30 15.13
C TYR A 22 -3.62 15.83 15.15
N LEU A 23 -4.59 14.96 15.31
CA LEU A 23 -4.33 13.53 15.52
C LEU A 23 -3.82 12.80 14.28
N LYS A 24 -4.34 13.20 13.13
CA LYS A 24 -3.95 12.63 11.83
C LYS A 24 -2.95 13.51 11.05
N ASN A 25 -2.39 14.52 11.71
CA ASN A 25 -1.41 15.44 11.11
C ASN A 25 -1.75 15.95 9.72
N THR A 26 -3.01 16.33 9.53
CA THR A 26 -3.45 17.02 8.34
C THR A 26 -2.42 18.06 7.88
N TYR A 27 -2.07 18.98 8.79
CA TYR A 27 -1.20 20.10 8.48
C TYR A 27 0.22 19.87 9.00
N ARG A 28 1.07 19.32 8.14
CA ARG A 28 2.41 18.94 8.57
C ARG A 28 3.38 20.13 8.51
N LEU A 29 4.37 20.09 9.40
CA LEU A 29 5.49 21.04 9.41
C LEU A 29 6.70 20.39 8.78
N LYS A 30 7.20 20.97 7.68
CA LYS A 30 8.44 20.49 7.03
C LYS A 30 9.69 20.76 7.88
N LEU A 31 10.52 19.73 8.00
CA LEU A 31 11.83 19.85 8.65
C LEU A 31 12.87 19.73 7.54
N TYR A 32 13.80 20.67 7.46
CA TYR A 32 14.96 20.43 6.63
C TYR A 32 16.01 19.91 7.59
N SER A 33 15.98 18.61 7.80
CA SER A 33 16.96 17.96 8.63
C SER A 33 18.16 17.60 7.76
N LEU A 34 19.36 17.93 8.24
CA LEU A 34 20.57 17.54 7.52
C LEU A 34 21.61 16.99 8.48
N ARG A 35 22.54 16.21 7.94
CA ARG A 35 23.70 15.74 8.70
C ARG A 35 24.97 16.06 7.93
N TRP A 36 25.82 16.88 8.53
CA TRP A 36 27.08 17.29 7.92
C TRP A 36 27.99 16.08 7.78
N ILE A 37 28.55 15.91 6.57
CA ILE A 37 29.46 14.82 6.24
C ILE A 37 30.91 15.28 6.33
N SER A 38 31.12 16.55 5.99
CA SER A 38 32.44 17.16 6.05
C SER A 38 32.26 18.62 6.48
N ASP A 39 33.20 19.49 6.16
CA ASP A 39 33.04 20.91 6.49
C ASP A 39 32.28 21.70 5.42
N HIS A 40 31.96 21.06 4.30
CA HIS A 40 31.23 21.74 3.23
C HIS A 40 30.26 20.84 2.48
N GLU A 41 29.77 19.81 3.16
CA GLU A 41 28.85 18.86 2.56
C GLU A 41 27.95 18.29 3.63
N TYR A 42 26.71 18.02 3.24
CA TYR A 42 25.77 17.44 4.18
C TYR A 42 24.81 16.53 3.45
N LEU A 43 24.27 15.57 4.19
CA LEU A 43 23.31 14.63 3.65
C LEU A 43 21.88 15.04 3.96
N TYR A 44 21.00 14.77 3.00
CA TYR A 44 19.58 15.02 3.14
C TYR A 44 18.78 13.90 2.44
N LYS A 45 17.64 13.56 3.03
CA LYS A 45 16.87 12.39 2.64
C LYS A 45 15.62 12.75 1.82
N GLN A 46 15.80 12.96 0.49
CA GLN A 46 14.69 13.24 -0.45
C GLN A 46 13.63 12.12 -0.45
N GLU A 47 12.95 11.98 0.69
CA GLU A 47 12.08 10.83 1.05
C GLU A 47 12.58 9.47 0.51
N ASN A 48 12.37 9.25 -0.78
CA ASN A 48 12.74 8.02 -1.47
C ASN A 48 14.16 8.16 -2.09
N ASN A 49 15.10 8.71 -1.32
CA ASN A 49 16.46 8.99 -1.80
C ASN A 49 17.29 9.57 -0.67
N ILE A 50 18.60 9.60 -0.88
CA ILE A 50 19.53 10.33 -0.02
C ILE A 50 20.53 11.04 -0.91
N LEU A 51 20.68 12.34 -0.72
CA LEU A 51 21.62 13.14 -1.51
C LEU A 51 22.70 13.71 -0.62
N VAL A 52 23.92 13.77 -1.15
CA VAL A 52 24.92 14.64 -0.59
C VAL A 52 24.74 16.00 -1.26
N PHE A 53 24.46 17.02 -0.46
CA PHE A 53 24.36 18.39 -0.96
C PHE A 53 25.70 19.09 -0.78
N ASN A 54 25.99 20.02 -1.68
CA ASN A 54 27.11 20.94 -1.46
C ASN A 54 26.58 22.22 -0.81
N ALA A 55 27.04 22.47 0.41
CA ALA A 55 26.80 23.76 1.07
C ALA A 55 27.25 24.91 0.16
N GLU A 56 28.40 24.75 -0.50
CA GLU A 56 28.90 25.81 -1.35
C GLU A 56 27.83 26.21 -2.39
N TYR A 57 27.54 25.32 -3.33
CA TYR A 57 26.77 25.63 -4.54
C TYR A 57 25.32 25.17 -4.52
N GLY A 58 24.95 24.31 -3.56
CA GLY A 58 23.57 23.79 -3.44
C GLY A 58 23.24 22.63 -4.37
N ASN A 59 24.14 22.34 -5.31
CA ASN A 59 24.07 21.14 -6.15
C ASN A 59 24.23 19.88 -5.29
N SER A 60 23.88 18.73 -5.87
CA SER A 60 24.01 17.48 -5.16
C SER A 60 24.40 16.36 -6.10
N SER A 61 24.59 15.18 -5.51
CA SER A 61 24.84 13.95 -6.23
C SER A 61 24.21 12.83 -5.40
N VAL A 62 23.38 12.00 -6.05
CA VAL A 62 22.58 10.97 -5.35
C VAL A 62 23.49 9.96 -4.61
N PHE A 63 23.66 10.15 -3.31
CA PHE A 63 24.62 9.36 -2.54
C PHE A 63 24.23 7.89 -2.46
N LEU A 64 22.94 7.64 -2.30
CA LEU A 64 22.45 6.29 -2.08
C LEU A 64 21.03 6.15 -2.63
N GLU A 65 20.90 5.33 -3.67
CA GLU A 65 19.62 5.12 -4.32
C GLU A 65 18.67 4.32 -3.43
N ASN A 66 17.51 4.92 -3.18
CA ASN A 66 16.32 4.23 -2.66
C ASN A 66 16.32 2.69 -2.68
N SER A 67 16.26 2.12 -3.89
CA SER A 67 16.12 0.67 -4.07
C SER A 67 17.45 -0.01 -4.42
N THR A 68 18.53 0.44 -3.77
CA THR A 68 19.76 -0.36 -3.69
C THR A 68 19.49 -1.51 -2.72
N PHE A 69 18.93 -1.16 -1.56
CA PHE A 69 18.63 -2.13 -0.52
C PHE A 69 17.18 -2.65 -0.55
N ASP A 70 16.56 -2.51 -1.72
CA ASP A 70 15.44 -3.36 -2.11
C ASP A 70 15.86 -4.78 -1.74
N GLU A 71 16.95 -5.24 -2.37
CA GLU A 71 17.54 -6.58 -2.19
C GLU A 71 17.64 -7.01 -0.71
N PHE A 72 18.00 -6.08 0.17
CA PHE A 72 18.16 -6.37 1.60
C PHE A 72 17.05 -7.27 2.15
N GLY A 73 15.79 -6.90 1.87
CA GLY A 73 14.63 -7.65 2.36
C GLY A 73 13.99 -7.00 3.58
N HIS A 74 14.82 -6.45 4.46
CA HIS A 74 14.35 -5.82 5.69
C HIS A 74 14.15 -4.31 5.51
N SER A 75 13.38 -3.70 6.41
CA SER A 75 13.19 -2.25 6.44
C SER A 75 14.38 -1.53 7.12
N ILE A 76 14.93 -0.53 6.43
CA ILE A 76 16.10 0.19 6.93
C ILE A 76 15.65 1.38 7.77
N ASN A 77 15.68 1.22 9.09
CA ASN A 77 15.28 2.25 10.03
C ASN A 77 16.17 3.49 9.94
N ASP A 78 17.48 3.29 10.02
CA ASP A 78 18.44 4.40 9.94
C ASP A 78 19.71 3.94 9.23
N TYR A 79 20.48 4.91 8.75
CA TYR A 79 21.78 4.70 8.12
C TYR A 79 22.85 5.44 8.93
N SER A 80 24.12 5.21 8.61
CA SER A 80 25.22 5.93 9.24
C SER A 80 26.52 5.75 8.44
N ILE A 81 27.05 6.86 7.92
CA ILE A 81 28.27 6.84 7.11
C ILE A 81 29.51 6.95 7.98
N SER A 82 30.51 6.11 7.70
CA SER A 82 31.81 6.29 8.33
C SER A 82 32.38 7.65 7.88
N PRO A 83 33.06 8.35 8.79
CA PRO A 83 33.72 9.65 8.54
C PRO A 83 34.49 9.74 7.23
N ASP A 84 35.28 8.72 6.92
CA ASP A 84 36.03 8.69 5.66
C ASP A 84 35.20 8.22 4.46
N GLY A 85 33.89 8.05 4.67
CA GLY A 85 32.95 7.75 3.60
C GLY A 85 32.99 6.36 2.97
N GLN A 86 33.96 5.53 3.35
CA GLN A 86 34.19 4.26 2.67
C GLN A 86 33.15 3.18 2.99
N PHE A 87 32.44 3.34 4.10
CA PHE A 87 31.43 2.36 4.53
C PHE A 87 30.18 3.03 5.05
N ILE A 88 29.05 2.31 4.95
CA ILE A 88 27.78 2.76 5.50
C ILE A 88 27.16 1.67 6.36
N LEU A 89 26.68 2.07 7.53
CA LEU A 89 26.16 1.15 8.53
C LEU A 89 24.64 1.18 8.50
N LEU A 90 24.03 0.04 8.14
CA LEU A 90 22.58 -0.05 8.03
C LEU A 90 21.94 -0.65 9.28
N GLU A 91 21.05 0.12 9.89
CA GLU A 91 20.38 -0.28 11.13
C GLU A 91 18.99 -0.80 10.80
N TYR A 92 18.64 -1.97 11.32
CA TYR A 92 17.30 -2.50 11.14
C TYR A 92 16.85 -3.22 12.40
N ASN A 93 15.70 -3.88 12.34
CA ASN A 93 15.17 -4.63 13.49
C ASN A 93 15.12 -3.77 14.76
N TYR A 94 14.53 -2.59 14.62
CA TYR A 94 14.52 -1.60 15.69
C TYR A 94 13.56 -1.99 16.80
N VAL A 95 14.09 -2.14 18.02
CA VAL A 95 13.26 -2.45 19.16
C VAL A 95 13.48 -1.39 20.21
N LYS A 96 12.57 -0.42 20.27
CA LYS A 96 12.66 0.62 21.27
C LYS A 96 12.76 -0.02 22.65
N GLN A 97 13.58 0.58 23.51
CA GLN A 97 13.54 0.29 24.95
C GLN A 97 13.04 1.52 25.72
N TRP A 98 13.91 2.20 26.47
CA TRP A 98 13.52 3.38 27.22
C TRP A 98 13.57 4.64 26.33
N ARG A 99 13.88 5.80 26.89
CA ARG A 99 13.69 7.02 26.12
C ARG A 99 14.67 7.18 24.95
N HIS A 100 15.92 6.76 25.17
CA HIS A 100 16.98 6.80 24.15
C HIS A 100 17.49 5.40 23.77
N SER A 101 17.31 4.44 24.68
CA SER A 101 17.79 3.08 24.47
C SER A 101 16.94 2.27 23.50
N TYR A 102 17.64 1.43 22.73
CA TYR A 102 17.03 0.41 21.92
C TYR A 102 18.05 -0.66 21.55
N THR A 103 17.58 -1.69 20.85
CA THR A 103 18.46 -2.66 20.21
C THR A 103 18.11 -2.70 18.73
N ALA A 104 19.01 -3.27 17.95
CA ALA A 104 18.81 -3.35 16.51
C ALA A 104 19.80 -4.28 15.89
N SER A 105 19.56 -4.61 14.63
CA SER A 105 20.50 -5.39 13.84
C SER A 105 21.21 -4.45 12.90
N TYR A 106 22.40 -4.84 12.48
CA TYR A 106 23.28 -3.97 11.72
C TYR A 106 24.08 -4.72 10.66
N ASP A 107 23.98 -4.26 9.42
CA ASP A 107 24.83 -4.71 8.34
C ASP A 107 25.74 -3.55 7.93
N ILE A 108 26.88 -3.88 7.32
CA ILE A 108 27.81 -2.85 6.84
C ILE A 108 27.97 -3.00 5.33
N TYR A 109 28.11 -1.87 4.64
CA TYR A 109 28.12 -1.85 3.19
C TYR A 109 29.35 -1.11 2.67
N ASP A 110 30.19 -1.81 1.90
CA ASP A 110 31.42 -1.22 1.34
C ASP A 110 31.02 -0.40 0.12
N LEU A 111 31.24 0.91 0.19
CA LEU A 111 30.86 1.82 -0.89
C LEU A 111 31.86 1.77 -2.04
N ASN A 112 33.15 1.69 -1.71
CA ASN A 112 34.21 1.53 -2.72
C ASN A 112 34.03 0.25 -3.56
N LYS A 113 33.29 -0.71 -3.01
CA LYS A 113 32.96 -1.97 -3.68
C LYS A 113 31.50 -2.05 -4.14
N ARG A 114 30.61 -1.31 -3.47
CA ARG A 114 29.16 -1.48 -3.65
C ARG A 114 28.71 -2.92 -3.36
N GLN A 115 29.22 -3.52 -2.29
CA GLN A 115 28.67 -4.78 -1.81
C GLN A 115 28.59 -4.84 -0.28
N LEU A 116 27.64 -5.65 0.18
CA LEU A 116 27.22 -5.71 1.57
C LEU A 116 28.02 -6.78 2.32
N ILE A 117 28.65 -6.39 3.42
CA ILE A 117 29.61 -7.25 4.14
C ILE A 117 28.92 -8.40 4.88
N THR A 118 29.34 -9.63 4.57
CA THR A 118 28.77 -10.86 5.15
C THR A 118 29.77 -11.62 6.04
N GLU A 119 30.83 -10.92 6.46
CA GLU A 119 32.01 -11.54 7.08
C GLU A 119 32.26 -10.92 8.45
N GLU A 120 32.21 -11.74 9.50
CA GLU A 120 32.33 -11.29 10.90
C GLU A 120 31.33 -10.20 11.20
N ARG A 121 30.05 -10.49 10.95
CA ARG A 121 29.00 -9.48 11.03
C ARG A 121 28.77 -9.02 12.47
N ILE A 122 28.06 -7.90 12.57
CA ILE A 122 27.61 -7.37 13.85
C ILE A 122 26.39 -8.17 14.28
N PRO A 123 26.40 -8.68 15.53
CA PRO A 123 25.34 -9.58 15.98
C PRO A 123 24.00 -8.89 16.11
N ASN A 124 22.93 -9.66 16.14
CA ASN A 124 21.60 -9.11 16.43
C ASN A 124 21.51 -8.71 17.88
N ASN A 125 20.60 -7.79 18.18
CA ASN A 125 20.40 -7.28 19.53
C ASN A 125 21.57 -6.44 20.00
N THR A 126 22.10 -5.66 19.07
CA THR A 126 23.16 -4.73 19.38
C THR A 126 22.55 -3.49 20.05
N GLN A 127 23.18 -3.08 21.14
CA GLN A 127 22.67 -2.07 22.02
C GLN A 127 23.10 -0.67 21.61
N TRP A 128 24.27 -0.58 20.98
CA TRP A 128 24.77 0.68 20.47
C TRP A 128 25.87 0.41 19.43
N VAL A 129 26.02 1.32 18.47
CA VAL A 129 27.11 1.27 17.50
C VAL A 129 27.63 2.68 17.30
N THR A 130 28.89 2.80 16.93
CA THR A 130 29.46 4.10 16.65
C THR A 130 30.79 4.01 15.92
N TRP A 131 30.85 4.71 14.79
CA TRP A 131 32.11 4.90 14.13
C TRP A 131 33.01 5.73 15.03
N SER A 132 34.30 5.51 14.92
CA SER A 132 35.27 6.44 15.45
C SER A 132 35.12 7.74 14.66
N PRO A 133 35.57 8.87 15.23
CA PRO A 133 35.30 10.18 14.62
C PRO A 133 35.94 10.38 13.25
N VAL A 134 37.13 9.79 13.06
CA VAL A 134 37.79 9.78 11.78
C VAL A 134 38.12 8.33 11.41
N GLY A 135 38.38 8.07 10.13
CA GLY A 135 38.60 6.71 9.65
C GLY A 135 37.31 5.90 9.65
N HIS A 136 37.42 4.59 9.81
CA HIS A 136 36.25 3.71 9.78
C HIS A 136 36.23 2.62 10.86
N LYS A 137 36.69 2.95 12.07
CA LYS A 137 36.65 2.00 13.17
C LYS A 137 35.24 1.93 13.75
N LEU A 138 34.92 0.80 14.36
CA LEU A 138 33.57 0.54 14.81
C LEU A 138 33.60 -0.09 16.20
N ALA A 139 32.92 0.56 17.14
CA ALA A 139 32.77 0.05 18.49
C ALA A 139 31.30 -0.14 18.74
N TYR A 140 30.92 -1.29 19.26
CA TYR A 140 29.54 -1.55 19.55
C TYR A 140 29.37 -2.27 20.87
N VAL A 141 28.16 -2.26 21.40
CA VAL A 141 27.84 -2.95 22.65
C VAL A 141 26.80 -4.05 22.46
N TRP A 142 27.12 -5.25 22.93
CA TRP A 142 26.27 -6.41 22.78
C TRP A 142 26.34 -7.21 24.06
N ASN A 143 25.18 -7.64 24.56
CA ASN A 143 25.03 -8.22 25.90
C ASN A 143 25.88 -7.48 26.94
N ASN A 144 25.77 -6.16 26.92
CA ASN A 144 26.39 -5.29 27.90
C ASN A 144 27.92 -5.34 27.94
N ASP A 145 28.55 -5.78 26.85
CA ASP A 145 30.01 -5.74 26.75
C ASP A 145 30.43 -5.01 25.48
N ILE A 146 31.60 -4.38 25.53
CA ILE A 146 32.10 -3.57 24.40
C ILE A 146 33.02 -4.33 23.43
N TYR A 147 32.69 -4.19 22.14
CA TYR A 147 33.41 -4.81 21.06
C TYR A 147 33.89 -3.72 20.11
N VAL A 148 35.10 -3.89 19.58
CA VAL A 148 35.64 -2.98 18.56
C VAL A 148 36.00 -3.77 17.30
N LYS A 149 35.70 -3.17 16.15
CA LYS A 149 36.15 -3.66 14.84
C LYS A 149 37.06 -2.63 14.15
N ILE A 150 38.32 -3.00 13.93
CA ILE A 150 39.27 -2.11 13.25
C ILE A 150 38.88 -1.98 11.77
N GLU A 151 38.42 -3.08 11.18
CA GLU A 151 37.88 -3.09 9.82
C GLU A 151 36.52 -3.78 9.85
N PRO A 152 35.55 -3.27 9.07
CA PRO A 152 34.18 -3.82 9.09
C PRO A 152 34.08 -5.33 8.78
N ASN A 153 34.94 -5.82 7.90
CA ASN A 153 34.91 -7.23 7.52
C ASN A 153 35.88 -8.13 8.30
N LEU A 154 36.30 -7.67 9.47
CA LEU A 154 37.27 -8.40 10.29
C LEU A 154 36.73 -8.77 11.68
N PRO A 155 37.37 -9.77 12.33
CA PRO A 155 36.96 -10.14 13.67
C PRO A 155 37.04 -8.98 14.66
N SER A 156 36.08 -8.90 15.55
CA SER A 156 36.04 -7.84 16.53
C SER A 156 36.80 -8.26 17.78
N TYR A 157 37.43 -7.29 18.44
CA TYR A 157 38.19 -7.52 19.66
C TYR A 157 37.25 -7.26 20.82
N ARG A 158 37.23 -8.14 21.80
CA ARG A 158 36.36 -7.98 22.97
C ARG A 158 37.09 -7.19 24.05
N ILE A 159 36.49 -6.09 24.49
CA ILE A 159 37.13 -5.19 25.45
C ILE A 159 36.76 -5.57 26.87
N THR A 160 35.51 -5.94 27.09
CA THR A 160 35.01 -6.14 28.44
C THR A 160 34.30 -7.48 28.53
N TRP A 161 34.55 -8.19 29.63
CA TRP A 161 34.01 -9.53 29.80
C TRP A 161 33.06 -9.60 30.99
N THR A 162 32.84 -8.45 31.63
CA THR A 162 32.14 -8.34 32.91
C THR A 162 30.66 -8.01 32.73
N GLY A 163 30.24 -7.85 31.49
CA GLY A 163 28.86 -7.45 31.20
C GLY A 163 27.88 -8.50 31.64
N LYS A 164 26.83 -8.05 32.31
CA LYS A 164 25.74 -8.95 32.72
C LYS A 164 24.41 -8.20 32.72
N GLU A 165 23.43 -8.82 32.07
CA GLU A 165 22.10 -8.23 31.89
C GLU A 165 21.53 -7.70 33.19
N ASP A 166 21.11 -6.43 33.15
CA ASP A 166 20.49 -5.73 34.28
C ASP A 166 21.45 -5.46 35.43
N ILE A 167 22.73 -5.82 35.29
CA ILE A 167 23.63 -5.75 36.44
C ILE A 167 24.87 -4.96 36.11
N ILE A 168 25.64 -5.41 35.12
CA ILE A 168 26.82 -4.66 34.68
C ILE A 168 26.64 -4.16 33.24
N TYR A 169 26.68 -2.83 33.08
CA TYR A 169 26.49 -2.15 31.80
C TYR A 169 27.84 -1.57 31.36
N ASN A 170 28.50 -2.23 30.41
CA ASN A 170 29.75 -1.74 29.82
C ASN A 170 29.51 -0.95 28.54
N GLY A 171 29.83 0.34 28.58
CA GLY A 171 29.71 1.19 27.40
C GLY A 171 28.30 1.59 27.04
N ILE A 172 27.32 1.18 27.86
CA ILE A 172 25.94 1.66 27.74
C ILE A 172 25.42 1.98 29.14
N THR A 173 24.49 2.92 29.22
CA THR A 173 23.94 3.41 30.49
C THR A 173 22.82 2.52 31.00
N ASP A 174 22.65 2.51 32.32
CA ASP A 174 21.49 1.83 32.95
C ASP A 174 20.31 2.78 32.91
N TRP A 175 19.18 2.40 33.51
CA TRP A 175 17.96 3.21 33.37
C TRP A 175 18.16 4.66 33.78
N VAL A 176 18.70 4.88 34.98
CA VAL A 176 18.75 6.23 35.57
C VAL A 176 19.79 7.14 34.90
N TYR A 177 20.91 6.56 34.45
CA TYR A 177 21.90 7.37 33.76
C TYR A 177 21.44 7.74 32.38
N GLU A 178 20.66 6.87 31.75
CA GLU A 178 20.11 7.14 30.43
C GLU A 178 19.20 8.34 30.52
N GLU A 179 18.27 8.28 31.47
CA GLU A 179 17.16 9.21 31.49
C GLU A 179 17.59 10.58 32.00
N GLU A 180 18.34 10.56 33.10
CA GLU A 180 18.60 11.76 33.88
C GLU A 180 20.02 12.31 33.75
N VAL A 181 21.02 11.49 33.42
CA VAL A 181 22.40 11.99 33.36
C VAL A 181 22.87 12.30 31.93
N PHE A 182 22.94 11.30 31.08
CA PHE A 182 23.49 11.46 29.74
C PHE A 182 22.46 11.59 28.62
N SER A 183 21.18 11.56 28.96
CA SER A 183 20.12 11.59 27.95
C SER A 183 20.54 10.81 26.69
N ALA A 184 21.05 9.61 26.93
CA ALA A 184 21.63 8.75 25.89
C ALA A 184 21.84 7.35 26.45
N TYR A 185 21.68 6.35 25.59
CA TYR A 185 21.94 4.95 25.96
C TYR A 185 23.44 4.67 26.03
N SER A 186 24.22 5.33 25.17
CA SER A 186 25.61 4.99 25.00
C SER A 186 26.48 5.62 26.04
N ALA A 187 27.50 4.89 26.48
CA ALA A 187 28.53 5.39 27.38
C ALA A 187 29.91 5.05 26.81
N LEU A 188 30.09 5.38 25.53
CA LEU A 188 31.38 5.26 24.84
C LEU A 188 31.77 6.63 24.29
N TRP A 189 33.05 6.95 24.37
CA TRP A 189 33.56 8.21 23.86
C TRP A 189 34.91 8.00 23.25
N TRP A 190 34.92 8.00 21.92
CA TRP A 190 36.16 7.96 21.14
C TRP A 190 36.97 9.23 21.35
N SER A 191 38.30 9.10 21.38
CA SER A 191 39.16 10.28 21.30
C SER A 191 39.00 10.89 19.90
N PRO A 192 39.43 12.15 19.72
CA PRO A 192 39.22 12.86 18.45
C PRO A 192 39.64 12.10 17.19
N ASN A 193 40.76 11.39 17.23
CA ASN A 193 41.19 10.63 16.04
C ASN A 193 41.05 9.13 16.17
N GLY A 194 40.20 8.70 17.09
CA GLY A 194 39.82 7.29 17.21
C GLY A 194 40.86 6.37 17.83
N THR A 195 41.93 6.94 18.37
CA THR A 195 42.96 6.14 19.03
C THR A 195 42.39 5.48 20.28
N PHE A 196 41.75 6.28 21.13
CA PHE A 196 41.24 5.75 22.39
C PHE A 196 39.73 5.58 22.38
N LEU A 197 39.27 4.48 22.93
CA LEU A 197 37.86 4.36 23.30
C LEU A 197 37.77 4.54 24.81
N ALA A 198 37.11 5.63 25.21
CA ALA A 198 36.76 5.88 26.61
C ALA A 198 35.36 5.30 26.85
N TYR A 199 35.18 4.61 27.98
CA TYR A 199 33.85 4.19 28.34
C TYR A 199 33.62 4.16 29.83
N ALA A 200 32.33 4.21 30.18
CA ALA A 200 31.89 4.10 31.54
C ALA A 200 31.37 2.69 31.78
N GLN A 201 31.40 2.26 33.04
CA GLN A 201 30.85 0.96 33.45
C GLN A 201 29.93 1.16 34.63
N PHE A 202 28.68 0.76 34.49
CA PHE A 202 27.71 0.88 35.59
C PHE A 202 27.41 -0.45 36.27
N ASN A 203 27.32 -0.40 37.58
CA ASN A 203 26.93 -1.53 38.41
C ASN A 203 25.57 -1.25 39.01
N ASP A 204 24.57 -2.07 38.70
CA ASP A 204 23.27 -2.00 39.38
C ASP A 204 23.08 -3.15 40.37
N THR A 205 24.17 -3.80 40.78
CA THR A 205 24.03 -5.02 41.57
C THR A 205 23.01 -4.86 42.71
N GLU A 206 23.01 -3.72 43.39
CA GLU A 206 22.16 -3.56 44.58
C GLU A 206 21.03 -2.55 44.42
N VAL A 207 20.78 -2.09 43.21
CA VAL A 207 19.71 -1.16 42.96
C VAL A 207 18.40 -1.93 42.90
N PRO A 208 17.42 -1.53 43.74
CA PRO A 208 16.15 -2.25 43.71
C PRO A 208 15.53 -2.22 42.32
N LEU A 209 14.67 -3.20 42.06
CA LEU A 209 13.94 -3.26 40.81
C LEU A 209 12.53 -2.72 41.01
N ILE A 210 12.06 -1.96 40.03
CA ILE A 210 10.65 -1.65 39.91
C ILE A 210 10.04 -2.80 39.14
N GLU A 211 8.84 -3.21 39.54
CA GLU A 211 8.17 -4.31 38.86
C GLU A 211 6.79 -3.85 38.44
N TYR A 212 6.40 -4.21 37.23
CA TYR A 212 5.05 -3.96 36.79
C TYR A 212 4.66 -5.01 35.78
N SER A 213 3.35 -5.16 35.57
CA SER A 213 2.84 -6.14 34.63
C SER A 213 2.94 -5.61 33.20
N PHE A 214 3.33 -6.51 32.30
CA PHE A 214 3.14 -6.30 30.89
C PHE A 214 2.15 -7.36 30.40
N TYR A 215 1.04 -6.90 29.82
CA TYR A 215 -0.05 -7.78 29.42
C TYR A 215 0.19 -8.33 28.05
N SER A 216 0.79 -7.51 27.18
CA SER A 216 1.20 -7.94 25.85
C SER A 216 -0.02 -8.26 25.01
N ASP A 217 0.20 -8.87 23.85
CA ASP A 217 -0.90 -9.22 22.96
C ASP A 217 -1.90 -10.18 23.62
N GLU A 218 -3.13 -10.09 23.14
CA GLU A 218 -4.25 -10.87 23.63
C GLU A 218 -3.92 -12.36 23.81
N SER A 219 -3.02 -12.90 22.98
CA SER A 219 -2.65 -14.31 22.99
C SER A 219 -1.76 -14.79 24.15
N LEU A 220 -1.13 -13.85 24.85
CA LEU A 220 -0.28 -14.19 26.00
C LEU A 220 -1.17 -14.53 27.20
N GLN A 221 -1.15 -15.79 27.61
CA GLN A 221 -2.09 -16.26 28.62
C GLN A 221 -1.81 -15.65 30.00
N TYR A 222 -0.56 -15.74 30.45
CA TYR A 222 -0.12 -15.16 31.70
C TYR A 222 0.68 -13.90 31.46
N PRO A 223 0.31 -12.79 32.11
CA PRO A 223 1.06 -11.55 31.98
C PRO A 223 2.51 -11.71 32.37
N LYS A 224 3.38 -10.97 31.69
CA LYS A 224 4.79 -10.95 32.03
C LYS A 224 4.98 -9.87 33.05
N THR A 225 5.92 -10.09 33.96
CA THR A 225 6.30 -9.09 34.95
C THR A 225 7.65 -8.50 34.54
N VAL A 226 7.63 -7.21 34.25
CA VAL A 226 8.79 -6.49 33.80
C VAL A 226 9.49 -6.03 35.07
N ARG A 227 10.82 -6.17 35.12
CA ARG A 227 11.61 -5.80 36.30
C ARG A 227 12.78 -4.92 35.88
N VAL A 228 12.88 -3.69 36.36
CA VAL A 228 13.95 -2.79 35.92
C VAL A 228 14.66 -2.16 37.10
N PRO A 229 16.01 -2.24 37.14
CA PRO A 229 16.74 -1.63 38.24
C PRO A 229 16.55 -0.16 38.16
N TYR A 230 16.07 0.43 39.24
CA TYR A 230 15.56 1.78 39.22
C TYR A 230 15.67 2.32 40.62
N PRO A 231 16.56 3.31 40.83
CA PRO A 231 16.72 3.84 42.17
C PRO A 231 15.72 4.95 42.42
N LYS A 232 14.78 4.72 43.31
CA LYS A 232 13.85 5.75 43.72
C LYS A 232 14.57 6.55 44.79
N ALA A 233 14.05 7.74 45.09
CA ALA A 233 14.72 8.67 46.00
C ALA A 233 15.23 7.97 47.23
N GLY A 234 16.49 8.21 47.55
CA GLY A 234 17.13 7.60 48.71
C GLY A 234 17.43 6.11 48.64
N ALA A 235 17.15 5.45 47.51
CA ALA A 235 17.47 4.03 47.36
C ALA A 235 18.92 3.88 47.00
N VAL A 236 19.46 2.68 47.13
CA VAL A 236 20.83 2.43 46.72
C VAL A 236 20.97 2.79 45.24
N ASN A 237 22.00 3.58 44.91
CA ASN A 237 22.24 4.03 43.54
C ASN A 237 23.16 3.10 42.77
N PRO A 238 23.11 3.16 41.44
CA PRO A 238 24.16 2.53 40.67
C PRO A 238 25.49 3.19 40.92
N THR A 239 26.54 2.38 40.86
CA THR A 239 27.91 2.85 40.97
C THR A 239 28.51 2.86 39.59
N VAL A 240 29.62 3.59 39.44
CA VAL A 240 30.21 3.82 38.13
C VAL A 240 31.73 3.79 38.20
N LYS A 241 32.33 3.34 37.10
CA LYS A 241 33.77 3.34 36.91
C LYS A 241 34.01 3.79 35.49
N PHE A 242 35.17 4.38 35.24
CA PHE A 242 35.51 4.90 33.93
C PHE A 242 36.82 4.32 33.44
N PHE A 243 36.87 3.94 32.16
CA PHE A 243 38.04 3.30 31.57
C PHE A 243 38.38 3.89 30.22
N VAL A 244 39.68 3.87 29.88
CA VAL A 244 40.16 4.18 28.54
C VAL A 244 40.99 3.01 27.99
N VAL A 245 40.59 2.47 26.84
CA VAL A 245 41.36 1.42 26.17
C VAL A 245 41.99 1.97 24.88
N ASN A 246 43.19 1.47 24.57
CA ASN A 246 43.94 1.92 23.41
C ASN A 246 43.61 1.03 22.22
N THR A 247 42.86 1.57 21.25
CA THR A 247 42.35 0.76 20.13
C THR A 247 43.35 0.59 18.98
N ASP A 248 44.48 1.31 19.02
CA ASP A 248 45.56 1.10 18.04
C ASP A 248 46.50 -0.06 18.40
N SER A 249 46.38 -0.59 19.63
CA SER A 249 47.26 -1.68 20.09
C SER A 249 46.51 -2.93 20.60
N LEU A 250 45.29 -3.14 20.11
CA LEU A 250 44.53 -4.34 20.46
C LEU A 250 45.22 -5.58 19.89
N SER A 251 45.18 -6.66 20.66
CA SER A 251 45.77 -7.95 20.26
C SER A 251 44.67 -8.99 20.02
N SER A 252 44.92 -9.90 19.07
CA SER A 252 44.05 -11.05 18.83
C SER A 252 44.36 -12.16 19.81
N VAL A 253 45.60 -12.17 20.30
CA VAL A 253 46.09 -13.20 21.22
C VAL A 253 45.78 -12.82 22.66
N THR A 254 46.19 -11.63 23.08
CA THR A 254 46.02 -11.22 24.48
C THR A 254 44.78 -10.35 24.64
N ASN A 255 44.15 -10.44 25.80
CA ASN A 255 42.99 -9.62 26.09
C ASN A 255 43.32 -8.14 26.10
N ALA A 256 42.39 -7.35 25.59
CA ALA A 256 42.53 -5.90 25.60
C ALA A 256 42.75 -5.45 27.03
N THR A 257 43.49 -4.37 27.19
CA THR A 257 43.86 -3.88 28.51
C THR A 257 43.26 -2.49 28.71
N SER A 258 42.33 -2.38 29.64
CA SER A 258 41.61 -1.13 29.88
C SER A 258 42.15 -0.44 31.13
N ILE A 259 42.72 0.75 30.93
CA ILE A 259 43.15 1.60 32.02
C ILE A 259 41.93 2.26 32.65
N GLN A 260 42.02 2.50 33.95
CA GLN A 260 40.93 3.10 34.72
C GLN A 260 41.30 4.48 35.21
N ILE A 261 40.36 5.41 35.07
CA ILE A 261 40.44 6.72 35.69
C ILE A 261 39.49 6.75 36.88
N THR A 262 40.03 6.66 38.09
CA THR A 262 39.20 6.68 39.31
C THR A 262 38.75 8.10 39.63
N ALA A 263 37.55 8.21 40.21
CA ALA A 263 36.98 9.52 40.53
C ALA A 263 37.88 10.26 41.52
N PRO A 264 37.78 11.61 41.56
CA PRO A 264 38.54 12.40 42.53
C PRO A 264 38.28 11.99 43.98
N ALA A 265 39.25 12.24 44.85
CA ALA A 265 39.11 11.88 46.26
C ALA A 265 37.86 12.55 46.84
N SER A 266 37.55 13.76 46.37
CA SER A 266 36.38 14.51 46.81
C SER A 266 35.03 13.87 46.45
N MET A 267 35.05 12.94 45.50
CA MET A 267 33.83 12.23 45.12
C MET A 267 33.79 10.84 45.73
N LEU A 268 34.96 10.23 45.89
CA LEU A 268 35.06 8.87 46.42
C LEU A 268 34.66 8.77 47.89
N ILE A 269 34.60 9.89 48.61
CA ILE A 269 34.15 9.89 50.00
C ILE A 269 32.69 9.47 50.19
N GLY A 270 31.92 9.37 49.09
CA GLY A 270 30.52 8.99 49.16
C GLY A 270 29.90 8.73 47.81
N ASP A 271 28.59 8.49 47.80
CA ASP A 271 27.84 8.34 46.57
C ASP A 271 28.07 9.55 45.64
N HIS A 272 28.31 9.25 44.38
CA HIS A 272 28.60 10.27 43.38
C HIS A 272 28.16 9.78 42.02
N TYR A 273 28.27 10.65 41.02
CA TYR A 273 27.86 10.34 39.66
C TYR A 273 28.96 10.75 38.70
N LEU A 274 29.06 10.07 37.56
CA LEU A 274 29.81 10.60 36.42
C LEU A 274 28.78 11.37 35.62
N CYS A 275 29.07 12.61 35.24
CA CYS A 275 28.07 13.38 34.50
C CYS A 275 28.56 14.11 33.27
N ASP A 276 29.85 13.98 32.93
CA ASP A 276 30.32 14.50 31.64
C ASP A 276 31.61 13.80 31.24
N VAL A 277 31.68 13.44 29.97
CA VAL A 277 32.92 12.99 29.37
C VAL A 277 33.12 13.85 28.13
N THR A 278 34.27 14.53 28.06
CA THR A 278 34.63 15.36 26.91
C THR A 278 36.13 15.31 26.67
N TRP A 279 36.50 14.89 25.46
CA TRP A 279 37.89 14.80 25.05
C TRP A 279 38.39 16.20 24.70
N ALA A 280 39.55 16.56 25.24
CA ALA A 280 40.11 17.88 25.03
C ALA A 280 41.03 17.85 23.82
N THR A 281 41.94 16.88 23.81
CA THR A 281 42.88 16.70 22.71
C THR A 281 43.06 15.19 22.49
N GLN A 282 44.03 14.80 21.66
CA GLN A 282 44.21 13.39 21.31
C GLN A 282 44.61 12.56 22.52
N GLU A 283 45.23 13.23 23.51
CA GLU A 283 45.77 12.58 24.69
C GLU A 283 45.28 13.24 25.98
N ARG A 284 44.18 13.99 25.88
CA ARG A 284 43.58 14.65 27.05
C ARG A 284 42.05 14.50 27.11
N ILE A 285 41.58 13.95 28.23
CA ILE A 285 40.15 13.77 28.46
C ILE A 285 39.71 14.50 29.73
N SER A 286 38.52 15.09 29.68
CA SER A 286 37.96 15.79 30.82
C SER A 286 36.74 15.03 31.29
N LEU A 287 36.65 14.81 32.60
CA LEU A 287 35.51 14.14 33.20
C LEU A 287 34.89 15.07 34.22
N GLN A 288 33.58 15.18 34.25
CA GLN A 288 32.91 15.81 35.38
C GLN A 288 32.17 14.78 36.24
N TRP A 289 32.43 14.86 37.55
CA TRP A 289 31.78 14.04 38.54
C TRP A 289 30.94 14.93 39.45
N LEU A 290 29.78 14.42 39.89
CA LEU A 290 28.83 15.16 40.74
C LEU A 290 28.60 14.37 42.01
N ARG A 291 28.63 15.01 43.18
CA ARG A 291 28.30 14.30 44.41
C ARG A 291 26.83 13.91 44.40
N ARG A 292 26.44 12.90 45.19
CA ARG A 292 25.03 12.51 45.24
C ARG A 292 24.16 13.65 45.74
N ILE A 293 24.67 14.45 46.68
CA ILE A 293 24.05 15.75 46.95
C ILE A 293 24.60 16.69 45.90
N GLN A 294 23.78 16.96 44.89
CA GLN A 294 24.25 17.50 43.61
C GLN A 294 24.47 19.00 43.59
N ASN A 295 25.14 19.51 44.61
CA ASN A 295 25.61 20.89 44.60
C ASN A 295 27.14 21.05 44.69
N TYR A 296 27.87 20.00 44.30
CA TYR A 296 29.32 20.02 44.27
C TYR A 296 29.81 19.06 43.19
N SER A 297 30.28 19.61 42.08
CA SER A 297 30.89 18.80 41.05
C SER A 297 32.35 19.19 40.85
N VAL A 298 33.11 18.25 40.29
CA VAL A 298 34.52 18.44 40.07
C VAL A 298 34.80 18.03 38.63
N MET A 299 35.68 18.77 37.97
CA MET A 299 36.17 18.37 36.65
C MET A 299 37.60 17.89 36.79
N ASP A 300 37.86 16.67 36.30
CA ASP A 300 39.22 16.19 36.12
C ASP A 300 39.71 16.42 34.71
N ILE A 301 41.00 16.76 34.58
CA ILE A 301 41.62 16.86 33.28
C ILE A 301 42.77 15.88 33.24
N CYS A 302 42.56 14.78 32.53
CA CYS A 302 43.50 13.66 32.54
C CYS A 302 44.33 13.54 31.25
N ASP A 303 45.65 13.44 31.42
CA ASP A 303 46.58 13.30 30.30
C ASP A 303 47.14 11.88 30.22
N TYR A 304 47.21 11.34 29.00
CA TYR A 304 47.82 10.03 28.76
C TYR A 304 49.32 10.09 28.98
N ASP A 305 49.88 9.04 29.58
CA ASP A 305 51.31 8.97 29.90
C ASP A 305 51.98 7.84 29.11
N GLU A 306 52.66 8.21 28.02
CA GLU A 306 53.37 7.22 27.19
C GLU A 306 54.18 6.23 28.05
N SER A 307 55.26 6.74 28.64
CA SER A 307 56.18 5.94 29.48
C SER A 307 55.48 5.04 30.51
N SER A 308 54.37 5.52 31.07
CA SER A 308 53.65 4.81 32.13
C SER A 308 52.50 3.96 31.60
N GLY A 309 51.97 4.29 30.42
CA GLY A 309 50.78 3.62 29.89
C GLY A 309 49.47 4.05 30.54
N ARG A 310 49.52 4.88 31.57
CA ARG A 310 48.34 5.26 32.35
C ARG A 310 47.87 6.69 32.05
N TRP A 311 46.72 7.05 32.64
CA TRP A 311 46.21 8.42 32.58
C TRP A 311 46.41 9.11 33.94
N ASN A 312 46.68 10.41 33.91
CA ASN A 312 46.89 11.18 35.14
C ASN A 312 46.08 12.46 35.22
N CYS A 313 45.33 12.58 36.32
CA CYS A 313 44.47 13.72 36.58
C CYS A 313 45.04 14.51 37.77
N LEU A 314 45.99 15.39 37.49
CA LEU A 314 46.58 16.30 38.48
C LEU A 314 45.51 17.03 39.31
N VAL A 315 45.56 16.84 40.63
CA VAL A 315 44.68 17.53 41.58
C VAL A 315 44.74 19.04 41.37
N ALA A 316 45.88 19.53 40.94
CA ALA A 316 46.06 20.94 40.61
C ALA A 316 45.30 21.39 39.35
N ARG A 317 44.66 20.46 38.62
CA ARG A 317 43.83 20.80 37.44
C ARG A 317 42.37 20.52 37.67
N GLN A 318 42.01 20.12 38.88
CA GLN A 318 40.62 19.91 39.22
C GLN A 318 39.94 21.26 39.27
N HIS A 319 38.79 21.36 38.62
CA HIS A 319 37.98 22.57 38.64
C HIS A 319 36.66 22.29 39.33
N ILE A 320 36.47 22.89 40.50
CA ILE A 320 35.23 22.72 41.25
C ILE A 320 34.14 23.60 40.66
N GLU A 321 32.95 23.04 40.50
CA GLU A 321 31.75 23.84 40.27
C GLU A 321 30.75 23.46 41.36
N MET A 322 30.34 24.46 42.15
CA MET A 322 29.43 24.24 43.26
C MET A 322 28.35 25.32 43.31
N SER A 323 27.34 25.08 44.13
CA SER A 323 26.23 26.01 44.29
C SER A 323 25.85 26.07 45.75
N THR A 324 25.62 27.27 46.25
CA THR A 324 25.22 27.48 47.64
C THR A 324 23.72 27.64 47.74
N THR A 325 23.09 27.95 46.61
CA THR A 325 21.66 28.26 46.57
C THR A 325 20.82 27.14 45.97
N GLY A 326 21.45 26.25 45.23
CA GLY A 326 20.74 25.13 44.65
C GLY A 326 21.65 23.97 44.30
N TRP A 327 21.31 23.33 43.20
CA TRP A 327 22.11 22.26 42.59
C TRP A 327 23.06 22.91 41.58
N VAL A 328 23.94 22.11 41.01
CA VAL A 328 24.86 22.62 39.99
C VAL A 328 24.32 22.29 38.60
N GLY A 329 24.34 23.30 37.72
CA GLY A 329 23.93 23.15 36.33
C GLY A 329 22.43 23.29 36.17
N ARG A 330 21.99 23.39 34.93
CA ARG A 330 20.56 23.41 34.67
C ARG A 330 19.89 22.07 35.07
N PHE A 331 20.33 20.99 34.44
CA PHE A 331 20.00 19.63 34.87
C PHE A 331 21.27 18.84 35.22
N ARG A 332 22.43 19.40 34.87
CA ARG A 332 23.72 18.84 35.19
C ARG A 332 24.77 19.88 34.86
N PRO A 333 25.97 19.74 35.42
CA PRO A 333 27.00 20.70 35.05
C PRO A 333 27.13 20.78 33.52
N SER A 334 27.42 21.97 33.04
CA SER A 334 27.54 22.19 31.61
C SER A 334 28.78 21.52 31.06
N GLU A 335 28.81 21.36 29.74
CA GLU A 335 29.95 20.74 29.08
C GLU A 335 31.01 21.79 28.74
N PRO A 336 32.30 21.42 28.84
CA PRO A 336 33.38 22.33 28.43
C PRO A 336 33.60 22.29 26.93
N HIS A 337 34.15 23.38 26.40
CA HIS A 337 34.51 23.49 25.00
C HIS A 337 35.93 23.93 24.94
N PHE A 338 36.81 23.03 24.48
CA PHE A 338 38.24 23.22 24.60
C PHE A 338 38.80 23.89 23.36
N THR A 339 39.65 24.89 23.57
CA THR A 339 40.44 25.42 22.46
C THR A 339 41.27 24.26 21.91
N LEU A 340 41.68 24.37 20.65
CA LEU A 340 42.34 23.26 19.94
C LEU A 340 43.56 22.68 20.65
N ASP A 341 44.39 23.54 21.24
CA ASP A 341 45.56 23.09 22.00
C ASP A 341 45.19 22.45 23.34
N GLY A 342 43.95 22.59 23.77
CA GLY A 342 43.46 21.89 24.93
C GLY A 342 43.88 22.51 26.27
N ASN A 343 44.66 23.57 26.23
CA ASN A 343 45.11 24.21 27.48
C ASN A 343 44.10 25.20 28.07
N SER A 344 42.99 25.42 27.37
CA SER A 344 41.91 26.28 27.84
C SER A 344 40.57 25.75 27.38
N PHE A 345 39.52 26.06 28.13
CA PHE A 345 38.15 25.71 27.75
C PHE A 345 37.14 26.78 28.14
N TYR A 346 35.99 26.74 27.48
CA TYR A 346 34.91 27.66 27.76
C TYR A 346 33.77 26.86 28.32
N LYS A 347 32.96 27.47 29.18
CA LYS A 347 31.95 26.72 29.92
C LYS A 347 30.89 27.64 30.52
N ILE A 348 29.63 27.27 30.36
CA ILE A 348 28.51 28.02 30.93
C ILE A 348 28.39 27.68 32.40
N ILE A 349 28.58 28.67 33.28
CA ILE A 349 28.35 28.53 34.72
C ILE A 349 27.57 29.75 35.23
N SER A 350 26.85 29.61 36.35
CA SER A 350 26.22 30.77 37.01
C SER A 350 27.28 31.77 37.40
N ASN A 351 27.02 33.04 37.12
CA ASN A 351 27.89 34.07 37.61
C ASN A 351 27.49 34.45 39.05
N GLU A 352 28.10 35.52 39.57
CA GLU A 352 27.89 35.93 40.95
C GLU A 352 26.49 36.44 41.22
N GLU A 353 25.76 36.84 40.16
CA GLU A 353 24.37 37.27 40.33
C GLU A 353 23.36 36.20 39.89
N GLY A 354 23.82 34.96 39.71
CA GLY A 354 22.92 33.84 39.43
C GLY A 354 22.59 33.63 37.97
N TYR A 355 23.01 34.53 37.09
CA TYR A 355 22.77 34.37 35.66
C TYR A 355 23.88 33.51 35.04
N ARG A 356 23.52 32.67 34.08
CA ARG A 356 24.46 31.74 33.46
C ARG A 356 25.10 32.32 32.23
N HIS A 357 26.42 32.22 32.17
CA HIS A 357 27.22 32.87 31.15
C HIS A 357 28.49 32.09 30.91
N ILE A 358 29.11 32.36 29.75
CA ILE A 358 30.27 31.62 29.31
C ILE A 358 31.47 32.13 30.11
N CYS A 359 32.14 31.21 30.80
CA CYS A 359 33.35 31.50 31.57
C CYS A 359 34.50 30.83 30.84
N TYR A 360 35.61 31.54 30.73
CA TYR A 360 36.78 31.09 29.99
C TYR A 360 37.80 30.63 31.00
N PHE A 361 38.25 29.38 30.85
CA PHE A 361 39.09 28.72 31.85
C PHE A 361 40.44 28.43 31.28
N GLN A 362 41.46 28.57 32.13
CA GLN A 362 42.81 28.13 31.82
C GLN A 362 43.04 26.84 32.62
N ILE A 363 43.45 25.79 31.92
CA ILE A 363 43.57 24.44 32.50
C ILE A 363 44.25 24.36 33.86
N ASP A 364 45.30 25.18 34.04
CA ASP A 364 46.12 25.17 35.26
C ASP A 364 45.62 26.10 36.37
N LYS A 365 44.68 26.99 36.04
CA LYS A 365 44.32 28.15 36.89
C LYS A 365 42.83 28.13 37.34
N LYS A 366 42.61 28.43 38.61
CA LYS A 366 41.28 28.25 39.27
C LYS A 366 40.24 29.29 38.84
N ASP A 367 40.62 30.57 38.82
CA ASP A 367 39.70 31.66 38.47
C ASP A 367 39.50 31.71 36.96
N CYS A 368 38.25 31.60 36.51
CA CYS A 368 37.93 31.89 35.13
C CYS A 368 37.49 33.36 34.93
N THR A 369 37.55 33.79 33.68
CA THR A 369 37.04 35.09 33.29
C THR A 369 35.69 34.90 32.61
N PHE A 370 34.67 35.60 33.08
CA PHE A 370 33.37 35.58 32.39
C PHE A 370 33.49 36.47 31.14
N ILE A 371 33.10 35.95 29.98
CA ILE A 371 33.20 36.70 28.71
C ILE A 371 31.85 37.25 28.20
N THR A 372 30.75 36.66 28.66
CA THR A 372 29.41 37.24 28.51
C THR A 372 28.89 37.64 29.89
N LYS A 373 27.96 38.59 29.89
CA LYS A 373 27.44 39.18 31.13
C LYS A 373 26.05 39.74 30.90
N GLY A 374 25.24 39.77 31.96
CA GLY A 374 23.91 40.38 31.86
C GLY A 374 22.77 39.66 32.58
N THR A 375 21.57 40.20 32.40
CA THR A 375 20.38 39.65 33.04
C THR A 375 19.65 38.85 31.95
N TRP A 376 20.31 37.80 31.53
CA TRP A 376 19.81 36.84 30.56
C TRP A 376 20.80 35.69 30.59
N GLU A 377 20.55 34.64 29.84
CA GLU A 377 21.39 33.48 29.95
C GLU A 377 21.89 32.95 28.62
N VAL A 378 23.05 32.33 28.67
CA VAL A 378 23.57 31.59 27.55
C VAL A 378 22.89 30.22 27.65
N ILE A 379 22.25 29.80 26.57
CA ILE A 379 21.59 28.50 26.52
C ILE A 379 22.64 27.44 26.19
N GLY A 380 23.55 27.79 25.28
CA GLY A 380 24.57 26.84 24.85
C GLY A 380 25.66 27.38 23.97
N ILE A 381 26.85 26.78 24.09
CA ILE A 381 27.95 27.05 23.18
C ILE A 381 27.79 26.09 22.02
N GLU A 382 27.72 26.64 20.82
CA GLU A 382 27.45 25.86 19.62
C GLU A 382 28.70 25.52 18.82
N ALA A 383 29.64 26.46 18.73
CA ALA A 383 30.86 26.18 17.98
C ALA A 383 31.99 27.08 18.45
N LEU A 384 33.20 26.52 18.45
CA LEU A 384 34.39 27.28 18.81
C LEU A 384 35.41 27.17 17.69
N THR A 385 35.84 28.33 17.17
CA THR A 385 36.90 28.40 16.17
C THR A 385 38.12 29.11 16.79
N SER A 386 39.15 29.32 15.97
CA SER A 386 40.37 29.98 16.42
C SER A 386 40.11 31.43 16.85
N ASP A 387 39.14 32.09 16.22
CA ASP A 387 38.92 33.52 16.47
C ASP A 387 37.54 33.89 16.98
N TYR A 388 36.57 32.98 16.90
CA TYR A 388 35.20 33.27 17.37
C TYR A 388 34.61 32.15 18.24
N LEU A 389 33.77 32.54 19.18
CA LEU A 389 32.91 31.63 19.92
C LEU A 389 31.47 31.90 19.52
N TYR A 390 30.75 30.86 19.16
CA TYR A 390 29.34 30.97 18.77
C TYR A 390 28.42 30.40 19.85
N TYR A 391 27.43 31.18 20.27
CA TYR A 391 26.52 30.72 21.29
C TYR A 391 25.09 31.16 21.00
N ILE A 392 24.14 30.51 21.68
CA ILE A 392 22.75 30.90 21.63
C ILE A 392 22.37 31.43 23.00
N SER A 393 21.58 32.49 23.01
CA SER A 393 21.14 33.12 24.26
C SER A 393 19.77 33.72 24.08
N ASN A 394 19.14 34.00 25.22
CA ASN A 394 17.87 34.73 25.26
C ASN A 394 18.08 36.20 25.67
N GLU A 395 19.07 36.87 25.09
CA GLU A 395 19.34 38.28 25.43
C GLU A 395 18.42 39.24 24.68
N TYR A 396 18.15 38.93 23.42
CA TYR A 396 17.46 39.81 22.52
C TYR A 396 16.14 40.26 23.11
N LYS A 397 16.02 41.58 23.26
CA LYS A 397 14.82 42.21 23.74
C LYS A 397 14.34 41.64 25.08
N GLY A 398 15.30 41.22 25.92
CA GLY A 398 15.03 40.67 27.23
C GLY A 398 13.95 39.60 27.29
N MET A 399 13.83 38.81 26.23
CA MET A 399 12.83 37.75 26.18
C MET A 399 13.44 36.39 26.52
N PRO A 400 13.18 35.87 27.74
CA PRO A 400 13.77 34.56 28.16
C PRO A 400 13.40 33.38 27.26
N GLY A 401 12.29 33.49 26.54
CA GLY A 401 11.78 32.41 25.70
C GLY A 401 11.99 32.70 24.23
N GLY A 402 13.00 33.50 23.93
CA GLY A 402 13.50 33.65 22.58
C GLY A 402 14.89 33.08 22.52
N ARG A 403 15.31 32.68 21.35
CA ARG A 403 16.63 32.08 21.18
C ARG A 403 17.28 32.66 19.93
N ASN A 404 18.45 33.27 20.11
CA ASN A 404 19.22 33.80 18.99
C ASN A 404 20.67 33.38 19.06
N LEU A 405 21.26 33.26 17.87
CA LEU A 405 22.67 32.94 17.68
C LEU A 405 23.53 34.21 17.74
N TYR A 406 24.69 34.07 18.37
CA TYR A 406 25.58 35.20 18.62
C TYR A 406 27.02 34.76 18.42
N LYS A 407 27.82 35.58 17.75
CA LYS A 407 29.26 35.36 17.68
C LYS A 407 29.95 36.33 18.64
N ILE A 408 30.94 35.84 19.40
CA ILE A 408 31.70 36.70 20.33
C ILE A 408 33.18 36.65 19.97
N GLN A 409 33.71 37.79 19.54
CA GLN A 409 35.10 37.89 19.09
C GLN A 409 36.06 37.66 20.25
N LEU A 410 36.88 36.62 20.13
CA LEU A 410 37.71 36.18 21.24
C LEU A 410 38.83 37.17 21.55
N SER A 411 39.30 37.90 20.54
CA SER A 411 40.29 38.95 20.76
C SER A 411 39.71 40.20 21.44
N ASP A 412 38.38 40.35 21.39
CA ASP A 412 37.67 41.44 22.08
C ASP A 412 36.21 41.06 22.42
N TYR A 413 36.01 40.55 23.63
CA TYR A 413 34.72 40.07 24.11
C TYR A 413 33.60 41.07 23.93
N THR A 414 33.94 42.35 23.88
CA THR A 414 32.98 43.42 23.64
C THR A 414 32.35 43.38 22.24
N LYS A 415 33.13 42.99 21.22
CA LYS A 415 32.61 42.85 19.85
C LYS A 415 31.81 41.56 19.71
N VAL A 416 30.54 41.67 20.06
CA VAL A 416 29.55 40.58 19.97
C VAL A 416 28.53 40.93 18.88
N THR A 417 28.31 40.02 17.94
CA THR A 417 27.32 40.23 16.88
C THR A 417 26.15 39.28 17.04
N CYS A 418 24.94 39.75 16.76
CA CYS A 418 23.79 38.86 16.72
C CYS A 418 23.59 38.37 15.30
N LEU A 419 23.81 37.07 15.11
CA LEU A 419 23.77 36.47 13.78
C LEU A 419 22.36 36.20 13.25
N SER A 420 21.37 36.12 14.12
CA SER A 420 20.01 35.70 13.72
C SER A 420 18.89 36.68 14.10
N CYS A 421 19.18 37.58 15.04
CA CYS A 421 18.20 38.52 15.56
C CYS A 421 17.40 39.20 14.46
N GLU A 422 18.12 39.77 13.51
CA GLU A 422 17.58 40.69 12.52
C GLU A 422 17.16 40.05 11.20
N LEU A 423 17.45 38.75 11.05
CA LEU A 423 17.16 38.05 9.80
C LEU A 423 15.70 38.16 9.41
N ASN A 424 14.84 38.10 10.42
CA ASN A 424 13.40 38.10 10.20
C ASN A 424 12.72 38.20 11.55
N PRO A 425 12.77 39.39 12.17
CA PRO A 425 12.38 39.60 13.57
C PRO A 425 10.93 39.35 13.86
N GLU A 426 10.08 39.57 12.85
CA GLU A 426 8.64 39.35 12.93
C GLU A 426 8.37 37.86 13.01
N ARG A 427 8.91 37.13 12.04
CA ARG A 427 8.69 35.69 11.90
C ARG A 427 9.52 34.82 12.85
N CYS A 428 10.74 35.28 13.12
CA CYS A 428 11.74 34.46 13.77
C CYS A 428 12.34 35.07 15.04
N GLN A 429 12.04 34.43 16.18
CA GLN A 429 12.61 34.81 17.47
C GLN A 429 13.11 33.60 18.25
N TYR A 430 13.20 32.44 17.61
CA TYR A 430 13.58 31.22 18.32
C TYR A 430 14.42 30.31 17.46
N TYR A 431 15.73 30.42 17.59
CA TYR A 431 16.67 29.79 16.67
C TYR A 431 17.47 28.68 17.33
N SER A 432 17.80 27.66 16.54
CA SER A 432 18.86 26.70 16.85
C SER A 432 19.79 26.64 15.65
N VAL A 433 21.01 26.16 15.86
CA VAL A 433 22.04 26.17 14.81
C VAL A 433 22.68 24.79 14.67
N SER A 434 23.14 24.51 13.45
CA SER A 434 23.98 23.35 13.14
C SER A 434 25.15 23.77 12.26
N PHE A 435 26.34 23.84 12.83
CA PHE A 435 27.53 24.24 12.10
C PHE A 435 28.16 23.09 11.34
N SER A 436 28.94 23.44 10.34
CA SER A 436 29.70 22.46 9.58
C SER A 436 30.81 21.94 10.49
N LYS A 437 31.52 20.92 10.00
CA LYS A 437 32.54 20.21 10.78
C LYS A 437 33.63 21.12 11.35
N GLU A 438 33.97 22.19 10.60
CA GLU A 438 34.97 23.17 11.03
C GLU A 438 34.36 24.57 11.21
N ALA A 439 33.03 24.63 11.23
CA ALA A 439 32.28 25.87 11.42
C ALA A 439 32.28 26.83 10.22
N LYS A 440 32.69 26.37 9.03
CA LYS A 440 32.71 27.21 7.82
C LYS A 440 31.31 27.66 7.40
N TYR A 441 30.33 26.78 7.59
CA TYR A 441 28.93 27.06 7.27
C TYR A 441 28.04 26.83 8.48
N TYR A 442 26.82 27.34 8.43
CA TYR A 442 25.83 26.97 9.43
C TYR A 442 24.40 26.98 8.91
N GLN A 443 23.64 26.00 9.39
CA GLN A 443 22.21 25.92 9.15
C GLN A 443 21.51 26.50 10.36
N LEU A 444 20.65 27.50 10.12
CA LEU A 444 19.76 28.00 11.14
C LEU A 444 18.40 27.31 11.04
N ARG A 445 17.88 26.82 12.16
CA ARG A 445 16.45 26.51 12.29
C ARG A 445 15.82 27.57 13.17
N CYS A 446 14.79 28.22 12.66
CA CYS A 446 13.96 29.14 13.43
C CYS A 446 12.63 28.43 13.58
N SER A 447 12.18 28.30 14.83
CA SER A 447 11.01 27.48 15.14
C SER A 447 9.80 28.31 15.53
N GLY A 448 9.93 29.62 15.42
CA GLY A 448 8.83 30.51 15.71
C GLY A 448 9.27 31.95 15.86
N PRO A 449 8.30 32.86 16.13
CA PRO A 449 6.87 32.57 16.26
C PRO A 449 6.15 32.24 14.97
N GLY A 450 6.75 32.58 13.83
CA GLY A 450 6.14 32.27 12.55
C GLY A 450 6.37 30.81 12.20
N LEU A 451 6.01 30.45 10.98
CA LEU A 451 6.23 29.07 10.51
C LEU A 451 7.74 28.81 10.44
N PRO A 452 8.18 27.60 10.83
CA PRO A 452 9.61 27.35 10.83
C PRO A 452 10.28 27.63 9.50
N LEU A 453 11.52 28.14 9.56
CA LEU A 453 12.27 28.58 8.40
C LEU A 453 13.71 28.14 8.55
N TYR A 454 14.15 27.25 7.66
CA TYR A 454 15.51 26.73 7.68
C TYR A 454 16.34 27.40 6.61
N THR A 455 17.50 27.91 6.99
CA THR A 455 18.38 28.65 6.09
C THR A 455 19.81 28.15 6.18
N LEU A 456 20.56 28.31 5.09
CA LEU A 456 21.98 27.96 5.06
C LEU A 456 22.81 29.22 4.98
N HIS A 457 23.88 29.29 5.77
CA HIS A 457 24.76 30.47 5.81
C HIS A 457 26.23 30.10 5.77
N SER A 458 27.02 30.94 5.10
CA SER A 458 28.47 30.86 5.20
C SER A 458 28.91 31.72 6.38
N SER A 459 29.84 31.21 7.17
CA SER A 459 30.31 31.93 8.34
C SER A 459 31.53 32.81 8.07
N VAL A 460 32.06 32.80 6.85
CA VAL A 460 33.20 33.68 6.53
C VAL A 460 32.70 35.13 6.40
N ASN A 461 31.91 35.41 5.36
CA ASN A 461 31.32 36.74 5.15
C ASN A 461 29.97 36.86 5.85
N ASP A 462 29.49 35.74 6.39
CA ASP A 462 28.23 35.67 7.12
C ASP A 462 26.95 35.85 6.28
N LYS A 463 27.08 35.78 4.95
CA LYS A 463 25.91 35.93 4.07
C LYS A 463 24.95 34.74 4.24
N GLY A 464 23.79 34.84 3.59
CA GLY A 464 22.70 33.87 3.75
C GLY A 464 22.45 33.10 2.48
N LEU A 465 23.43 32.29 2.10
CA LEU A 465 23.38 31.44 0.91
C LEU A 465 21.95 31.20 0.36
N ARG A 466 21.08 30.57 1.16
CA ARG A 466 19.72 30.29 0.69
C ARG A 466 18.76 29.72 1.73
N VAL A 467 17.48 29.94 1.45
CA VAL A 467 16.40 29.27 2.14
C VAL A 467 16.47 27.79 1.77
N LEU A 468 16.38 26.93 2.78
CA LEU A 468 16.36 25.49 2.58
C LEU A 468 14.92 24.99 2.55
N GLU A 469 14.15 25.40 3.55
CA GLU A 469 12.72 25.09 3.62
C GLU A 469 12.04 26.29 4.23
N ASP A 470 10.97 26.77 3.58
CA ASP A 470 10.19 27.90 4.10
C ASP A 470 8.77 27.53 4.55
N ASN A 471 8.40 26.25 4.45
CA ASN A 471 7.05 25.83 4.80
C ASN A 471 6.00 26.67 4.08
N SER A 472 6.29 27.10 2.85
CA SER A 472 5.33 27.81 2.03
C SER A 472 4.14 26.90 1.68
N ALA A 473 4.40 25.60 1.60
CA ALA A 473 3.35 24.61 1.41
C ALA A 473 2.35 24.71 2.57
N LEU A 474 2.87 24.52 3.78
CA LEU A 474 2.06 24.63 4.98
C LEU A 474 1.34 25.99 5.09
N ASP A 475 1.96 27.05 4.58
CA ASP A 475 1.41 28.41 4.63
C ASP A 475 0.11 28.51 3.86
N LYS A 476 0.07 27.82 2.72
CA LYS A 476 -1.02 27.96 1.76
C LYS A 476 -2.32 27.30 2.26
N MET A 477 -2.18 26.28 3.09
CA MET A 477 -3.33 25.58 3.65
C MET A 477 -3.90 26.30 4.86
N LEU A 478 -3.02 26.83 5.71
CA LEU A 478 -3.42 27.57 6.90
C LEU A 478 -4.14 28.92 6.61
N GLN A 479 -4.18 29.35 5.36
CA GLN A 479 -5.02 30.50 5.00
C GLN A 479 -6.50 30.12 5.08
N ASN A 480 -6.79 28.90 4.64
CA ASN A 480 -8.14 28.39 4.58
C ASN A 480 -8.70 28.11 5.99
N VAL A 481 -7.83 27.85 6.96
CA VAL A 481 -8.29 27.47 8.28
C VAL A 481 -8.20 28.63 9.28
N GLN A 482 -9.23 28.76 10.12
CA GLN A 482 -9.27 29.78 11.17
C GLN A 482 -8.29 29.39 12.27
N MET A 483 -7.05 29.87 12.15
CA MET A 483 -6.01 29.53 13.14
C MET A 483 -6.03 30.47 14.35
N PRO A 484 -5.63 29.93 15.50
CA PRO A 484 -5.50 30.76 16.68
C PRO A 484 -4.19 31.55 16.62
N SER A 485 -4.04 32.48 17.56
CA SER A 485 -2.85 33.29 17.69
C SER A 485 -2.23 33.02 19.06
N LYS A 486 -0.99 33.47 19.23
CA LYS A 486 -0.26 33.27 20.47
C LYS A 486 0.07 34.64 21.03
N LYS A 487 -0.18 34.85 22.31
CA LYS A 487 0.24 36.07 22.97
C LYS A 487 1.29 35.64 23.96
N LEU A 488 2.44 36.30 23.92
CA LEU A 488 3.57 36.01 24.80
C LEU A 488 3.94 37.27 25.52
N ASP A 489 3.82 37.28 26.83
CA ASP A 489 4.01 38.49 27.61
C ASP A 489 4.32 38.10 29.05
N PHE A 490 4.41 39.09 29.93
CA PHE A 490 4.71 38.85 31.32
C PHE A 490 3.78 39.59 32.24
N ILE A 491 3.63 39.07 33.46
CA ILE A 491 3.01 39.78 34.57
C ILE A 491 4.10 40.04 35.62
N ILE A 492 3.88 40.98 36.51
CA ILE A 492 4.82 41.28 37.58
C ILE A 492 4.32 40.75 38.91
N LEU A 493 5.16 39.96 39.60
CA LEU A 493 4.91 39.53 40.98
C LEU A 493 6.12 39.86 41.89
N ASN A 494 5.84 40.32 43.10
CA ASN A 494 6.88 40.67 44.05
C ASN A 494 8.03 41.34 43.25
N GLU A 495 7.65 42.34 42.46
CA GLU A 495 8.60 43.15 41.68
C GLU A 495 9.47 42.34 40.71
N THR A 496 8.90 41.32 40.09
CA THR A 496 9.67 40.42 39.22
C THR A 496 8.81 39.95 38.03
N LYS A 497 9.41 39.88 36.85
CA LYS A 497 8.73 39.48 35.61
C LYS A 497 8.56 37.99 35.63
N PHE A 498 7.37 37.55 35.27
CA PHE A 498 7.11 36.14 35.01
C PHE A 498 6.30 36.01 33.73
N TRP A 499 6.73 35.10 32.87
CA TRP A 499 6.30 35.06 31.51
C TRP A 499 5.21 34.07 31.30
N TYR A 500 4.31 34.40 30.37
CA TYR A 500 3.21 33.53 30.03
C TYR A 500 2.93 33.61 28.56
N GLN A 501 2.33 32.55 28.05
CA GLN A 501 1.79 32.56 26.70
C GLN A 501 0.34 32.15 26.76
N MET A 502 -0.45 32.70 25.85
CA MET A 502 -1.83 32.28 25.68
C MET A 502 -2.01 31.92 24.21
N ILE A 503 -2.69 30.79 23.98
CA ILE A 503 -3.16 30.46 22.64
C ILE A 503 -4.57 30.98 22.61
N LEU A 504 -4.77 32.04 21.83
CA LEU A 504 -6.03 32.72 21.76
C LEU A 504 -6.83 32.15 20.60
N PRO A 505 -8.11 31.83 20.82
CA PRO A 505 -8.97 31.42 19.72
C PRO A 505 -8.99 32.44 18.59
N PRO A 506 -9.45 32.03 17.40
CA PRO A 506 -9.52 32.97 16.29
C PRO A 506 -10.60 34.02 16.53
N HIS A 507 -10.48 35.16 15.86
CA HIS A 507 -11.46 36.24 15.97
C HIS A 507 -11.71 36.65 17.42
N PHE A 508 -10.61 36.70 18.16
CA PHE A 508 -10.59 36.94 19.59
C PHE A 508 -11.19 38.30 19.99
N ASP A 509 -12.14 38.24 20.90
CA ASP A 509 -12.88 39.38 21.36
C ASP A 509 -12.58 39.67 22.85
N LYS A 510 -11.87 40.78 23.10
CA LYS A 510 -11.56 41.23 24.45
C LYS A 510 -12.82 41.31 25.34
N SER A 511 -13.94 41.68 24.74
CA SER A 511 -15.18 41.85 25.49
C SER A 511 -15.93 40.56 25.84
N LYS A 512 -15.46 39.41 25.37
CA LYS A 512 -16.14 38.15 25.65
C LYS A 512 -15.39 37.36 26.69
N LYS A 513 -16.12 36.54 27.42
CA LYS A 513 -15.54 35.74 28.49
C LYS A 513 -15.32 34.32 27.98
N TYR A 514 -14.06 33.93 27.83
CA TYR A 514 -13.67 32.64 27.28
C TYR A 514 -13.34 31.68 28.40
N PRO A 515 -13.58 30.38 28.20
CA PRO A 515 -13.02 29.42 29.14
C PRO A 515 -11.51 29.35 28.94
N LEU A 516 -10.78 29.01 29.99
CA LEU A 516 -9.32 28.93 29.90
C LEU A 516 -8.79 27.64 30.51
N LEU A 517 -7.79 27.05 29.83
CA LEU A 517 -7.13 25.84 30.27
C LEU A 517 -5.66 26.15 30.50
N LEU A 518 -5.24 26.07 31.75
CA LEU A 518 -3.86 26.28 32.13
C LEU A 518 -3.10 24.99 31.83
N ASP A 519 -2.24 25.04 30.81
CA ASP A 519 -1.34 23.95 30.44
C ASP A 519 -0.09 24.10 31.30
N VAL A 520 0.20 23.08 32.13
CA VAL A 520 1.28 23.18 33.08
C VAL A 520 2.35 22.10 32.91
N TYR A 521 3.59 22.52 33.14
CA TYR A 521 4.71 21.66 33.38
C TYR A 521 5.23 22.08 34.74
N ALA A 522 5.81 23.28 34.80
CA ALA A 522 6.20 23.94 36.04
C ALA A 522 7.36 23.28 36.76
N GLY A 523 8.02 22.29 36.15
CA GLY A 523 9.13 21.63 36.80
C GLY A 523 10.37 22.51 36.78
N PRO A 524 11.38 22.13 37.55
CA PRO A 524 12.55 22.96 37.64
C PRO A 524 13.26 23.12 36.30
N CYS A 525 13.68 24.34 36.02
CA CYS A 525 14.23 24.74 34.74
C CYS A 525 13.33 24.44 33.54
N SER A 526 12.02 24.52 33.75
CA SER A 526 11.07 24.35 32.66
C SER A 526 10.82 25.68 32.00
N GLN A 527 10.42 25.64 30.74
CA GLN A 527 10.01 26.85 30.05
C GLN A 527 8.89 26.56 29.08
N LYS A 528 7.67 26.84 29.52
CA LYS A 528 6.48 26.70 28.70
C LYS A 528 6.00 28.01 28.06
N ALA A 529 6.73 29.10 28.29
CA ALA A 529 6.40 30.40 27.71
C ALA A 529 7.47 30.82 26.71
N ASP A 530 7.32 30.41 25.45
CA ASP A 530 8.33 30.71 24.44
C ASP A 530 7.77 31.21 23.12
N THR A 531 8.65 31.61 22.23
CA THR A 531 8.26 32.12 20.92
C THR A 531 8.16 31.00 19.87
N VAL A 532 8.12 29.74 20.31
CA VAL A 532 8.01 28.60 19.40
C VAL A 532 6.59 28.47 18.81
N PHE A 533 6.51 28.19 17.51
CA PHE A 533 5.26 27.89 16.82
C PHE A 533 4.93 26.42 16.97
N ARG A 534 3.67 26.09 17.22
CA ARG A 534 3.29 24.69 17.42
C ARG A 534 1.88 24.43 16.92
N LEU A 535 1.70 23.26 16.31
CA LEU A 535 0.38 22.74 16.03
C LEU A 535 0.16 21.58 16.98
N ASN A 536 -0.65 21.80 18.00
CA ASN A 536 -0.90 20.73 18.96
C ASN A 536 -2.34 20.72 19.45
N TRP A 537 -2.56 19.98 20.53
CA TRP A 537 -3.87 19.89 21.16
C TRP A 537 -4.37 21.26 21.54
N ALA A 538 -3.49 22.06 22.14
CA ALA A 538 -3.79 23.46 22.42
C ALA A 538 -4.29 24.22 21.16
N THR A 539 -3.67 23.98 20.01
CA THR A 539 -4.15 24.61 18.78
C THR A 539 -5.62 24.25 18.46
N TYR A 540 -5.97 22.98 18.66
CA TYR A 540 -7.33 22.51 18.46
C TYR A 540 -8.31 23.18 19.41
N LEU A 541 -8.00 23.16 20.70
CA LEU A 541 -8.84 23.78 21.71
C LEU A 541 -9.10 25.27 21.45
N ALA A 542 -8.08 26.00 21.02
CA ALA A 542 -8.25 27.40 20.61
C ALA A 542 -9.15 27.47 19.38
N SER A 543 -8.71 26.89 18.27
CA SER A 543 -9.40 27.02 16.98
C SER A 543 -10.80 26.44 16.95
N THR A 544 -10.96 25.22 17.42
CA THR A 544 -12.24 24.54 17.29
C THR A 544 -13.19 24.76 18.47
N GLU A 545 -12.68 24.73 19.69
CA GLU A 545 -13.54 24.83 20.88
C GLU A 545 -13.53 26.20 21.55
N ASN A 546 -12.85 27.17 20.93
CA ASN A 546 -12.72 28.51 21.48
C ASN A 546 -12.41 28.58 22.99
N ILE A 547 -11.46 27.75 23.43
CA ILE A 547 -10.91 27.80 24.78
C ILE A 547 -9.57 28.51 24.68
N ILE A 548 -9.26 29.36 25.66
CA ILE A 548 -7.90 29.91 25.76
C ILE A 548 -6.96 28.92 26.46
N VAL A 549 -5.89 28.51 25.80
CA VAL A 549 -4.92 27.67 26.47
C VAL A 549 -3.74 28.53 26.87
N ALA A 550 -3.43 28.54 28.16
CA ALA A 550 -2.36 29.37 28.72
C ALA A 550 -1.28 28.52 29.36
N SER A 551 -0.04 29.01 29.32
CA SER A 551 1.00 28.45 30.20
C SER A 551 1.74 29.57 30.89
N PHE A 552 2.45 29.22 31.95
CA PHE A 552 3.06 30.22 32.79
C PHE A 552 4.28 29.62 33.48
N ASP A 553 5.38 30.37 33.42
CA ASP A 553 6.65 29.96 33.97
C ASP A 553 6.88 30.71 35.25
N GLY A 554 6.45 30.13 36.37
CA GLY A 554 6.59 30.79 37.65
C GLY A 554 7.93 30.43 38.25
N ARG A 555 7.98 30.35 39.57
CA ARG A 555 9.24 30.08 40.25
C ARG A 555 9.69 28.66 39.96
N GLY A 556 11.02 28.49 39.91
CA GLY A 556 11.67 27.23 39.49
C GLY A 556 11.84 27.08 38.00
N SER A 557 11.16 27.94 37.23
CA SER A 557 11.29 27.94 35.79
C SER A 557 12.70 28.43 35.41
N GLY A 558 13.08 28.13 34.17
CA GLY A 558 14.48 28.24 33.75
C GLY A 558 14.84 29.43 32.88
N TYR A 559 16.11 29.50 32.54
CA TYR A 559 16.68 30.48 31.60
C TYR A 559 16.45 31.94 32.03
N GLN A 560 16.27 32.15 33.35
CA GLN A 560 16.04 33.50 33.92
C GLN A 560 16.84 33.73 35.19
N GLY A 561 17.89 32.94 35.37
CA GLY A 561 18.77 33.09 36.53
C GLY A 561 18.38 32.21 37.70
N ASP A 562 19.32 32.05 38.63
CA ASP A 562 19.14 31.15 39.77
C ASP A 562 18.10 31.64 40.78
N LYS A 563 18.05 32.94 41.01
CA LYS A 563 17.11 33.51 41.95
C LYS A 563 15.71 32.91 41.68
N ILE A 564 15.31 32.92 40.41
CA ILE A 564 14.06 32.32 39.98
C ILE A 564 14.16 30.79 40.00
N MET A 565 15.22 30.24 39.43
CA MET A 565 15.26 28.79 39.24
C MET A 565 15.39 28.08 40.57
N HIS A 566 16.23 28.58 41.45
CA HIS A 566 16.46 27.91 42.72
C HIS A 566 15.38 28.22 43.76
N ALA A 567 14.38 29.00 43.39
CA ALA A 567 13.34 29.40 44.32
C ALA A 567 12.70 28.18 44.99
N ILE A 568 12.64 27.06 44.27
CA ILE A 568 12.00 25.87 44.83
C ILE A 568 13.01 24.81 45.25
N ASN A 569 14.25 25.21 45.47
CA ASN A 569 15.25 24.27 45.96
C ASN A 569 14.77 23.67 47.27
N ARG A 570 14.81 22.35 47.36
CA ARG A 570 14.44 21.58 48.55
C ARG A 570 12.96 21.68 48.92
N ARG A 571 12.17 22.22 48.00
CA ARG A 571 10.81 22.64 48.28
C ARG A 571 9.96 22.45 47.03
N LEU A 572 10.08 21.28 46.41
CA LEU A 572 9.17 20.92 45.32
C LEU A 572 7.75 20.83 45.88
N GLY A 573 6.77 21.19 45.05
CA GLY A 573 5.36 21.21 45.44
C GLY A 573 4.95 22.40 46.30
N THR A 574 5.64 23.52 46.13
CA THR A 574 5.31 24.74 46.86
C THR A 574 5.21 25.93 45.91
N PHE A 575 6.28 26.70 45.71
CA PHE A 575 6.15 27.96 44.97
C PHE A 575 5.71 27.73 43.53
N GLU A 576 6.22 26.69 42.90
CA GLU A 576 5.82 26.48 41.50
C GLU A 576 4.31 26.18 41.43
N VAL A 577 3.75 25.59 42.50
CA VAL A 577 2.30 25.30 42.56
C VAL A 577 1.57 26.60 42.85
N GLU A 578 1.96 27.29 43.92
CA GLU A 578 1.35 28.58 44.23
C GLU A 578 1.35 29.52 43.02
N ASP A 579 2.38 29.46 42.18
CA ASP A 579 2.46 30.38 41.06
C ASP A 579 1.54 30.04 39.88
N GLN A 580 1.23 28.77 39.65
CA GLN A 580 0.25 28.47 38.62
C GLN A 580 -1.10 29.03 39.04
N ILE A 581 -1.40 28.98 40.34
CA ILE A 581 -2.67 29.50 40.87
C ILE A 581 -2.71 31.02 40.72
N GLU A 582 -1.61 31.67 41.07
CA GLU A 582 -1.59 33.12 41.00
C GLU A 582 -1.73 33.60 39.55
N ALA A 583 -1.12 32.86 38.63
CA ALA A 583 -1.27 33.13 37.22
C ALA A 583 -2.75 33.07 36.83
N ALA A 584 -3.39 31.94 37.13
CA ALA A 584 -4.84 31.78 36.92
C ALA A 584 -5.62 32.94 37.51
N ARG A 585 -5.27 33.34 38.73
CA ARG A 585 -5.85 34.53 39.29
C ARG A 585 -5.59 35.70 38.33
N GLN A 586 -4.33 36.04 38.08
CA GLN A 586 -4.08 37.24 37.28
C GLN A 586 -4.81 37.15 35.93
N PHE A 587 -4.84 35.98 35.31
CA PHE A 587 -5.49 35.84 34.02
C PHE A 587 -6.99 36.15 34.12
N SER A 588 -7.64 35.68 35.20
CA SER A 588 -9.06 35.98 35.43
C SER A 588 -9.35 37.42 35.80
N LYS A 589 -8.31 38.21 36.10
CA LYS A 589 -8.48 39.65 36.24
C LYS A 589 -8.23 40.36 34.91
N MET A 590 -8.08 39.59 33.82
CA MET A 590 -7.83 40.19 32.49
C MET A 590 -9.14 40.42 31.72
N GLY A 591 -10.26 39.99 32.30
CA GLY A 591 -11.57 40.40 31.80
C GLY A 591 -12.16 39.61 30.66
N PHE A 592 -11.32 38.83 29.97
CA PHE A 592 -11.82 37.92 28.92
C PHE A 592 -11.78 36.43 29.33
N VAL A 593 -11.53 36.15 30.61
CA VAL A 593 -11.52 34.79 31.10
C VAL A 593 -12.79 34.56 31.87
N ASP A 594 -13.62 33.61 31.43
CA ASP A 594 -14.82 33.24 32.17
C ASP A 594 -14.31 32.42 33.33
N ASN A 595 -14.43 32.93 34.55
CA ASN A 595 -13.77 32.22 35.65
C ASN A 595 -14.64 31.22 36.41
N LYS A 596 -15.86 30.99 35.91
CA LYS A 596 -16.60 29.79 36.23
C LYS A 596 -16.03 28.60 35.46
N ARG A 597 -15.17 28.86 34.47
CA ARG A 597 -14.63 27.77 33.63
C ARG A 597 -13.13 27.89 33.41
N ILE A 598 -12.36 27.58 34.46
CA ILE A 598 -10.90 27.55 34.40
C ILE A 598 -10.41 26.11 34.73
N ALA A 599 -9.53 25.56 33.89
CA ALA A 599 -9.03 24.19 34.06
C ALA A 599 -7.53 24.14 33.99
N ILE A 600 -6.98 23.03 34.46
CA ILE A 600 -5.56 22.89 34.59
C ILE A 600 -5.22 21.48 34.25
N TRP A 601 -4.13 21.28 33.54
CA TRP A 601 -3.70 19.95 33.19
C TRP A 601 -2.21 19.93 32.90
N GLY A 602 -1.67 18.72 32.92
CA GLY A 602 -0.26 18.51 32.67
C GLY A 602 0.14 17.06 32.81
N TRP A 603 1.36 16.78 32.34
CA TRP A 603 1.96 15.46 32.23
C TRP A 603 3.20 15.46 33.15
N SER A 604 3.61 14.31 33.69
CA SER A 604 4.86 14.26 34.48
C SER A 604 4.71 15.18 35.69
N TYR A 605 5.70 16.07 35.87
CA TYR A 605 5.66 17.20 36.80
C TYR A 605 4.38 18.00 36.62
N GLY A 606 4.04 18.24 35.37
CA GLY A 606 2.81 18.95 35.03
C GLY A 606 1.61 18.33 35.69
N GLY A 607 1.57 17.01 35.70
CA GLY A 607 0.49 16.26 36.31
C GLY A 607 0.51 16.41 37.82
N TYR A 608 1.68 16.22 38.42
CA TYR A 608 1.88 16.51 39.82
C TYR A 608 1.37 17.91 40.20
N VAL A 609 1.71 18.94 39.43
CA VAL A 609 1.37 20.31 39.80
C VAL A 609 -0.13 20.54 39.59
N THR A 610 -0.66 20.04 38.48
CA THR A 610 -2.10 20.08 38.26
C THR A 610 -2.79 19.44 39.45
N SER A 611 -2.30 18.27 39.84
CA SER A 611 -2.87 17.53 40.95
C SER A 611 -2.70 18.30 42.26
N MET A 612 -1.50 18.82 42.51
CA MET A 612 -1.29 19.65 43.70
C MET A 612 -2.18 20.90 43.71
N VAL A 613 -2.35 21.54 42.55
CA VAL A 613 -3.20 22.73 42.41
C VAL A 613 -4.66 22.38 42.70
N LEU A 614 -5.16 21.34 42.05
CA LEU A 614 -6.55 20.85 42.28
C LEU A 614 -6.82 20.49 43.76
N GLY A 615 -5.80 20.00 44.46
CA GLY A 615 -5.90 19.66 45.89
C GLY A 615 -5.59 20.81 46.83
N SER A 616 -5.31 21.99 46.27
CA SER A 616 -4.94 23.15 47.08
C SER A 616 -6.13 23.76 47.81
N GLY A 617 -7.32 23.65 47.22
CA GLY A 617 -8.50 24.30 47.77
C GLY A 617 -8.65 25.77 47.41
N SER A 618 -7.89 26.25 46.45
CA SER A 618 -7.89 27.66 46.11
C SER A 618 -9.26 28.13 45.67
N GLY A 619 -9.97 27.30 44.93
CA GLY A 619 -11.27 27.64 44.38
C GLY A 619 -11.24 28.13 42.96
N VAL A 620 -10.05 28.33 42.41
CA VAL A 620 -9.89 28.94 41.10
C VAL A 620 -10.32 27.98 39.95
N PHE A 621 -10.00 26.70 40.10
CA PHE A 621 -10.15 25.73 39.01
C PHE A 621 -11.39 24.86 39.18
N LYS A 622 -12.10 24.63 38.07
CA LYS A 622 -13.31 23.82 38.11
C LYS A 622 -12.93 22.35 38.02
N CYS A 623 -11.95 22.07 37.16
CA CYS A 623 -11.60 20.71 36.84
C CYS A 623 -10.17 20.62 36.38
N GLY A 624 -9.67 19.38 36.30
CA GLY A 624 -8.28 19.14 35.87
C GLY A 624 -8.01 17.77 35.28
N ILE A 625 -6.88 17.68 34.57
CA ILE A 625 -6.41 16.43 34.04
C ILE A 625 -4.94 16.27 34.41
N ALA A 626 -4.61 15.11 34.97
CA ALA A 626 -3.24 14.76 35.32
C ALA A 626 -2.89 13.51 34.55
N VAL A 627 -1.86 13.57 33.74
CA VAL A 627 -1.45 12.45 32.92
C VAL A 627 -0.09 11.97 33.42
N ALA A 628 -0.03 10.74 33.94
CA ALA A 628 1.20 10.14 34.45
C ALA A 628 1.90 11.06 35.42
N PRO A 629 1.18 11.51 36.45
CA PRO A 629 1.74 12.47 37.38
C PRO A 629 2.64 11.80 38.39
N VAL A 630 3.69 12.48 38.83
CA VAL A 630 4.34 12.12 40.09
C VAL A 630 3.30 12.39 41.16
N SER A 631 3.18 11.50 42.14
CA SER A 631 2.24 11.72 43.26
C SER A 631 2.98 12.02 44.56
N ARG A 632 4.18 11.46 44.71
CA ARG A 632 5.09 11.88 45.78
C ARG A 632 6.50 11.47 45.45
N TRP A 633 7.46 12.24 45.94
CA TRP A 633 8.81 12.18 45.37
C TRP A 633 9.60 10.93 45.71
N GLU A 634 9.22 10.24 46.79
CA GLU A 634 9.85 8.97 47.12
C GLU A 634 9.61 7.89 46.05
N TYR A 635 8.66 8.12 45.15
CA TYR A 635 8.41 7.19 44.07
C TYR A 635 9.21 7.49 42.80
N TYR A 636 9.77 8.69 42.70
CA TYR A 636 10.53 9.04 41.52
C TYR A 636 12.03 8.81 41.72
N ASP A 637 12.78 8.81 40.62
CA ASP A 637 14.16 8.31 40.68
C ASP A 637 15.07 9.19 41.52
N SER A 638 16.16 8.60 42.00
CA SER A 638 17.08 9.28 42.88
C SER A 638 17.73 10.50 42.27
N VAL A 639 18.12 10.42 41.01
CA VAL A 639 18.97 11.46 40.42
C VAL A 639 18.26 12.79 40.21
N TYR A 640 17.06 12.73 39.63
CA TYR A 640 16.29 13.93 39.37
C TYR A 640 15.78 14.47 40.69
N THR A 641 15.14 13.59 41.44
CA THR A 641 14.45 13.93 42.66
C THR A 641 15.36 14.55 43.70
N GLU A 642 16.46 13.89 43.99
CA GLU A 642 17.37 14.35 45.04
C GLU A 642 18.13 15.61 44.66
N ARG A 643 18.24 15.88 43.36
CA ARG A 643 18.88 17.09 42.90
C ARG A 643 18.14 18.31 43.44
N TYR A 644 16.82 18.19 43.49
CA TYR A 644 15.96 19.25 43.95
C TYR A 644 15.50 19.09 45.42
N MET A 645 15.44 17.86 45.92
CA MET A 645 14.78 17.58 47.19
C MET A 645 15.72 17.05 48.27
N GLY A 646 17.01 16.96 47.97
CA GLY A 646 17.94 16.25 48.85
C GLY A 646 17.47 14.83 49.08
N LEU A 647 17.93 14.22 50.16
CA LEU A 647 17.50 12.87 50.51
C LEU A 647 16.27 12.86 51.41
N PRO A 648 15.45 11.80 51.33
CA PRO A 648 14.25 11.65 52.13
C PRO A 648 14.48 10.97 53.48
N THR A 649 15.43 11.49 54.25
CA THR A 649 15.73 10.96 55.57
C THR A 649 15.53 12.04 56.60
N PRO A 650 15.27 11.66 57.87
CA PRO A 650 15.09 12.61 58.98
C PRO A 650 16.21 13.64 59.04
N GLU A 651 17.44 13.21 58.86
CA GLU A 651 18.59 14.13 58.93
C GLU A 651 18.74 15.06 57.72
N ASP A 652 17.88 14.90 56.72
CA ASP A 652 17.91 15.74 55.52
C ASP A 652 16.54 16.40 55.28
N ASN A 653 15.72 15.86 54.40
CA ASN A 653 14.51 16.55 53.92
C ASN A 653 13.22 15.71 53.99
N LEU A 654 13.19 14.65 54.79
CA LEU A 654 11.98 13.78 54.91
C LEU A 654 10.67 14.56 55.16
N ASP A 655 10.74 15.59 56.00
CA ASP A 655 9.54 16.35 56.35
C ASP A 655 8.87 16.90 55.10
N HIS A 656 9.65 17.54 54.23
CA HIS A 656 9.07 18.14 53.06
C HIS A 656 8.64 17.08 52.06
N TYR A 657 9.37 15.99 51.97
CA TYR A 657 8.93 14.85 51.15
C TYR A 657 7.53 14.46 51.61
N ARG A 658 7.38 14.33 52.92
CA ARG A 658 6.08 14.04 53.56
C ARG A 658 4.98 15.04 53.18
N ASN A 659 5.30 16.34 53.24
CA ASN A 659 4.33 17.42 52.95
C ASN A 659 3.98 17.65 51.49
N SER A 660 4.81 17.15 50.57
CA SER A 660 4.67 17.51 49.16
C SER A 660 3.85 16.53 48.34
N THR A 661 3.11 15.63 49.01
CA THR A 661 2.41 14.55 48.30
C THR A 661 1.06 15.03 47.83
N VAL A 662 0.63 14.58 46.66
CA VAL A 662 -0.77 14.87 46.29
C VAL A 662 -1.76 14.06 47.14
N MET A 663 -1.39 12.88 47.63
CA MET A 663 -2.32 12.07 48.44
C MET A 663 -2.78 12.79 49.69
N SER A 664 -1.89 13.51 50.35
CA SER A 664 -2.25 14.27 51.56
C SER A 664 -3.34 15.32 51.32
N ARG A 665 -3.57 15.69 50.05
CA ARG A 665 -4.57 16.70 49.68
C ARG A 665 -5.88 16.10 49.12
N ALA A 666 -6.08 14.81 49.30
CA ALA A 666 -7.21 14.11 48.69
C ALA A 666 -8.55 14.75 49.01
N GLU A 667 -8.74 15.11 50.27
CA GLU A 667 -9.97 15.73 50.72
C GLU A 667 -10.40 16.93 49.86
N ASN A 668 -9.43 17.75 49.44
CA ASN A 668 -9.72 18.94 48.66
C ASN A 668 -10.22 18.68 47.25
N PHE A 669 -10.01 17.47 46.74
CA PHE A 669 -10.54 17.11 45.42
C PHE A 669 -12.06 17.09 45.38
N LYS A 670 -12.71 17.01 46.54
CA LYS A 670 -14.18 17.18 46.62
C LYS A 670 -14.67 18.41 45.89
N GLN A 671 -13.84 19.45 45.81
CA GLN A 671 -14.22 20.72 45.16
C GLN A 671 -14.03 20.75 43.64
N VAL A 672 -13.40 19.74 43.05
CA VAL A 672 -13.02 19.77 41.62
C VAL A 672 -13.40 18.49 40.88
N GLU A 673 -13.50 18.58 39.55
CA GLU A 673 -13.66 17.42 38.68
C GLU A 673 -12.29 17.02 38.15
N TYR A 674 -11.85 15.79 38.40
CA TYR A 674 -10.48 15.33 38.12
C TYR A 674 -10.49 14.16 37.15
N LEU A 675 -9.55 14.19 36.21
CA LEU A 675 -9.29 13.05 35.35
C LEU A 675 -7.83 12.64 35.54
N LEU A 676 -7.63 11.36 35.86
CA LEU A 676 -6.32 10.82 36.15
C LEU A 676 -6.06 9.77 35.10
N ILE A 677 -5.01 9.98 34.30
CA ILE A 677 -4.65 9.05 33.23
C ILE A 677 -3.24 8.56 33.47
N HIS A 678 -2.98 7.29 33.15
CA HIS A 678 -1.64 6.72 33.33
C HIS A 678 -1.48 5.41 32.55
N GLY A 679 -0.35 5.29 31.85
CA GLY A 679 -0.07 4.10 31.07
C GLY A 679 0.44 3.05 32.04
N THR A 680 0.05 1.80 31.83
CA THR A 680 0.35 0.77 32.83
C THR A 680 1.78 0.29 32.73
N ALA A 681 2.45 0.56 31.60
CA ALA A 681 3.85 0.14 31.41
C ALA A 681 4.80 1.32 31.42
N ASP A 682 4.50 2.29 32.28
CA ASP A 682 5.32 3.49 32.43
C ASP A 682 6.57 3.17 33.30
N ASP A 683 7.72 3.06 32.66
CA ASP A 683 8.97 2.78 33.38
C ASP A 683 9.49 3.99 34.13
N ASN A 684 9.03 5.18 33.73
CA ASN A 684 9.59 6.43 34.19
C ASN A 684 8.87 6.91 35.43
N VAL A 685 7.62 7.31 35.25
CA VAL A 685 6.74 7.66 36.35
C VAL A 685 5.81 6.46 36.46
N HIS A 686 6.07 5.66 37.46
CA HIS A 686 5.41 4.40 37.59
C HIS A 686 3.93 4.58 37.89
N PHE A 687 3.13 3.73 37.27
CA PHE A 687 1.69 3.65 37.54
C PHE A 687 1.33 3.68 39.06
N GLN A 688 2.12 2.99 39.88
CA GLN A 688 2.17 3.20 41.33
C GLN A 688 1.74 4.59 41.74
N GLN A 689 2.37 5.57 41.11
CA GLN A 689 2.20 6.94 41.47
C GLN A 689 0.75 7.34 41.25
N SER A 690 0.16 6.90 40.15
CA SER A 690 -1.28 7.10 39.98
C SER A 690 -2.16 6.18 40.84
N ALA A 691 -1.76 4.93 41.06
CA ALA A 691 -2.56 3.99 41.85
C ALA A 691 -2.74 4.50 43.25
N GLN A 692 -1.72 5.18 43.78
CA GLN A 692 -1.78 5.71 45.16
C GLN A 692 -2.64 6.95 45.28
N ILE A 693 -2.65 7.80 44.26
CA ILE A 693 -3.60 8.92 44.21
C ILE A 693 -5.03 8.38 44.20
N SER A 694 -5.32 7.49 43.25
CA SER A 694 -6.67 6.99 43.10
C SER A 694 -7.15 6.37 44.42
N LYS A 695 -6.28 5.60 45.06
CA LYS A 695 -6.62 5.03 46.35
C LYS A 695 -6.90 6.09 47.39
N ALA A 696 -6.10 7.15 47.41
CA ALA A 696 -6.33 8.23 48.40
C ALA A 696 -7.69 8.86 48.20
N LEU A 697 -8.06 9.08 46.94
CA LEU A 697 -9.34 9.69 46.62
C LEU A 697 -10.45 8.74 47.06
N VAL A 698 -10.32 7.48 46.68
CA VAL A 698 -11.32 6.49 47.11
C VAL A 698 -11.56 6.52 48.62
N ASP A 699 -10.49 6.57 49.41
CA ASP A 699 -10.60 6.53 50.86
C ASP A 699 -11.30 7.74 51.46
N VAL A 700 -11.17 8.92 50.86
CA VAL A 700 -11.92 10.10 51.34
C VAL A 700 -13.26 10.31 50.62
N GLY A 701 -13.66 9.39 49.76
CA GLY A 701 -14.96 9.45 49.10
C GLY A 701 -15.12 10.49 48.02
N VAL A 702 -14.03 10.81 47.30
CA VAL A 702 -14.04 11.78 46.20
C VAL A 702 -14.26 11.04 44.89
N ASP A 703 -15.29 11.37 44.14
CA ASP A 703 -15.51 10.73 42.85
C ASP A 703 -14.69 11.44 41.80
N PHE A 704 -14.22 10.71 40.80
CA PHE A 704 -13.34 11.27 39.80
C PHE A 704 -13.28 10.35 38.60
N GLN A 705 -12.65 10.85 37.55
CA GLN A 705 -12.57 10.14 36.30
C GLN A 705 -11.18 9.55 36.17
N ALA A 706 -11.12 8.38 35.55
CA ALA A 706 -9.86 7.73 35.39
C ALA A 706 -9.76 7.04 34.06
N MET A 707 -8.51 6.71 33.71
CA MET A 707 -8.23 5.92 32.54
C MET A 707 -6.83 5.40 32.67
N TRP A 708 -6.66 4.09 32.51
CA TRP A 708 -5.34 3.49 32.33
C TRP A 708 -5.13 3.19 30.87
N TYR A 709 -3.87 3.09 30.49
CA TYR A 709 -3.57 2.70 29.13
C TYR A 709 -2.66 1.46 29.16
N THR A 710 -3.29 0.31 29.01
CA THR A 710 -2.60 -0.99 29.01
C THR A 710 -1.32 -0.94 28.18
N ASP A 711 -0.19 -1.16 28.84
CA ASP A 711 1.08 -1.36 28.18
C ASP A 711 1.66 -0.11 27.51
N GLU A 712 1.09 1.05 27.80
CA GLU A 712 1.65 2.32 27.34
C GLU A 712 2.65 2.77 28.36
N ASP A 713 3.74 3.32 27.89
CA ASP A 713 4.71 3.88 28.79
C ASP A 713 4.42 5.37 29.03
N HIS A 714 5.45 6.15 29.32
CA HIS A 714 5.30 7.53 29.73
C HIS A 714 4.83 8.45 28.62
N GLY A 715 5.15 8.10 27.38
CA GLY A 715 4.70 8.88 26.23
C GLY A 715 3.24 8.64 25.92
N ILE A 716 2.73 7.45 26.27
CA ILE A 716 1.42 7.03 25.79
C ILE A 716 1.38 7.32 24.29
N ALA A 717 2.42 6.87 23.59
CA ALA A 717 2.74 7.36 22.23
C ALA A 717 2.32 6.45 21.08
N SER A 718 1.75 5.28 21.39
CA SER A 718 1.22 4.39 20.33
C SER A 718 0.19 5.16 19.53
N SER A 719 0.23 5.00 18.23
CA SER A 719 -0.70 5.67 17.35
C SER A 719 -2.13 5.66 17.93
N THR A 720 -2.69 4.48 18.12
CA THR A 720 -4.05 4.37 18.64
C THR A 720 -4.14 5.01 20.03
N ALA A 721 -3.18 4.73 20.89
CA ALA A 721 -3.21 5.24 22.27
C ALA A 721 -3.15 6.76 22.31
N HIS A 722 -2.32 7.35 21.45
CA HIS A 722 -2.20 8.81 21.39
C HIS A 722 -3.51 9.45 20.93
N GLN A 723 -4.12 8.88 19.90
CA GLN A 723 -5.46 9.31 19.52
C GLN A 723 -6.48 9.10 20.63
N HIS A 724 -6.42 7.97 21.32
CA HIS A 724 -7.46 7.67 22.29
C HIS A 724 -7.43 8.64 23.46
N ILE A 725 -6.24 8.90 23.97
CA ILE A 725 -6.08 9.76 25.15
C ILE A 725 -6.54 11.20 24.87
N TYR A 726 -6.01 11.82 23.81
CA TYR A 726 -6.43 13.18 23.47
C TYR A 726 -7.92 13.31 23.24
N THR A 727 -8.53 12.32 22.62
CA THR A 727 -9.96 12.31 22.44
C THR A 727 -10.68 12.27 23.77
N HIS A 728 -10.23 11.39 24.66
CA HIS A 728 -10.86 11.26 25.98
C HIS A 728 -10.73 12.58 26.73
N MET A 729 -9.53 13.15 26.69
CA MET A 729 -9.27 14.44 27.30
C MET A 729 -10.13 15.58 26.75
N SER A 730 -10.38 15.56 25.45
CA SER A 730 -11.18 16.62 24.84
C SER A 730 -12.62 16.52 25.30
N HIS A 731 -13.11 15.30 25.43
CA HIS A 731 -14.50 15.09 25.87
C HIS A 731 -14.64 15.57 27.29
N PHE A 732 -13.67 15.22 28.14
CA PHE A 732 -13.67 15.65 29.53
C PHE A 732 -13.67 17.17 29.65
N ILE A 733 -12.77 17.83 28.93
CA ILE A 733 -12.71 19.30 28.96
C ILE A 733 -13.98 19.95 28.39
N LYS A 734 -14.51 19.40 27.30
CA LYS A 734 -15.72 19.94 26.68
C LYS A 734 -16.95 19.74 27.55
N GLN A 735 -16.95 18.72 28.39
CA GLN A 735 -18.07 18.48 29.29
C GLN A 735 -17.94 19.42 30.49
N CYS A 736 -16.70 19.66 30.90
CA CYS A 736 -16.40 20.54 32.02
C CYS A 736 -16.81 21.97 31.71
N PHE A 737 -16.62 22.36 30.44
CA PHE A 737 -16.92 23.70 29.96
C PHE A 737 -18.30 23.84 29.31
N SER A 738 -19.12 22.79 29.44
CA SER A 738 -20.47 22.76 28.85
C SER A 738 -20.46 23.05 27.35
N LEU A 739 -19.38 22.63 26.68
CA LEU A 739 -19.27 22.74 25.24
C LEU A 739 -19.89 21.48 24.65
N PRO A 740 -20.82 21.64 23.70
CA PRO A 740 -21.55 20.49 23.15
C PRO A 740 -20.74 19.68 22.15
N HIS B 8 -48.61 20.43 53.92
CA HIS B 8 -49.72 19.43 54.10
C HIS B 8 -49.47 18.14 53.31
N HIS B 9 -48.67 17.27 53.93
CA HIS B 9 -48.19 16.03 53.32
C HIS B 9 -49.10 14.84 53.62
N HIS B 10 -49.92 14.98 54.65
CA HIS B 10 -50.95 13.99 55.01
C HIS B 10 -50.40 12.54 55.24
N HIS B 11 -49.15 12.44 55.67
CA HIS B 11 -48.49 11.17 55.98
C HIS B 11 -48.35 10.20 54.81
N HIS B 12 -48.47 10.73 53.59
CA HIS B 12 -48.15 9.93 52.41
C HIS B 12 -46.64 9.69 52.41
N SER B 13 -46.23 8.54 51.87
CA SER B 13 -44.82 8.21 51.72
C SER B 13 -44.19 9.13 50.68
N ARG B 14 -43.31 10.02 51.13
CA ARG B 14 -42.52 10.82 50.19
C ARG B 14 -41.01 10.66 50.34
N LYS B 15 -40.59 9.76 51.25
CA LYS B 15 -39.22 9.27 51.30
C LYS B 15 -38.96 8.25 50.18
N THR B 16 -37.68 7.99 49.94
CA THR B 16 -37.26 6.98 48.98
C THR B 16 -36.02 6.34 49.54
N TYR B 17 -35.64 5.22 48.95
CA TYR B 17 -34.43 4.51 49.33
C TYR B 17 -33.30 5.10 48.49
N THR B 18 -32.42 5.84 49.14
CA THR B 18 -31.42 6.64 48.43
C THR B 18 -30.07 5.93 48.37
N LEU B 19 -29.18 6.44 47.51
CA LEU B 19 -27.81 5.92 47.44
C LEU B 19 -27.14 5.92 48.81
N THR B 20 -27.26 7.01 49.55
CA THR B 20 -26.71 7.04 50.91
C THR B 20 -27.32 5.98 51.85
N ASP B 21 -28.61 5.71 51.74
CA ASP B 21 -29.19 4.62 52.53
C ASP B 21 -28.51 3.28 52.25
N TYR B 22 -28.29 2.97 50.98
CA TYR B 22 -27.61 1.75 50.61
C TYR B 22 -26.17 1.76 51.09
N LEU B 23 -25.48 2.88 50.90
CA LEU B 23 -24.05 2.95 51.18
C LEU B 23 -23.77 3.09 52.66
N LYS B 24 -24.63 3.80 53.37
CA LYS B 24 -24.46 3.98 54.82
C LYS B 24 -25.24 2.98 55.61
N ASN B 25 -25.94 2.09 54.93
CA ASN B 25 -26.53 0.96 55.61
C ASN B 25 -27.66 1.43 56.57
N THR B 26 -28.42 2.42 56.11
CA THR B 26 -29.48 3.04 56.89
C THR B 26 -30.54 2.03 57.32
N TYR B 27 -31.03 1.24 56.37
CA TYR B 27 -32.07 0.27 56.64
C TYR B 27 -31.46 -1.12 56.86
N ARG B 28 -31.20 -1.45 58.12
CA ARG B 28 -30.47 -2.66 58.47
C ARG B 28 -31.38 -3.88 58.60
N LEU B 29 -30.95 -4.95 57.94
CA LEU B 29 -31.68 -6.21 57.84
C LEU B 29 -31.19 -7.14 58.95
N LYS B 30 -31.98 -7.31 60.00
CA LYS B 30 -31.54 -8.16 61.11
C LYS B 30 -31.59 -9.62 60.72
N LEU B 31 -30.63 -10.38 61.25
CA LEU B 31 -30.50 -11.83 60.98
C LEU B 31 -30.57 -12.56 62.30
N TYR B 32 -30.66 -13.87 62.26
CA TYR B 32 -30.50 -14.67 63.45
C TYR B 32 -29.47 -15.74 63.17
N SER B 33 -28.24 -15.48 63.60
CA SER B 33 -27.17 -16.42 63.38
C SER B 33 -26.90 -17.22 64.64
N LEU B 34 -27.08 -18.53 64.56
CA LEU B 34 -26.89 -19.43 65.69
C LEU B 34 -25.99 -20.59 65.33
N ARG B 35 -25.45 -21.27 66.34
CA ARG B 35 -24.72 -22.50 66.12
C ARG B 35 -25.21 -23.58 67.05
N TRP B 36 -25.71 -24.66 66.47
CA TRP B 36 -26.12 -25.80 67.27
C TRP B 36 -24.86 -26.42 67.89
N ILE B 37 -24.85 -26.55 69.21
CA ILE B 37 -23.78 -27.29 69.89
C ILE B 37 -24.20 -28.72 70.23
N SER B 38 -25.48 -28.90 70.53
CA SER B 38 -26.05 -30.22 70.84
C SER B 38 -27.29 -30.48 69.99
N ASP B 39 -28.04 -31.53 70.32
CA ASP B 39 -29.30 -31.80 69.62
C ASP B 39 -30.49 -30.95 70.10
N HIS B 40 -30.30 -30.19 71.17
CA HIS B 40 -31.38 -29.38 71.77
C HIS B 40 -30.96 -27.96 72.21
N GLU B 41 -29.72 -27.57 71.90
CA GLU B 41 -29.18 -26.27 72.35
C GLU B 41 -28.35 -25.61 71.27
N TYR B 42 -28.42 -24.29 71.20
CA TYR B 42 -27.64 -23.51 70.23
C TYR B 42 -27.04 -22.26 70.88
N LEU B 43 -26.02 -21.68 70.24
CA LEU B 43 -25.31 -20.50 70.75
C LEU B 43 -25.74 -19.21 70.03
N TYR B 44 -25.60 -18.07 70.69
CA TYR B 44 -26.03 -16.80 70.09
C TYR B 44 -25.38 -15.55 70.70
N LYS B 45 -25.21 -14.51 69.89
CA LYS B 45 -24.56 -13.26 70.32
C LYS B 45 -25.58 -12.14 70.60
N GLN B 46 -25.99 -12.03 71.86
CA GLN B 46 -26.96 -11.03 72.30
C GLN B 46 -26.37 -9.61 72.16
N GLU B 47 -25.38 -9.30 72.99
CA GLU B 47 -24.70 -8.01 72.94
C GLU B 47 -23.21 -8.25 73.15
N ASN B 48 -22.60 -8.90 72.17
CA ASN B 48 -21.21 -9.38 72.31
C ASN B 48 -21.10 -10.54 73.33
N ASN B 49 -22.08 -10.66 74.22
CA ASN B 49 -22.20 -11.82 75.09
C ASN B 49 -22.61 -13.01 74.26
N ILE B 50 -22.30 -14.21 74.74
CA ILE B 50 -22.70 -15.44 74.08
C ILE B 50 -23.69 -16.12 75.00
N LEU B 51 -24.89 -16.34 74.50
CA LEU B 51 -25.91 -17.03 75.27
C LEU B 51 -26.12 -18.42 74.71
N VAL B 52 -26.12 -19.42 75.59
CA VAL B 52 -26.65 -20.72 75.22
C VAL B 52 -28.16 -20.64 75.33
N PHE B 53 -28.85 -21.18 74.33
CA PHE B 53 -30.31 -21.17 74.28
C PHE B 53 -30.81 -22.60 74.30
N ASN B 54 -31.77 -22.84 75.17
CA ASN B 54 -32.59 -24.04 75.09
C ASN B 54 -33.71 -23.74 74.09
N ALA B 55 -33.71 -24.47 72.98
CA ALA B 55 -34.71 -24.29 71.93
C ALA B 55 -36.08 -24.79 72.36
N GLU B 56 -36.11 -25.79 73.24
CA GLU B 56 -37.36 -26.40 73.68
C GLU B 56 -38.15 -25.40 74.56
N TYR B 57 -37.45 -24.72 75.48
CA TYR B 57 -38.08 -23.86 76.48
C TYR B 57 -37.97 -22.34 76.25
N GLY B 58 -36.86 -21.92 75.65
CA GLY B 58 -36.57 -20.49 75.46
C GLY B 58 -35.48 -19.97 76.39
N ASN B 59 -35.44 -20.50 77.63
CA ASN B 59 -34.48 -20.02 78.64
C ASN B 59 -33.02 -20.03 78.16
N SER B 60 -32.37 -18.88 78.35
CA SER B 60 -30.98 -18.67 77.98
C SER B 60 -30.12 -18.52 79.24
N SER B 61 -29.07 -19.34 79.32
CA SER B 61 -27.99 -19.18 80.30
C SER B 61 -26.85 -18.47 79.56
N VAL B 62 -26.26 -17.45 80.19
CA VAL B 62 -25.13 -16.75 79.57
C VAL B 62 -23.95 -17.72 79.52
N PHE B 63 -23.48 -17.99 78.30
CA PHE B 63 -22.41 -18.96 78.08
C PHE B 63 -21.04 -18.36 78.38
N LEU B 64 -20.80 -17.19 77.80
CA LEU B 64 -19.56 -16.47 77.96
C LEU B 64 -19.87 -14.99 77.93
N GLU B 65 -19.50 -14.29 78.99
CA GLU B 65 -19.67 -12.85 79.04
C GLU B 65 -18.75 -12.11 78.06
N ASN B 66 -19.26 -11.05 77.45
CA ASN B 66 -18.48 -10.22 76.52
C ASN B 66 -17.11 -9.76 77.08
N SER B 67 -17.12 -9.38 78.36
CA SER B 67 -15.95 -8.83 79.05
C SER B 67 -14.88 -9.88 79.37
N THR B 68 -15.28 -11.15 79.36
CA THR B 68 -14.39 -12.25 79.76
C THR B 68 -13.02 -12.13 79.09
N PHE B 69 -13.00 -11.78 77.81
CA PHE B 69 -11.73 -11.58 77.11
C PHE B 69 -11.41 -10.11 76.95
N ASP B 70 -10.58 -9.80 75.94
CA ASP B 70 -10.23 -8.43 75.56
C ASP B 70 -9.76 -7.53 76.76
N GLU B 71 -9.59 -8.14 77.92
CA GLU B 71 -8.45 -7.81 78.77
C GLU B 71 -7.29 -8.54 78.11
N PHE B 72 -7.63 -9.67 77.49
CA PHE B 72 -6.73 -10.50 76.67
C PHE B 72 -5.90 -9.71 75.61
N GLY B 73 -6.37 -8.55 75.18
CA GLY B 73 -5.51 -7.59 74.46
C GLY B 73 -5.56 -7.56 72.93
N HIS B 74 -6.33 -8.45 72.31
CA HIS B 74 -6.54 -8.36 70.87
C HIS B 74 -8.02 -8.39 70.56
N SER B 75 -8.37 -7.94 69.37
CA SER B 75 -9.73 -7.99 68.90
C SER B 75 -10.09 -9.44 68.50
N ILE B 76 -10.99 -10.07 69.25
CA ILE B 76 -11.43 -11.43 68.92
C ILE B 76 -12.30 -11.38 67.66
N ASN B 77 -11.85 -12.03 66.60
CA ASN B 77 -12.57 -12.03 65.32
C ASN B 77 -13.71 -13.05 65.30
N ASP B 78 -13.43 -14.25 65.79
CA ASP B 78 -14.42 -15.30 65.82
C ASP B 78 -14.08 -16.22 66.99
N TYR B 79 -14.93 -17.20 67.27
CA TYR B 79 -14.64 -18.21 68.28
C TYR B 79 -15.01 -19.59 67.77
N SER B 80 -14.72 -20.61 68.57
CA SER B 80 -15.16 -21.96 68.27
C SER B 80 -15.11 -22.84 69.51
N ILE B 81 -16.26 -23.36 69.90
CA ILE B 81 -16.31 -24.18 71.11
C ILE B 81 -16.06 -25.63 70.73
N SER B 82 -15.15 -26.28 71.46
CA SER B 82 -14.95 -27.72 71.34
C SER B 82 -16.28 -28.43 71.52
N PRO B 83 -16.54 -29.49 70.74
CA PRO B 83 -17.86 -30.09 70.73
C PRO B 83 -18.28 -30.78 72.00
N ASP B 84 -17.37 -30.91 72.97
CA ASP B 84 -17.73 -31.36 74.33
C ASP B 84 -18.01 -30.18 75.24
N GLY B 85 -17.93 -28.97 74.70
CA GLY B 85 -18.23 -27.75 75.44
C GLY B 85 -17.22 -27.36 76.51
N GLN B 86 -16.00 -27.91 76.43
CA GLN B 86 -14.98 -27.74 77.48
C GLN B 86 -13.87 -26.76 77.13
N PHE B 87 -13.70 -26.43 75.85
CA PHE B 87 -12.69 -25.48 75.45
C PHE B 87 -13.26 -24.55 74.41
N ILE B 88 -12.56 -23.46 74.16
CA ILE B 88 -12.99 -22.49 73.18
C ILE B 88 -11.80 -21.92 72.43
N LEU B 89 -11.87 -22.04 71.12
CA LEU B 89 -10.84 -21.51 70.25
C LEU B 89 -11.12 -20.03 70.03
N LEU B 90 -10.13 -19.18 70.27
CA LEU B 90 -10.28 -17.76 70.03
C LEU B 90 -9.45 -17.34 68.81
N GLU B 91 -10.14 -16.85 67.79
CA GLU B 91 -9.53 -16.44 66.52
C GLU B 91 -9.23 -14.95 66.56
N TYR B 92 -7.97 -14.59 66.39
CA TYR B 92 -7.58 -13.17 66.31
C TYR B 92 -6.47 -12.99 65.30
N ASN B 93 -6.00 -11.76 65.14
CA ASN B 93 -5.08 -11.36 64.06
C ASN B 93 -5.54 -11.89 62.69
N TYR B 94 -6.86 -11.86 62.47
CA TYR B 94 -7.44 -12.32 61.21
C TYR B 94 -6.89 -11.50 60.05
N VAL B 95 -6.38 -12.20 59.04
CA VAL B 95 -5.83 -11.58 57.86
C VAL B 95 -6.33 -12.37 56.65
N LYS B 96 -7.26 -11.75 55.92
CA LYS B 96 -7.89 -12.36 54.77
C LYS B 96 -6.89 -12.71 53.65
N GLN B 97 -7.19 -13.77 52.91
CA GLN B 97 -6.43 -14.12 51.71
C GLN B 97 -7.41 -14.19 50.54
N TRP B 98 -7.85 -15.37 50.11
CA TRP B 98 -8.78 -15.46 48.96
C TRP B 98 -10.23 -15.48 49.43
N ARG B 99 -11.11 -16.15 48.70
CA ARG B 99 -12.52 -16.12 49.05
C ARG B 99 -12.82 -16.76 50.42
N HIS B 100 -12.21 -17.91 50.71
CA HIS B 100 -12.39 -18.59 52.01
C HIS B 100 -11.14 -18.58 52.91
N SER B 101 -9.96 -18.52 52.30
CA SER B 101 -8.72 -18.62 53.04
C SER B 101 -8.31 -17.35 53.79
N TYR B 102 -7.49 -17.55 54.82
CA TYR B 102 -6.98 -16.44 55.63
C TYR B 102 -6.04 -16.98 56.70
N THR B 103 -5.25 -16.11 57.30
CA THR B 103 -4.43 -16.50 58.47
C THR B 103 -4.98 -15.86 59.72
N ALA B 104 -4.55 -16.37 60.87
CA ALA B 104 -5.10 -15.95 62.13
C ALA B 104 -4.21 -16.47 63.23
N SER B 105 -4.14 -15.73 64.32
CA SER B 105 -3.58 -16.25 65.55
C SER B 105 -4.74 -16.95 66.26
N TYR B 106 -4.40 -17.87 67.15
CA TYR B 106 -5.40 -18.57 67.93
C TYR B 106 -4.90 -18.81 69.34
N ASP B 107 -5.80 -18.65 70.30
CA ASP B 107 -5.53 -19.08 71.66
C ASP B 107 -6.67 -19.97 72.07
N ILE B 108 -6.50 -20.63 73.20
CA ILE B 108 -7.45 -21.62 73.66
C ILE B 108 -7.76 -21.37 75.12
N TYR B 109 -9.04 -21.14 75.40
CA TYR B 109 -9.48 -20.86 76.75
C TYR B 109 -10.15 -22.11 77.29
N ASP B 110 -9.92 -22.37 78.57
CA ASP B 110 -10.41 -23.56 79.25
C ASP B 110 -11.71 -23.22 79.98
N LEU B 111 -12.85 -23.64 79.42
CA LEU B 111 -14.14 -23.27 79.98
C LEU B 111 -14.28 -23.83 81.39
N ASN B 112 -14.14 -25.13 81.53
CA ASN B 112 -14.30 -25.77 82.84
C ASN B 112 -13.44 -25.16 83.97
N LYS B 113 -12.27 -24.65 83.64
CA LYS B 113 -11.34 -24.14 84.66
C LYS B 113 -10.86 -22.71 84.44
N ARG B 114 -11.55 -21.97 83.56
CA ARG B 114 -11.37 -20.52 83.42
C ARG B 114 -9.92 -20.04 83.35
N GLN B 115 -9.24 -20.33 82.25
CA GLN B 115 -7.89 -19.81 82.01
C GLN B 115 -7.42 -20.02 80.58
N LEU B 116 -6.67 -19.04 80.06
CA LEU B 116 -6.00 -19.21 78.79
C LEU B 116 -4.97 -20.32 78.95
N ILE B 117 -4.87 -21.19 77.94
CA ILE B 117 -3.78 -22.15 77.84
C ILE B 117 -2.51 -21.37 77.44
N THR B 118 -1.52 -21.39 78.33
CA THR B 118 -0.31 -20.59 78.16
C THR B 118 0.87 -21.36 77.56
N GLU B 119 0.78 -22.69 77.52
CA GLU B 119 1.83 -23.55 76.95
C GLU B 119 1.41 -24.27 75.68
N GLU B 120 2.37 -24.42 74.75
CA GLU B 120 2.18 -25.14 73.48
C GLU B 120 1.16 -24.45 72.56
N ARG B 121 1.09 -23.13 72.66
CA ARG B 121 0.07 -22.36 71.93
C ARG B 121 0.15 -22.63 70.43
N ILE B 122 -0.99 -22.56 69.77
CA ILE B 122 -1.06 -22.68 68.33
C ILE B 122 -0.21 -21.55 67.78
N PRO B 123 0.64 -21.84 66.78
CA PRO B 123 1.54 -20.77 66.34
C PRO B 123 0.78 -19.68 65.64
N ASN B 124 1.40 -18.52 65.54
CA ASN B 124 0.85 -17.45 64.72
C ASN B 124 0.92 -17.89 63.27
N ASN B 125 0.04 -17.30 62.45
CA ASN B 125 0.04 -17.57 61.02
C ASN B 125 -0.57 -18.93 60.68
N THR B 126 -1.40 -19.45 61.58
CA THR B 126 -2.09 -20.70 61.30
C THR B 126 -3.12 -20.45 60.20
N GLN B 127 -3.13 -21.38 59.26
CA GLN B 127 -3.86 -21.27 58.02
C GLN B 127 -5.23 -21.92 58.18
N TRP B 128 -5.33 -22.85 59.11
CA TRP B 128 -6.59 -23.48 59.40
C TRP B 128 -6.51 -24.26 60.71
N VAL B 129 -7.62 -24.34 61.42
CA VAL B 129 -7.66 -24.97 62.74
C VAL B 129 -9.03 -25.59 62.90
N THR B 130 -9.08 -26.76 63.52
CA THR B 130 -10.35 -27.43 63.66
C THR B 130 -10.41 -28.52 64.72
N TRP B 131 -11.53 -28.55 65.42
CA TRP B 131 -11.77 -29.54 66.44
C TRP B 131 -12.12 -30.88 65.80
N SER B 132 -11.91 -31.95 66.55
CA SER B 132 -12.55 -33.22 66.26
C SER B 132 -14.06 -33.04 66.43
N PRO B 133 -14.87 -33.82 65.72
CA PRO B 133 -16.31 -33.72 65.89
C PRO B 133 -16.80 -34.12 67.28
N VAL B 134 -16.14 -35.08 67.92
CA VAL B 134 -16.41 -35.38 69.33
C VAL B 134 -15.19 -34.97 70.13
N GLY B 135 -15.36 -34.78 71.44
CA GLY B 135 -14.23 -34.49 72.32
C GLY B 135 -13.61 -33.12 72.10
N HIS B 136 -12.28 -33.06 72.01
CA HIS B 136 -11.55 -31.81 71.80
C HIS B 136 -10.14 -32.01 71.23
N LYS B 137 -10.01 -32.91 70.27
CA LYS B 137 -8.78 -33.03 69.50
C LYS B 137 -8.74 -31.86 68.54
N LEU B 138 -7.54 -31.36 68.29
CA LEU B 138 -7.32 -30.20 67.45
C LEU B 138 -6.50 -30.62 66.25
N ALA B 139 -6.85 -30.10 65.08
CA ALA B 139 -6.04 -30.29 63.87
C ALA B 139 -5.80 -28.93 63.23
N TYR B 140 -4.57 -28.67 62.79
CA TYR B 140 -4.24 -27.36 62.20
C TYR B 140 -3.06 -27.34 61.26
N VAL B 141 -3.18 -26.55 60.21
CA VAL B 141 -2.13 -26.41 59.20
C VAL B 141 -1.34 -25.16 59.48
N TRP B 142 -0.03 -25.24 59.24
CA TRP B 142 0.89 -24.13 59.48
C TRP B 142 2.12 -24.35 58.62
N ASN B 143 2.46 -23.33 57.84
CA ASN B 143 3.45 -23.44 56.78
C ASN B 143 3.20 -24.69 55.95
N ASN B 144 1.94 -24.88 55.58
CA ASN B 144 1.50 -25.95 54.69
C ASN B 144 1.64 -27.38 55.24
N ASP B 145 1.81 -27.53 56.55
CA ASP B 145 1.88 -28.85 57.17
C ASP B 145 0.84 -29.02 58.28
N ILE B 146 0.36 -30.25 58.44
CA ILE B 146 -0.71 -30.60 59.37
C ILE B 146 -0.15 -31.05 60.71
N TYR B 147 -0.63 -30.41 61.77
CA TYR B 147 -0.25 -30.74 63.14
C TYR B 147 -1.48 -31.16 63.92
N VAL B 148 -1.29 -31.97 64.95
CA VAL B 148 -2.42 -32.47 65.73
C VAL B 148 -2.13 -32.42 67.23
N LYS B 149 -3.11 -31.97 68.01
CA LYS B 149 -3.02 -31.89 69.48
C LYS B 149 -4.17 -32.64 70.11
N ILE B 150 -3.86 -33.69 70.84
CA ILE B 150 -4.89 -34.54 71.44
C ILE B 150 -5.51 -33.85 72.64
N GLU B 151 -4.66 -33.10 73.36
CA GLU B 151 -5.10 -32.17 74.38
C GLU B 151 -4.56 -30.80 74.01
N PRO B 152 -5.29 -29.73 74.37
CA PRO B 152 -4.90 -28.41 73.91
C PRO B 152 -3.58 -27.90 74.49
N ASN B 153 -3.31 -28.22 75.75
CA ASN B 153 -2.09 -27.73 76.41
C ASN B 153 -0.88 -28.65 76.21
N LEU B 154 -1.05 -29.73 75.45
CA LEU B 154 0.04 -30.67 75.17
C LEU B 154 0.71 -30.31 73.86
N PRO B 155 1.90 -30.87 73.59
CA PRO B 155 2.57 -30.54 72.33
C PRO B 155 1.88 -31.09 71.10
N SER B 156 2.01 -30.38 69.99
CA SER B 156 1.43 -30.78 68.71
C SER B 156 2.25 -31.89 68.09
N TYR B 157 1.56 -32.91 67.58
CA TYR B 157 2.19 -33.95 66.78
C TYR B 157 2.20 -33.49 65.34
N ARG B 158 3.33 -33.66 64.67
CA ARG B 158 3.47 -33.21 63.31
C ARG B 158 3.15 -34.34 62.34
N ILE B 159 2.09 -34.20 61.56
CA ILE B 159 1.65 -35.25 60.65
C ILE B 159 2.36 -35.23 59.31
N THR B 160 2.63 -34.04 58.80
CA THR B 160 3.27 -33.91 57.50
C THR B 160 4.56 -33.10 57.60
N TRP B 161 5.44 -33.30 56.63
CA TRP B 161 6.76 -32.67 56.63
C TRP B 161 7.14 -32.06 55.29
N THR B 162 6.30 -32.25 54.29
CA THR B 162 6.63 -31.92 52.92
C THR B 162 6.12 -30.55 52.49
N GLY B 163 5.27 -29.95 53.31
CA GLY B 163 4.67 -28.65 53.01
C GLY B 163 5.71 -27.62 52.59
N LYS B 164 5.46 -26.99 51.44
CA LYS B 164 6.30 -25.92 50.92
C LYS B 164 5.39 -24.83 50.37
N GLU B 165 5.63 -23.61 50.82
CA GLU B 165 4.87 -22.44 50.37
C GLU B 165 4.70 -22.42 48.84
N ASP B 166 3.45 -22.35 48.39
CA ASP B 166 3.10 -22.19 46.97
C ASP B 166 3.36 -23.42 46.09
N ILE B 167 3.73 -24.55 46.69
CA ILE B 167 4.03 -25.77 45.94
C ILE B 167 3.34 -26.99 46.54
N ILE B 168 3.66 -27.34 47.80
CA ILE B 168 3.03 -28.48 48.46
C ILE B 168 2.11 -28.03 49.59
N TYR B 169 0.83 -28.38 49.45
CA TYR B 169 -0.24 -27.98 50.36
C TYR B 169 -0.77 -29.22 51.09
N ASN B 170 -0.56 -29.31 52.40
CA ASN B 170 -1.07 -30.43 53.19
C ASN B 170 -2.20 -29.97 54.07
N GLY B 171 -3.42 -30.40 53.76
CA GLY B 171 -4.61 -30.12 54.59
C GLY B 171 -5.33 -28.82 54.25
N ILE B 172 -4.71 -28.00 53.39
CA ILE B 172 -5.34 -26.80 52.85
C ILE B 172 -5.37 -26.90 51.32
N THR B 173 -6.38 -26.28 50.71
CA THR B 173 -6.45 -26.18 49.25
C THR B 173 -5.45 -25.19 48.72
N ASP B 174 -5.27 -25.22 47.41
CA ASP B 174 -4.54 -24.17 46.69
C ASP B 174 -5.57 -23.23 46.10
N TRP B 175 -5.12 -22.29 45.28
CA TRP B 175 -6.04 -21.25 44.85
C TRP B 175 -7.26 -21.83 44.16
N VAL B 176 -7.04 -22.76 43.23
CA VAL B 176 -8.11 -23.26 42.36
C VAL B 176 -9.03 -24.26 43.07
N TYR B 177 -8.47 -25.08 43.93
CA TYR B 177 -9.28 -26.01 44.67
C TYR B 177 -10.15 -25.27 45.66
N GLU B 178 -9.61 -24.17 46.19
CA GLU B 178 -10.36 -23.36 47.13
C GLU B 178 -11.56 -22.73 46.45
N GLU B 179 -11.30 -21.99 45.38
CA GLU B 179 -12.36 -21.24 44.71
C GLU B 179 -13.34 -22.15 43.98
N GLU B 180 -12.86 -23.22 43.36
CA GLU B 180 -13.69 -23.96 42.39
C GLU B 180 -14.17 -25.35 42.79
N VAL B 181 -13.42 -26.07 43.62
CA VAL B 181 -13.82 -27.43 44.00
C VAL B 181 -14.53 -27.46 45.35
N PHE B 182 -13.81 -27.11 46.43
CA PHE B 182 -14.32 -27.21 47.81
C PHE B 182 -14.90 -25.92 48.45
N SER B 183 -14.97 -24.81 47.72
CA SER B 183 -15.43 -23.58 48.34
C SER B 183 -14.99 -23.53 49.81
N ALA B 184 -13.72 -23.84 50.02
CA ALA B 184 -13.13 -23.94 51.35
C ALA B 184 -11.62 -23.96 51.27
N TYR B 185 -10.99 -23.44 52.31
CA TYR B 185 -9.53 -23.50 52.45
C TYR B 185 -9.10 -24.83 53.04
N SER B 186 -9.96 -25.37 53.88
CA SER B 186 -9.73 -26.63 54.56
C SER B 186 -9.74 -27.80 53.57
N ALA B 187 -8.67 -28.60 53.62
CA ALA B 187 -8.64 -29.93 52.99
C ALA B 187 -8.38 -30.97 54.07
N LEU B 188 -8.99 -30.78 55.23
CA LEU B 188 -8.95 -31.74 56.34
C LEU B 188 -10.34 -32.28 56.58
N TRP B 189 -10.43 -33.56 56.93
CA TRP B 189 -11.70 -34.18 57.30
C TRP B 189 -11.53 -35.20 58.41
N TRP B 190 -12.07 -34.91 59.58
CA TRP B 190 -12.07 -35.87 60.68
C TRP B 190 -13.15 -36.90 60.44
N SER B 191 -12.87 -38.13 60.85
CA SER B 191 -13.89 -39.16 60.92
C SER B 191 -14.89 -38.78 61.99
N PRO B 192 -16.08 -39.40 61.99
CA PRO B 192 -17.09 -38.93 62.91
C PRO B 192 -16.65 -38.90 64.38
N ASN B 193 -15.99 -39.95 64.89
CA ASN B 193 -15.54 -39.97 66.32
C ASN B 193 -14.12 -39.45 66.54
N GLY B 194 -13.56 -38.78 65.53
CA GLY B 194 -12.23 -38.19 65.61
C GLY B 194 -11.07 -39.17 65.56
N THR B 195 -11.34 -40.45 65.33
CA THR B 195 -10.26 -41.42 65.24
C THR B 195 -9.32 -41.15 64.04
N PHE B 196 -9.89 -40.87 62.87
CA PHE B 196 -9.10 -40.66 61.66
C PHE B 196 -9.16 -39.22 61.19
N LEU B 197 -8.04 -38.75 60.64
CA LEU B 197 -7.99 -37.46 59.99
C LEU B 197 -7.67 -37.65 58.51
N ALA B 198 -8.69 -37.57 57.68
CA ALA B 198 -8.50 -37.57 56.23
C ALA B 198 -7.94 -36.22 55.80
N TYR B 199 -7.06 -36.23 54.80
CA TYR B 199 -6.55 -34.99 54.23
C TYR B 199 -6.09 -35.09 52.79
N ALA B 200 -6.23 -33.99 52.06
CA ALA B 200 -5.78 -33.92 50.68
C ALA B 200 -4.43 -33.27 50.68
N GLN B 201 -3.67 -33.51 49.63
CA GLN B 201 -2.37 -32.87 49.48
C GLN B 201 -2.18 -32.44 48.05
N PHE B 202 -2.03 -31.14 47.85
CA PHE B 202 -1.96 -30.61 46.50
C PHE B 202 -0.54 -30.20 46.18
N ASN B 203 -0.19 -30.43 44.92
CA ASN B 203 1.15 -30.25 44.43
C ASN B 203 1.09 -29.34 43.22
N ASP B 204 1.63 -28.13 43.37
CA ASP B 204 1.48 -27.09 42.35
C ASP B 204 2.80 -26.81 41.64
N THR B 205 3.76 -27.72 41.81
CA THR B 205 5.12 -27.44 41.35
C THR B 205 5.18 -26.80 39.95
N GLU B 206 4.38 -27.32 39.02
CA GLU B 206 4.46 -26.89 37.62
C GLU B 206 3.33 -25.98 37.21
N VAL B 207 2.51 -25.58 38.17
CA VAL B 207 1.39 -24.70 37.88
C VAL B 207 1.97 -23.27 37.71
N PRO B 208 1.71 -22.62 36.56
CA PRO B 208 2.25 -21.28 36.33
C PRO B 208 1.68 -20.28 37.32
N LEU B 209 2.35 -19.14 37.46
CA LEU B 209 1.95 -18.14 38.42
C LEU B 209 1.35 -16.95 37.72
N ILE B 210 0.19 -16.51 38.21
CA ILE B 210 -0.33 -15.21 37.85
C ILE B 210 0.45 -14.24 38.69
N GLU B 211 0.82 -13.10 38.09
CA GLU B 211 1.60 -12.09 38.76
C GLU B 211 0.94 -10.75 38.56
N TYR B 212 0.84 -9.97 39.63
CA TYR B 212 0.30 -8.63 39.57
C TYR B 212 0.95 -7.75 40.62
N SER B 213 0.91 -6.46 40.37
CA SER B 213 1.43 -5.52 41.31
C SER B 213 0.47 -5.31 42.48
N PHE B 214 1.04 -5.22 43.68
CA PHE B 214 0.34 -4.78 44.87
C PHE B 214 1.08 -3.56 45.42
N TYR B 215 0.36 -2.45 45.55
CA TYR B 215 0.97 -1.14 45.84
C TYR B 215 1.04 -0.85 47.33
N SER B 216 0.10 -1.48 48.06
CA SER B 216 0.01 -1.41 49.50
C SER B 216 -0.13 0.05 49.98
N ASP B 217 0.24 0.33 51.20
CA ASP B 217 0.15 1.65 51.77
C ASP B 217 1.11 2.57 51.01
N GLU B 218 0.74 3.83 50.84
CA GLU B 218 1.64 4.78 50.19
C GLU B 218 3.06 4.86 50.78
N SER B 219 3.29 4.18 51.90
CA SER B 219 4.62 4.09 52.52
C SER B 219 5.58 3.17 51.82
N LEU B 220 5.04 2.12 51.20
CA LEU B 220 5.82 1.19 50.44
C LEU B 220 6.40 1.90 49.21
N GLN B 221 7.73 1.98 49.14
CA GLN B 221 8.41 2.74 48.09
C GLN B 221 8.37 1.99 46.75
N TYR B 222 8.69 0.70 46.77
CA TYR B 222 8.55 -0.14 45.59
C TYR B 222 7.37 -1.11 45.73
N PRO B 223 6.48 -1.13 44.73
CA PRO B 223 5.34 -2.02 44.76
C PRO B 223 5.76 -3.45 44.93
N LYS B 224 4.84 -4.28 45.39
CA LYS B 224 5.11 -5.68 45.59
C LYS B 224 4.52 -6.43 44.41
N THR B 225 5.14 -7.53 44.01
CA THR B 225 4.58 -8.39 42.99
C THR B 225 4.07 -9.65 43.66
N VAL B 226 2.76 -9.81 43.66
CA VAL B 226 2.13 -10.99 44.20
C VAL B 226 2.23 -12.04 43.11
N ARG B 227 2.47 -13.28 43.49
CA ARG B 227 2.66 -14.37 42.55
C ARG B 227 1.87 -15.55 43.06
N VAL B 228 0.77 -15.90 42.39
CA VAL B 228 -0.09 -16.96 42.87
C VAL B 228 -0.14 -18.10 41.86
N PRO B 229 0.08 -19.34 42.34
CA PRO B 229 -0.13 -20.50 41.46
C PRO B 229 -1.58 -20.57 41.01
N TYR B 230 -1.80 -20.34 39.71
CA TYR B 230 -3.12 -20.15 39.14
C TYR B 230 -3.17 -20.75 37.75
N PRO B 231 -3.81 -21.93 37.61
CA PRO B 231 -3.92 -22.56 36.33
C PRO B 231 -5.03 -21.96 35.45
N LYS B 232 -4.65 -21.30 34.37
CA LYS B 232 -5.63 -20.84 33.40
C LYS B 232 -6.05 -21.98 32.44
N ALA B 233 -7.09 -21.76 31.65
CA ALA B 233 -7.64 -22.80 30.79
C ALA B 233 -6.52 -23.47 30.04
N GLY B 234 -6.38 -24.78 30.24
CA GLY B 234 -5.45 -25.60 29.47
C GLY B 234 -4.04 -25.67 30.03
N ALA B 235 -3.76 -24.91 31.07
CA ALA B 235 -2.44 -24.88 31.67
C ALA B 235 -2.23 -26.14 32.49
N VAL B 236 -1.06 -26.29 33.07
CA VAL B 236 -0.79 -27.42 33.93
C VAL B 236 -1.57 -27.21 35.22
N ASN B 237 -2.43 -28.19 35.52
CA ASN B 237 -3.23 -28.19 36.74
C ASN B 237 -2.43 -28.79 37.87
N PRO B 238 -2.78 -28.46 39.11
CA PRO B 238 -2.19 -29.14 40.25
C PRO B 238 -2.61 -30.60 40.34
N THR B 239 -1.83 -31.40 41.05
CA THR B 239 -2.14 -32.79 41.27
C THR B 239 -2.48 -32.96 42.74
N VAL B 240 -3.22 -34.02 43.04
CA VAL B 240 -3.82 -34.18 44.37
C VAL B 240 -3.67 -35.61 44.87
N LYS B 241 -3.13 -35.73 46.07
CA LYS B 241 -3.04 -37.00 46.75
C LYS B 241 -3.89 -36.95 47.99
N PHE B 242 -4.39 -38.09 48.44
CA PHE B 242 -5.32 -38.17 49.56
C PHE B 242 -4.85 -39.21 50.57
N PHE B 243 -4.99 -38.89 51.85
CA PHE B 243 -4.48 -39.72 52.93
C PHE B 243 -5.44 -39.76 54.12
N VAL B 244 -5.33 -40.83 54.90
CA VAL B 244 -6.01 -40.94 56.18
C VAL B 244 -4.96 -41.37 57.18
N VAL B 245 -4.76 -40.56 58.21
CA VAL B 245 -3.88 -40.93 59.32
C VAL B 245 -4.74 -41.33 60.54
N ASN B 246 -4.17 -42.14 61.42
CA ASN B 246 -4.88 -42.53 62.65
C ASN B 246 -4.37 -41.74 63.84
N THR B 247 -5.22 -40.86 64.37
CA THR B 247 -4.81 -39.90 65.40
C THR B 247 -4.73 -40.50 66.81
N ASP B 248 -5.25 -41.72 66.98
CA ASP B 248 -5.13 -42.44 68.26
C ASP B 248 -3.79 -43.19 68.41
N SER B 249 -3.12 -43.52 67.30
CA SER B 249 -1.82 -44.21 67.37
C SER B 249 -0.63 -43.32 66.97
N LEU B 250 -0.77 -42.02 67.17
CA LEU B 250 0.37 -41.11 67.09
C LEU B 250 1.35 -41.43 68.21
N SER B 251 2.58 -40.96 68.06
CA SER B 251 3.60 -41.13 69.10
C SER B 251 4.60 -39.99 69.10
N SER B 252 5.29 -39.84 70.22
CA SER B 252 6.25 -38.76 70.38
C SER B 252 7.61 -39.18 69.86
N VAL B 253 7.81 -40.48 69.66
CA VAL B 253 9.11 -41.00 69.24
C VAL B 253 9.17 -41.49 67.78
N THR B 254 8.07 -41.35 67.04
CA THR B 254 8.00 -41.86 65.66
C THR B 254 7.02 -41.02 64.85
N ASN B 255 7.45 -40.48 63.71
CA ASN B 255 6.54 -39.78 62.81
C ASN B 255 5.31 -40.63 62.53
N ALA B 256 4.17 -39.97 62.33
CA ALA B 256 2.89 -40.66 62.11
C ALA B 256 2.77 -41.25 60.70
N THR B 257 2.05 -42.36 60.58
CA THR B 257 1.87 -43.00 59.30
C THR B 257 0.60 -42.55 58.59
N SER B 258 0.76 -41.86 57.48
CA SER B 258 -0.38 -41.50 56.65
C SER B 258 -0.61 -42.62 55.64
N ILE B 259 -1.86 -43.03 55.47
CA ILE B 259 -2.20 -44.09 54.53
C ILE B 259 -2.77 -43.46 53.25
N GLN B 260 -2.03 -43.55 52.15
CA GLN B 260 -2.56 -43.02 50.90
C GLN B 260 -3.72 -43.88 50.45
N ILE B 261 -4.74 -43.23 49.89
CA ILE B 261 -5.76 -43.91 49.11
C ILE B 261 -5.64 -43.35 47.72
N THR B 262 -5.22 -44.18 46.78
CA THR B 262 -5.00 -43.75 45.42
C THR B 262 -6.33 -43.63 44.67
N ALA B 263 -6.35 -42.78 43.66
CA ALA B 263 -7.53 -42.58 42.83
C ALA B 263 -7.69 -43.81 41.92
N PRO B 264 -8.92 -44.10 41.48
CA PRO B 264 -9.14 -45.29 40.66
C PRO B 264 -8.39 -45.29 39.34
N ALA B 265 -8.31 -46.46 38.71
CA ALA B 265 -7.65 -46.61 37.43
C ALA B 265 -8.13 -45.55 36.45
N SER B 266 -9.44 -45.36 36.41
CA SER B 266 -10.07 -44.52 35.40
C SER B 266 -9.70 -43.04 35.56
N MET B 267 -9.34 -42.63 36.78
CA MET B 267 -8.94 -41.25 37.00
C MET B 267 -7.45 -41.05 36.79
N LEU B 268 -6.67 -42.05 37.20
CA LEU B 268 -5.23 -41.93 37.18
C LEU B 268 -4.64 -41.87 35.80
N ILE B 269 -5.40 -42.32 34.81
CA ILE B 269 -4.95 -42.33 33.41
C ILE B 269 -4.75 -40.95 32.79
N GLY B 270 -5.32 -39.92 33.41
CA GLY B 270 -5.12 -38.56 32.93
C GLY B 270 -5.27 -37.59 34.06
N ASP B 271 -5.25 -36.29 33.71
CA ASP B 271 -5.56 -35.24 34.66
C ASP B 271 -6.94 -35.44 35.28
N HIS B 272 -7.01 -35.36 36.60
CA HIS B 272 -8.27 -35.52 37.33
C HIS B 272 -8.32 -34.57 38.54
N TYR B 273 -9.44 -34.55 39.24
CA TYR B 273 -9.56 -33.83 40.51
C TYR B 273 -10.16 -34.73 41.62
N LEU B 274 -9.85 -34.34 42.86
CA LEU B 274 -10.56 -34.83 44.03
C LEU B 274 -11.65 -33.81 44.24
N CYS B 275 -12.91 -34.22 44.13
CA CYS B 275 -14.02 -33.24 44.20
C CYS B 275 -14.94 -33.38 45.41
N ASP B 276 -14.93 -34.53 46.10
CA ASP B 276 -15.73 -34.69 47.33
C ASP B 276 -15.15 -35.73 48.27
N VAL B 277 -15.08 -35.36 49.54
CA VAL B 277 -14.76 -36.28 50.61
C VAL B 277 -15.96 -36.33 51.54
N THR B 278 -16.35 -37.51 52.00
CA THR B 278 -17.48 -37.65 52.92
C THR B 278 -17.38 -38.95 53.69
N TRP B 279 -17.10 -38.85 54.98
CA TRP B 279 -17.16 -40.01 55.88
C TRP B 279 -18.56 -40.59 55.90
N ALA B 280 -18.62 -41.91 55.90
CA ALA B 280 -19.88 -42.63 55.98
C ALA B 280 -20.04 -43.25 57.37
N THR B 281 -18.94 -43.67 57.96
CA THR B 281 -18.96 -44.25 59.30
C THR B 281 -17.64 -44.00 59.97
N GLN B 282 -17.51 -44.48 61.20
CA GLN B 282 -16.24 -44.42 61.91
C GLN B 282 -15.10 -45.01 61.10
N GLU B 283 -15.42 -45.91 60.18
CA GLU B 283 -14.41 -46.64 59.43
C GLU B 283 -14.67 -46.67 57.94
N ARG B 284 -15.50 -45.77 57.44
CA ARG B 284 -15.81 -45.76 56.02
C ARG B 284 -15.95 -44.36 55.52
N ILE B 285 -15.29 -44.12 54.40
CA ILE B 285 -15.17 -42.81 53.83
C ILE B 285 -15.52 -42.95 52.36
N SER B 286 -16.09 -41.91 51.75
CA SER B 286 -16.37 -41.90 50.31
C SER B 286 -15.63 -40.77 49.62
N LEU B 287 -14.96 -41.10 48.53
CA LEU B 287 -14.26 -40.13 47.71
C LEU B 287 -15.05 -39.95 46.42
N GLN B 288 -15.10 -38.73 45.89
CA GLN B 288 -15.52 -38.57 44.52
C GLN B 288 -14.35 -37.95 43.75
N TRP B 289 -14.08 -38.55 42.59
CA TRP B 289 -13.04 -38.07 41.72
C TRP B 289 -13.65 -37.67 40.37
N LEU B 290 -13.03 -36.69 39.73
CA LEU B 290 -13.56 -36.07 38.51
C LEU B 290 -12.42 -35.98 37.53
N ARG B 291 -12.69 -36.33 36.29
CA ARG B 291 -11.71 -36.12 35.25
C ARG B 291 -11.62 -34.64 34.88
N ARG B 292 -10.46 -34.23 34.38
CA ARG B 292 -10.27 -32.85 33.95
C ARG B 292 -11.35 -32.48 32.95
N ILE B 293 -11.63 -33.36 32.00
CA ILE B 293 -12.86 -33.24 31.25
C ILE B 293 -13.94 -33.70 32.22
N GLN B 294 -14.70 -32.75 32.72
CA GLN B 294 -15.58 -32.99 33.88
C GLN B 294 -16.95 -33.60 33.55
N ASN B 295 -16.99 -34.57 32.64
CA ASN B 295 -18.23 -35.31 32.40
C ASN B 295 -18.17 -36.76 32.87
N TYR B 296 -17.08 -37.12 33.54
CA TYR B 296 -16.96 -38.45 34.12
C TYR B 296 -16.45 -38.31 35.53
N SER B 297 -17.16 -38.92 36.48
CA SER B 297 -16.77 -38.89 37.88
C SER B 297 -17.04 -40.24 38.51
N VAL B 298 -16.18 -40.62 39.44
CA VAL B 298 -16.25 -41.92 40.06
C VAL B 298 -16.25 -41.69 41.55
N MET B 299 -17.26 -42.26 42.22
CA MET B 299 -17.30 -42.29 43.67
C MET B 299 -16.71 -43.61 44.14
N ASP B 300 -15.67 -43.54 44.98
CA ASP B 300 -15.11 -44.70 45.64
C ASP B 300 -15.63 -44.73 47.07
N ILE B 301 -15.68 -45.92 47.64
CA ILE B 301 -16.13 -46.09 48.99
C ILE B 301 -15.12 -47.01 49.66
N CYS B 302 -14.38 -46.49 50.64
CA CYS B 302 -13.22 -47.19 51.18
C CYS B 302 -13.39 -47.60 52.64
N ASP B 303 -13.12 -48.86 52.94
CA ASP B 303 -13.19 -49.39 54.30
C ASP B 303 -11.81 -49.54 54.92
N TYR B 304 -11.74 -49.29 56.22
CA TYR B 304 -10.51 -49.48 56.98
C TYR B 304 -10.36 -50.97 57.22
N ASP B 305 -9.23 -51.53 56.83
CA ASP B 305 -8.93 -52.91 57.16
C ASP B 305 -8.22 -52.93 58.51
N GLU B 306 -8.90 -53.53 59.49
CA GLU B 306 -8.50 -53.49 60.91
C GLU B 306 -7.11 -54.04 61.20
N SER B 307 -6.84 -55.26 60.76
CA SER B 307 -5.55 -55.94 60.99
C SER B 307 -4.45 -55.36 60.13
N SER B 308 -4.83 -54.93 58.93
CA SER B 308 -3.90 -54.36 57.95
C SER B 308 -3.48 -52.97 58.40
N GLY B 309 -4.45 -52.19 58.86
CA GLY B 309 -4.22 -50.80 59.22
C GLY B 309 -4.28 -49.91 57.99
N ARG B 310 -4.86 -50.45 56.91
CA ARG B 310 -4.84 -49.79 55.61
C ARG B 310 -6.27 -49.53 55.13
N TRP B 311 -6.39 -48.80 54.02
CA TRP B 311 -7.70 -48.48 53.47
C TRP B 311 -7.90 -49.18 52.14
N ASN B 312 -9.13 -49.62 51.87
CA ASN B 312 -9.41 -50.45 50.71
C ASN B 312 -10.75 -50.15 50.05
N CYS B 313 -10.69 -49.56 48.86
CA CYS B 313 -11.89 -49.19 48.13
C CYS B 313 -12.18 -50.29 47.14
N LEU B 314 -13.21 -51.07 47.42
CA LEU B 314 -13.59 -52.18 46.57
C LEU B 314 -14.21 -51.69 45.28
N VAL B 315 -13.79 -52.25 44.16
CA VAL B 315 -14.25 -51.80 42.85
C VAL B 315 -15.74 -52.09 42.63
N ALA B 316 -16.28 -53.07 43.35
CA ALA B 316 -17.71 -53.37 43.32
C ALA B 316 -18.54 -52.23 43.90
N ARG B 317 -17.94 -51.43 44.77
CA ARG B 317 -18.59 -50.24 45.35
C ARG B 317 -18.20 -48.90 44.69
N GLN B 318 -17.43 -48.94 43.61
CA GLN B 318 -17.28 -47.76 42.77
C GLN B 318 -18.66 -47.39 42.19
N HIS B 319 -18.97 -46.09 42.16
CA HIS B 319 -20.20 -45.61 41.51
C HIS B 319 -19.86 -44.54 40.50
N ILE B 320 -20.30 -44.76 39.26
CA ILE B 320 -20.04 -43.83 38.18
C ILE B 320 -21.19 -42.87 38.09
N GLU B 321 -20.86 -41.59 38.05
CA GLU B 321 -21.79 -40.58 37.64
C GLU B 321 -21.13 -39.90 36.43
N MET B 322 -21.88 -39.80 35.34
CA MET B 322 -21.39 -39.17 34.11
C MET B 322 -22.54 -38.48 33.38
N SER B 323 -22.20 -37.55 32.50
CA SER B 323 -23.22 -36.77 31.82
C SER B 323 -23.02 -36.87 30.34
N THR B 324 -24.09 -37.19 29.64
CA THR B 324 -24.08 -37.38 28.19
C THR B 324 -24.17 -36.05 27.46
N THR B 325 -24.77 -35.05 28.10
CA THR B 325 -25.13 -33.77 27.47
C THR B 325 -24.35 -32.55 28.00
N GLY B 326 -23.47 -32.77 28.97
CA GLY B 326 -22.73 -31.69 29.61
C GLY B 326 -21.80 -32.21 30.68
N TRP B 327 -21.57 -31.38 31.70
CA TRP B 327 -20.69 -31.71 32.82
C TRP B 327 -21.52 -32.39 33.93
N VAL B 328 -20.85 -32.90 34.96
CA VAL B 328 -21.55 -33.59 36.05
C VAL B 328 -21.66 -32.72 37.30
N GLY B 329 -22.83 -32.76 37.93
CA GLY B 329 -23.10 -31.91 39.08
C GLY B 329 -23.48 -30.52 38.64
N ARG B 330 -24.01 -29.73 39.56
CA ARG B 330 -24.37 -28.36 39.24
C ARG B 330 -23.11 -27.53 38.98
N PHE B 331 -22.26 -27.39 40.00
CA PHE B 331 -20.88 -26.92 39.81
C PHE B 331 -19.88 -28.03 40.09
N ARG B 332 -20.34 -29.11 40.68
CA ARG B 332 -19.51 -30.27 40.93
C ARG B 332 -20.41 -31.44 41.42
N PRO B 333 -19.89 -32.67 41.39
CA PRO B 333 -20.71 -33.80 41.85
C PRO B 333 -21.29 -33.61 43.23
N SER B 334 -22.55 -33.97 43.38
CA SER B 334 -23.28 -33.75 44.61
C SER B 334 -22.71 -34.66 45.70
N GLU B 335 -22.71 -34.17 46.93
CA GLU B 335 -22.21 -34.95 48.05
C GLU B 335 -23.24 -35.98 48.48
N PRO B 336 -22.79 -37.16 48.95
CA PRO B 336 -23.69 -38.19 49.43
C PRO B 336 -24.08 -37.96 50.88
N HIS B 337 -25.24 -38.46 51.28
CA HIS B 337 -25.64 -38.49 52.68
C HIS B 337 -25.91 -39.94 53.06
N PHE B 338 -25.07 -40.49 53.92
CA PHE B 338 -25.14 -41.92 54.28
C PHE B 338 -26.16 -42.26 55.36
N THR B 339 -26.72 -43.46 55.28
CA THR B 339 -27.56 -44.01 56.36
C THR B 339 -26.63 -44.36 57.53
N LEU B 340 -27.19 -44.49 58.74
CA LEU B 340 -26.36 -44.66 59.94
C LEU B 340 -25.28 -45.73 59.79
N ASP B 341 -25.69 -46.91 59.34
CA ASP B 341 -24.74 -48.01 59.08
C ASP B 341 -23.78 -47.72 57.91
N GLY B 342 -24.13 -46.77 57.06
CA GLY B 342 -23.29 -46.41 55.93
C GLY B 342 -23.35 -47.44 54.83
N ASN B 343 -24.38 -48.28 54.86
CA ASN B 343 -24.60 -49.28 53.84
C ASN B 343 -25.36 -48.72 52.64
N SER B 344 -25.65 -47.43 52.69
CA SER B 344 -26.61 -46.86 51.79
C SER B 344 -26.55 -45.35 51.84
N PHE B 345 -26.89 -44.68 50.74
CA PHE B 345 -26.84 -43.23 50.74
C PHE B 345 -27.78 -42.56 49.78
N TYR B 346 -28.13 -41.32 50.09
CA TYR B 346 -28.97 -40.48 49.24
C TYR B 346 -28.12 -39.40 48.58
N LYS B 347 -28.47 -39.04 47.35
CA LYS B 347 -27.64 -38.16 46.55
C LYS B 347 -28.46 -37.49 45.46
N ILE B 348 -28.26 -36.18 45.28
CA ILE B 348 -28.89 -35.45 44.20
C ILE B 348 -28.15 -35.78 42.91
N ILE B 349 -28.85 -36.39 41.96
CA ILE B 349 -28.32 -36.59 40.60
C ILE B 349 -29.41 -36.28 39.53
N SER B 350 -29.00 -35.91 38.32
CA SER B 350 -29.96 -35.63 37.23
C SER B 350 -30.68 -36.91 36.85
N ASN B 351 -31.99 -36.85 36.69
CA ASN B 351 -32.72 -38.05 36.34
C ASN B 351 -32.77 -38.15 34.83
N GLU B 352 -33.42 -39.20 34.33
CA GLU B 352 -33.47 -39.47 32.89
C GLU B 352 -34.06 -38.30 32.09
N GLU B 353 -34.83 -37.44 32.75
CA GLU B 353 -35.41 -36.27 32.09
C GLU B 353 -34.59 -34.99 32.22
N GLY B 354 -33.43 -35.03 32.88
CA GLY B 354 -32.57 -33.85 33.04
C GLY B 354 -32.76 -33.12 34.36
N TYR B 355 -33.76 -33.53 35.15
CA TYR B 355 -34.05 -32.85 36.41
C TYR B 355 -33.33 -33.52 37.57
N ARG B 356 -32.73 -32.71 38.43
CA ARG B 356 -31.93 -33.21 39.54
C ARG B 356 -32.83 -33.63 40.68
N HIS B 357 -32.64 -34.85 41.15
CA HIS B 357 -33.51 -35.42 42.15
C HIS B 357 -32.75 -36.38 43.06
N ILE B 358 -33.38 -36.71 44.19
CA ILE B 358 -32.73 -37.47 45.25
C ILE B 358 -32.76 -38.96 44.90
N CYS B 359 -31.59 -39.52 44.61
CA CYS B 359 -31.49 -40.93 44.32
C CYS B 359 -30.98 -41.71 45.51
N TYR B 360 -31.59 -42.88 45.74
CA TYR B 360 -31.26 -43.75 46.85
C TYR B 360 -30.38 -44.89 46.38
N PHE B 361 -29.15 -44.92 46.88
CA PHE B 361 -28.13 -45.86 46.40
C PHE B 361 -27.82 -46.86 47.47
N GLN B 362 -27.57 -48.10 47.04
CA GLN B 362 -27.04 -49.13 47.89
C GLN B 362 -25.55 -49.25 47.62
N ILE B 363 -24.77 -49.34 48.69
CA ILE B 363 -23.31 -49.46 48.62
C ILE B 363 -22.83 -50.47 47.55
N ASP B 364 -23.62 -51.52 47.31
CA ASP B 364 -23.27 -52.64 46.42
C ASP B 364 -23.94 -52.67 45.04
N LYS B 365 -25.07 -51.96 44.84
CA LYS B 365 -25.75 -51.94 43.53
C LYS B 365 -25.36 -50.72 42.70
N LYS B 366 -25.28 -50.94 41.39
CA LYS B 366 -25.08 -49.87 40.42
C LYS B 366 -26.32 -48.95 40.39
N ASP B 367 -27.47 -49.59 40.22
CA ASP B 367 -28.75 -48.89 40.05
C ASP B 367 -29.18 -48.19 41.35
N CYS B 368 -29.69 -46.96 41.24
CA CYS B 368 -30.39 -46.35 42.37
C CYS B 368 -31.91 -46.30 42.16
N THR B 369 -32.63 -45.70 43.12
CA THR B 369 -34.04 -45.36 42.94
C THR B 369 -34.25 -43.90 43.28
N PHE B 370 -34.88 -43.18 42.35
CA PHE B 370 -35.27 -41.79 42.59
C PHE B 370 -36.47 -41.78 43.53
N ILE B 371 -36.30 -41.10 44.67
CA ILE B 371 -37.37 -40.99 45.68
C ILE B 371 -38.16 -39.69 45.51
N THR B 372 -37.63 -38.76 44.71
CA THR B 372 -38.37 -37.59 44.26
C THR B 372 -38.32 -37.54 42.74
N LYS B 373 -39.34 -36.91 42.15
CA LYS B 373 -39.40 -36.69 40.71
C LYS B 373 -40.39 -35.60 40.38
N GLY B 374 -40.25 -35.03 39.18
CA GLY B 374 -41.11 -33.96 38.73
C GLY B 374 -40.29 -32.96 37.99
N THR B 375 -40.96 -32.11 37.24
CA THR B 375 -40.30 -31.05 36.48
C THR B 375 -39.94 -29.89 37.43
N TRP B 376 -39.07 -30.21 38.38
CA TRP B 376 -38.56 -29.25 39.37
C TRP B 376 -37.33 -29.94 39.96
N GLU B 377 -36.59 -29.26 40.82
CA GLU B 377 -35.34 -29.84 41.29
C GLU B 377 -35.10 -29.71 42.78
N VAL B 378 -34.46 -30.74 43.32
CA VAL B 378 -33.96 -30.68 44.68
C VAL B 378 -32.66 -29.87 44.65
N ILE B 379 -32.58 -28.90 45.55
CA ILE B 379 -31.46 -27.96 45.67
C ILE B 379 -30.40 -28.52 46.60
N GLY B 380 -30.84 -29.15 47.68
CA GLY B 380 -29.92 -29.79 48.60
C GLY B 380 -30.62 -30.66 49.63
N ILE B 381 -29.93 -31.73 50.02
CA ILE B 381 -30.41 -32.58 51.11
C ILE B 381 -29.84 -32.00 52.39
N GLU B 382 -30.73 -31.63 53.31
CA GLU B 382 -30.34 -30.92 54.51
C GLU B 382 -30.20 -31.81 55.76
N ALA B 383 -30.94 -32.91 55.85
CA ALA B 383 -30.93 -33.74 57.05
C ALA B 383 -31.47 -35.13 56.76
N LEU B 384 -30.88 -36.14 57.42
CA LEU B 384 -31.27 -37.54 57.25
C LEU B 384 -31.40 -38.19 58.61
N THR B 385 -32.57 -38.71 58.92
CA THR B 385 -32.79 -39.50 60.13
C THR B 385 -33.15 -40.92 59.70
N SER B 386 -33.48 -41.77 60.67
CA SER B 386 -33.85 -43.14 60.34
C SER B 386 -35.20 -43.17 59.63
N ASP B 387 -36.05 -42.19 59.91
CA ASP B 387 -37.44 -42.18 59.41
C ASP B 387 -37.71 -41.22 58.26
N TYR B 388 -36.94 -40.13 58.20
CA TYR B 388 -37.27 -39.01 57.33
C TYR B 388 -36.05 -38.41 56.65
N LEU B 389 -36.24 -37.88 55.45
CA LEU B 389 -35.21 -37.09 54.78
C LEU B 389 -35.69 -35.66 54.53
N TYR B 390 -34.86 -34.70 54.96
CA TYR B 390 -35.20 -33.30 54.88
C TYR B 390 -34.39 -32.70 53.73
N TYR B 391 -35.09 -32.05 52.81
CA TYR B 391 -34.46 -31.41 51.68
C TYR B 391 -35.17 -30.12 51.27
N ILE B 392 -34.45 -29.28 50.54
CA ILE B 392 -34.94 -28.03 50.00
C ILE B 392 -35.13 -28.20 48.49
N SER B 393 -36.28 -27.77 47.98
CA SER B 393 -36.58 -27.86 46.56
C SER B 393 -37.32 -26.62 46.09
N ASN B 394 -37.43 -26.47 44.78
CA ASN B 394 -38.21 -25.39 44.19
C ASN B 394 -39.51 -25.92 43.58
N GLU B 395 -40.06 -26.98 44.17
CA GLU B 395 -41.28 -27.59 43.65
C GLU B 395 -42.50 -26.70 43.78
N TYR B 396 -42.57 -25.96 44.87
CA TYR B 396 -43.78 -25.23 45.23
C TYR B 396 -44.22 -24.28 44.12
N LYS B 397 -45.49 -24.43 43.70
CA LYS B 397 -46.09 -23.62 42.63
C LYS B 397 -45.25 -23.55 41.35
N GLY B 398 -44.44 -24.58 41.09
CA GLY B 398 -43.54 -24.60 39.93
C GLY B 398 -42.74 -23.33 39.77
N MET B 399 -42.25 -22.81 40.88
CA MET B 399 -41.44 -21.60 40.89
C MET B 399 -39.99 -21.97 41.14
N PRO B 400 -39.17 -21.95 40.08
CA PRO B 400 -37.76 -22.36 40.16
C PRO B 400 -36.94 -21.54 41.10
N GLY B 401 -37.35 -20.28 41.29
CA GLY B 401 -36.63 -19.33 42.16
C GLY B 401 -37.22 -19.24 43.55
N GLY B 402 -38.04 -20.21 43.91
CA GLY B 402 -38.55 -20.33 45.26
C GLY B 402 -37.82 -21.48 45.93
N ARG B 403 -37.89 -21.54 47.25
CA ARG B 403 -37.25 -22.60 48.00
C ARG B 403 -38.14 -22.94 49.19
N ASN B 404 -38.35 -24.24 49.41
CA ASN B 404 -39.04 -24.69 50.59
C ASN B 404 -38.41 -25.94 51.16
N LEU B 405 -38.54 -26.10 52.48
CA LEU B 405 -38.12 -27.30 53.19
C LEU B 405 -39.22 -28.36 53.08
N TYR B 406 -38.83 -29.59 52.73
CA TYR B 406 -39.76 -30.69 52.62
C TYR B 406 -39.20 -31.82 53.42
N LYS B 407 -40.07 -32.66 53.99
CA LYS B 407 -39.64 -33.94 54.50
C LYS B 407 -40.32 -35.04 53.71
N ILE B 408 -39.52 -36.00 53.26
CA ILE B 408 -40.00 -37.19 52.56
C ILE B 408 -39.88 -38.39 53.48
N GLN B 409 -40.91 -39.22 53.50
CA GLN B 409 -40.93 -40.38 54.37
C GLN B 409 -40.13 -41.52 53.76
N LEU B 410 -38.99 -41.77 54.36
CA LEU B 410 -38.09 -42.84 53.96
C LEU B 410 -38.83 -44.11 53.53
N SER B 411 -39.77 -44.59 54.34
CA SER B 411 -40.46 -45.85 54.06
C SER B 411 -41.48 -45.78 52.91
N ASP B 412 -42.05 -44.60 52.68
CA ASP B 412 -43.08 -44.39 51.66
C ASP B 412 -42.84 -43.07 50.90
N TYR B 413 -42.28 -43.18 49.70
CA TYR B 413 -41.89 -42.00 48.94
C TYR B 413 -43.06 -41.14 48.49
N THR B 414 -44.25 -41.72 48.40
CA THR B 414 -45.45 -40.95 48.07
C THR B 414 -45.85 -39.99 49.21
N LYS B 415 -45.46 -40.31 50.45
CA LYS B 415 -45.76 -39.44 51.58
C LYS B 415 -44.70 -38.34 51.75
N VAL B 416 -44.85 -37.26 50.98
CA VAL B 416 -44.00 -36.07 51.11
C VAL B 416 -44.82 -34.92 51.72
N THR B 417 -44.20 -34.17 52.63
CA THR B 417 -44.87 -33.09 53.35
C THR B 417 -44.06 -31.79 53.23
N CYS B 418 -44.66 -30.72 52.71
CA CYS B 418 -43.98 -29.42 52.67
C CYS B 418 -43.97 -28.77 54.05
N LEU B 419 -42.79 -28.63 54.61
CA LEU B 419 -42.64 -28.09 55.96
C LEU B 419 -42.72 -26.58 56.04
N SER B 420 -42.40 -25.88 54.95
CA SER B 420 -42.31 -24.41 54.99
C SER B 420 -43.35 -23.65 54.16
N CYS B 421 -43.93 -24.31 53.17
CA CYS B 421 -44.73 -23.65 52.14
C CYS B 421 -45.84 -22.76 52.65
N GLU B 422 -46.57 -23.25 53.64
CA GLU B 422 -47.82 -22.62 54.06
C GLU B 422 -47.70 -21.88 55.40
N LEU B 423 -46.46 -21.75 55.89
CA LEU B 423 -46.20 -21.04 57.14
C LEU B 423 -46.64 -19.60 57.02
N ASN B 424 -46.19 -18.97 55.95
CA ASN B 424 -46.46 -17.57 55.71
C ASN B 424 -46.34 -17.30 54.22
N PRO B 425 -47.33 -17.76 53.44
CA PRO B 425 -47.24 -17.93 52.00
C PRO B 425 -46.86 -16.68 51.22
N GLU B 426 -47.37 -15.53 51.61
CA GLU B 426 -47.14 -14.30 50.84
C GLU B 426 -45.87 -13.56 51.27
N ARG B 427 -45.49 -13.69 52.54
CA ARG B 427 -44.24 -13.15 53.02
C ARG B 427 -43.03 -14.01 52.64
N CYS B 428 -43.24 -15.33 52.63
CA CYS B 428 -42.15 -16.29 52.64
C CYS B 428 -42.21 -17.38 51.57
N GLN B 429 -41.38 -17.24 50.54
CA GLN B 429 -41.25 -18.25 49.50
C GLN B 429 -39.79 -18.65 49.21
N TYR B 430 -38.86 -18.32 50.09
CA TYR B 430 -37.44 -18.68 49.89
C TYR B 430 -36.79 -19.05 51.22
N TYR B 431 -36.68 -20.34 51.47
CA TYR B 431 -36.31 -20.86 52.80
C TYR B 431 -34.93 -21.51 52.78
N SER B 432 -34.21 -21.37 53.89
CA SER B 432 -33.07 -22.21 54.17
C SER B 432 -33.19 -22.67 55.60
N VAL B 433 -32.50 -23.74 55.96
CA VAL B 433 -32.72 -24.39 57.25
C VAL B 433 -31.43 -24.65 58.02
N SER B 434 -31.53 -24.70 59.34
CA SER B 434 -30.42 -25.16 60.17
C SER B 434 -30.92 -26.17 61.20
N PHE B 435 -30.60 -27.44 60.99
CA PHE B 435 -31.04 -28.52 61.90
C PHE B 435 -30.16 -28.65 63.13
N SER B 436 -30.73 -29.24 64.16
CA SER B 436 -30.00 -29.50 65.40
C SER B 436 -29.09 -30.70 65.14
N LYS B 437 -28.24 -31.02 66.11
CA LYS B 437 -27.17 -32.01 65.90
C LYS B 437 -27.71 -33.35 65.41
N GLU B 438 -28.94 -33.69 65.81
CA GLU B 438 -29.60 -34.94 65.41
C GLU B 438 -31.02 -34.65 64.84
N ALA B 439 -31.21 -33.44 64.33
CA ALA B 439 -32.45 -33.02 63.64
C ALA B 439 -33.72 -32.87 64.50
N LYS B 440 -33.62 -33.00 65.83
CA LYS B 440 -34.77 -32.82 66.73
C LYS B 440 -35.40 -31.43 66.59
N TYR B 441 -34.57 -30.43 66.34
CA TYR B 441 -35.05 -29.07 66.09
C TYR B 441 -34.49 -28.51 64.79
N TYR B 442 -35.11 -27.45 64.31
CA TYR B 442 -34.53 -26.74 63.20
C TYR B 442 -34.94 -25.29 63.17
N GLN B 443 -34.02 -24.48 62.65
CA GLN B 443 -34.30 -23.09 62.38
C GLN B 443 -34.60 -22.98 60.90
N LEU B 444 -35.63 -22.21 60.60
CA LEU B 444 -35.96 -21.85 59.23
C LEU B 444 -35.57 -20.41 59.01
N ARG B 445 -34.99 -20.16 57.85
CA ARG B 445 -34.59 -18.82 57.46
C ARG B 445 -35.32 -18.45 56.17
N CYS B 446 -36.43 -17.73 56.32
CA CYS B 446 -37.17 -17.17 55.20
C CYS B 446 -36.48 -15.88 54.74
N SER B 447 -36.29 -15.72 53.43
CA SER B 447 -35.53 -14.59 52.87
C SER B 447 -36.32 -13.68 51.94
N GLY B 448 -37.59 -13.99 51.69
CA GLY B 448 -38.42 -13.22 50.76
C GLY B 448 -39.66 -13.95 50.28
N PRO B 449 -40.53 -13.27 49.54
CA PRO B 449 -40.38 -11.91 48.99
C PRO B 449 -40.54 -10.79 50.01
N GLY B 450 -41.18 -11.08 51.13
CA GLY B 450 -41.28 -10.14 52.24
C GLY B 450 -40.01 -10.07 53.06
N LEU B 451 -40.09 -9.46 54.24
CA LEU B 451 -38.92 -9.25 55.08
C LEU B 451 -38.45 -10.56 55.70
N PRO B 452 -37.13 -10.79 55.72
CA PRO B 452 -36.58 -12.02 56.31
C PRO B 452 -37.19 -12.36 57.66
N LEU B 453 -37.50 -13.64 57.84
CA LEU B 453 -38.19 -14.12 59.02
C LEU B 453 -37.51 -15.38 59.51
N TYR B 454 -37.05 -15.36 60.77
CA TYR B 454 -36.29 -16.47 61.33
C TYR B 454 -37.10 -17.15 62.44
N THR B 455 -37.19 -18.48 62.38
CA THR B 455 -38.10 -19.20 63.27
C THR B 455 -37.57 -20.58 63.68
N LEU B 456 -37.92 -21.00 64.90
CA LEU B 456 -37.40 -22.24 65.48
C LEU B 456 -38.49 -23.31 65.55
N HIS B 457 -38.14 -24.55 65.22
CA HIS B 457 -39.13 -25.62 65.03
C HIS B 457 -38.73 -26.96 65.64
N SER B 458 -39.69 -27.64 66.25
CA SER B 458 -39.51 -29.04 66.65
C SER B 458 -39.84 -29.88 65.45
N SER B 459 -38.91 -30.73 65.03
CA SER B 459 -39.17 -31.69 63.96
C SER B 459 -40.03 -32.85 64.50
N VAL B 460 -40.01 -33.05 65.82
CA VAL B 460 -40.78 -34.11 66.47
C VAL B 460 -42.22 -34.17 65.97
N ASN B 461 -42.83 -33.00 65.77
CA ASN B 461 -44.17 -32.93 65.19
C ASN B 461 -44.39 -31.68 64.34
N ASP B 462 -43.29 -31.20 63.74
CA ASP B 462 -43.26 -30.04 62.83
C ASP B 462 -44.18 -28.88 63.24
N LYS B 463 -44.14 -28.54 64.53
CA LYS B 463 -44.82 -27.37 65.04
C LYS B 463 -43.83 -26.23 65.27
N GLY B 464 -44.38 -25.00 65.35
CA GLY B 464 -43.59 -23.80 65.61
C GLY B 464 -43.33 -23.58 67.09
N LEU B 465 -42.09 -23.26 67.44
CA LEU B 465 -41.72 -22.99 68.82
C LEU B 465 -41.76 -21.50 69.05
N ARG B 466 -40.93 -20.76 68.29
CA ARG B 466 -40.94 -19.29 68.37
C ARG B 466 -40.39 -18.55 67.15
N VAL B 467 -40.79 -17.29 67.05
CA VAL B 467 -40.25 -16.35 66.10
C VAL B 467 -38.96 -15.81 66.69
N LEU B 468 -37.84 -16.14 66.07
CA LEU B 468 -36.54 -15.69 66.54
C LEU B 468 -36.29 -14.22 66.17
N GLU B 469 -36.49 -13.88 64.90
CA GLU B 469 -36.39 -12.49 64.46
C GLU B 469 -37.42 -12.25 63.39
N ASP B 470 -38.21 -11.17 63.53
CA ASP B 470 -39.27 -10.83 62.57
C ASP B 470 -39.02 -9.52 61.82
N ASN B 471 -37.86 -8.92 62.08
CA ASN B 471 -37.40 -7.71 61.37
C ASN B 471 -38.41 -6.57 61.40
N SER B 472 -39.05 -6.38 62.54
CA SER B 472 -40.12 -5.42 62.65
C SER B 472 -39.62 -4.02 62.95
N ALA B 473 -38.39 -3.88 63.41
CA ALA B 473 -37.70 -2.58 63.39
C ALA B 473 -37.64 -2.10 61.94
N LEU B 474 -37.15 -2.94 61.05
CA LEU B 474 -37.03 -2.55 59.64
C LEU B 474 -38.38 -2.30 58.96
N ASP B 475 -39.35 -3.16 59.24
CA ASP B 475 -40.70 -2.96 58.76
C ASP B 475 -41.21 -1.61 59.17
N LYS B 476 -40.91 -1.24 60.40
CA LYS B 476 -41.41 -0.03 60.99
C LYS B 476 -40.80 1.15 60.24
N MET B 477 -39.50 1.11 60.04
CA MET B 477 -38.81 2.17 59.31
C MET B 477 -39.29 2.41 57.89
N LEU B 478 -39.81 1.38 57.23
CA LEU B 478 -40.13 1.47 55.80
C LEU B 478 -41.54 1.97 55.48
N GLN B 479 -42.36 2.28 56.49
CA GLN B 479 -43.77 2.63 56.22
C GLN B 479 -43.91 3.79 55.24
N ASN B 480 -43.29 4.92 55.55
CA ASN B 480 -43.37 6.11 54.68
C ASN B 480 -42.18 6.25 53.72
N VAL B 481 -41.44 5.16 53.51
CA VAL B 481 -40.45 5.05 52.44
C VAL B 481 -41.12 4.48 51.19
N GLN B 482 -40.97 5.14 50.06
CA GLN B 482 -41.52 4.65 48.81
C GLN B 482 -40.59 3.57 48.28
N MET B 483 -40.78 2.36 48.81
CA MET B 483 -39.97 1.21 48.40
C MET B 483 -40.40 0.71 47.04
N PRO B 484 -39.51 0.01 46.34
CA PRO B 484 -39.93 -0.62 45.09
C PRO B 484 -40.64 -1.92 45.36
N SER B 485 -41.36 -2.42 44.38
CA SER B 485 -41.96 -3.76 44.39
C SER B 485 -41.18 -4.69 43.46
N LYS B 486 -41.24 -5.99 43.70
CA LYS B 486 -40.62 -6.98 42.79
C LYS B 486 -41.68 -7.72 42.00
N LYS B 487 -41.45 -7.91 40.71
CA LYS B 487 -42.31 -8.77 39.91
C LYS B 487 -41.48 -9.96 39.48
N LEU B 488 -41.99 -11.17 39.75
CA LEU B 488 -41.34 -12.42 39.39
C LEU B 488 -42.26 -13.17 38.44
N ASP B 489 -41.84 -13.34 37.20
CA ASP B 489 -42.66 -14.06 36.24
C ASP B 489 -41.82 -14.72 35.16
N PHE B 490 -42.46 -15.17 34.08
CA PHE B 490 -41.74 -15.84 32.99
C PHE B 490 -42.23 -15.42 31.60
N ILE B 491 -41.46 -15.78 30.59
CA ILE B 491 -41.91 -15.67 29.19
C ILE B 491 -41.63 -17.00 28.53
N ILE B 492 -42.41 -17.33 27.50
CA ILE B 492 -42.28 -18.58 26.78
C ILE B 492 -41.55 -18.32 25.47
N LEU B 493 -40.31 -18.77 25.38
CA LEU B 493 -39.55 -18.76 24.12
C LEU B 493 -39.26 -20.20 23.70
N ASN B 494 -39.53 -20.57 22.44
CA ASN B 494 -39.37 -21.97 22.00
C ASN B 494 -40.13 -22.90 22.94
N GLU B 495 -41.39 -22.55 23.23
CA GLU B 495 -42.25 -23.35 24.12
C GLU B 495 -41.61 -23.67 25.48
N THR B 496 -40.74 -22.78 25.96
CA THR B 496 -40.05 -22.98 27.23
C THR B 496 -40.22 -21.76 28.11
N LYS B 497 -40.69 -21.97 29.34
CA LYS B 497 -40.71 -20.90 30.32
C LYS B 497 -39.30 -20.44 30.59
N PHE B 498 -39.08 -19.12 30.58
CA PHE B 498 -37.85 -18.51 31.10
C PHE B 498 -38.24 -17.40 32.06
N TRP B 499 -37.73 -17.49 33.28
CA TRP B 499 -38.15 -16.58 34.35
C TRP B 499 -37.36 -15.28 34.36
N TYR B 500 -38.02 -14.21 34.78
CA TYR B 500 -37.37 -12.91 34.93
C TYR B 500 -37.88 -12.26 36.20
N GLN B 501 -37.10 -11.33 36.72
CA GLN B 501 -37.56 -10.47 37.81
C GLN B 501 -37.35 -9.00 37.48
N MET B 502 -38.29 -8.17 37.93
CA MET B 502 -38.21 -6.72 37.79
C MET B 502 -38.34 -6.07 39.15
N ILE B 503 -37.32 -5.34 39.54
CA ILE B 503 -37.46 -4.40 40.63
C ILE B 503 -38.16 -3.21 40.01
N LEU B 504 -39.43 -3.01 40.37
CA LEU B 504 -40.25 -1.95 39.77
C LEU B 504 -40.31 -0.72 40.67
N PRO B 505 -40.18 0.49 40.08
CA PRO B 505 -40.25 1.75 40.84
C PRO B 505 -41.60 1.93 41.50
N PRO B 506 -41.63 2.65 42.63
CA PRO B 506 -42.86 2.84 43.40
C PRO B 506 -43.93 3.52 42.55
N HIS B 507 -45.20 3.20 42.83
CA HIS B 507 -46.30 3.76 42.05
C HIS B 507 -46.10 3.47 40.57
N PHE B 508 -45.65 2.25 40.28
CA PHE B 508 -45.38 1.81 38.92
C PHE B 508 -46.58 2.01 38.01
N ASP B 509 -46.31 2.39 36.75
CA ASP B 509 -47.36 2.81 35.82
C ASP B 509 -47.12 2.27 34.40
N LYS B 510 -47.90 1.27 34.00
CA LYS B 510 -47.73 0.63 32.68
C LYS B 510 -47.95 1.57 31.47
N SER B 511 -48.48 2.77 31.72
CA SER B 511 -48.60 3.80 30.68
C SER B 511 -47.25 4.48 30.38
N LYS B 512 -46.48 4.68 31.43
CA LYS B 512 -45.15 5.29 31.35
C LYS B 512 -44.17 4.42 30.54
N LYS B 513 -43.05 5.03 30.14
CA LYS B 513 -41.94 4.32 29.52
C LYS B 513 -40.71 4.56 30.39
N TYR B 514 -40.37 3.59 31.23
CA TYR B 514 -39.27 3.73 32.18
C TYR B 514 -37.97 3.35 31.51
N PRO B 515 -36.85 3.99 31.89
CA PRO B 515 -35.56 3.43 31.49
C PRO B 515 -35.34 2.11 32.23
N LEU B 516 -34.47 1.26 31.72
CA LEU B 516 -34.37 -0.10 32.22
C LEU B 516 -32.95 -0.58 32.30
N LEU B 517 -32.54 -1.01 33.48
CA LEU B 517 -31.22 -1.62 33.63
C LEU B 517 -31.34 -3.15 33.68
N LEU B 518 -30.63 -3.82 32.79
CA LEU B 518 -30.59 -5.26 32.81
C LEU B 518 -29.39 -5.69 33.65
N ASP B 519 -29.69 -6.21 34.83
CA ASP B 519 -28.68 -6.68 35.77
C ASP B 519 -28.40 -8.13 35.37
N VAL B 520 -27.14 -8.44 35.03
CA VAL B 520 -26.80 -9.77 34.51
C VAL B 520 -25.73 -10.50 35.31
N TYR B 521 -25.96 -11.80 35.49
CA TYR B 521 -24.94 -12.77 35.86
C TYR B 521 -24.89 -13.74 34.68
N ALA B 522 -25.89 -14.62 34.57
CA ALA B 522 -26.12 -15.42 33.36
C ALA B 522 -25.11 -16.54 33.13
N GLY B 523 -24.26 -16.80 34.11
CA GLY B 523 -23.32 -17.89 33.97
C GLY B 523 -24.05 -19.20 34.09
N PRO B 524 -23.33 -20.30 33.87
CA PRO B 524 -23.96 -21.60 34.02
C PRO B 524 -24.50 -21.77 35.43
N CYS B 525 -25.68 -22.37 35.54
CA CYS B 525 -26.39 -22.63 36.80
C CYS B 525 -26.69 -21.38 37.61
N SER B 526 -26.80 -20.25 36.92
CA SER B 526 -27.12 -19.00 37.57
C SER B 526 -28.63 -18.91 37.75
N GLN B 527 -29.05 -18.16 38.76
CA GLN B 527 -30.43 -17.78 38.91
C GLN B 527 -30.44 -16.36 39.41
N LYS B 528 -30.86 -15.42 38.57
CA LYS B 528 -31.00 -14.06 39.00
C LYS B 528 -32.44 -13.68 39.19
N ALA B 529 -33.36 -14.64 38.98
CA ALA B 529 -34.80 -14.42 39.09
C ALA B 529 -35.39 -15.27 40.23
N ASP B 530 -35.55 -14.63 41.39
CA ASP B 530 -36.02 -15.36 42.57
C ASP B 530 -36.91 -14.53 43.49
N THR B 531 -37.43 -15.21 44.51
CA THR B 531 -38.35 -14.64 45.48
C THR B 531 -37.64 -13.99 46.68
N VAL B 532 -36.33 -13.80 46.57
CA VAL B 532 -35.52 -13.30 47.69
C VAL B 532 -35.64 -11.79 47.83
N PHE B 533 -35.61 -11.31 49.07
CA PHE B 533 -35.73 -9.88 49.34
C PHE B 533 -34.37 -9.25 49.57
N ARG B 534 -34.14 -8.10 48.93
CA ARG B 534 -32.84 -7.45 48.87
C ARG B 534 -32.94 -5.93 48.98
N LEU B 535 -32.12 -5.39 49.87
CA LEU B 535 -31.84 -3.97 49.91
C LEU B 535 -30.44 -3.77 49.33
N ASN B 536 -30.41 -3.36 48.06
CA ASN B 536 -29.15 -3.21 47.31
C ASN B 536 -29.21 -2.03 46.33
N TRP B 537 -28.19 -1.92 45.48
CA TRP B 537 -28.11 -0.83 44.51
C TRP B 537 -29.34 -0.76 43.63
N ALA B 538 -29.81 -1.91 43.17
CA ALA B 538 -31.06 -1.96 42.38
C ALA B 538 -32.27 -1.35 43.12
N THR B 539 -32.35 -1.54 44.43
CA THR B 539 -33.44 -0.97 45.24
C THR B 539 -33.43 0.55 45.12
N TYR B 540 -32.23 1.13 45.28
CA TYR B 540 -32.01 2.58 45.13
C TYR B 540 -32.46 3.12 43.79
N LEU B 541 -32.00 2.49 42.72
CA LEU B 541 -32.30 2.95 41.38
C LEU B 541 -33.80 2.97 41.12
N ALA B 542 -34.49 1.91 41.53
CA ALA B 542 -35.94 1.82 41.33
C ALA B 542 -36.67 2.87 42.18
N SER B 543 -36.37 2.88 43.48
CA SER B 543 -37.02 3.76 44.44
C SER B 543 -36.70 5.22 44.19
N THR B 544 -35.43 5.55 44.14
CA THR B 544 -35.03 6.94 44.01
C THR B 544 -34.96 7.41 42.56
N GLU B 545 -34.44 6.59 41.65
CA GLU B 545 -34.16 7.08 40.29
C GLU B 545 -35.20 6.70 39.23
N ASN B 546 -36.23 5.96 39.65
CA ASN B 546 -37.31 5.50 38.77
C ASN B 546 -36.86 4.69 37.57
N ILE B 547 -35.78 3.93 37.75
CA ILE B 547 -35.30 2.96 36.76
C ILE B 547 -35.82 1.58 37.14
N ILE B 548 -36.21 0.78 36.14
CA ILE B 548 -36.56 -0.62 36.38
C ILE B 548 -35.29 -1.43 36.28
N VAL B 549 -34.97 -2.19 37.32
CA VAL B 549 -33.85 -3.12 37.20
C VAL B 549 -34.40 -4.55 37.06
N ALA B 550 -34.18 -5.14 35.88
CA ALA B 550 -34.66 -6.48 35.58
C ALA B 550 -33.51 -7.46 35.45
N SER B 551 -33.81 -8.72 35.67
CA SER B 551 -32.85 -9.79 35.41
C SER B 551 -33.57 -10.96 34.83
N PHE B 552 -32.86 -11.75 34.04
CA PHE B 552 -33.48 -12.81 33.25
C PHE B 552 -32.60 -14.03 33.24
N ASP B 553 -33.23 -15.17 33.49
CA ASP B 553 -32.60 -16.48 33.47
C ASP B 553 -32.98 -17.17 32.17
N GLY B 554 -32.06 -17.10 31.21
CA GLY B 554 -32.22 -17.75 29.92
C GLY B 554 -31.32 -18.96 29.88
N ARG B 555 -31.02 -19.42 28.68
CA ARG B 555 -30.33 -20.70 28.53
C ARG B 555 -29.03 -20.67 29.29
N GLY B 556 -28.76 -21.78 29.99
CA GLY B 556 -27.59 -21.91 30.84
C GLY B 556 -27.93 -21.77 32.31
N SER B 557 -29.07 -21.17 32.63
CA SER B 557 -29.41 -20.91 34.02
C SER B 557 -29.77 -22.19 34.75
N GLY B 558 -29.78 -22.11 36.08
CA GLY B 558 -29.85 -23.28 36.93
C GLY B 558 -31.21 -23.62 37.49
N TYR B 559 -31.28 -24.83 38.05
CA TYR B 559 -32.40 -25.25 38.86
C TYR B 559 -33.69 -25.49 38.06
N GLN B 560 -33.57 -25.51 36.73
CA GLN B 560 -34.72 -25.76 35.84
C GLN B 560 -34.58 -27.02 34.97
N GLY B 561 -33.53 -27.80 35.20
CA GLY B 561 -33.25 -29.00 34.41
C GLY B 561 -32.11 -28.82 33.44
N ASP B 562 -31.47 -29.93 33.08
CA ASP B 562 -30.30 -29.92 32.22
C ASP B 562 -30.54 -29.41 30.80
N LYS B 563 -31.77 -29.50 30.30
CA LYS B 563 -32.02 -29.06 28.92
C LYS B 563 -31.79 -27.55 28.82
N ILE B 564 -32.14 -26.82 29.88
CA ILE B 564 -31.82 -25.41 29.97
C ILE B 564 -30.36 -25.22 30.33
N MET B 565 -29.90 -25.90 31.38
CA MET B 565 -28.59 -25.59 31.97
C MET B 565 -27.45 -25.98 31.04
N HIS B 566 -27.49 -27.21 30.52
CA HIS B 566 -26.44 -27.68 29.62
C HIS B 566 -26.53 -27.08 28.22
N ALA B 567 -27.62 -26.37 27.91
CA ALA B 567 -27.84 -25.80 26.57
C ALA B 567 -26.67 -24.98 26.11
N ILE B 568 -25.88 -24.51 27.07
CA ILE B 568 -24.77 -23.60 26.82
C ILE B 568 -23.41 -24.33 26.78
N ASN B 569 -23.46 -25.66 26.87
CA ASN B 569 -22.26 -26.47 27.03
C ASN B 569 -21.31 -26.31 25.85
N ARG B 570 -20.04 -26.10 26.14
CA ARG B 570 -18.98 -25.90 25.13
C ARG B 570 -19.16 -24.62 24.32
N ARG B 571 -20.01 -23.73 24.81
CA ARG B 571 -20.52 -22.64 24.02
C ARG B 571 -20.84 -21.42 24.88
N LEU B 572 -19.92 -21.05 25.77
CA LEU B 572 -20.07 -19.83 26.52
C LEU B 572 -20.00 -18.63 25.56
N GLY B 573 -20.67 -17.56 25.94
CA GLY B 573 -20.73 -16.37 25.13
C GLY B 573 -21.56 -16.53 23.89
N THR B 574 -22.61 -17.35 23.98
CA THR B 574 -23.53 -17.55 22.86
C THR B 574 -24.96 -17.41 23.34
N PHE B 575 -25.66 -18.51 23.63
CA PHE B 575 -27.09 -18.46 23.90
C PHE B 575 -27.40 -17.58 25.09
N GLU B 576 -26.64 -17.72 26.15
CA GLU B 576 -26.91 -17.00 27.40
C GLU B 576 -26.76 -15.50 27.16
N VAL B 577 -25.83 -15.14 26.27
CA VAL B 577 -25.70 -13.77 25.78
C VAL B 577 -26.92 -13.37 24.94
N GLU B 578 -27.16 -14.13 23.88
CA GLU B 578 -28.34 -13.95 23.01
C GLU B 578 -29.66 -13.84 23.77
N ASP B 579 -29.80 -14.59 24.85
CA ASP B 579 -31.05 -14.60 25.59
C ASP B 579 -31.28 -13.34 26.43
N GLN B 580 -30.20 -12.69 26.86
CA GLN B 580 -30.31 -11.41 27.54
C GLN B 580 -30.71 -10.29 26.55
N ILE B 581 -30.22 -10.36 25.32
CA ILE B 581 -30.61 -9.40 24.30
C ILE B 581 -32.10 -9.56 24.03
N GLU B 582 -32.56 -10.79 23.87
CA GLU B 582 -33.99 -11.07 23.65
C GLU B 582 -34.81 -10.70 24.90
N ALA B 583 -34.23 -10.90 26.07
CA ALA B 583 -34.91 -10.50 27.28
C ALA B 583 -35.27 -9.00 27.20
N ALA B 584 -34.31 -8.18 26.77
CA ALA B 584 -34.51 -6.72 26.61
C ALA B 584 -35.62 -6.39 25.60
N ARG B 585 -35.63 -7.10 24.47
CA ARG B 585 -36.70 -6.93 23.50
C ARG B 585 -38.07 -7.27 24.07
N GLN B 586 -38.15 -8.37 24.81
CA GLN B 586 -39.41 -8.86 25.36
C GLN B 586 -39.96 -7.88 26.36
N PHE B 587 -39.04 -7.31 27.13
CA PHE B 587 -39.38 -6.31 28.09
C PHE B 587 -39.99 -5.09 27.39
N SER B 588 -39.31 -4.54 26.39
CA SER B 588 -39.85 -3.38 25.71
C SER B 588 -41.12 -3.72 24.93
N LYS B 589 -41.30 -4.99 24.59
CA LYS B 589 -42.57 -5.44 24.01
C LYS B 589 -43.70 -5.47 25.04
N MET B 590 -43.36 -5.47 26.32
CA MET B 590 -44.35 -5.39 27.41
C MET B 590 -44.94 -3.98 27.57
N GLY B 591 -44.33 -2.97 26.94
CA GLY B 591 -44.97 -1.66 26.77
C GLY B 591 -44.57 -0.49 27.65
N PHE B 592 -43.83 -0.76 28.73
CA PHE B 592 -43.51 0.27 29.73
C PHE B 592 -42.01 0.57 29.82
N VAL B 593 -41.26 0.18 28.79
CA VAL B 593 -39.82 0.39 28.74
C VAL B 593 -39.47 1.37 27.64
N ASP B 594 -38.68 2.38 27.98
CA ASP B 594 -38.13 3.34 27.02
C ASP B 594 -37.02 2.65 26.23
N ASN B 595 -37.24 2.47 24.94
CA ASN B 595 -36.29 1.81 24.04
C ASN B 595 -34.96 2.54 23.95
N LYS B 596 -35.03 3.86 24.01
CA LYS B 596 -33.86 4.72 23.90
C LYS B 596 -32.98 4.68 25.14
N ARG B 597 -33.50 4.11 26.23
CA ARG B 597 -32.74 3.98 27.48
C ARG B 597 -32.81 2.57 28.03
N ILE B 598 -32.00 1.69 27.45
CA ILE B 598 -31.79 0.36 27.99
C ILE B 598 -30.30 0.13 28.27
N ALA B 599 -29.97 -0.05 29.55
CA ALA B 599 -28.61 -0.31 29.96
C ALA B 599 -28.48 -1.76 30.35
N ILE B 600 -27.25 -2.20 30.47
CA ILE B 600 -26.98 -3.56 30.88
C ILE B 600 -25.75 -3.54 31.74
N TRP B 601 -25.73 -4.31 32.82
CA TRP B 601 -24.54 -4.34 33.65
C TRP B 601 -24.37 -5.67 34.36
N GLY B 602 -23.19 -5.85 34.91
CA GLY B 602 -22.82 -7.11 35.48
C GLY B 602 -21.40 -7.14 36.01
N TRP B 603 -21.23 -8.03 36.98
CA TRP B 603 -19.96 -8.28 37.63
C TRP B 603 -19.55 -9.65 37.15
N SER B 604 -18.23 -9.90 37.02
CA SER B 604 -17.73 -11.28 36.81
C SER B 604 -18.16 -11.86 35.44
N TYR B 605 -18.78 -13.05 35.45
CA TYR B 605 -19.39 -13.64 34.25
C TYR B 605 -20.37 -12.65 33.67
N GLY B 606 -21.12 -12.01 34.56
CA GLY B 606 -22.04 -10.94 34.21
C GLY B 606 -21.37 -9.80 33.48
N GLY B 607 -20.15 -9.45 33.89
CA GLY B 607 -19.35 -8.46 33.17
C GLY B 607 -19.07 -8.93 31.76
N TYR B 608 -18.65 -10.19 31.65
CA TYR B 608 -18.48 -10.83 30.36
C TYR B 608 -19.73 -10.71 29.53
N VAL B 609 -20.86 -11.18 30.04
CA VAL B 609 -22.10 -11.15 29.26
C VAL B 609 -22.44 -9.69 28.86
N THR B 610 -22.42 -8.78 29.81
CA THR B 610 -22.58 -7.37 29.47
C THR B 610 -21.67 -6.96 28.30
N SER B 611 -20.40 -7.33 28.37
CA SER B 611 -19.45 -6.85 27.39
C SER B 611 -19.77 -7.47 26.03
N MET B 612 -20.08 -8.74 26.03
CA MET B 612 -20.44 -9.41 24.78
C MET B 612 -21.72 -8.80 24.20
N VAL B 613 -22.70 -8.53 25.06
CA VAL B 613 -23.95 -7.85 24.66
C VAL B 613 -23.69 -6.51 23.97
N LEU B 614 -22.92 -5.66 24.63
CA LEU B 614 -22.61 -4.35 24.09
C LEU B 614 -21.86 -4.45 22.74
N GLY B 615 -21.07 -5.51 22.58
CA GLY B 615 -20.29 -5.71 21.37
C GLY B 615 -20.99 -6.55 20.34
N SER B 616 -22.26 -6.86 20.59
CA SER B 616 -23.00 -7.80 19.77
C SER B 616 -23.54 -7.13 18.51
N GLY B 617 -23.64 -5.81 18.52
CA GLY B 617 -24.19 -5.05 17.40
C GLY B 617 -25.71 -5.08 17.31
N SER B 618 -26.38 -5.37 18.42
CA SER B 618 -27.83 -5.54 18.41
C SER B 618 -28.60 -4.23 18.28
N GLY B 619 -28.05 -3.16 18.82
CA GLY B 619 -28.72 -1.87 18.82
C GLY B 619 -29.71 -1.67 19.93
N VAL B 620 -29.92 -2.67 20.79
CA VAL B 620 -30.94 -2.59 21.84
C VAL B 620 -30.49 -1.74 23.03
N PHE B 621 -29.19 -1.77 23.31
CA PHE B 621 -28.62 -1.14 24.51
C PHE B 621 -27.83 0.14 24.25
N LYS B 622 -28.09 1.13 25.10
CA LYS B 622 -27.47 2.42 24.98
C LYS B 622 -26.10 2.40 25.66
N CYS B 623 -26.04 1.78 26.82
CA CYS B 623 -24.82 1.78 27.61
C CYS B 623 -24.71 0.57 28.55
N GLY B 624 -23.55 0.42 29.19
CA GLY B 624 -23.37 -0.66 30.13
C GLY B 624 -22.11 -0.59 30.97
N ILE B 625 -22.15 -1.30 32.09
CA ILE B 625 -21.05 -1.35 33.04
C ILE B 625 -20.59 -2.80 33.22
N ALA B 626 -19.32 -3.05 32.95
CA ALA B 626 -18.69 -4.32 33.26
C ALA B 626 -17.71 -4.13 34.42
N VAL B 627 -17.92 -4.86 35.52
CA VAL B 627 -17.04 -4.85 36.68
C VAL B 627 -16.33 -6.18 36.75
N ALA B 628 -15.01 -6.16 36.90
CA ALA B 628 -14.24 -7.41 36.95
C ALA B 628 -14.65 -8.46 35.93
N PRO B 629 -14.96 -8.05 34.69
CA PRO B 629 -15.39 -9.01 33.67
C PRO B 629 -14.32 -9.99 33.25
N VAL B 630 -14.75 -11.17 32.83
CA VAL B 630 -13.92 -12.11 32.07
C VAL B 630 -13.95 -11.63 30.64
N SER B 631 -12.82 -11.70 29.94
CA SER B 631 -12.74 -11.20 28.56
C SER B 631 -12.40 -12.27 27.56
N ARG B 632 -11.79 -13.34 28.04
CA ARG B 632 -11.33 -14.43 27.20
C ARG B 632 -11.10 -15.61 28.13
N TRP B 633 -11.72 -16.74 27.84
CA TRP B 633 -11.72 -17.89 28.74
C TRP B 633 -10.36 -18.57 28.97
N GLU B 634 -9.39 -18.34 28.08
CA GLU B 634 -7.99 -18.72 28.35
C GLU B 634 -7.38 -17.92 29.50
N TYR B 635 -7.98 -16.78 29.86
CA TYR B 635 -7.53 -16.05 31.03
C TYR B 635 -8.13 -16.58 32.34
N TYR B 636 -9.30 -17.22 32.31
CA TYR B 636 -9.90 -17.68 33.58
C TYR B 636 -9.40 -19.07 33.98
N ASP B 637 -9.71 -19.51 35.21
CA ASP B 637 -9.15 -20.77 35.73
C ASP B 637 -9.72 -22.03 35.05
N SER B 638 -8.91 -23.08 35.10
CA SER B 638 -9.19 -24.32 34.43
C SER B 638 -10.44 -25.02 34.93
N VAL B 639 -10.56 -25.23 36.24
CA VAL B 639 -11.61 -26.13 36.70
C VAL B 639 -12.98 -25.53 36.40
N TYR B 640 -13.13 -24.22 36.60
CA TYR B 640 -14.38 -23.58 36.19
C TYR B 640 -14.55 -23.61 34.69
N THR B 641 -13.58 -23.08 33.96
CA THR B 641 -13.73 -22.86 32.53
C THR B 641 -13.89 -24.16 31.74
N GLU B 642 -13.06 -25.14 32.05
CA GLU B 642 -13.05 -26.37 31.30
C GLU B 642 -14.33 -27.13 31.53
N ARG B 643 -14.91 -26.94 32.70
CA ARG B 643 -16.19 -27.55 32.97
C ARG B 643 -17.16 -27.32 31.81
N TYR B 644 -17.19 -26.09 31.32
CA TYR B 644 -18.12 -25.68 30.29
C TYR B 644 -17.50 -25.61 28.91
N MET B 645 -16.20 -25.35 28.85
CA MET B 645 -15.54 -25.01 27.57
C MET B 645 -14.63 -26.08 26.96
N GLY B 646 -14.37 -27.15 27.69
CA GLY B 646 -13.36 -28.13 27.29
C GLY B 646 -11.98 -27.51 27.36
N LEU B 647 -11.00 -28.16 26.74
CA LEU B 647 -9.64 -27.63 26.67
C LEU B 647 -9.48 -26.72 25.45
N PRO B 648 -8.63 -25.68 25.56
CA PRO B 648 -8.40 -24.76 24.47
C PRO B 648 -7.29 -25.28 23.56
N THR B 649 -7.62 -26.30 22.77
CA THR B 649 -6.67 -26.95 21.89
C THR B 649 -7.34 -27.26 20.55
N PRO B 650 -6.58 -27.24 19.44
CA PRO B 650 -7.16 -27.51 18.09
C PRO B 650 -8.00 -28.78 17.99
N GLU B 651 -7.74 -29.75 18.86
CA GLU B 651 -8.45 -31.04 18.83
C GLU B 651 -9.57 -31.16 19.87
N ASP B 652 -9.76 -30.11 20.67
CA ASP B 652 -10.91 -30.03 21.56
C ASP B 652 -11.79 -28.86 21.15
N ASN B 653 -11.50 -27.65 21.63
CA ASN B 653 -12.45 -26.54 21.54
C ASN B 653 -11.83 -25.15 21.40
N LEU B 654 -10.59 -25.08 20.90
CA LEU B 654 -9.89 -23.80 20.77
C LEU B 654 -10.69 -22.85 19.91
N ASP B 655 -11.31 -23.38 18.87
CA ASP B 655 -12.10 -22.57 17.95
C ASP B 655 -13.09 -21.68 18.69
N HIS B 656 -13.83 -22.25 19.64
CA HIS B 656 -14.80 -21.43 20.34
C HIS B 656 -14.20 -20.59 21.45
N TYR B 657 -13.12 -21.07 22.07
CA TYR B 657 -12.35 -20.24 23.00
C TYR B 657 -12.01 -18.97 22.25
N ARG B 658 -11.51 -19.13 21.03
CA ARG B 658 -11.04 -18.01 20.19
C ARG B 658 -12.19 -17.11 19.67
N ASN B 659 -13.36 -17.69 19.53
CA ASN B 659 -14.50 -17.02 18.92
C ASN B 659 -15.30 -16.26 19.95
N SER B 660 -15.05 -16.52 21.23
CA SER B 660 -15.89 -16.00 22.31
C SER B 660 -15.14 -15.02 23.22
N THR B 661 -14.42 -14.09 22.61
CA THR B 661 -13.66 -13.09 23.34
C THR B 661 -14.36 -11.76 23.09
N VAL B 662 -14.41 -10.90 24.11
CA VAL B 662 -15.04 -9.60 23.95
C VAL B 662 -14.15 -8.70 23.08
N MET B 663 -12.84 -8.82 23.25
CA MET B 663 -11.87 -8.10 22.42
C MET B 663 -12.25 -8.11 20.97
N SER B 664 -12.51 -9.30 20.43
CA SER B 664 -12.79 -9.43 19.00
C SER B 664 -14.01 -8.62 18.56
N ARG B 665 -14.81 -8.16 19.50
CA ARG B 665 -16.00 -7.38 19.19
C ARG B 665 -15.82 -5.89 19.40
N ALA B 666 -14.59 -5.48 19.67
CA ALA B 666 -14.25 -4.08 19.95
C ALA B 666 -14.92 -3.09 19.00
N GLU B 667 -14.89 -3.38 17.70
CA GLU B 667 -15.46 -2.50 16.68
C GLU B 667 -16.88 -2.09 17.03
N ASN B 668 -17.67 -3.05 17.50
CA ASN B 668 -19.10 -2.84 17.78
C ASN B 668 -19.40 -1.92 18.95
N PHE B 669 -18.40 -1.61 19.77
CA PHE B 669 -18.58 -0.71 20.91
C PHE B 669 -18.77 0.76 20.51
N LYS B 670 -18.48 1.10 19.26
CA LYS B 670 -18.76 2.45 18.76
C LYS B 670 -20.25 2.78 18.88
N GLN B 671 -21.08 1.76 19.04
CA GLN B 671 -22.52 1.92 19.06
C GLN B 671 -23.05 2.21 20.49
N VAL B 672 -22.20 2.15 21.51
CA VAL B 672 -22.68 2.16 22.90
C VAL B 672 -21.72 2.82 23.87
N GLU B 673 -22.21 3.23 25.03
CA GLU B 673 -21.40 3.86 26.09
C GLU B 673 -20.99 2.83 27.13
N TYR B 674 -19.71 2.75 27.44
CA TYR B 674 -19.18 1.64 28.21
C TYR B 674 -18.34 2.11 29.37
N LEU B 675 -18.71 1.68 30.57
CA LEU B 675 -17.87 1.83 31.75
C LEU B 675 -17.26 0.48 32.08
N LEU B 676 -15.96 0.46 32.35
CA LEU B 676 -15.21 -0.78 32.58
C LEU B 676 -14.48 -0.59 33.88
N ILE B 677 -14.72 -1.49 34.83
CA ILE B 677 -14.19 -1.33 36.18
C ILE B 677 -13.51 -2.61 36.57
N HIS B 678 -12.40 -2.49 37.30
CA HIS B 678 -11.64 -3.66 37.71
C HIS B 678 -10.68 -3.30 38.81
N GLY B 679 -10.60 -4.15 39.82
CA GLY B 679 -9.65 -3.94 40.92
C GLY B 679 -8.30 -4.52 40.56
N THR B 680 -7.22 -3.84 40.96
CA THR B 680 -5.89 -4.20 40.50
C THR B 680 -5.35 -5.44 41.21
N ALA B 681 -5.86 -5.74 42.40
CA ALA B 681 -5.46 -6.94 43.15
C ALA B 681 -6.46 -8.08 42.96
N ASP B 682 -7.09 -8.14 41.79
CA ASP B 682 -8.09 -9.16 41.57
C ASP B 682 -7.41 -10.47 41.22
N ASP B 683 -7.44 -11.37 42.20
CA ASP B 683 -6.79 -12.66 42.11
C ASP B 683 -7.63 -13.68 41.36
N ASN B 684 -8.90 -13.36 41.14
CA ASN B 684 -9.88 -14.30 40.63
C ASN B 684 -10.06 -14.06 39.14
N VAL B 685 -10.71 -12.95 38.78
CA VAL B 685 -10.75 -12.50 37.40
C VAL B 685 -9.68 -11.45 37.32
N HIS B 686 -8.55 -11.84 36.76
CA HIS B 686 -7.36 -10.99 36.75
C HIS B 686 -7.56 -9.70 35.99
N PHE B 687 -6.98 -8.62 36.50
CA PHE B 687 -7.03 -7.31 35.87
C PHE B 687 -6.64 -7.37 34.40
N GLN B 688 -5.70 -8.27 34.11
CA GLN B 688 -5.36 -8.68 32.76
C GLN B 688 -6.56 -8.66 31.86
N GLN B 689 -7.68 -9.18 32.34
CA GLN B 689 -8.82 -9.39 31.46
C GLN B 689 -9.41 -8.08 31.02
N SER B 690 -9.55 -7.14 31.94
CA SER B 690 -9.98 -5.79 31.60
C SER B 690 -8.89 -4.99 30.84
N ALA B 691 -7.63 -5.14 31.25
CA ALA B 691 -6.51 -4.51 30.52
C ALA B 691 -6.54 -4.82 29.03
N GLN B 692 -6.97 -6.03 28.67
CA GLN B 692 -7.06 -6.45 27.29
C GLN B 692 -8.30 -5.91 26.62
N ILE B 693 -9.40 -5.79 27.35
CA ILE B 693 -10.57 -5.14 26.76
C ILE B 693 -10.19 -3.71 26.38
N SER B 694 -9.53 -3.00 27.30
CA SER B 694 -9.20 -1.60 27.10
C SER B 694 -8.29 -1.43 25.90
N LYS B 695 -7.29 -2.29 25.80
CA LYS B 695 -6.34 -2.25 24.69
C LYS B 695 -7.06 -2.45 23.35
N ALA B 696 -8.00 -3.38 23.32
CA ALA B 696 -8.75 -3.69 22.09
C ALA B 696 -9.64 -2.54 21.65
N LEU B 697 -10.23 -1.86 22.62
CA LEU B 697 -11.06 -0.70 22.35
C LEU B 697 -10.20 0.46 21.86
N VAL B 698 -9.07 0.67 22.53
CA VAL B 698 -8.10 1.67 22.07
C VAL B 698 -7.69 1.44 20.62
N ASP B 699 -7.52 0.17 20.23
CA ASP B 699 -6.99 -0.15 18.91
C ASP B 699 -7.99 0.03 17.78
N VAL B 700 -9.29 0.04 18.09
CA VAL B 700 -10.34 0.34 17.09
C VAL B 700 -10.94 1.75 17.22
N GLY B 701 -10.37 2.56 18.10
CA GLY B 701 -10.76 3.97 18.24
C GLY B 701 -12.07 4.25 18.93
N VAL B 702 -12.48 3.38 19.86
CA VAL B 702 -13.73 3.59 20.57
C VAL B 702 -13.44 4.17 21.95
N ASP B 703 -14.10 5.29 22.26
CA ASP B 703 -13.96 5.95 23.54
C ASP B 703 -14.89 5.23 24.53
N PHE B 704 -14.51 5.24 25.80
CA PHE B 704 -15.25 4.55 26.83
C PHE B 704 -14.80 5.04 28.20
N GLN B 705 -15.54 4.65 29.23
CA GLN B 705 -15.25 5.06 30.59
C GLN B 705 -14.60 3.92 31.33
N ALA B 706 -13.64 4.25 32.19
CA ALA B 706 -12.86 3.25 32.92
C ALA B 706 -12.57 3.70 34.34
N MET B 707 -12.40 2.72 35.20
CA MET B 707 -12.02 2.98 36.55
C MET B 707 -11.34 1.75 37.08
N TRP B 708 -10.09 1.91 37.52
CA TRP B 708 -9.40 0.86 38.24
C TRP B 708 -9.49 1.09 39.75
N TYR B 709 -9.31 0.04 40.53
CA TYR B 709 -9.37 0.16 41.99
C TYR B 709 -8.10 -0.42 42.57
N THR B 710 -7.21 0.47 43.00
CA THR B 710 -5.92 0.10 43.52
C THR B 710 -6.09 -0.88 44.67
N ASP B 711 -5.49 -2.06 44.50
CA ASP B 711 -5.34 -3.06 45.54
C ASP B 711 -6.62 -3.76 45.96
N GLU B 712 -7.68 -3.56 45.20
CA GLU B 712 -8.97 -4.17 45.48
C GLU B 712 -9.07 -5.48 44.72
N ASP B 713 -9.65 -6.48 45.35
CA ASP B 713 -9.83 -7.79 44.69
C ASP B 713 -11.18 -7.88 43.97
N HIS B 714 -11.64 -9.10 43.70
CA HIS B 714 -12.82 -9.34 42.85
C HIS B 714 -14.10 -8.75 43.42
N GLY B 715 -14.21 -8.74 44.74
CA GLY B 715 -15.40 -8.24 45.39
C GLY B 715 -15.38 -6.74 45.61
N ILE B 716 -14.26 -6.08 45.33
CA ILE B 716 -14.11 -4.63 45.52
C ILE B 716 -14.94 -4.24 46.73
N ALA B 717 -14.55 -4.81 47.87
CA ALA B 717 -15.37 -4.86 49.07
C ALA B 717 -14.90 -3.97 50.23
N SER B 718 -13.76 -3.28 50.07
CA SER B 718 -13.36 -2.29 51.06
C SER B 718 -14.56 -1.38 51.30
N SER B 719 -14.78 -0.99 52.55
CA SER B 719 -15.84 -0.03 52.76
C SER B 719 -15.71 1.18 51.80
N THR B 720 -14.57 1.87 51.82
CA THR B 720 -14.41 3.06 50.99
C THR B 720 -14.54 2.74 49.51
N ALA B 721 -13.99 1.62 49.07
CA ALA B 721 -13.99 1.26 47.65
C ALA B 721 -15.39 0.89 47.18
N HIS B 722 -16.09 0.10 48.01
CA HIS B 722 -17.51 -0.23 47.80
C HIS B 722 -18.43 0.97 47.59
N GLN B 723 -18.22 2.01 48.38
CA GLN B 723 -19.04 3.21 48.28
C GLN B 723 -18.73 3.98 47.01
N HIS B 724 -17.48 3.95 46.61
CA HIS B 724 -16.98 4.72 45.46
C HIS B 724 -17.52 4.13 44.16
N ILE B 725 -17.33 2.84 43.96
CA ILE B 725 -17.76 2.22 42.72
C ILE B 725 -19.26 2.39 42.48
N TYR B 726 -20.08 2.19 43.51
CA TYR B 726 -21.53 2.28 43.31
C TYR B 726 -21.95 3.73 43.05
N THR B 727 -21.35 4.66 43.80
CA THR B 727 -21.48 6.09 43.48
C THR B 727 -21.10 6.39 42.02
N HIS B 728 -19.93 5.89 41.60
CA HIS B 728 -19.47 6.07 40.22
C HIS B 728 -20.43 5.47 39.19
N MET B 729 -20.86 4.24 39.43
CA MET B 729 -21.79 3.58 38.53
C MET B 729 -23.11 4.35 38.47
N SER B 730 -23.61 4.82 39.61
CA SER B 730 -24.86 5.57 39.67
C SER B 730 -24.80 6.81 38.78
N HIS B 731 -23.69 7.53 38.84
CA HIS B 731 -23.48 8.69 37.98
C HIS B 731 -23.53 8.30 36.51
N PHE B 732 -22.74 7.29 36.16
CA PHE B 732 -22.67 6.82 34.78
C PHE B 732 -24.06 6.47 34.29
N ILE B 733 -24.78 5.66 35.05
CA ILE B 733 -26.17 5.32 34.73
C ILE B 733 -27.07 6.56 34.67
N LYS B 734 -26.98 7.43 35.67
CA LYS B 734 -27.84 8.63 35.67
C LYS B 734 -27.59 9.48 34.44
N GLN B 735 -26.34 9.67 34.06
CA GLN B 735 -26.04 10.51 32.91
C GLN B 735 -26.38 9.79 31.59
N CYS B 736 -26.26 8.47 31.55
CA CYS B 736 -26.68 7.69 30.39
C CYS B 736 -28.21 7.80 30.16
N PHE B 737 -28.96 7.81 31.27
CA PHE B 737 -30.42 7.85 31.24
C PHE B 737 -31.00 9.26 31.32
N SER B 738 -30.12 10.25 31.28
CA SER B 738 -30.48 11.67 31.41
C SER B 738 -31.26 11.98 32.69
N LEU B 739 -30.94 11.30 33.77
CA LEU B 739 -31.52 11.61 35.06
C LEU B 739 -30.64 12.68 35.71
N PRO B 740 -31.25 13.74 36.28
CA PRO B 740 -30.47 14.91 36.72
C PRO B 740 -29.91 14.80 38.15
N ARG C 14 11.64 46.21 -34.24
CA ARG C 14 12.42 45.05 -33.70
C ARG C 14 11.75 43.69 -34.02
N LYS C 15 11.96 43.19 -35.23
CA LYS C 15 11.40 41.89 -35.62
C LYS C 15 12.46 40.82 -35.86
N THR C 16 12.11 39.59 -35.53
CA THR C 16 13.01 38.43 -35.62
C THR C 16 12.51 37.46 -36.67
N TYR C 17 13.35 36.50 -37.01
CA TYR C 17 13.00 35.47 -37.98
C TYR C 17 12.23 34.39 -37.21
N THR C 18 10.91 34.41 -37.30
CA THR C 18 10.08 33.57 -36.46
C THR C 18 9.90 32.18 -37.04
N LEU C 19 9.28 31.30 -36.26
CA LEU C 19 8.94 29.94 -36.72
C LEU C 19 8.09 29.97 -37.99
N THR C 20 7.15 30.91 -38.07
CA THR C 20 6.30 31.00 -39.25
C THR C 20 7.03 31.52 -40.47
N ASP C 21 8.09 32.30 -40.26
CA ASP C 21 8.88 32.78 -41.40
C ASP C 21 9.53 31.58 -42.06
N TYR C 22 10.17 30.73 -41.24
CA TYR C 22 10.74 29.49 -41.74
C TYR C 22 9.68 28.65 -42.44
N LEU C 23 8.57 28.44 -41.76
CA LEU C 23 7.59 27.48 -42.23
C LEU C 23 6.95 27.93 -43.53
N LYS C 24 6.76 29.23 -43.70
CA LYS C 24 6.04 29.77 -44.86
C LYS C 24 6.98 30.37 -45.91
N ASN C 25 8.28 30.20 -45.73
CA ASN C 25 9.26 30.75 -46.67
C ASN C 25 9.04 32.25 -46.95
N THR C 26 9.00 33.02 -45.86
CA THR C 26 8.81 34.45 -45.95
C THR C 26 10.02 35.12 -46.59
N TYR C 27 11.20 34.62 -46.24
CA TYR C 27 12.46 35.15 -46.75
C TYR C 27 13.07 34.17 -47.72
N ARG C 28 12.73 34.37 -48.99
CA ARG C 28 13.10 33.44 -50.06
C ARG C 28 14.48 33.75 -50.63
N LEU C 29 15.29 32.71 -50.79
CA LEU C 29 16.54 32.80 -51.52
C LEU C 29 16.23 32.62 -53.01
N LYS C 30 16.66 33.59 -53.79
CA LYS C 30 16.59 33.49 -55.24
C LYS C 30 17.75 32.63 -55.76
N LEU C 31 17.45 31.87 -56.81
CA LEU C 31 18.39 30.96 -57.46
C LEU C 31 18.60 31.53 -58.86
N TYR C 32 19.57 31.00 -59.58
CA TYR C 32 19.63 31.25 -61.02
C TYR C 32 19.92 29.92 -61.67
N SER C 33 18.90 29.06 -61.62
CA SER C 33 19.02 27.72 -62.20
C SER C 33 18.81 27.84 -63.70
N LEU C 34 19.87 27.54 -64.45
CA LEU C 34 19.82 27.58 -65.91
C LEU C 34 20.20 26.20 -66.47
N ARG C 35 20.09 26.04 -67.78
CA ARG C 35 20.54 24.82 -68.42
C ARG C 35 21.04 25.10 -69.83
N TRP C 36 22.16 24.47 -70.19
CA TRP C 36 22.90 24.82 -71.41
C TRP C 36 22.44 24.05 -72.65
N ILE C 37 21.67 24.71 -73.51
CA ILE C 37 21.20 24.11 -74.77
C ILE C 37 22.36 23.91 -75.72
N SER C 38 23.30 24.85 -75.69
CA SER C 38 24.52 24.75 -76.46
C SER C 38 25.65 25.36 -75.65
N ASP C 39 26.74 25.69 -76.34
CA ASP C 39 27.93 26.28 -75.73
C ASP C 39 27.80 27.80 -75.53
N HIS C 40 26.79 28.42 -76.14
CA HIS C 40 26.67 29.89 -76.12
C HIS C 40 25.43 30.41 -75.39
N GLU C 41 24.45 29.54 -75.16
CA GLU C 41 23.13 29.96 -74.66
C GLU C 41 22.58 28.99 -73.63
N TYR C 42 21.80 29.53 -72.70
CA TYR C 42 21.13 28.73 -71.69
C TYR C 42 19.66 29.15 -71.58
N LEU C 43 18.91 28.46 -70.72
CA LEU C 43 17.49 28.81 -70.47
C LEU C 43 17.27 29.27 -69.04
N TYR C 44 16.32 30.20 -68.86
CA TYR C 44 15.96 30.69 -67.51
C TYR C 44 14.47 31.06 -67.38
N LYS C 45 13.89 30.69 -66.24
CA LYS C 45 12.48 30.95 -65.96
C LYS C 45 12.26 32.42 -65.62
N GLN C 46 11.05 32.89 -65.92
CA GLN C 46 10.68 34.31 -65.80
C GLN C 46 9.23 34.36 -65.29
N GLU C 47 9.09 34.04 -64.01
CA GLU C 47 7.81 33.70 -63.36
C GLU C 47 7.23 32.42 -63.98
N ASN C 48 6.65 32.54 -65.17
CA ASN C 48 6.20 31.37 -65.94
C ASN C 48 6.94 31.23 -67.28
N ASN C 49 7.19 32.36 -67.95
CA ASN C 49 7.88 32.38 -69.24
C ASN C 49 9.31 31.87 -69.16
N ILE C 50 9.79 31.32 -70.26
CA ILE C 50 11.16 30.78 -70.36
C ILE C 50 11.87 31.45 -71.51
N LEU C 51 12.99 32.09 -71.20
CA LEU C 51 13.74 32.87 -72.20
C LEU C 51 15.04 32.15 -72.55
N VAL C 52 15.58 32.45 -73.73
CA VAL C 52 16.84 31.87 -74.19
C VAL C 52 17.98 32.91 -74.11
N PHE C 53 18.67 32.94 -72.96
CA PHE C 53 19.77 33.88 -72.76
C PHE C 53 21.00 33.49 -73.56
N ASN C 54 21.60 34.48 -74.24
CA ASN C 54 22.91 34.30 -74.86
C ASN C 54 23.97 34.71 -73.84
N ALA C 55 24.86 33.79 -73.50
CA ALA C 55 25.88 34.07 -72.49
C ALA C 55 26.96 35.04 -72.99
N GLU C 56 27.21 35.05 -74.30
CA GLU C 56 28.22 35.92 -74.88
C GLU C 56 27.79 37.38 -74.71
N TYR C 57 26.90 37.85 -75.60
CA TYR C 57 26.44 39.24 -75.62
C TYR C 57 25.66 39.54 -74.34
N GLY C 58 24.65 38.73 -74.06
CA GLY C 58 23.77 38.94 -72.91
C GLY C 58 22.31 38.96 -73.32
N ASN C 59 22.06 39.37 -74.58
CA ASN C 59 20.71 39.42 -75.13
C ASN C 59 20.03 38.05 -75.13
N SER C 60 18.70 38.09 -75.08
CA SER C 60 17.90 36.90 -74.95
C SER C 60 16.64 36.99 -75.83
N SER C 61 15.78 35.99 -75.73
CA SER C 61 14.47 36.00 -76.40
C SER C 61 13.56 34.97 -75.74
N VAL C 62 12.29 35.36 -75.49
CA VAL C 62 11.35 34.48 -74.78
C VAL C 62 11.00 33.29 -75.68
N PHE C 63 10.93 32.09 -75.11
CA PHE C 63 10.49 30.88 -75.85
C PHE C 63 9.61 29.96 -75.01
N LEU C 64 8.30 30.29 -75.00
CA LEU C 64 7.21 29.54 -74.31
C LEU C 64 6.56 30.38 -73.19
N GLU C 65 5.40 29.89 -72.71
CA GLU C 65 4.83 30.28 -71.42
C GLU C 65 4.44 28.98 -70.68
N ASN C 66 5.27 28.59 -69.71
CA ASN C 66 5.22 27.23 -69.15
C ASN C 66 4.88 27.18 -67.66
N SER C 67 3.65 26.78 -67.37
CA SER C 67 3.14 26.49 -66.02
C SER C 67 1.65 26.23 -66.17
N THR C 68 1.33 25.01 -66.63
CA THR C 68 0.03 24.70 -67.24
C THR C 68 -0.02 25.35 -68.64
N PHE C 69 0.29 24.56 -69.67
CA PHE C 69 0.34 25.05 -71.06
C PHE C 69 -0.69 24.35 -71.99
N ASP C 70 -1.81 25.06 -72.23
CA ASP C 70 -2.78 24.75 -73.29
C ASP C 70 -2.70 23.32 -73.83
N GLY C 73 -3.88 21.13 -71.88
CA GLY C 73 -4.79 21.23 -70.73
C GLY C 73 -4.19 21.01 -69.34
N HIS C 74 -2.95 20.50 -69.28
CA HIS C 74 -2.31 20.01 -68.04
C HIS C 74 -1.25 20.98 -67.52
N SER C 75 -0.90 20.84 -66.24
CA SER C 75 0.19 21.61 -65.66
C SER C 75 1.51 20.86 -65.82
N ILE C 76 2.48 21.53 -66.42
CA ILE C 76 3.73 20.90 -66.81
C ILE C 76 4.70 20.92 -65.64
N ASN C 77 5.20 19.74 -65.28
CA ASN C 77 6.09 19.58 -64.13
C ASN C 77 7.54 19.92 -64.47
N ASP C 78 7.96 19.53 -65.67
CA ASP C 78 9.29 19.85 -66.16
C ASP C 78 9.27 19.75 -67.68
N TYR C 79 10.31 20.28 -68.30
CA TYR C 79 10.45 20.23 -69.74
C TYR C 79 11.84 19.66 -70.04
N SER C 80 12.15 19.50 -71.32
CA SER C 80 13.46 19.01 -71.72
C SER C 80 13.68 19.18 -73.22
N ILE C 81 14.71 19.92 -73.60
CA ILE C 81 15.05 20.18 -74.99
C ILE C 81 15.88 19.03 -75.54
N SER C 82 15.60 18.64 -76.79
CA SER C 82 16.38 17.63 -77.47
C SER C 82 17.63 18.32 -78.04
N PRO C 83 18.83 17.82 -77.68
CA PRO C 83 20.10 18.50 -78.01
C PRO C 83 20.09 19.37 -79.26
N ASP C 84 19.54 18.85 -80.35
CA ASP C 84 19.47 19.59 -81.62
C ASP C 84 18.51 20.79 -81.61
N GLY C 85 17.60 20.82 -80.63
CA GLY C 85 16.63 21.89 -80.50
C GLY C 85 15.44 21.73 -81.44
N GLN C 86 15.13 20.49 -81.81
CA GLN C 86 14.03 20.19 -82.74
C GLN C 86 12.78 19.70 -82.03
N PHE C 87 12.95 19.17 -80.82
CA PHE C 87 11.83 18.63 -80.04
C PHE C 87 11.92 18.93 -78.55
N ILE C 88 10.80 19.33 -77.97
CA ILE C 88 10.74 19.50 -76.52
C ILE C 88 9.88 18.41 -75.91
N LEU C 89 10.37 17.89 -74.79
CA LEU C 89 9.71 16.82 -74.07
C LEU C 89 9.04 17.42 -72.83
N LEU C 90 7.72 17.28 -72.74
CA LEU C 90 6.95 17.79 -71.61
C LEU C 90 6.59 16.70 -70.62
N GLU C 91 6.93 16.93 -69.36
CA GLU C 91 6.69 15.99 -68.26
C GLU C 91 5.51 16.50 -67.42
N TYR C 92 4.49 15.65 -67.24
CA TYR C 92 3.33 15.97 -66.40
C TYR C 92 2.79 14.70 -65.74
N ASN C 93 1.75 14.81 -64.92
CA ASN C 93 1.26 13.67 -64.11
C ASN C 93 2.37 13.06 -63.25
N TYR C 94 3.25 13.92 -62.73
CA TYR C 94 4.34 13.49 -61.87
C TYR C 94 3.79 12.82 -60.62
N VAL C 95 4.21 11.59 -60.38
CA VAL C 95 3.87 10.89 -59.14
C VAL C 95 5.17 10.38 -58.54
N LYS C 96 5.61 11.05 -57.46
CA LYS C 96 6.86 10.69 -56.78
C LYS C 96 6.83 9.27 -56.25
N GLN C 97 7.96 8.58 -56.42
CA GLN C 97 8.18 7.31 -55.75
C GLN C 97 9.17 7.52 -54.58
N TRP C 98 10.45 7.20 -54.74
CA TRP C 98 11.37 7.33 -53.62
C TRP C 98 12.12 8.65 -53.74
N ARG C 99 13.33 8.71 -53.18
CA ARG C 99 14.15 9.93 -53.18
C ARG C 99 14.40 10.48 -54.57
N HIS C 100 14.56 9.61 -55.55
CA HIS C 100 14.78 10.05 -56.94
C HIS C 100 13.73 9.56 -57.92
N SER C 101 13.19 8.38 -57.67
CA SER C 101 12.30 7.73 -58.62
C SER C 101 10.93 8.40 -58.62
N TYR C 102 10.25 8.28 -59.75
CA TYR C 102 8.92 8.80 -59.92
C TYR C 102 8.37 8.32 -61.22
N THR C 103 7.11 8.66 -61.47
CA THR C 103 6.39 8.23 -62.65
C THR C 103 5.67 9.42 -63.26
N ALA C 104 5.63 9.48 -64.59
CA ALA C 104 4.96 10.59 -65.23
C ALA C 104 4.46 10.28 -66.62
N SER C 105 3.59 11.16 -67.12
CA SER C 105 3.18 11.19 -68.52
C SER C 105 4.05 12.20 -69.27
N TYR C 106 4.29 11.92 -70.55
CA TYR C 106 5.19 12.74 -71.39
C TYR C 106 4.62 13.00 -72.78
N ASP C 107 4.74 14.25 -73.24
CA ASP C 107 4.34 14.64 -74.59
C ASP C 107 5.50 15.34 -75.29
N ILE C 108 5.55 15.18 -76.62
CA ILE C 108 6.64 15.73 -77.42
C ILE C 108 6.10 16.75 -78.41
N TYR C 109 6.88 17.79 -78.66
CA TYR C 109 6.52 18.83 -79.62
C TYR C 109 7.58 18.91 -80.69
N ASP C 110 7.18 19.14 -81.95
CA ASP C 110 8.14 19.58 -82.96
C ASP C 110 8.47 21.02 -82.62
N LEU C 111 9.52 21.20 -81.81
CA LEU C 111 9.88 22.50 -81.20
C LEU C 111 9.88 23.67 -82.18
N ASN C 112 10.13 23.39 -83.45
CA ASN C 112 9.95 24.38 -84.49
C ASN C 112 8.45 24.76 -84.59
N LYS C 113 7.64 23.85 -85.13
CA LYS C 113 6.23 24.12 -85.45
C LYS C 113 5.33 24.30 -84.22
N ARG C 114 5.88 24.02 -83.05
CA ARG C 114 5.17 24.19 -81.76
C ARG C 114 3.94 23.30 -81.63
N GLN C 115 3.86 22.24 -82.45
CA GLN C 115 2.71 21.32 -82.47
C GLN C 115 3.07 19.95 -81.88
N LEU C 116 2.17 19.46 -81.02
CA LEU C 116 2.33 18.16 -80.35
C LEU C 116 2.46 17.01 -81.35
N ILE C 117 3.33 16.06 -81.02
CA ILE C 117 3.42 14.80 -81.74
C ILE C 117 2.34 13.88 -81.20
N THR C 118 1.22 13.85 -81.90
CA THR C 118 -0.01 13.22 -81.41
C THR C 118 -0.01 11.70 -81.56
N GLU C 119 0.76 11.21 -82.53
CA GLU C 119 0.76 9.79 -82.83
C GLU C 119 1.99 9.12 -82.23
N GLU C 120 1.78 7.91 -81.74
CA GLU C 120 2.78 7.15 -80.98
C GLU C 120 3.19 7.94 -79.74
N ARG C 121 2.19 8.35 -78.97
CA ARG C 121 2.42 9.05 -77.69
C ARG C 121 3.29 8.17 -76.79
N ILE C 122 4.12 8.81 -75.96
CA ILE C 122 4.90 8.12 -74.93
C ILE C 122 3.92 7.68 -73.82
N PRO C 123 3.93 6.39 -73.45
CA PRO C 123 2.83 5.87 -72.62
C PRO C 123 2.69 6.53 -71.24
N ASN C 124 1.48 6.49 -70.70
CA ASN C 124 1.24 6.89 -69.33
C ASN C 124 2.08 5.99 -68.39
N ASN C 125 2.38 6.51 -67.18
CA ASN C 125 3.13 5.76 -66.15
C ASN C 125 4.58 5.39 -66.50
N THR C 126 5.21 6.18 -67.37
CA THR C 126 6.61 5.95 -67.75
C THR C 126 7.53 6.22 -66.55
N GLN C 127 8.48 5.32 -66.32
CA GLN C 127 9.36 5.38 -65.15
C GLN C 127 10.59 6.27 -65.36
N TRP C 128 10.98 6.47 -66.62
CA TRP C 128 12.13 7.32 -66.95
C TRP C 128 12.22 7.53 -68.45
N VAL C 129 12.65 8.72 -68.85
CA VAL C 129 12.87 9.03 -70.25
C VAL C 129 14.16 9.81 -70.40
N THR C 130 14.78 9.72 -71.57
CA THR C 130 16.00 10.47 -71.85
C THR C 130 16.28 10.62 -73.35
N TRP C 131 16.76 11.80 -73.73
CA TRP C 131 17.23 12.04 -75.09
C TRP C 131 18.59 11.42 -75.26
N SER C 132 18.98 11.17 -76.50
CA SER C 132 20.37 10.87 -76.81
C SER C 132 21.19 12.14 -76.57
N PRO C 133 22.50 12.02 -76.32
CA PRO C 133 23.31 13.22 -76.07
C PRO C 133 23.46 14.14 -77.30
N VAL C 134 23.28 13.60 -78.51
CA VAL C 134 23.13 14.41 -79.71
C VAL C 134 22.00 13.87 -80.55
N GLY C 135 21.38 14.74 -81.35
CA GLY C 135 20.19 14.39 -82.12
C GLY C 135 18.95 14.42 -81.26
N HIS C 136 17.97 13.60 -81.61
CA HIS C 136 16.71 13.51 -80.86
C HIS C 136 16.20 12.07 -80.69
N LYS C 137 17.13 11.15 -80.43
CA LYS C 137 16.75 9.79 -80.06
C LYS C 137 16.19 9.82 -78.64
N LEU C 138 15.23 8.94 -78.38
CA LEU C 138 14.51 8.92 -77.11
C LEU C 138 14.49 7.51 -76.53
N ALA C 139 15.01 7.35 -75.32
CA ALA C 139 14.94 6.06 -74.63
C ALA C 139 14.15 6.22 -73.34
N TYR C 140 13.12 5.42 -73.17
CA TYR C 140 12.35 5.42 -71.92
C TYR C 140 12.18 4.04 -71.32
N VAL C 141 11.78 4.02 -70.06
CA VAL C 141 11.42 2.78 -69.37
C VAL C 141 9.95 2.82 -68.96
N TRP C 142 9.29 1.67 -69.09
CA TRP C 142 7.86 1.54 -68.80
C TRP C 142 7.52 0.10 -68.52
N ASN C 143 6.76 -0.14 -67.44
CA ASN C 143 6.56 -1.48 -66.90
C ASN C 143 7.87 -2.25 -66.82
N ASN C 144 8.87 -1.58 -66.25
CA ASN C 144 10.17 -2.16 -65.96
C ASN C 144 11.06 -2.52 -67.18
N ASP C 145 10.65 -2.14 -68.40
CA ASP C 145 11.39 -2.47 -69.65
C ASP C 145 11.85 -1.25 -70.45
N ILE C 146 12.95 -1.41 -71.18
CA ILE C 146 13.55 -0.30 -71.97
C ILE C 146 13.00 -0.24 -73.40
N TYR C 147 12.61 0.96 -73.85
CA TYR C 147 12.11 1.19 -75.20
C TYR C 147 12.93 2.31 -75.81
N VAL C 148 13.11 2.28 -77.14
CA VAL C 148 13.87 3.32 -77.87
C VAL C 148 13.08 3.92 -79.03
N LYS C 149 13.23 5.23 -79.22
CA LYS C 149 12.49 5.99 -80.25
C LYS C 149 13.42 6.88 -81.08
N ILE C 150 13.67 6.44 -82.31
CA ILE C 150 14.55 7.15 -83.22
C ILE C 150 13.91 8.47 -83.68
N GLU C 151 12.58 8.48 -83.75
CA GLU C 151 11.82 9.68 -84.06
C GLU C 151 10.64 9.78 -83.09
N PRO C 152 10.27 11.00 -82.69
CA PRO C 152 9.10 11.21 -81.83
C PRO C 152 7.78 10.71 -82.39
N ASN C 153 7.66 10.64 -83.71
CA ASN C 153 6.42 10.21 -84.36
C ASN C 153 6.40 8.73 -84.76
N LEU C 154 7.56 8.09 -84.82
CA LEU C 154 7.65 6.68 -85.20
C LEU C 154 7.41 5.81 -83.97
N PRO C 155 6.92 4.56 -84.17
CA PRO C 155 6.69 3.71 -83.01
C PRO C 155 7.99 3.26 -82.35
N SER C 156 7.88 2.85 -81.10
CA SER C 156 9.03 2.46 -80.31
C SER C 156 9.54 1.09 -80.73
N TYR C 157 10.83 0.86 -80.47
CA TYR C 157 11.44 -0.46 -80.57
C TYR C 157 11.73 -0.94 -79.13
N ARG C 158 11.25 -2.12 -78.78
CA ARG C 158 11.31 -2.61 -77.40
C ARG C 158 12.60 -3.40 -77.09
N ILE C 159 13.48 -2.82 -76.28
CA ILE C 159 14.83 -3.36 -76.06
C ILE C 159 14.85 -4.58 -75.13
N THR C 160 14.07 -4.55 -74.06
CA THR C 160 13.99 -5.71 -73.14
C THR C 160 12.56 -6.19 -72.96
N TRP C 161 12.43 -7.46 -72.56
CA TRP C 161 11.12 -8.10 -72.36
C TRP C 161 10.99 -8.83 -71.05
N THR C 162 11.97 -8.66 -70.16
CA THR C 162 12.03 -9.45 -68.93
C THR C 162 11.57 -8.67 -67.72
N GLY C 163 11.12 -7.44 -67.94
CA GLY C 163 10.75 -6.55 -66.86
C GLY C 163 9.54 -7.07 -66.12
N LYS C 164 9.68 -7.22 -64.80
CA LYS C 164 8.57 -7.64 -63.94
C LYS C 164 8.62 -6.83 -62.67
N GLU C 165 7.48 -6.23 -62.32
CA GLU C 165 7.39 -5.33 -61.17
C GLU C 165 7.95 -5.93 -59.87
N ASP C 166 8.78 -5.14 -59.20
CA ASP C 166 9.41 -5.51 -57.94
C ASP C 166 10.42 -6.65 -58.04
N ILE C 167 10.81 -7.04 -59.27
CA ILE C 167 11.67 -8.21 -59.49
C ILE C 167 12.79 -8.04 -60.54
N ILE C 168 12.44 -7.62 -61.75
CA ILE C 168 13.43 -7.25 -62.76
C ILE C 168 13.27 -5.78 -63.13
N TYR C 169 14.35 -5.03 -63.01
CA TYR C 169 14.35 -3.63 -63.40
C TYR C 169 15.28 -3.45 -64.61
N ASN C 170 14.71 -3.32 -65.80
CA ASN C 170 15.49 -3.06 -67.00
C ASN C 170 15.62 -1.54 -67.21
N GLY C 171 16.83 -1.03 -67.02
CA GLY C 171 17.12 0.36 -67.29
C GLY C 171 16.84 1.32 -66.16
N ILE C 172 16.21 0.81 -65.09
CA ILE C 172 15.96 1.60 -63.88
C ILE C 172 16.50 0.88 -62.68
N THR C 173 16.76 1.62 -61.62
CA THR C 173 17.28 1.06 -60.38
C THR C 173 16.16 0.49 -59.53
N ASP C 174 16.55 -0.30 -58.55
CA ASP C 174 15.64 -0.75 -57.52
C ASP C 174 15.91 0.10 -56.30
N TRP C 175 15.23 -0.19 -55.19
CA TRP C 175 15.30 0.69 -54.04
C TRP C 175 16.73 1.02 -53.67
N VAL C 176 17.58 0.02 -53.50
CA VAL C 176 18.87 0.22 -52.84
C VAL C 176 19.92 0.85 -53.75
N TYR C 177 19.93 0.46 -55.02
CA TYR C 177 20.77 1.13 -56.01
C TYR C 177 20.37 2.61 -56.17
N GLU C 178 19.06 2.86 -56.18
CA GLU C 178 18.53 4.22 -56.30
C GLU C 178 19.02 5.09 -55.16
N GLU C 179 18.80 4.63 -53.94
CA GLU C 179 19.13 5.39 -52.76
C GLU C 179 20.62 5.51 -52.57
N GLU C 180 21.32 4.40 -52.67
CA GLU C 180 22.67 4.29 -52.13
C GLU C 180 23.79 4.25 -53.16
N VAL C 181 23.54 3.68 -54.34
CA VAL C 181 24.58 3.46 -55.33
C VAL C 181 24.58 4.53 -56.41
N PHE C 182 23.47 4.68 -57.11
CA PHE C 182 23.39 5.61 -58.24
C PHE C 182 22.80 6.98 -57.91
N SER C 183 22.17 7.11 -56.75
CA SER C 183 21.48 8.36 -56.42
C SER C 183 20.65 8.81 -57.61
N ALA C 184 20.01 7.84 -58.26
CA ALA C 184 19.20 8.12 -59.43
C ALA C 184 18.30 6.94 -59.69
N TYR C 185 17.21 7.16 -60.43
CA TYR C 185 16.32 6.09 -60.84
C TYR C 185 16.87 5.42 -62.08
N SER C 186 17.44 6.21 -62.99
CA SER C 186 17.89 5.66 -64.27
C SER C 186 19.09 4.73 -64.11
N ALA C 187 19.07 3.69 -64.93
CA ALA C 187 20.22 2.83 -65.14
C ALA C 187 20.30 2.69 -66.66
N LEU C 188 20.33 3.84 -67.33
CA LEU C 188 20.52 3.94 -68.77
C LEU C 188 21.65 4.91 -69.01
N TRP C 189 22.45 4.65 -70.04
CA TRP C 189 23.53 5.56 -70.42
C TRP C 189 23.72 5.50 -71.94
N TRP C 190 23.37 6.58 -72.63
CA TRP C 190 23.63 6.68 -74.08
C TRP C 190 25.11 6.87 -74.34
N SER C 191 25.59 6.42 -75.50
CA SER C 191 26.94 6.73 -75.94
C SER C 191 27.04 8.20 -76.28
N PRO C 192 28.25 8.77 -76.26
CA PRO C 192 28.41 10.20 -76.57
C PRO C 192 27.76 10.67 -77.87
N ASN C 193 27.65 9.80 -78.87
CA ASN C 193 27.06 10.15 -80.17
C ASN C 193 25.77 9.38 -80.45
N GLY C 194 25.04 9.02 -79.39
CA GLY C 194 23.71 8.42 -79.50
C GLY C 194 23.56 7.14 -80.30
N THR C 195 24.66 6.41 -80.48
CA THR C 195 24.66 5.17 -81.24
C THR C 195 24.36 3.97 -80.33
N PHE C 196 24.88 4.00 -79.11
CA PHE C 196 24.65 2.90 -78.16
C PHE C 196 23.83 3.34 -76.97
N LEU C 197 23.05 2.41 -76.42
CA LEU C 197 22.39 2.59 -75.14
C LEU C 197 22.84 1.46 -74.20
N ALA C 198 23.72 1.80 -73.27
CA ALA C 198 24.15 0.87 -72.22
C ALA C 198 23.12 0.90 -71.11
N TYR C 199 22.89 -0.25 -70.49
CA TYR C 199 21.98 -0.29 -69.36
C TYR C 199 22.22 -1.45 -68.40
N ALA C 200 21.79 -1.25 -67.17
CA ALA C 200 21.87 -2.26 -66.14
C ALA C 200 20.48 -2.84 -65.88
N GLN C 201 20.47 -4.11 -65.47
CA GLN C 201 19.23 -4.81 -65.16
C GLN C 201 19.40 -5.48 -63.80
N PHE C 202 18.50 -5.18 -62.88
CA PHE C 202 18.64 -5.61 -61.51
C PHE C 202 17.61 -6.67 -61.18
N ASN C 203 18.00 -7.59 -60.32
CA ASN C 203 17.17 -8.71 -59.96
C ASN C 203 16.98 -8.75 -58.46
N ASP C 204 15.73 -8.56 -58.00
CA ASP C 204 15.38 -8.60 -56.58
C ASP C 204 14.59 -9.85 -56.22
N THR C 205 14.77 -10.95 -56.96
CA THR C 205 13.91 -12.11 -56.80
C THR C 205 13.95 -12.64 -55.37
N GLU C 206 15.14 -12.86 -54.84
CA GLU C 206 15.26 -13.40 -53.50
C GLU C 206 15.49 -12.31 -52.46
N VAL C 207 15.29 -11.05 -52.86
CA VAL C 207 15.42 -9.93 -51.94
C VAL C 207 14.14 -9.84 -51.11
N PRO C 208 14.27 -9.84 -49.77
CA PRO C 208 13.09 -9.81 -48.91
C PRO C 208 12.44 -8.43 -48.85
N LEU C 209 11.14 -8.45 -48.59
CA LEU C 209 10.31 -7.26 -48.64
C LEU C 209 10.15 -6.68 -47.25
N ILE C 210 10.45 -5.39 -47.09
CA ILE C 210 9.93 -4.66 -45.94
C ILE C 210 8.46 -4.40 -46.24
N GLU C 211 7.61 -4.58 -45.21
CA GLU C 211 6.17 -4.38 -45.36
C GLU C 211 5.72 -3.39 -44.30
N TYR C 212 4.92 -2.42 -44.71
CA TYR C 212 4.32 -1.51 -43.77
C TYR C 212 2.91 -1.16 -44.23
N SER C 213 2.09 -0.70 -43.30
CA SER C 213 0.73 -0.32 -43.63
C SER C 213 0.77 1.09 -44.23
N PHE C 214 -0.07 1.33 -45.21
CA PHE C 214 -0.30 2.65 -45.74
C PHE C 214 -1.78 2.89 -45.56
N TYR C 215 -2.12 3.98 -44.87
CA TYR C 215 -3.46 4.21 -44.39
C TYR C 215 -4.34 4.96 -45.37
N SER C 216 -3.73 5.87 -46.12
CA SER C 216 -4.37 6.54 -47.26
C SER C 216 -5.37 7.60 -46.82
N ASP C 217 -6.17 8.10 -47.76
CA ASP C 217 -7.32 8.95 -47.42
C ASP C 217 -8.22 8.19 -46.44
N GLU C 218 -8.95 8.92 -45.62
CA GLU C 218 -9.79 8.25 -44.62
C GLU C 218 -10.91 7.38 -45.23
N SER C 219 -11.16 7.52 -46.53
CA SER C 219 -12.18 6.72 -47.17
C SER C 219 -11.69 5.32 -47.50
N LEU C 220 -10.39 5.08 -47.36
CA LEU C 220 -9.87 3.73 -47.49
C LEU C 220 -10.20 2.99 -46.20
N GLN C 221 -11.12 2.03 -46.32
CA GLN C 221 -11.67 1.32 -45.17
C GLN C 221 -10.71 0.35 -44.55
N TYR C 222 -9.95 -0.32 -45.43
CA TYR C 222 -8.91 -1.24 -45.02
C TYR C 222 -7.53 -0.70 -45.40
N PRO C 223 -6.60 -0.62 -44.44
CA PRO C 223 -5.26 -0.11 -44.75
C PRO C 223 -4.52 -1.02 -45.69
N LYS C 224 -3.71 -0.39 -46.52
CA LYS C 224 -3.01 -1.05 -47.60
C LYS C 224 -1.68 -1.49 -47.01
N THR C 225 -1.19 -2.67 -47.39
CA THR C 225 0.18 -3.03 -47.03
C THR C 225 1.08 -2.74 -48.25
N VAL C 226 2.07 -1.88 -48.03
CA VAL C 226 3.10 -1.61 -49.02
C VAL C 226 4.21 -2.63 -48.81
N ARG C 227 4.65 -3.25 -49.90
CA ARG C 227 5.73 -4.24 -49.85
C ARG C 227 6.86 -3.82 -50.78
N VAL C 228 8.06 -3.58 -50.24
CA VAL C 228 9.21 -3.13 -51.04
C VAL C 228 10.36 -4.11 -50.88
N PRO C 229 10.96 -4.56 -51.99
CA PRO C 229 12.18 -5.37 -51.89
C PRO C 229 13.32 -4.49 -51.38
N TYR C 230 13.88 -4.86 -50.23
CA TYR C 230 14.75 -3.98 -49.48
C TYR C 230 15.71 -4.86 -48.71
N PRO C 231 16.99 -4.82 -49.07
CA PRO C 231 17.97 -5.63 -48.40
C PRO C 231 18.50 -4.96 -47.16
N LYS C 232 18.07 -5.43 -45.99
CA LYS C 232 18.64 -4.92 -44.74
C LYS C 232 19.99 -5.58 -44.53
N ALA C 233 20.78 -5.05 -43.60
CA ALA C 233 22.17 -5.51 -43.44
C ALA C 233 22.25 -7.04 -43.32
N GLY C 234 23.03 -7.67 -44.21
CA GLY C 234 23.17 -9.14 -44.24
C GLY C 234 22.22 -9.88 -45.16
N ALA C 235 21.10 -9.27 -45.55
CA ALA C 235 20.08 -9.95 -46.34
C ALA C 235 20.59 -10.28 -47.74
N VAL C 236 19.80 -11.00 -48.51
CA VAL C 236 20.13 -11.27 -49.90
C VAL C 236 20.04 -9.99 -50.72
N ASN C 237 21.17 -9.54 -51.24
CA ASN C 237 21.19 -8.31 -52.05
C ASN C 237 20.62 -8.60 -53.41
N PRO C 238 20.30 -7.55 -54.17
CA PRO C 238 20.04 -7.74 -55.60
C PRO C 238 21.29 -8.11 -56.38
N THR C 239 21.09 -8.60 -57.60
CA THR C 239 22.18 -8.91 -58.50
C THR C 239 21.97 -8.07 -59.74
N VAL C 240 23.04 -7.85 -60.50
CA VAL C 240 22.92 -7.00 -61.67
C VAL C 240 23.64 -7.61 -62.85
N LYS C 241 23.12 -7.34 -64.03
CA LYS C 241 23.78 -7.65 -65.29
C LYS C 241 23.86 -6.34 -66.07
N PHE C 242 24.86 -6.21 -66.93
CA PHE C 242 25.05 -4.99 -67.71
C PHE C 242 25.03 -5.30 -69.19
N PHE C 243 24.45 -4.38 -69.95
CA PHE C 243 24.21 -4.59 -71.38
C PHE C 243 24.45 -3.32 -72.17
N VAL C 244 24.79 -3.49 -73.44
CA VAL C 244 24.83 -2.42 -74.43
C VAL C 244 24.08 -2.90 -75.67
N VAL C 245 23.46 -1.97 -76.40
CA VAL C 245 22.78 -2.30 -77.64
C VAL C 245 22.96 -1.17 -78.65
N ASN C 246 23.19 -1.54 -79.91
CA ASN C 246 23.34 -0.56 -80.98
C ASN C 246 21.97 -0.01 -81.39
N THR C 247 21.74 1.27 -81.05
CA THR C 247 20.44 1.91 -81.28
C THR C 247 20.21 2.25 -82.75
N ASP C 248 21.30 2.42 -83.50
CA ASP C 248 21.25 2.36 -84.97
C ASP C 248 21.03 0.89 -85.32
N SER C 249 20.83 0.59 -86.60
CA SER C 249 20.61 -0.80 -87.03
C SER C 249 19.62 -1.52 -86.10
N LEU C 250 18.51 -0.88 -85.80
CA LEU C 250 17.57 -1.42 -84.82
C LEU C 250 16.38 -2.05 -85.55
N SER C 251 16.55 -3.30 -85.98
CA SER C 251 15.56 -4.00 -86.80
C SER C 251 14.14 -3.98 -86.21
N SER C 252 13.16 -3.96 -87.12
CA SER C 252 11.74 -3.91 -86.74
C SER C 252 11.09 -5.28 -86.75
N VAL C 253 11.65 -6.20 -87.52
CA VAL C 253 11.09 -7.54 -87.73
C VAL C 253 11.56 -8.54 -86.67
N THR C 254 12.48 -8.09 -85.81
CA THR C 254 13.16 -8.98 -84.86
C THR C 254 13.51 -8.23 -83.58
N ASN C 255 13.39 -8.93 -82.44
CA ASN C 255 13.83 -8.38 -81.17
C ASN C 255 15.29 -7.89 -81.27
N ALA C 256 15.57 -6.75 -80.65
CA ALA C 256 16.93 -6.20 -80.64
C ALA C 256 17.82 -7.01 -79.71
N THR C 257 19.00 -7.39 -80.20
CA THR C 257 19.96 -8.12 -79.40
C THR C 257 20.70 -7.15 -78.50
N SER C 258 20.99 -7.59 -77.28
CA SER C 258 21.73 -6.78 -76.31
C SER C 258 23.01 -7.49 -75.88
N ILE C 259 24.15 -6.81 -76.03
CA ILE C 259 25.46 -7.38 -75.71
C ILE C 259 25.80 -7.19 -74.23
N GLN C 260 25.87 -8.30 -73.50
CA GLN C 260 26.22 -8.28 -72.09
C GLN C 260 27.71 -8.09 -71.91
N ILE C 261 28.08 -7.03 -71.20
CA ILE C 261 29.40 -6.94 -70.63
C ILE C 261 29.27 -7.57 -69.24
N THR C 262 29.96 -8.69 -69.01
CA THR C 262 29.93 -9.33 -67.69
C THR C 262 30.91 -8.63 -66.77
N ALA C 263 30.69 -8.76 -65.47
CA ALA C 263 31.61 -8.23 -64.46
C ALA C 263 32.90 -9.05 -64.48
N PRO C 264 34.00 -8.49 -63.98
CA PRO C 264 35.25 -9.26 -64.03
C PRO C 264 35.24 -10.40 -63.02
N ALA C 265 36.13 -11.37 -63.23
CA ALA C 265 36.17 -12.59 -62.42
C ALA C 265 36.26 -12.33 -60.92
N SER C 266 37.18 -11.43 -60.54
CA SER C 266 37.39 -11.11 -59.14
C SER C 266 36.09 -10.70 -58.43
N MET C 267 35.17 -10.09 -59.17
CA MET C 267 33.87 -9.68 -58.62
C MET C 267 32.86 -10.83 -58.66
N LEU C 268 32.83 -11.56 -59.77
CA LEU C 268 31.95 -12.72 -59.91
C LEU C 268 32.17 -13.78 -58.81
N ILE C 269 33.31 -13.73 -58.13
CA ILE C 269 33.59 -14.64 -57.00
C ILE C 269 32.56 -14.55 -55.88
N GLY C 270 31.94 -13.40 -55.70
CA GLY C 270 31.03 -13.22 -54.58
C GLY C 270 30.03 -12.13 -54.83
N ASP C 271 29.32 -11.75 -53.78
CA ASP C 271 28.36 -10.66 -53.90
C ASP C 271 29.10 -9.39 -54.26
N HIS C 272 28.50 -8.61 -55.15
CA HIS C 272 29.14 -7.42 -55.72
C HIS C 272 28.10 -6.43 -56.21
N TYR C 273 28.51 -5.19 -56.47
CA TYR C 273 27.64 -4.21 -57.10
C TYR C 273 28.29 -3.55 -58.33
N LEU C 274 27.44 -2.94 -59.16
CA LEU C 274 27.88 -2.00 -60.20
C LEU C 274 27.76 -0.58 -59.61
N CYS C 275 28.88 0.14 -59.52
CA CYS C 275 28.92 1.46 -58.82
C CYS C 275 29.35 2.65 -59.68
N ASP C 276 29.67 2.42 -60.96
CA ASP C 276 29.86 3.51 -61.91
C ASP C 276 29.79 3.04 -63.36
N VAL C 277 29.25 3.92 -64.20
CA VAL C 277 29.18 3.71 -65.64
C VAL C 277 29.58 5.02 -66.32
N THR C 278 30.67 4.98 -67.09
CA THR C 278 31.18 6.14 -67.79
C THR C 278 31.58 5.76 -69.20
N TRP C 279 31.00 6.44 -70.19
CA TRP C 279 31.45 6.31 -71.57
C TRP C 279 32.78 7.03 -71.73
N ALA C 280 33.68 6.46 -72.54
CA ALA C 280 35.01 7.05 -72.79
C ALA C 280 35.05 7.70 -74.18
N THR C 281 34.60 6.97 -75.19
CA THR C 281 34.47 7.51 -76.54
C THR C 281 33.16 6.99 -77.13
N GLN C 282 33.00 7.09 -78.44
CA GLN C 282 31.83 6.49 -79.12
C GLN C 282 31.85 4.96 -78.94
N GLU C 283 33.05 4.40 -78.92
CA GLU C 283 33.27 2.94 -78.89
C GLU C 283 34.02 2.45 -77.65
N ARG C 284 34.12 3.29 -76.62
CA ARG C 284 34.73 2.89 -75.35
C ARG C 284 33.81 3.19 -74.18
N ILE C 285 33.67 2.23 -73.28
CA ILE C 285 32.78 2.36 -72.13
C ILE C 285 33.49 1.76 -70.90
N SER C 286 33.40 2.45 -69.77
CA SER C 286 34.10 2.01 -68.55
C SER C 286 33.11 1.74 -67.41
N LEU C 287 33.30 0.61 -66.74
CA LEU C 287 32.45 0.18 -65.64
C LEU C 287 33.32 -0.06 -64.41
N GLN C 288 32.84 0.37 -63.25
CA GLN C 288 33.49 0.07 -61.98
C GLN C 288 32.56 -0.79 -61.15
N TRP C 289 33.11 -1.87 -60.61
CA TRP C 289 32.36 -2.80 -59.79
C TRP C 289 32.95 -2.82 -58.40
N LEU C 290 32.08 -3.03 -57.41
CA LEU C 290 32.44 -2.98 -56.00
C LEU C 290 32.10 -4.31 -55.35
N ARG C 291 33.07 -4.95 -54.69
CA ARG C 291 32.77 -6.11 -53.85
C ARG C 291 31.77 -5.72 -52.78
N ARG C 292 30.97 -6.67 -52.30
CA ARG C 292 29.94 -6.37 -51.27
C ARG C 292 30.57 -5.90 -49.98
N ILE C 293 31.71 -6.49 -49.63
CA ILE C 293 32.65 -5.86 -48.72
C ILE C 293 33.34 -4.75 -49.53
N GLN C 294 33.04 -3.49 -49.21
CA GLN C 294 33.43 -2.38 -50.08
C GLN C 294 34.81 -1.78 -49.79
N ASN C 295 35.81 -2.65 -49.52
CA ASN C 295 37.20 -2.22 -49.42
C ASN C 295 37.96 -2.55 -50.70
N TYR C 296 37.24 -3.10 -51.68
CA TYR C 296 37.83 -3.60 -52.93
C TYR C 296 36.91 -3.27 -54.10
N SER C 297 37.42 -2.57 -55.10
CA SER C 297 36.65 -2.24 -56.29
C SER C 297 37.51 -2.42 -57.53
N VAL C 298 36.86 -2.50 -58.69
CA VAL C 298 37.58 -2.75 -59.94
C VAL C 298 36.98 -2.00 -61.12
N MET C 299 37.82 -1.27 -61.84
CA MET C 299 37.43 -0.60 -63.07
C MET C 299 37.76 -1.50 -64.26
N ASP C 300 36.93 -1.43 -65.29
CA ASP C 300 37.15 -2.17 -66.54
C ASP C 300 36.89 -1.21 -67.69
N ILE C 301 37.78 -1.19 -68.67
CA ILE C 301 37.64 -0.33 -69.84
C ILE C 301 37.35 -1.23 -71.03
N CYS C 302 36.23 -0.98 -71.71
CA CYS C 302 35.71 -1.91 -72.70
C CYS C 302 35.58 -1.27 -74.09
N ASP C 303 36.38 -1.76 -75.05
CA ASP C 303 36.31 -1.30 -76.45
C ASP C 303 35.29 -2.15 -77.22
N TYR C 304 34.53 -1.50 -78.11
CA TYR C 304 33.58 -2.20 -79.00
C TYR C 304 34.35 -2.91 -80.09
N ASP C 305 33.90 -4.12 -80.45
CA ASP C 305 34.52 -4.92 -81.52
C ASP C 305 33.64 -4.88 -82.77
N GLU C 306 34.04 -4.07 -83.76
CA GLU C 306 33.28 -3.90 -85.01
C GLU C 306 33.15 -5.21 -85.77
N SER C 307 34.19 -6.04 -85.71
CA SER C 307 34.19 -7.34 -86.39
C SER C 307 33.31 -8.39 -85.69
N SER C 308 32.95 -8.15 -84.42
CA SER C 308 32.13 -9.10 -83.65
C SER C 308 30.69 -8.63 -83.44
N GLY C 309 30.53 -7.33 -83.22
CA GLY C 309 29.29 -6.77 -82.71
C GLY C 309 29.31 -6.75 -81.18
N ARG C 310 30.50 -7.00 -80.62
CA ARG C 310 30.65 -7.30 -79.18
C ARG C 310 31.63 -6.39 -78.47
N TRP C 311 31.62 -6.51 -77.14
CA TRP C 311 32.45 -5.68 -76.26
C TRP C 311 33.48 -6.52 -75.50
N ASN C 312 34.76 -6.15 -75.66
CA ASN C 312 35.88 -6.82 -75.02
C ASN C 312 36.68 -5.86 -74.12
N CYS C 313 36.82 -6.22 -72.85
CA CYS C 313 37.57 -5.43 -71.88
C CYS C 313 38.84 -6.21 -71.47
N LEU C 314 40.01 -5.61 -71.65
CA LEU C 314 41.28 -6.29 -71.38
C LEU C 314 41.63 -6.35 -69.89
N VAL C 315 42.37 -7.39 -69.51
CA VAL C 315 42.74 -7.60 -68.10
C VAL C 315 43.90 -6.68 -67.68
N ALA C 316 44.76 -6.33 -68.64
CA ALA C 316 45.79 -5.33 -68.39
C ALA C 316 45.13 -3.99 -68.17
N ARG C 317 44.17 -3.66 -69.04
CA ARG C 317 43.45 -2.39 -68.95
C ARG C 317 42.74 -2.19 -67.59
N GLN C 318 42.39 -3.29 -66.91
CA GLN C 318 41.75 -3.21 -65.59
C GLN C 318 42.57 -2.41 -64.60
N HIS C 319 41.88 -1.79 -63.65
CA HIS C 319 42.51 -1.14 -62.52
C HIS C 319 41.82 -1.60 -61.24
N ILE C 320 42.47 -1.35 -60.12
CA ILE C 320 41.94 -1.68 -58.80
C ILE C 320 41.87 -0.41 -57.97
N GLU C 321 40.88 -0.33 -57.08
CA GLU C 321 40.88 0.67 -56.02
C GLU C 321 40.78 -0.08 -54.67
N MET C 322 41.92 -0.23 -54.00
CA MET C 322 42.05 -0.91 -52.70
C MET C 322 41.70 0.05 -51.57
N SER C 323 41.39 -0.49 -50.39
CA SER C 323 41.40 0.29 -49.14
C SER C 323 41.63 -0.61 -47.93
N THR C 324 42.78 -0.44 -47.28
CA THR C 324 43.15 -1.28 -46.15
C THR C 324 42.64 -0.72 -44.81
N THR C 325 42.35 0.58 -44.77
CA THR C 325 41.91 1.26 -43.54
C THR C 325 40.40 1.38 -43.42
N GLY C 326 39.70 1.33 -44.56
CA GLY C 326 38.24 1.39 -44.54
C GLY C 326 37.60 0.93 -45.83
N TRP C 327 36.62 1.70 -46.27
CA TRP C 327 35.90 1.43 -47.51
C TRP C 327 36.55 2.24 -48.61
N VAL C 328 36.11 2.04 -49.85
CA VAL C 328 36.66 2.80 -50.99
C VAL C 328 35.63 3.82 -51.47
N GLY C 329 36.09 5.07 -51.59
CA GLY C 329 35.24 6.18 -51.96
C GLY C 329 34.84 6.96 -50.73
N ARG C 330 34.00 7.97 -50.96
CA ARG C 330 33.32 8.69 -49.90
C ARG C 330 32.03 7.94 -49.61
N PHE C 331 31.23 7.75 -50.66
CA PHE C 331 30.12 6.80 -50.61
C PHE C 331 30.27 5.74 -51.72
N ARG C 332 31.05 6.06 -52.75
CA ARG C 332 31.39 5.10 -53.78
C ARG C 332 32.66 5.52 -54.53
N PRO C 333 33.29 4.58 -55.24
CA PRO C 333 34.45 4.93 -56.04
C PRO C 333 34.18 6.16 -56.90
N SER C 334 35.12 7.11 -56.93
CA SER C 334 34.90 8.33 -57.69
C SER C 334 34.91 8.01 -59.19
N GLU C 335 34.19 8.81 -59.97
CA GLU C 335 34.04 8.56 -61.41
C GLU C 335 35.23 9.11 -62.23
N PRO C 336 35.47 8.50 -63.41
CA PRO C 336 36.54 8.92 -64.32
C PRO C 336 36.11 9.99 -65.31
N HIS C 337 37.03 10.87 -65.65
CA HIS C 337 36.80 11.87 -66.69
C HIS C 337 37.83 11.67 -67.77
N PHE C 338 37.40 11.20 -68.94
CA PHE C 338 38.34 10.80 -69.99
C PHE C 338 38.75 11.97 -70.88
N THR C 339 40.05 12.08 -71.17
CA THR C 339 40.50 12.99 -72.21
C THR C 339 39.81 12.58 -73.50
N LEU C 340 39.80 13.48 -74.48
CA LEU C 340 39.01 13.28 -75.70
C LEU C 340 39.34 11.98 -76.42
N ASP C 341 40.63 11.64 -76.52
CA ASP C 341 41.04 10.41 -77.22
C ASP C 341 40.51 9.14 -76.54
N GLY C 342 40.55 9.10 -75.22
CA GLY C 342 40.04 7.95 -74.48
C GLY C 342 41.14 7.04 -73.97
N ASN C 343 42.38 7.32 -74.35
CA ASN C 343 43.53 6.58 -73.83
C ASN C 343 43.98 7.07 -72.46
N SER C 344 43.32 8.08 -71.91
CA SER C 344 43.66 8.59 -70.57
C SER C 344 42.45 9.16 -69.82
N PHE C 345 42.55 9.20 -68.49
CA PHE C 345 41.48 9.74 -67.63
C PHE C 345 41.97 10.14 -66.23
N TYR C 346 41.22 11.05 -65.60
CA TYR C 346 41.54 11.55 -64.25
C TYR C 346 40.48 11.07 -63.25
N LYS C 347 40.92 10.60 -62.09
CA LYS C 347 40.00 10.11 -61.06
C LYS C 347 40.46 10.50 -59.64
N ILE C 348 39.55 11.10 -58.89
CA ILE C 348 39.82 11.47 -57.50
C ILE C 348 39.95 10.21 -56.67
N ILE C 349 41.06 10.09 -55.94
CA ILE C 349 41.30 8.90 -55.12
C ILE C 349 42.05 9.26 -53.84
N SER C 350 42.03 8.34 -52.88
CA SER C 350 42.68 8.55 -51.58
C SER C 350 44.20 8.39 -51.71
N ASN C 351 44.95 9.45 -51.45
CA ASN C 351 46.40 9.43 -51.66
C ASN C 351 47.16 8.64 -50.59
N GLU C 352 48.46 8.46 -50.82
CA GLU C 352 49.30 7.54 -50.04
C GLU C 352 49.18 7.72 -48.54
N GLU C 353 48.71 8.90 -48.11
CA GLU C 353 48.52 9.19 -46.69
C GLU C 353 47.16 9.85 -46.42
N GLY C 354 46.12 9.36 -47.10
CA GLY C 354 44.74 9.64 -46.72
C GLY C 354 43.96 10.68 -47.50
N TYR C 355 44.66 11.65 -48.10
CA TYR C 355 43.96 12.78 -48.70
C TYR C 355 43.51 12.49 -50.12
N ARG C 356 42.29 12.92 -50.44
CA ARG C 356 41.68 12.62 -51.75
C ARG C 356 42.08 13.60 -52.84
N HIS C 357 42.77 13.09 -53.85
CA HIS C 357 43.36 13.94 -54.88
C HIS C 357 43.20 13.34 -56.28
N ILE C 358 43.43 14.18 -57.28
CA ILE C 358 43.19 13.81 -58.67
C ILE C 358 44.36 12.99 -59.18
N CYS C 359 44.08 11.88 -59.86
CA CYS C 359 45.14 11.03 -60.39
C CYS C 359 44.99 10.83 -61.90
N TYR C 360 46.04 11.23 -62.64
CA TYR C 360 46.08 11.07 -64.09
C TYR C 360 46.49 9.63 -64.43
N PHE C 361 45.57 8.89 -65.04
CA PHE C 361 45.76 7.48 -65.37
C PHE C 361 46.01 7.30 -66.86
N GLN C 362 46.99 6.47 -67.19
CA GLN C 362 47.13 5.92 -68.53
C GLN C 362 46.42 4.59 -68.56
N ILE C 363 45.69 4.32 -69.64
CA ILE C 363 44.87 3.11 -69.76
C ILE C 363 45.70 1.80 -69.65
N ASP C 364 46.95 1.84 -70.11
CA ASP C 364 47.80 0.64 -70.19
C ASP C 364 48.30 0.24 -68.80
N LYS C 365 49.13 1.09 -68.20
CA LYS C 365 49.78 0.79 -66.91
C LYS C 365 48.80 0.96 -65.76
N LYS C 366 49.25 0.71 -64.54
CA LYS C 366 48.43 0.96 -63.34
C LYS C 366 48.87 2.25 -62.63
N ASP C 367 50.12 2.25 -62.16
CA ASP C 367 50.75 3.44 -61.57
C ASP C 367 50.26 4.74 -62.23
N CYS C 368 49.32 5.44 -61.59
CA CYS C 368 49.02 6.82 -61.96
C CYS C 368 49.76 7.73 -61.01
N THR C 369 50.22 8.87 -61.50
CA THR C 369 50.81 9.90 -60.66
C THR C 369 49.76 10.97 -60.32
N PHE C 370 49.76 11.40 -59.06
CA PHE C 370 48.82 12.41 -58.55
C PHE C 370 49.14 13.80 -59.07
N ILE C 371 48.14 14.45 -59.65
CA ILE C 371 48.33 15.82 -60.14
C ILE C 371 48.11 16.88 -59.05
N THR C 372 47.60 16.48 -57.87
CA THR C 372 47.49 17.35 -56.70
C THR C 372 47.89 16.60 -55.41
N LYS C 373 48.40 17.34 -54.44
CA LYS C 373 48.77 16.81 -53.12
C LYS C 373 48.50 17.85 -52.04
N GLY C 374 48.51 17.43 -50.77
CA GLY C 374 48.36 18.36 -49.65
C GLY C 374 47.30 17.94 -48.63
N THR C 375 47.28 18.66 -47.52
CA THR C 375 46.37 18.36 -46.42
C THR C 375 45.01 19.01 -46.66
N TRP C 376 44.36 18.54 -47.71
CA TRP C 376 43.00 18.94 -48.06
C TRP C 376 42.55 18.01 -49.18
N GLU C 377 41.25 17.94 -49.41
CA GLU C 377 40.72 17.07 -50.44
C GLU C 377 40.19 17.88 -51.61
N VAL C 378 40.31 17.33 -52.81
CA VAL C 378 39.50 17.75 -53.95
C VAL C 378 38.08 17.15 -53.79
N ILE C 379 37.06 17.97 -54.03
CA ILE C 379 35.68 17.53 -53.79
C ILE C 379 35.03 16.94 -55.01
N GLY C 380 35.61 17.17 -56.17
CA GLY C 380 35.04 16.70 -57.43
C GLY C 380 35.66 17.36 -58.65
N ILE C 381 35.79 16.58 -59.72
CA ILE C 381 36.20 17.10 -61.02
C ILE C 381 34.98 17.62 -61.75
N GLU C 382 35.10 18.80 -62.34
CA GLU C 382 33.94 19.48 -62.92
C GLU C 382 34.04 19.58 -64.44
N ALA C 383 35.17 20.06 -64.95
CA ALA C 383 35.35 20.20 -66.40
C ALA C 383 36.71 19.69 -66.83
N LEU C 384 36.76 19.03 -67.99
CA LEU C 384 38.04 18.67 -68.63
C LEU C 384 38.10 19.17 -70.08
N THR C 385 39.21 19.84 -70.42
CA THR C 385 39.46 20.26 -71.81
C THR C 385 40.85 19.79 -72.25
N SER C 386 41.22 20.17 -73.47
CA SER C 386 42.50 19.78 -74.05
C SER C 386 43.72 20.22 -73.24
N ASP C 387 43.60 21.34 -72.54
CA ASP C 387 44.76 21.98 -71.89
C ASP C 387 44.57 22.34 -70.41
N TYR C 388 43.32 22.29 -69.93
CA TYR C 388 43.05 22.56 -68.53
C TYR C 388 42.00 21.60 -67.97
N LEU C 389 42.08 21.36 -66.67
CA LEU C 389 41.12 20.56 -65.92
C LEU C 389 40.62 21.41 -64.76
N TYR C 390 39.30 21.56 -64.69
CA TYR C 390 38.68 22.41 -63.67
C TYR C 390 38.10 21.53 -62.56
N TYR C 391 38.37 21.91 -61.31
CA TYR C 391 37.94 21.10 -60.17
C TYR C 391 37.63 21.95 -58.94
N ILE C 392 36.83 21.38 -58.05
CA ILE C 392 36.50 22.03 -56.79
C ILE C 392 37.23 21.34 -55.64
N SER C 393 37.63 22.14 -54.65
CA SER C 393 38.37 21.64 -53.50
C SER C 393 38.21 22.59 -52.30
N ASN C 394 38.68 22.14 -51.14
CA ASN C 394 38.59 22.91 -49.90
C ASN C 394 39.96 23.33 -49.37
N GLU C 395 40.86 23.64 -50.29
CA GLU C 395 42.22 24.07 -49.94
C GLU C 395 42.26 25.47 -49.32
N TYR C 396 41.58 26.41 -49.97
CA TYR C 396 41.67 27.83 -49.56
C TYR C 396 41.58 28.02 -48.04
N LYS C 397 42.61 28.64 -47.50
CA LYS C 397 42.69 28.93 -46.06
C LYS C 397 42.53 27.67 -45.20
N GLY C 398 42.80 26.50 -45.79
CA GLY C 398 42.71 25.23 -45.08
C GLY C 398 41.37 25.08 -44.38
N MET C 399 40.30 25.33 -45.12
CA MET C 399 38.96 25.27 -44.55
C MET C 399 38.21 24.16 -45.24
N PRO C 400 37.99 23.04 -44.54
CA PRO C 400 37.30 21.90 -45.13
C PRO C 400 35.89 22.23 -45.57
N GLY C 401 35.29 23.23 -44.92
CA GLY C 401 33.92 23.64 -45.23
C GLY C 401 33.81 24.72 -46.28
N GLY C 402 34.89 25.00 -46.97
CA GLY C 402 34.89 25.93 -48.08
C GLY C 402 35.01 25.19 -49.39
N ARG C 403 34.47 25.80 -50.44
CA ARG C 403 34.55 25.26 -51.79
C ARG C 403 35.01 26.36 -52.72
N ASN C 404 35.96 26.06 -53.57
CA ASN C 404 36.41 27.03 -54.56
C ASN C 404 36.71 26.33 -55.87
N LEU C 405 36.75 27.09 -56.95
CA LEU C 405 36.99 26.52 -58.28
C LEU C 405 38.43 26.75 -58.70
N TYR C 406 39.12 25.66 -58.98
CA TYR C 406 40.53 25.69 -59.38
C TYR C 406 40.69 25.20 -60.82
N LYS C 407 41.48 25.94 -61.59
CA LYS C 407 41.89 25.61 -62.95
C LYS C 407 43.32 25.08 -62.87
N ILE C 408 43.56 23.90 -63.43
CA ILE C 408 44.92 23.28 -63.38
C ILE C 408 45.52 23.03 -64.79
N GLN C 409 46.78 23.45 -64.97
CA GLN C 409 47.51 23.29 -66.25
C GLN C 409 47.95 21.85 -66.53
N LEU C 410 47.17 21.13 -67.34
CA LEU C 410 47.55 19.79 -67.78
C LEU C 410 49.01 19.75 -68.32
N SER C 411 49.43 20.83 -68.95
CA SER C 411 50.81 20.95 -69.45
C SER C 411 51.86 21.02 -68.32
N ASP C 412 51.49 21.58 -67.17
CA ASP C 412 52.43 21.83 -66.08
C ASP C 412 51.68 21.85 -64.75
N TYR C 413 51.78 20.76 -63.99
CA TYR C 413 50.93 20.54 -62.80
C TYR C 413 51.17 21.45 -61.59
N THR C 414 52.39 21.97 -61.45
CA THR C 414 52.69 22.91 -60.36
C THR C 414 51.91 24.22 -60.49
N LYS C 415 51.57 24.60 -61.73
CA LYS C 415 50.94 25.91 -62.00
C LYS C 415 49.40 25.85 -62.11
N VAL C 416 48.74 26.02 -60.96
CA VAL C 416 47.29 25.89 -60.83
C VAL C 416 46.69 27.17 -60.23
N THR C 417 45.76 27.82 -60.93
CA THR C 417 45.14 29.07 -60.46
C THR C 417 43.78 28.83 -59.80
N CYS C 418 43.52 29.51 -58.67
CA CYS C 418 42.20 29.49 -58.05
C CYS C 418 41.34 30.57 -58.69
N LEU C 419 40.22 30.17 -59.27
CA LEU C 419 39.35 31.09 -60.00
C LEU C 419 38.35 31.82 -59.10
N SER C 420 37.84 31.14 -58.07
CA SER C 420 36.78 31.69 -57.24
C SER C 420 37.24 32.26 -55.90
N CYS C 421 38.33 31.71 -55.37
CA CYS C 421 38.88 32.09 -54.07
C CYS C 421 38.78 33.58 -53.73
N GLU C 422 39.22 34.42 -54.68
CA GLU C 422 39.41 35.85 -54.42
C GLU C 422 38.32 36.77 -55.01
N LEU C 423 37.43 36.21 -55.83
CA LEU C 423 36.34 36.98 -56.43
C LEU C 423 35.58 37.77 -55.37
N ASN C 424 35.21 37.07 -54.31
CA ASN C 424 34.58 37.70 -53.16
C ASN C 424 34.99 36.99 -51.86
N PRO C 425 36.03 37.50 -51.19
CA PRO C 425 36.59 36.88 -49.99
C PRO C 425 35.56 36.68 -48.89
N GLU C 426 34.91 37.77 -48.49
CA GLU C 426 34.11 37.79 -47.27
C GLU C 426 32.73 37.20 -47.48
N ARG C 427 32.11 37.53 -48.61
CA ARG C 427 30.79 37.01 -48.94
C ARG C 427 30.81 35.54 -49.39
N CYS C 428 31.86 35.14 -50.13
CA CYS C 428 31.85 33.89 -50.90
C CYS C 428 33.00 32.91 -50.64
N GLN C 429 32.75 31.89 -49.84
CA GLN C 429 33.74 30.83 -49.60
C GLN C 429 33.22 29.46 -50.03
N TYR C 430 32.03 29.39 -50.61
CA TYR C 430 31.42 28.11 -50.97
C TYR C 430 30.81 28.13 -52.36
N TYR C 431 31.63 27.80 -53.35
CA TYR C 431 31.24 27.86 -54.74
C TYR C 431 31.00 26.48 -55.32
N SER C 432 30.04 26.40 -56.24
CA SER C 432 29.95 25.31 -57.22
C SER C 432 29.94 25.96 -58.61
N VAL C 433 29.85 25.14 -59.66
CA VAL C 433 29.96 25.68 -61.01
C VAL C 433 29.20 24.84 -62.02
N SER C 434 28.68 25.52 -63.05
CA SER C 434 28.06 24.85 -64.19
C SER C 434 28.68 25.39 -65.47
N PHE C 435 29.31 24.52 -66.22
CA PHE C 435 30.01 24.92 -67.45
C PHE C 435 29.08 24.89 -68.68
N SER C 436 29.36 25.75 -69.64
CA SER C 436 28.69 25.73 -70.93
C SER C 436 29.01 24.44 -71.68
N LYS C 437 28.06 23.98 -72.49
CA LYS C 437 28.14 22.70 -73.21
C LYS C 437 29.57 22.24 -73.52
N GLU C 438 30.42 23.15 -74.00
CA GLU C 438 31.85 22.86 -74.23
C GLU C 438 32.76 23.33 -73.09
N ALA C 439 32.51 24.54 -72.57
CA ALA C 439 33.33 25.15 -71.50
C ALA C 439 33.63 26.65 -71.72
N LYS C 440 33.27 27.17 -72.90
CA LYS C 440 33.57 28.58 -73.27
C LYS C 440 33.11 29.58 -72.21
N TYR C 441 32.02 29.24 -71.52
CA TYR C 441 31.52 30.05 -70.41
C TYR C 441 31.16 29.13 -69.24
N TYR C 442 31.02 29.71 -68.04
CA TYR C 442 30.57 28.93 -66.87
C TYR C 442 29.91 29.82 -65.82
N GLN C 443 29.01 29.22 -65.06
CA GLN C 443 28.28 29.88 -63.97
C GLN C 443 28.94 29.52 -62.64
N LEU C 444 29.08 30.51 -61.76
CA LEU C 444 29.54 30.29 -60.39
C LEU C 444 28.37 30.47 -59.44
N ARG C 445 27.98 29.39 -58.77
CA ARG C 445 27.05 29.50 -57.64
C ARG C 445 27.88 29.70 -56.39
N CYS C 446 27.63 30.80 -55.67
CA CYS C 446 28.23 31.04 -54.36
C CYS C 446 27.12 30.92 -53.35
N SER C 447 27.25 29.96 -52.42
CA SER C 447 26.17 29.63 -51.46
C SER C 447 26.37 30.27 -50.09
N GLY C 448 27.38 31.12 -49.95
CA GLY C 448 27.70 31.73 -48.67
C GLY C 448 29.18 31.94 -48.46
N PRO C 449 29.56 32.37 -47.24
CA PRO C 449 28.73 32.51 -46.04
C PRO C 449 27.76 33.69 -46.04
N GLY C 450 27.89 34.60 -47.01
CA GLY C 450 26.94 35.70 -47.19
C GLY C 450 25.79 35.25 -48.06
N LEU C 451 24.89 36.17 -48.40
CA LEU C 451 23.74 35.85 -49.26
C LEU C 451 24.22 35.31 -50.62
N PRO C 452 23.53 34.30 -51.19
CA PRO C 452 24.06 33.67 -52.41
C PRO C 452 24.20 34.60 -53.61
N LEU C 453 25.25 34.37 -54.40
CA LEU C 453 25.61 35.20 -55.55
C LEU C 453 25.81 34.32 -56.78
N TYR C 454 25.14 34.64 -57.87
CA TYR C 454 25.22 33.86 -59.11
C TYR C 454 25.82 34.74 -60.22
N THR C 455 26.97 34.33 -60.74
CA THR C 455 27.74 35.13 -61.70
C THR C 455 28.25 34.30 -62.88
N LEU C 456 28.32 34.92 -64.06
CA LEU C 456 28.67 34.23 -65.30
C LEU C 456 30.04 34.65 -65.76
N HIS C 457 30.90 33.68 -66.06
CA HIS C 457 32.31 33.95 -66.42
C HIS C 457 32.69 33.43 -67.81
N SER C 458 33.57 34.15 -68.50
CA SER C 458 34.21 33.64 -69.72
C SER C 458 35.44 32.84 -69.28
N SER C 459 35.51 31.57 -69.68
CA SER C 459 36.70 30.78 -69.43
C SER C 459 37.80 31.14 -70.41
N VAL C 460 37.45 31.83 -71.50
CA VAL C 460 38.44 32.30 -72.48
C VAL C 460 39.62 33.01 -71.80
N ASN C 461 39.32 33.99 -70.92
CA ASN C 461 40.34 34.73 -70.15
C ASN C 461 39.97 34.82 -68.66
N ASP C 462 39.24 33.81 -68.18
CA ASP C 462 38.71 33.78 -66.80
C ASP C 462 38.30 35.16 -66.27
N LYS C 463 37.43 35.83 -67.02
CA LYS C 463 36.98 37.19 -66.68
C LYS C 463 35.50 37.18 -66.26
N GLY C 464 35.14 38.12 -65.39
CA GLY C 464 33.76 38.27 -64.93
C GLY C 464 32.92 38.97 -65.99
N LEU C 465 31.86 38.32 -66.43
CA LEU C 465 31.01 38.83 -67.50
C LEU C 465 29.81 39.60 -66.90
N ARG C 466 29.02 38.95 -66.04
CA ARG C 466 27.91 39.64 -65.35
C ARG C 466 27.37 38.93 -64.11
N VAL C 467 26.64 39.69 -63.30
CA VAL C 467 25.93 39.14 -62.15
C VAL C 467 24.52 38.72 -62.56
N LEU C 468 24.22 37.44 -62.46
CA LEU C 468 22.91 36.92 -62.85
C LEU C 468 21.81 37.17 -61.81
N GLU C 469 22.14 36.93 -60.53
CA GLU C 469 21.23 37.21 -59.41
C GLU C 469 22.07 37.45 -58.17
N ASP C 470 21.90 38.61 -57.53
CA ASP C 470 22.68 38.94 -56.33
C ASP C 470 21.86 38.91 -55.03
N ASN C 471 20.58 38.55 -55.14
CA ASN C 471 19.72 38.40 -53.98
C ASN C 471 19.53 39.68 -53.18
N SER C 472 19.68 40.83 -53.83
CA SER C 472 19.55 42.12 -53.14
C SER C 472 18.12 42.34 -52.62
N ALA C 473 17.14 41.64 -53.20
CA ALA C 473 15.75 41.67 -52.71
C ALA C 473 15.67 41.14 -51.28
N LEU C 474 16.18 39.91 -51.09
CA LEU C 474 16.26 39.29 -49.77
C LEU C 474 17.16 40.08 -48.82
N ASP C 475 18.21 40.70 -49.36
CA ASP C 475 19.11 41.49 -48.55
C ASP C 475 18.35 42.66 -47.96
N LYS C 476 17.65 43.38 -48.82
CA LYS C 476 16.84 44.54 -48.41
C LYS C 476 15.95 44.25 -47.21
N MET C 477 15.09 43.24 -47.32
CA MET C 477 14.13 42.99 -46.25
C MET C 477 14.73 42.27 -45.02
N LEU C 478 15.96 41.77 -45.14
CA LEU C 478 16.67 41.18 -44.01
C LEU C 478 17.39 42.21 -43.13
N GLN C 479 17.43 43.46 -43.57
CA GLN C 479 18.03 44.49 -42.73
C GLN C 479 17.05 44.97 -41.67
N ASN C 480 15.76 44.80 -41.97
CA ASN C 480 14.67 45.04 -41.02
C ASN C 480 14.51 43.86 -40.03
N VAL C 481 15.18 42.75 -40.31
CA VAL C 481 15.11 41.56 -39.46
C VAL C 481 16.40 41.40 -38.64
N GLN C 482 16.25 41.08 -37.36
CA GLN C 482 17.39 40.78 -36.46
C GLN C 482 17.88 39.36 -36.70
N MET C 483 18.72 39.20 -37.72
CA MET C 483 19.21 37.89 -38.10
C MET C 483 20.28 37.37 -37.15
N PRO C 484 20.41 36.05 -37.07
CA PRO C 484 21.50 35.49 -36.28
C PRO C 484 22.82 35.59 -37.02
N SER C 485 23.90 35.29 -36.30
CA SER C 485 25.26 35.28 -36.83
C SER C 485 25.72 33.84 -36.97
N LYS C 486 26.66 33.57 -37.89
CA LYS C 486 27.23 32.23 -38.00
C LYS C 486 28.73 32.27 -37.76
N LYS C 487 29.20 31.48 -36.79
CA LYS C 487 30.62 31.35 -36.53
C LYS C 487 31.08 29.96 -36.88
N LEU C 488 31.94 29.85 -37.88
CA LEU C 488 32.68 28.63 -38.20
C LEU C 488 34.07 28.77 -37.58
N ASP C 489 34.60 27.67 -37.03
CA ASP C 489 35.95 27.64 -36.44
C ASP C 489 36.27 26.20 -36.01
N PHE C 490 37.45 26.01 -35.44
CA PHE C 490 37.91 24.69 -35.01
C PHE C 490 38.35 24.70 -33.57
N ILE C 491 38.43 23.50 -33.02
CA ILE C 491 39.08 23.24 -31.73
C ILE C 491 40.01 22.07 -31.95
N ILE C 492 41.15 22.08 -31.27
CA ILE C 492 42.10 20.98 -31.39
C ILE C 492 41.83 19.93 -30.32
N LEU C 493 41.70 18.67 -30.75
CA LEU C 493 41.59 17.53 -29.84
C LEU C 493 42.65 16.50 -30.21
N ASN C 494 43.45 16.05 -29.24
CA ASN C 494 44.55 15.12 -29.50
C ASN C 494 45.33 15.60 -30.74
N GLU C 495 45.77 16.85 -30.69
CA GLU C 495 46.49 17.51 -31.79
C GLU C 495 45.81 17.40 -33.17
N THR C 496 44.47 17.43 -33.21
CA THR C 496 43.70 17.39 -34.48
C THR C 496 42.76 18.59 -34.58
N LYS C 497 42.65 19.18 -35.76
CA LYS C 497 41.72 20.29 -36.02
C LYS C 497 40.30 19.78 -36.28
N PHE C 498 39.40 20.03 -35.33
CA PHE C 498 38.01 19.59 -35.44
C PHE C 498 37.05 20.77 -35.55
N TRP C 499 36.39 20.89 -36.70
CA TRP C 499 35.63 22.09 -37.04
C TRP C 499 34.22 22.04 -36.49
N TYR C 500 33.67 23.22 -36.27
CA TYR C 500 32.30 23.36 -35.79
C TYR C 500 31.69 24.63 -36.36
N GLN C 501 30.38 24.72 -36.32
CA GLN C 501 29.73 26.00 -36.57
C GLN C 501 28.74 26.32 -35.45
N MET C 502 28.49 27.61 -35.26
CA MET C 502 27.49 28.08 -34.31
C MET C 502 26.57 29.12 -34.92
N ILE C 503 25.26 28.85 -34.89
CA ILE C 503 24.25 29.86 -35.21
C ILE C 503 24.03 30.58 -33.90
N LEU C 504 24.32 31.87 -33.91
CA LEU C 504 24.43 32.66 -32.68
C LEU C 504 23.32 33.69 -32.67
N PRO C 505 22.55 33.78 -31.58
CA PRO C 505 21.53 34.81 -31.52
C PRO C 505 22.06 36.20 -31.87
N PRO C 506 21.19 37.08 -32.39
CA PRO C 506 21.64 38.44 -32.62
C PRO C 506 22.08 39.09 -31.31
N HIS C 507 22.87 40.16 -31.43
CA HIS C 507 23.38 40.90 -30.28
C HIS C 507 24.14 40.00 -29.31
N PHE C 508 24.73 38.94 -29.84
CA PHE C 508 25.36 37.88 -29.04
C PHE C 508 26.39 38.43 -28.06
N ASP C 509 25.98 38.51 -26.79
CA ASP C 509 26.87 38.95 -25.71
C ASP C 509 27.32 37.70 -24.97
N LYS C 510 28.63 37.45 -24.94
CA LYS C 510 29.14 36.19 -24.40
C LYS C 510 29.56 36.28 -22.92
N SER C 511 29.03 37.30 -22.24
CA SER C 511 29.01 37.32 -20.77
C SER C 511 27.61 36.96 -20.28
N LYS C 512 26.75 36.58 -21.22
CA LYS C 512 25.49 35.92 -20.91
C LYS C 512 25.70 34.43 -21.10
N LYS C 513 24.77 33.64 -20.57
CA LYS C 513 24.83 32.18 -20.68
C LYS C 513 23.61 31.68 -21.46
N TYR C 514 23.82 31.32 -22.72
CA TYR C 514 22.74 30.84 -23.60
C TYR C 514 22.56 29.32 -23.53
N PRO C 515 21.36 28.83 -23.89
CA PRO C 515 21.20 27.39 -24.03
C PRO C 515 21.68 26.94 -25.40
N LEU C 516 22.12 25.69 -25.50
CA LEU C 516 22.70 25.18 -26.74
C LEU C 516 21.90 23.98 -27.25
N LEU C 517 21.57 24.04 -28.54
CA LEU C 517 21.01 22.91 -29.25
C LEU C 517 22.09 22.36 -30.17
N LEU C 518 22.50 21.14 -29.88
CA LEU C 518 23.50 20.47 -30.71
C LEU C 518 22.78 19.79 -31.85
N ASP C 519 23.12 20.22 -33.06
CA ASP C 519 22.48 19.77 -34.29
C ASP C 519 23.45 18.79 -34.90
N VAL C 520 23.02 17.53 -35.05
CA VAL C 520 23.94 16.45 -35.39
C VAL C 520 23.42 15.60 -36.54
N TYR C 521 24.34 15.28 -37.44
CA TYR C 521 24.20 14.26 -38.46
C TYR C 521 25.21 13.20 -38.06
N ALA C 522 26.50 13.56 -38.14
CA ALA C 522 27.63 12.77 -37.61
C ALA C 522 27.90 11.42 -38.30
N GLY C 523 27.24 11.17 -39.44
CA GLY C 523 27.45 9.94 -40.18
C GLY C 523 28.70 10.02 -41.02
N PRO C 524 29.14 8.89 -41.56
CA PRO C 524 30.38 8.81 -42.30
C PRO C 524 30.42 9.81 -43.44
N CYS C 525 31.46 10.64 -43.42
CA CYS C 525 31.70 11.66 -44.42
C CYS C 525 30.74 12.82 -44.34
N SER C 526 30.06 12.98 -43.22
CA SER C 526 29.22 14.16 -43.03
C SER C 526 30.08 15.43 -42.94
N GLN C 527 29.44 16.57 -43.21
CA GLN C 527 29.98 17.88 -42.89
C GLN C 527 28.84 18.82 -42.52
N LYS C 528 28.68 19.07 -41.23
CA LYS C 528 27.66 19.99 -40.74
C LYS C 528 28.24 21.36 -40.38
N ALA C 529 29.56 21.52 -40.48
CA ALA C 529 30.24 22.81 -40.21
C ALA C 529 30.88 23.34 -41.48
N ASP C 530 30.20 24.26 -42.15
CA ASP C 530 30.63 24.74 -43.46
C ASP C 530 30.37 26.24 -43.66
N THR C 531 30.63 26.73 -44.87
CA THR C 531 30.48 28.15 -45.15
C THR C 531 29.16 28.47 -45.86
N VAL C 532 28.18 27.57 -45.79
CA VAL C 532 26.91 27.79 -46.48
C VAL C 532 25.92 28.66 -45.66
N PHE C 533 25.34 29.67 -46.33
CA PHE C 533 24.26 30.48 -45.77
C PHE C 533 22.94 29.72 -45.79
N ARG C 534 22.20 29.76 -44.69
CA ARG C 534 20.99 28.95 -44.57
C ARG C 534 19.89 29.68 -43.86
N LEU C 535 18.66 29.49 -44.36
CA LEU C 535 17.46 29.91 -43.67
C LEU C 535 16.71 28.66 -43.25
N ASN C 536 16.91 28.24 -42.01
CA ASN C 536 16.32 27.00 -41.53
C ASN C 536 15.80 27.11 -40.09
N TRP C 537 15.29 26.00 -39.57
CA TRP C 537 14.78 25.97 -38.20
C TRP C 537 15.73 26.60 -37.19
N ALA C 538 17.03 26.41 -37.38
CA ALA C 538 18.06 26.99 -36.51
C ALA C 538 18.06 28.53 -36.57
N THR C 539 17.76 29.09 -37.73
CA THR C 539 17.70 30.53 -37.90
C THR C 539 16.66 31.12 -36.94
N TYR C 540 15.52 30.45 -36.88
CA TYR C 540 14.43 30.87 -36.00
C TYR C 540 14.80 30.67 -34.56
N LEU C 541 15.42 29.52 -34.25
CA LEU C 541 15.79 29.22 -32.88
C LEU C 541 16.73 30.29 -32.33
N ALA C 542 17.75 30.68 -33.09
CA ALA C 542 18.70 31.68 -32.59
C ALA C 542 18.10 33.10 -32.63
N SER C 543 17.38 33.42 -33.71
CA SER C 543 16.85 34.77 -33.92
C SER C 543 15.71 35.11 -32.96
N THR C 544 14.86 34.14 -32.66
CA THR C 544 13.67 34.37 -31.85
C THR C 544 13.84 33.83 -30.43
N GLU C 545 14.26 32.58 -30.30
CA GLU C 545 14.35 31.94 -28.99
C GLU C 545 15.69 32.15 -28.31
N ASN C 546 16.62 32.83 -28.98
CA ASN C 546 17.96 33.08 -28.44
C ASN C 546 18.66 31.79 -27.98
N ILE C 547 18.55 30.75 -28.81
CA ILE C 547 19.22 29.49 -28.62
C ILE C 547 20.45 29.44 -29.53
N ILE C 548 21.60 29.04 -28.99
CA ILE C 548 22.72 28.74 -29.87
C ILE C 548 22.49 27.35 -30.43
N VAL C 549 22.39 27.26 -31.75
CA VAL C 549 22.39 25.96 -32.43
C VAL C 549 23.80 25.73 -32.95
N ALA C 550 24.38 24.58 -32.64
CA ALA C 550 25.73 24.28 -33.06
C ALA C 550 25.82 22.90 -33.72
N SER C 551 26.77 22.77 -34.65
CA SER C 551 27.17 21.48 -35.19
C SER C 551 28.67 21.30 -35.04
N PHE C 552 29.11 20.04 -35.10
CA PHE C 552 30.51 19.68 -34.88
C PHE C 552 30.88 18.49 -35.76
N ASP C 553 31.91 18.67 -36.59
CA ASP C 553 32.39 17.61 -37.47
C ASP C 553 33.49 16.83 -36.78
N GLY C 554 33.10 15.71 -36.20
CA GLY C 554 34.02 14.87 -35.46
C GLY C 554 34.56 13.74 -36.30
N ARG C 555 35.13 12.74 -35.63
CA ARG C 555 35.62 11.55 -36.30
C ARG C 555 34.50 10.89 -37.06
N GLY C 556 34.76 10.55 -38.31
CA GLY C 556 33.74 10.06 -39.25
C GLY C 556 33.43 11.09 -40.33
N SER C 557 33.59 12.38 -40.00
CA SER C 557 33.27 13.47 -40.93
C SER C 557 34.21 13.42 -42.12
N GLY C 558 33.82 14.11 -43.19
CA GLY C 558 34.47 13.98 -44.46
C GLY C 558 35.36 15.14 -44.82
N TYR C 559 35.99 15.02 -45.99
CA TYR C 559 36.70 16.11 -46.60
C TYR C 559 37.88 16.62 -45.75
N GLN C 560 38.39 15.75 -44.88
CA GLN C 560 39.58 16.03 -44.05
C GLN C 560 40.67 14.96 -44.16
N GLY C 561 40.53 14.00 -45.07
CA GLY C 561 41.42 12.84 -45.15
C GLY C 561 40.84 11.61 -44.45
N ASP C 562 41.31 10.42 -44.86
CA ASP C 562 40.83 9.15 -44.32
C ASP C 562 41.18 8.93 -42.86
N LYS C 563 42.26 9.51 -42.39
CA LYS C 563 42.59 9.47 -40.95
C LYS C 563 41.33 9.74 -40.16
N ILE C 564 40.75 10.91 -40.40
CA ILE C 564 39.54 11.31 -39.73
C ILE C 564 38.33 10.48 -40.17
N MET C 565 38.14 10.34 -41.47
CA MET C 565 36.90 9.74 -42.00
C MET C 565 36.79 8.25 -41.68
N HIS C 566 37.85 7.49 -41.95
CA HIS C 566 37.84 6.06 -41.65
C HIS C 566 37.92 5.76 -40.15
N ALA C 567 38.11 6.78 -39.32
CA ALA C 567 38.17 6.61 -37.86
C ALA C 567 37.06 5.75 -37.23
N ILE C 568 35.88 5.71 -37.82
CA ILE C 568 34.78 4.91 -37.28
C ILE C 568 34.52 3.64 -38.12
N ASN C 569 35.51 3.23 -38.90
CA ASN C 569 35.34 2.08 -39.78
C ASN C 569 35.02 0.83 -38.98
N ARG C 570 33.99 0.10 -39.40
CA ARG C 570 33.51 -1.09 -38.69
C ARG C 570 33.06 -0.78 -37.27
N ARG C 571 32.80 0.49 -36.98
CA ARG C 571 32.61 0.97 -35.62
C ARG C 571 31.66 2.17 -35.53
N LEU C 572 30.56 2.10 -36.29
CA LEU C 572 29.46 3.05 -36.11
C LEU C 572 28.96 2.97 -34.68
N GLY C 573 28.56 4.12 -34.15
CA GLY C 573 28.06 4.20 -32.78
C GLY C 573 29.12 4.43 -31.73
N THR C 574 30.36 4.63 -32.14
CA THR C 574 31.42 4.81 -31.17
C THR C 574 31.92 6.25 -31.15
N PHE C 575 32.93 6.56 -31.96
CA PHE C 575 33.67 7.83 -31.85
C PHE C 575 32.87 9.06 -32.27
N GLU C 576 32.03 8.92 -33.28
CA GLU C 576 31.20 10.05 -33.70
C GLU C 576 30.16 10.36 -32.61
N VAL C 577 29.69 9.34 -31.90
CA VAL C 577 28.85 9.57 -30.74
C VAL C 577 29.69 10.21 -29.61
N GLU C 578 30.80 9.57 -29.25
CA GLU C 578 31.67 10.09 -28.20
C GLU C 578 32.12 11.53 -28.50
N ASP C 579 32.39 11.84 -29.76
CA ASP C 579 32.91 13.15 -30.15
C ASP C 579 31.86 14.25 -30.14
N GLN C 580 30.58 13.94 -30.32
CA GLN C 580 29.55 14.97 -30.15
C GLN C 580 29.45 15.40 -28.69
N ILE C 581 29.79 14.51 -27.76
CA ILE C 581 29.68 14.81 -26.33
C ILE C 581 30.77 15.78 -25.94
N GLU C 582 32.02 15.48 -26.30
CA GLU C 582 33.13 16.41 -25.97
C GLU C 582 32.91 17.75 -26.68
N ALA C 583 32.32 17.73 -27.88
CA ALA C 583 31.83 18.95 -28.51
C ALA C 583 31.03 19.83 -27.54
N ALA C 584 29.96 19.29 -26.97
CA ALA C 584 29.17 20.02 -25.98
C ALA C 584 30.02 20.47 -24.77
N ARG C 585 30.95 19.63 -24.32
CA ARG C 585 31.81 20.02 -23.22
C ARG C 585 32.67 21.22 -23.62
N GLN C 586 33.14 21.21 -24.86
CA GLN C 586 34.04 22.25 -25.36
C GLN C 586 33.28 23.55 -25.50
N PHE C 587 32.04 23.45 -25.99
CA PHE C 587 31.23 24.64 -26.17
C PHE C 587 30.95 25.27 -24.82
N SER C 588 30.52 24.47 -23.86
CA SER C 588 30.28 24.98 -22.51
C SER C 588 31.55 25.55 -21.89
N LYS C 589 32.71 25.00 -22.23
CA LYS C 589 33.99 25.51 -21.75
C LYS C 589 34.27 26.93 -22.27
N MET C 590 33.69 27.26 -23.43
CA MET C 590 33.83 28.60 -24.00
C MET C 590 33.14 29.68 -23.19
N GLY C 591 32.28 29.28 -22.26
CA GLY C 591 31.81 30.14 -21.19
C GLY C 591 30.54 30.92 -21.43
N PHE C 592 29.89 30.70 -22.58
CA PHE C 592 28.64 31.38 -22.91
C PHE C 592 27.50 30.39 -23.12
N VAL C 593 27.63 29.20 -22.54
CA VAL C 593 26.58 28.19 -22.58
C VAL C 593 26.05 27.92 -21.19
N ASP C 594 24.75 27.78 -21.09
CA ASP C 594 24.12 27.24 -19.91
C ASP C 594 24.34 25.72 -19.92
N ASN C 595 25.22 25.25 -19.05
CA ASN C 595 25.39 23.82 -18.78
C ASN C 595 24.06 23.09 -18.60
N LYS C 596 23.13 23.76 -17.92
CA LYS C 596 21.86 23.16 -17.56
C LYS C 596 20.83 23.10 -18.67
N ARG C 597 21.15 23.65 -19.84
CA ARG C 597 20.20 23.68 -20.96
C ARG C 597 20.89 23.44 -22.31
N ILE C 598 21.53 22.28 -22.41
CA ILE C 598 22.14 21.85 -23.66
C ILE C 598 21.29 20.72 -24.21
N ALA C 599 20.75 20.91 -25.41
CA ALA C 599 19.87 19.92 -26.03
C ALA C 599 20.59 19.36 -27.22
N ILE C 600 20.04 18.31 -27.80
CA ILE C 600 20.66 17.67 -28.94
C ILE C 600 19.58 17.08 -29.80
N TRP C 601 19.73 17.18 -31.11
CA TRP C 601 18.73 16.61 -32.02
C TRP C 601 19.34 16.27 -33.36
N GLY C 602 18.70 15.33 -34.05
CA GLY C 602 19.11 14.91 -35.39
C GLY C 602 18.07 14.06 -36.11
N TRP C 603 18.29 13.90 -37.42
CA TRP C 603 17.42 13.14 -38.30
C TRP C 603 18.27 11.96 -38.86
N SER C 604 17.64 10.81 -39.09
CA SER C 604 18.36 9.66 -39.66
C SER C 604 19.54 9.25 -38.80
N TYR C 605 20.75 9.32 -39.37
CA TYR C 605 21.98 9.03 -38.63
C TYR C 605 22.01 9.93 -37.43
N GLY C 606 21.72 11.21 -37.64
CA GLY C 606 21.69 12.19 -36.57
C GLY C 606 20.73 11.79 -35.47
N GLY C 607 19.65 11.13 -35.87
CA GLY C 607 18.69 10.59 -34.90
C GLY C 607 19.32 9.47 -34.12
N TYR C 608 20.03 8.59 -34.84
CA TYR C 608 20.73 7.51 -34.20
C TYR C 608 21.74 8.07 -33.20
N VAL C 609 22.56 9.02 -33.64
CA VAL C 609 23.62 9.57 -32.77
C VAL C 609 23.05 10.33 -31.58
N THR C 610 21.97 11.07 -31.82
CA THR C 610 21.29 11.82 -30.77
C THR C 610 20.83 10.84 -29.71
N SER C 611 20.20 9.76 -30.17
CA SER C 611 19.68 8.76 -29.27
C SER C 611 20.81 8.13 -28.49
N MET C 612 21.86 7.73 -29.20
CA MET C 612 23.03 7.12 -28.57
C MET C 612 23.66 8.02 -27.51
N VAL C 613 23.76 9.33 -27.81
CA VAL C 613 24.26 10.32 -26.84
C VAL C 613 23.33 10.44 -25.64
N LEU C 614 22.06 10.68 -25.91
CA LEU C 614 21.05 10.64 -24.86
C LEU C 614 21.10 9.30 -24.08
N GLY C 615 21.52 8.22 -24.74
CA GLY C 615 21.68 6.93 -24.09
C GLY C 615 23.01 6.75 -23.36
N SER C 616 23.92 7.70 -23.49
CA SER C 616 25.31 7.51 -23.03
C SER C 616 25.52 7.61 -21.52
N GLY C 617 24.63 8.31 -20.82
CA GLY C 617 24.80 8.55 -19.39
C GLY C 617 25.77 9.68 -19.07
N SER C 618 26.09 10.50 -20.07
CA SER C 618 27.15 11.50 -19.96
C SER C 618 26.83 12.64 -19.00
N GLY C 619 25.56 12.98 -18.86
CA GLY C 619 25.12 14.03 -17.94
C GLY C 619 25.08 15.41 -18.55
N VAL C 620 25.46 15.54 -19.82
CA VAL C 620 25.64 16.85 -20.43
C VAL C 620 24.33 17.38 -20.95
N PHE C 621 23.54 16.48 -21.55
CA PHE C 621 22.34 16.84 -22.28
C PHE C 621 21.09 16.64 -21.42
N LYS C 622 20.22 17.64 -21.45
CA LYS C 622 19.03 17.66 -20.65
C LYS C 622 17.93 16.91 -21.38
N CYS C 623 17.84 17.14 -22.68
CA CYS C 623 16.79 16.57 -23.52
C CYS C 623 17.27 16.39 -24.97
N GLY C 624 16.42 15.77 -25.79
CA GLY C 624 16.75 15.62 -27.21
C GLY C 624 15.64 15.09 -28.09
N ILE C 625 15.81 15.27 -29.40
CA ILE C 625 14.84 14.85 -30.40
C ILE C 625 15.51 13.99 -31.47
N ALA C 626 15.01 12.79 -31.68
CA ALA C 626 15.49 11.89 -32.71
C ALA C 626 14.37 11.75 -33.71
N VAL C 627 14.68 11.99 -34.98
CA VAL C 627 13.66 11.95 -36.02
C VAL C 627 14.05 10.92 -37.04
N ALA C 628 13.17 9.94 -37.25
CA ALA C 628 13.46 8.79 -38.09
C ALA C 628 14.85 8.23 -37.87
N PRO C 629 15.20 7.94 -36.61
CA PRO C 629 16.53 7.45 -36.30
C PRO C 629 16.75 6.00 -36.71
N VAL C 630 17.98 5.67 -37.09
CA VAL C 630 18.40 4.26 -37.09
C VAL C 630 18.49 3.88 -35.62
N SER C 631 18.07 2.66 -35.27
CA SER C 631 18.13 2.20 -33.88
C SER C 631 19.09 1.02 -33.69
N ARG C 632 19.15 0.11 -34.66
CA ARG C 632 20.27 -0.82 -34.79
C ARG C 632 20.54 -1.12 -36.25
N TRP C 633 21.80 -1.34 -36.58
CA TRP C 633 22.20 -1.35 -37.99
C TRP C 633 21.72 -2.54 -38.81
N GLU C 634 21.39 -3.65 -38.13
CA GLU C 634 20.76 -4.78 -38.83
C GLU C 634 19.48 -4.36 -39.56
N TYR C 635 18.81 -3.32 -39.08
CA TYR C 635 17.59 -2.87 -39.72
C TYR C 635 17.83 -2.05 -40.98
N TYR C 636 18.89 -1.27 -41.02
CA TYR C 636 19.11 -0.38 -42.17
C TYR C 636 19.69 -1.15 -43.37
N ASP C 637 19.61 -0.55 -44.55
CA ASP C 637 19.97 -1.24 -45.80
C ASP C 637 21.43 -1.70 -45.90
N SER C 638 21.60 -2.84 -46.56
CA SER C 638 22.87 -3.52 -46.70
C SER C 638 23.96 -2.65 -47.30
N VAL C 639 23.67 -2.01 -48.43
CA VAL C 639 24.69 -1.25 -49.17
C VAL C 639 25.37 -0.18 -48.32
N TYR C 640 24.57 0.66 -47.67
CA TYR C 640 25.12 1.68 -46.77
C TYR C 640 25.80 1.02 -45.57
N THR C 641 24.99 0.37 -44.73
CA THR C 641 25.45 -0.22 -43.47
C THR C 641 26.73 -1.03 -43.58
N GLU C 642 26.76 -1.97 -44.51
CA GLU C 642 27.89 -2.90 -44.63
C GLU C 642 29.17 -2.18 -45.02
N ARG C 643 29.09 -1.18 -45.88
CA ARG C 643 30.24 -0.35 -46.24
C ARG C 643 31.02 0.02 -44.98
N TYR C 644 30.30 0.42 -43.93
CA TYR C 644 30.94 0.89 -42.71
C TYR C 644 31.02 -0.18 -41.65
N MET C 645 30.00 -1.04 -41.58
CA MET C 645 29.91 -2.05 -40.52
C MET C 645 30.37 -3.46 -40.93
N GLY C 646 30.35 -3.78 -42.22
CA GLY C 646 30.53 -5.17 -42.67
C GLY C 646 29.27 -5.99 -42.47
N LEU C 647 29.40 -7.31 -42.61
CA LEU C 647 28.25 -8.19 -42.40
C LEU C 647 28.08 -8.46 -40.91
N PRO C 648 26.84 -8.68 -40.46
CA PRO C 648 26.52 -8.89 -39.07
C PRO C 648 26.53 -10.39 -38.75
N THR C 649 27.69 -11.01 -38.87
CA THR C 649 27.81 -12.44 -38.68
C THR C 649 28.92 -12.67 -37.66
N PRO C 650 28.77 -13.70 -36.82
CA PRO C 650 29.79 -13.94 -35.79
C PRO C 650 31.20 -14.03 -36.35
N GLU C 651 31.32 -14.45 -37.61
CA GLU C 651 32.63 -14.53 -38.29
C GLU C 651 33.06 -13.21 -38.95
N ASP C 652 32.27 -12.14 -38.79
CA ASP C 652 32.65 -10.82 -39.27
C ASP C 652 32.51 -9.75 -38.18
N ASN C 653 31.35 -9.11 -38.10
CA ASN C 653 31.19 -7.97 -37.19
C ASN C 653 29.90 -7.96 -36.37
N LEU C 654 29.26 -9.12 -36.20
CA LEU C 654 28.02 -9.21 -35.43
C LEU C 654 28.14 -8.61 -34.03
N ASP C 655 29.24 -8.89 -33.36
CA ASP C 655 29.44 -8.41 -31.99
C ASP C 655 29.18 -6.91 -31.84
N HIS C 656 29.72 -6.14 -32.77
CA HIS C 656 29.55 -4.70 -32.70
C HIS C 656 28.15 -4.23 -33.07
N TYR C 657 27.56 -4.80 -34.12
CA TYR C 657 26.15 -4.57 -34.46
C TYR C 657 25.27 -4.65 -33.22
N ARG C 658 25.45 -5.73 -32.45
CA ARG C 658 24.75 -5.95 -31.18
C ARG C 658 25.11 -4.84 -30.18
N ASN C 659 26.40 -4.51 -30.03
CA ASN C 659 26.84 -3.51 -29.05
C ASN C 659 26.48 -2.04 -29.38
N SER C 660 26.02 -1.76 -30.59
CA SER C 660 25.84 -0.37 -31.03
C SER C 660 24.40 0.00 -31.28
N THR C 661 23.47 -0.61 -30.54
CA THR C 661 22.05 -0.34 -30.70
C THR C 661 21.59 0.66 -29.66
N VAL C 662 20.60 1.49 -29.98
CA VAL C 662 20.10 2.43 -28.98
C VAL C 662 19.25 1.69 -27.94
N MET C 663 18.51 0.66 -28.35
CA MET C 663 17.70 -0.14 -27.42
C MET C 663 18.46 -0.57 -26.16
N SER C 664 19.68 -1.05 -26.34
CA SER C 664 20.52 -1.50 -25.22
C SER C 664 20.83 -0.42 -24.18
N ARG C 665 20.64 0.85 -24.55
CA ARG C 665 20.87 1.97 -23.64
C ARG C 665 19.58 2.62 -23.09
N ALA C 666 18.46 1.93 -23.20
CA ALA C 666 17.18 2.42 -22.67
C ALA C 666 17.25 2.90 -21.21
N GLU C 667 17.82 2.08 -20.35
CA GLU C 667 17.96 2.42 -18.94
C GLU C 667 18.49 3.85 -18.73
N ASN C 668 19.41 4.27 -19.59
CA ASN C 668 20.03 5.60 -19.48
C ASN C 668 19.17 6.77 -19.95
N PHE C 669 18.07 6.48 -20.65
CA PHE C 669 17.12 7.55 -20.97
C PHE C 669 16.35 8.03 -19.73
N LYS C 670 16.56 7.38 -18.59
CA LYS C 670 15.98 7.84 -17.32
C LYS C 670 16.52 9.19 -16.90
N GLN C 671 17.66 9.62 -17.45
CA GLN C 671 18.27 10.89 -17.09
C GLN C 671 17.86 12.06 -17.97
N VAL C 672 17.18 11.79 -19.10
CA VAL C 672 16.91 12.84 -20.10
C VAL C 672 15.46 12.89 -20.53
N GLU C 673 15.12 13.94 -21.26
CA GLU C 673 13.80 14.08 -21.87
C GLU C 673 13.98 13.83 -23.35
N TYR C 674 13.20 12.90 -23.88
CA TYR C 674 13.43 12.38 -25.22
C TYR C 674 12.17 12.61 -26.02
N LEU C 675 12.35 12.98 -27.28
CA LEU C 675 11.26 13.08 -28.24
C LEU C 675 11.63 12.27 -29.45
N LEU C 676 10.86 11.21 -29.67
CA LEU C 676 11.03 10.30 -30.77
C LEU C 676 9.94 10.60 -31.78
N ILE C 677 10.35 10.97 -32.98
CA ILE C 677 9.45 11.25 -34.09
C ILE C 677 9.80 10.28 -35.23
N HIS C 678 8.80 9.82 -35.94
CA HIS C 678 9.04 8.90 -37.04
C HIS C 678 7.84 8.84 -37.93
N GLY C 679 8.06 8.78 -39.24
CA GLY C 679 6.97 8.73 -40.22
C GLY C 679 6.63 7.28 -40.46
N THR C 680 5.33 6.98 -40.57
CA THR C 680 4.89 5.59 -40.61
C THR C 680 5.14 4.92 -41.97
N ALA C 681 5.26 5.73 -43.03
CA ALA C 681 5.53 5.21 -44.37
C ALA C 681 6.97 5.50 -44.83
N ASP C 682 7.86 5.61 -43.84
CA ASP C 682 9.27 5.73 -44.13
C ASP C 682 9.73 4.43 -44.80
N ASP C 683 10.00 4.51 -46.10
CA ASP C 683 10.59 3.42 -46.88
C ASP C 683 12.07 3.25 -46.58
N ASN C 684 12.68 4.23 -45.91
CA ASN C 684 14.13 4.34 -45.86
C ASN C 684 14.66 3.89 -44.51
N VAL C 685 14.44 4.70 -43.48
CA VAL C 685 14.66 4.30 -42.09
C VAL C 685 13.28 3.91 -41.59
N HIS C 686 13.07 2.61 -41.45
CA HIS C 686 11.72 2.06 -41.25
C HIS C 686 11.18 2.37 -39.87
N PHE C 687 9.88 2.59 -39.81
CA PHE C 687 9.20 2.87 -38.56
C PHE C 687 9.61 1.89 -37.45
N GLN C 688 9.74 0.62 -37.84
CA GLN C 688 10.29 -0.45 -37.02
C GLN C 688 11.41 0.03 -36.12
N GLN C 689 12.36 0.75 -36.72
CA GLN C 689 13.53 1.22 -35.98
C GLN C 689 13.08 2.01 -34.74
N SER C 690 12.13 2.93 -34.92
CA SER C 690 11.56 3.65 -33.79
C SER C 690 10.59 2.82 -32.96
N ALA C 691 9.87 1.91 -33.59
CA ALA C 691 9.02 0.95 -32.84
C ALA C 691 9.83 0.17 -31.83
N GLN C 692 11.08 -0.13 -32.17
CA GLN C 692 11.95 -0.88 -31.27
C GLN C 692 12.58 0.02 -30.22
N ILE C 693 12.86 1.27 -30.55
CA ILE C 693 13.33 2.20 -29.52
C ILE C 693 12.26 2.33 -28.46
N SER C 694 11.01 2.62 -28.88
CA SER C 694 9.93 2.86 -27.93
C SER C 694 9.73 1.67 -27.02
N LYS C 695 9.70 0.47 -27.59
CA LYS C 695 9.44 -0.74 -26.81
C LYS C 695 10.54 -0.98 -25.79
N ALA C 696 11.77 -0.71 -26.19
CA ALA C 696 12.92 -0.77 -25.29
C ALA C 696 12.71 0.19 -24.14
N LEU C 697 12.31 1.41 -24.47
CA LEU C 697 12.16 2.46 -23.46
C LEU C 697 10.98 2.11 -22.53
N VAL C 698 9.88 1.66 -23.11
CA VAL C 698 8.75 1.16 -22.31
C VAL C 698 9.18 0.08 -21.33
N ASP C 699 9.97 -0.88 -21.79
CA ASP C 699 10.28 -2.08 -20.97
C ASP C 699 11.21 -1.82 -19.78
N VAL C 700 12.00 -0.75 -19.83
CA VAL C 700 12.81 -0.33 -18.67
C VAL C 700 12.07 0.68 -17.79
N GLY C 701 10.88 1.12 -18.24
CA GLY C 701 10.06 2.09 -17.52
C GLY C 701 10.58 3.51 -17.64
N VAL C 702 10.95 3.91 -18.86
CA VAL C 702 11.41 5.27 -19.12
C VAL C 702 10.30 6.05 -19.82
N ASP C 703 9.96 7.23 -19.30
CA ASP C 703 8.94 8.05 -19.93
C ASP C 703 9.59 8.95 -20.97
N PHE C 704 8.86 9.24 -22.04
CA PHE C 704 9.39 10.00 -23.16
C PHE C 704 8.25 10.52 -24.01
N GLN C 705 8.54 11.43 -24.91
CA GLN C 705 7.52 11.98 -25.78
C GLN C 705 7.61 11.28 -27.13
N ALA C 706 6.47 11.10 -27.77
CA ALA C 706 6.39 10.38 -29.03
C ALA C 706 5.54 11.14 -30.04
N MET C 707 5.87 10.98 -31.31
CA MET C 707 4.99 11.43 -32.37
C MET C 707 5.28 10.59 -33.61
N TRP C 708 4.22 10.02 -34.15
CA TRP C 708 4.29 9.33 -35.40
C TRP C 708 3.66 10.24 -36.41
N TYR C 709 4.01 10.09 -37.68
CA TYR C 709 3.35 10.84 -38.75
C TYR C 709 2.76 9.88 -39.77
N THR C 710 1.44 9.79 -39.77
CA THR C 710 0.74 8.82 -40.58
C THR C 710 1.04 9.04 -42.07
N ASP C 711 1.56 8.03 -42.74
CA ASP C 711 1.86 8.07 -44.20
C ASP C 711 2.99 9.04 -44.67
N GLU C 712 3.74 9.58 -43.71
CA GLU C 712 4.89 10.43 -44.04
C GLU C 712 6.12 9.54 -44.15
N ASP C 713 6.91 9.79 -45.19
CA ASP C 713 8.12 9.04 -45.40
C ASP C 713 9.29 9.74 -44.67
N HIS C 714 10.50 9.39 -45.08
CA HIS C 714 11.70 9.89 -44.42
C HIS C 714 11.85 11.42 -44.52
N GLY C 715 11.22 12.02 -45.50
CA GLY C 715 11.29 13.45 -45.66
C GLY C 715 10.44 14.21 -44.65
N ILE C 716 9.46 13.52 -44.06
CA ILE C 716 8.28 14.15 -43.39
C ILE C 716 7.99 15.50 -44.06
N ALA C 717 7.84 15.43 -45.38
CA ALA C 717 7.97 16.58 -46.28
C ALA C 717 6.66 17.18 -46.74
N SER C 718 5.54 16.50 -46.51
CA SER C 718 4.24 17.11 -46.80
C SER C 718 4.21 18.54 -46.24
N SER C 719 3.54 19.43 -46.96
CA SER C 719 3.39 20.78 -46.45
C SER C 719 2.93 20.74 -44.99
N THR C 720 1.83 20.06 -44.71
CA THR C 720 1.23 20.07 -43.37
C THR C 720 2.06 19.34 -42.30
N ALA C 721 2.68 18.23 -42.65
CA ALA C 721 3.51 17.50 -41.65
C ALA C 721 4.85 18.20 -41.41
N HIS C 722 5.47 18.74 -42.45
CA HIS C 722 6.66 19.55 -42.26
C HIS C 722 6.35 20.68 -41.27
N GLN C 723 5.24 21.37 -41.49
CA GLN C 723 4.84 22.42 -40.58
C GLN C 723 4.65 21.84 -39.18
N HIS C 724 4.01 20.67 -39.10
CA HIS C 724 3.59 20.11 -37.81
C HIS C 724 4.78 19.62 -37.01
N ILE C 725 5.68 18.90 -37.65
CA ILE C 725 6.87 18.37 -36.98
C ILE C 725 7.68 19.50 -36.35
N TYR C 726 7.94 20.56 -37.12
CA TYR C 726 8.80 21.66 -36.63
C TYR C 726 8.14 22.43 -35.50
N THR C 727 6.81 22.61 -35.57
CA THR C 727 6.10 23.22 -34.45
C THR C 727 6.21 22.35 -33.22
N HIS C 728 6.01 21.04 -33.39
CA HIS C 728 6.02 20.13 -32.26
C HIS C 728 7.39 20.12 -31.61
N MET C 729 8.44 20.14 -32.43
CA MET C 729 9.82 20.17 -31.96
C MET C 729 10.20 21.50 -31.30
N SER C 730 9.65 22.61 -31.78
CA SER C 730 9.87 23.91 -31.14
C SER C 730 9.26 23.92 -29.74
N HIS C 731 8.00 23.50 -29.63
CA HIS C 731 7.34 23.39 -28.33
C HIS C 731 8.18 22.56 -27.36
N PHE C 732 8.70 21.43 -27.86
CA PHE C 732 9.48 20.55 -27.04
C PHE C 732 10.79 21.21 -26.56
N ILE C 733 11.55 21.81 -27.48
CA ILE C 733 12.80 22.53 -27.12
C ILE C 733 12.53 23.69 -26.16
N LYS C 734 11.55 24.52 -26.49
CA LYS C 734 11.18 25.64 -25.62
C LYS C 734 10.90 25.19 -24.19
N GLN C 735 10.17 24.09 -24.06
CA GLN C 735 9.72 23.57 -22.77
C GLN C 735 10.91 22.99 -22.00
N CYS C 736 11.64 22.09 -22.62
CA CYS C 736 12.88 21.58 -22.05
C CYS C 736 13.82 22.72 -21.62
N PHE C 737 13.88 23.81 -22.39
CA PHE C 737 14.73 24.97 -22.05
C PHE C 737 14.06 26.02 -21.15
N SER C 738 12.80 25.80 -20.78
CA SER C 738 12.03 26.79 -19.99
C SER C 738 11.83 28.13 -20.70
N LEU C 739 11.81 28.12 -22.03
CA LEU C 739 11.59 29.35 -22.80
C LEU C 739 10.10 29.61 -22.96
N PRO C 740 9.64 30.84 -22.65
CA PRO C 740 8.26 31.25 -22.91
C PRO C 740 8.12 31.96 -24.27
N ARG D 14 -2.30 8.10 7.07
CA ARG D 14 -1.21 9.12 6.88
C ARG D 14 -0.88 9.39 5.38
N LYS D 15 -0.31 8.38 4.70
CA LYS D 15 0.14 8.55 3.31
C LYS D 15 -0.95 8.05 2.33
N THR D 16 -0.99 8.67 1.14
CA THR D 16 -2.10 8.52 0.17
C THR D 16 -1.99 7.27 -0.71
N TYR D 17 -3.03 7.04 -1.51
CA TYR D 17 -3.01 6.00 -2.55
C TYR D 17 -2.30 6.52 -3.81
N THR D 18 -1.07 6.04 -4.01
CA THR D 18 -0.14 6.56 -5.05
C THR D 18 -0.24 5.84 -6.39
N LEU D 19 0.38 6.42 -7.40
CA LEU D 19 0.42 5.79 -8.72
C LEU D 19 1.13 4.45 -8.63
N THR D 20 2.28 4.43 -7.96
CA THR D 20 3.05 3.21 -7.82
C THR D 20 2.25 2.17 -7.04
N ASP D 21 1.36 2.61 -6.16
CA ASP D 21 0.48 1.69 -5.44
C ASP D 21 -0.35 0.94 -6.46
N TYR D 22 -1.07 1.70 -7.28
CA TYR D 22 -1.88 1.13 -8.36
C TYR D 22 -1.02 0.27 -9.26
N LEU D 23 0.03 0.87 -9.81
CA LEU D 23 0.81 0.22 -10.85
C LEU D 23 1.42 -1.08 -10.36
N LYS D 24 2.03 -1.05 -9.18
CA LYS D 24 2.71 -2.23 -8.67
C LYS D 24 1.74 -3.19 -8.03
N ASN D 25 0.63 -2.66 -7.50
CA ASN D 25 -0.44 -3.47 -6.91
C ASN D 25 -0.13 -3.87 -5.45
N THR D 26 0.25 -2.84 -4.68
CA THR D 26 0.52 -2.97 -3.25
C THR D 26 -0.72 -3.42 -2.48
N TYR D 27 -1.85 -2.78 -2.77
CA TYR D 27 -3.08 -3.06 -2.03
C TYR D 27 -3.96 -4.09 -2.75
N ARG D 28 -3.65 -5.36 -2.52
CA ARG D 28 -4.29 -6.47 -3.24
C ARG D 28 -5.74 -6.66 -2.85
N LEU D 29 -6.56 -7.03 -3.85
CA LEU D 29 -7.97 -7.36 -3.65
C LEU D 29 -8.09 -8.88 -3.73
N LYS D 30 -8.55 -9.51 -2.66
CA LYS D 30 -8.63 -10.98 -2.58
C LYS D 30 -9.95 -11.53 -3.15
N LEU D 31 -9.83 -12.49 -4.07
CA LEU D 31 -10.98 -13.19 -4.66
C LEU D 31 -11.28 -14.44 -3.83
N TYR D 32 -12.24 -15.24 -4.31
CA TYR D 32 -12.48 -16.60 -3.81
C TYR D 32 -13.06 -17.43 -4.95
N SER D 33 -12.20 -17.77 -5.90
CA SER D 33 -12.62 -18.47 -7.10
C SER D 33 -12.82 -19.96 -6.86
N LEU D 34 -14.09 -20.37 -6.74
CA LEU D 34 -14.43 -21.78 -6.45
C LEU D 34 -15.11 -22.47 -7.65
N ARG D 35 -15.00 -23.79 -7.73
CA ARG D 35 -15.57 -24.53 -8.84
C ARG D 35 -16.48 -25.63 -8.35
N TRP D 36 -17.78 -25.46 -8.55
CA TRP D 36 -18.76 -26.49 -8.21
C TRP D 36 -18.53 -27.72 -9.09
N ILE D 37 -18.73 -28.90 -8.51
CA ILE D 37 -18.54 -30.16 -9.24
C ILE D 37 -19.68 -31.15 -9.00
N SER D 38 -20.21 -31.14 -7.78
CA SER D 38 -21.47 -31.79 -7.49
C SER D 38 -22.43 -30.70 -7.03
N ASP D 39 -23.59 -31.13 -6.54
CA ASP D 39 -24.56 -30.22 -5.94
C ASP D 39 -24.15 -29.80 -4.52
N HIS D 40 -23.30 -30.59 -3.87
CA HIS D 40 -22.92 -30.36 -2.48
C HIS D 40 -21.48 -29.87 -2.28
N GLU D 41 -20.68 -29.82 -3.34
CA GLU D 41 -19.23 -29.68 -3.20
C GLU D 41 -18.58 -28.77 -4.23
N TYR D 42 -17.41 -28.23 -3.88
CA TYR D 42 -16.66 -27.35 -4.78
C TYR D 42 -15.16 -27.36 -4.54
N LEU D 43 -14.41 -27.04 -5.59
CA LEU D 43 -12.95 -27.04 -5.59
C LEU D 43 -12.37 -25.64 -5.33
N TYR D 44 -11.53 -25.51 -4.29
CA TYR D 44 -10.72 -24.29 -4.11
C TYR D 44 -9.21 -24.54 -4.12
N LYS D 45 -8.45 -23.49 -4.45
CA LYS D 45 -6.98 -23.53 -4.48
C LYS D 45 -6.40 -22.78 -3.26
N GLN D 46 -5.96 -23.52 -2.23
CA GLN D 46 -5.40 -22.92 -0.98
C GLN D 46 -3.96 -22.40 -1.18
N GLU D 47 -2.95 -23.17 -0.75
CA GLU D 47 -1.56 -22.80 -1.00
C GLU D 47 -1.07 -23.56 -2.24
N ASN D 48 -1.66 -23.24 -3.38
CA ASN D 48 -1.51 -24.01 -4.62
C ASN D 48 -2.28 -25.34 -4.56
N ASN D 49 -2.00 -26.15 -3.52
CA ASN D 49 -2.74 -27.39 -3.24
C ASN D 49 -4.26 -27.26 -3.40
N ILE D 50 -4.81 -27.97 -4.39
CA ILE D 50 -6.23 -27.86 -4.72
C ILE D 50 -7.08 -28.73 -3.80
N LEU D 51 -7.89 -28.08 -2.96
CA LEU D 51 -8.72 -28.76 -1.98
C LEU D 51 -10.18 -28.80 -2.44
N VAL D 52 -10.94 -29.73 -1.87
CA VAL D 52 -12.38 -29.84 -2.11
C VAL D 52 -13.11 -29.58 -0.81
N PHE D 53 -14.20 -28.81 -0.89
CA PHE D 53 -14.97 -28.41 0.29
C PHE D 53 -16.39 -28.97 0.24
N ASN D 54 -16.96 -29.20 1.42
CA ASN D 54 -18.32 -29.75 1.55
C ASN D 54 -19.26 -28.68 2.11
N ALA D 55 -20.07 -28.09 1.23
CA ALA D 55 -20.96 -26.96 1.58
C ALA D 55 -21.84 -27.25 2.79
N GLU D 56 -22.32 -28.49 2.93
CA GLU D 56 -23.14 -28.85 4.08
C GLU D 56 -22.42 -28.48 5.39
N TYR D 57 -21.32 -29.20 5.65
CA TYR D 57 -20.53 -29.04 6.88
C TYR D 57 -19.18 -28.38 6.55
N GLY D 58 -18.29 -29.14 5.92
CA GLY D 58 -16.97 -28.63 5.54
C GLY D 58 -15.79 -29.56 5.70
N ASN D 59 -16.02 -30.84 6.07
CA ASN D 59 -14.91 -31.82 6.28
C ASN D 59 -14.08 -31.99 5.00
N SER D 60 -13.35 -30.91 4.68
CA SER D 60 -12.87 -30.62 3.34
C SER D 60 -11.39 -30.97 3.18
N SER D 61 -11.12 -32.27 3.09
CA SER D 61 -9.75 -32.75 2.92
C SER D 61 -9.17 -32.36 1.55
N VAL D 62 -7.88 -32.64 1.35
CA VAL D 62 -7.17 -32.27 0.12
C VAL D 62 -7.69 -33.08 -1.09
N PHE D 63 -7.74 -32.45 -2.27
CA PHE D 63 -8.15 -33.13 -3.51
C PHE D 63 -6.97 -33.49 -4.41
N LEU D 64 -6.06 -32.54 -4.59
CA LEU D 64 -4.90 -32.76 -5.45
C LEU D 64 -3.73 -31.89 -4.99
N GLU D 65 -2.93 -32.44 -4.09
CA GLU D 65 -1.74 -31.75 -3.58
C GLU D 65 -0.80 -31.37 -4.72
N ASN D 66 -0.23 -30.16 -4.65
CA ASN D 66 0.61 -29.66 -5.72
C ASN D 66 2.06 -30.13 -5.65
N SER D 67 2.35 -31.04 -4.71
CA SER D 67 3.58 -31.83 -4.76
C SER D 67 3.53 -32.84 -5.92
N THR D 68 2.36 -32.98 -6.56
CA THR D 68 2.17 -33.87 -7.70
C THR D 68 2.88 -33.35 -8.94
N PHE D 69 2.48 -32.16 -9.38
CA PHE D 69 2.84 -31.64 -10.69
C PHE D 69 3.90 -30.55 -10.63
N ASP D 70 5.04 -30.87 -10.02
CA ASP D 70 6.23 -29.99 -10.06
C ASP D 70 7.44 -30.68 -10.72
N GLU D 71 7.41 -32.01 -10.81
CA GLU D 71 8.29 -32.76 -11.73
C GLU D 71 7.54 -33.06 -13.04
N PHE D 72 6.48 -32.30 -13.31
CA PHE D 72 5.75 -32.39 -14.58
C PHE D 72 6.59 -31.87 -15.75
N GLY D 73 7.50 -30.94 -15.48
CA GLY D 73 8.41 -30.43 -16.50
C GLY D 73 7.78 -29.33 -17.36
N HIS D 74 6.61 -28.84 -16.96
CA HIS D 74 5.94 -27.71 -17.62
C HIS D 74 5.13 -26.91 -16.60
N SER D 75 4.69 -25.72 -17.00
CA SER D 75 3.90 -24.84 -16.14
C SER D 75 2.41 -25.13 -16.24
N ILE D 76 1.82 -25.45 -15.10
CA ILE D 76 0.41 -25.80 -14.98
C ILE D 76 -0.41 -24.49 -15.09
N ASN D 77 -0.65 -24.03 -16.32
CA ASN D 77 -1.37 -22.78 -16.52
C ASN D 77 -2.77 -22.82 -15.95
N ASP D 78 -3.49 -23.89 -16.26
CA ASP D 78 -4.84 -24.10 -15.76
C ASP D 78 -5.09 -25.61 -15.73
N TYR D 79 -6.27 -26.00 -15.27
CA TYR D 79 -6.69 -27.39 -15.28
C TYR D 79 -8.21 -27.47 -15.50
N SER D 80 -8.76 -28.67 -15.38
CA SER D 80 -10.17 -28.92 -15.61
C SER D 80 -10.48 -30.39 -15.31
N ILE D 81 -11.26 -30.65 -14.26
CA ILE D 81 -11.63 -32.02 -13.90
C ILE D 81 -12.70 -32.54 -14.85
N SER D 82 -12.64 -33.83 -15.18
CA SER D 82 -13.75 -34.46 -15.89
C SER D 82 -14.97 -34.47 -14.97
N PRO D 83 -16.17 -34.32 -15.54
CA PRO D 83 -17.38 -34.22 -14.72
C PRO D 83 -17.60 -35.37 -13.76
N ASP D 84 -17.41 -36.61 -14.23
CA ASP D 84 -17.56 -37.77 -13.36
C ASP D 84 -16.39 -37.93 -12.38
N GLY D 85 -15.30 -37.19 -12.61
CA GLY D 85 -14.23 -37.00 -11.62
C GLY D 85 -13.04 -37.94 -11.74
N GLN D 86 -12.95 -38.66 -12.86
CA GLN D 86 -11.96 -39.70 -13.05
C GLN D 86 -10.64 -39.22 -13.67
N PHE D 87 -10.66 -38.05 -14.30
CA PHE D 87 -9.49 -37.55 -15.01
C PHE D 87 -9.31 -36.06 -14.79
N ILE D 88 -8.16 -35.54 -15.22
CA ILE D 88 -7.88 -34.12 -15.06
C ILE D 88 -7.11 -33.56 -16.25
N LEU D 89 -7.80 -32.78 -17.07
CA LEU D 89 -7.18 -32.08 -18.19
C LEU D 89 -6.22 -31.02 -17.64
N LEU D 90 -4.99 -30.99 -18.17
CA LEU D 90 -3.96 -30.07 -17.69
C LEU D 90 -3.44 -29.18 -18.80
N GLU D 91 -3.82 -27.90 -18.76
CA GLU D 91 -3.44 -26.92 -19.78
C GLU D 91 -2.01 -26.39 -19.55
N TYR D 92 -1.25 -26.32 -20.63
CA TYR D 92 0.07 -25.69 -20.61
C TYR D 92 0.45 -25.24 -22.02
N ASN D 93 1.58 -24.57 -22.16
CA ASN D 93 1.97 -23.92 -23.41
C ASN D 93 0.95 -22.86 -23.86
N TYR D 94 0.51 -22.05 -22.90
CA TYR D 94 -0.53 -21.06 -23.15
C TYR D 94 -0.02 -19.97 -24.09
N VAL D 95 -0.72 -19.79 -25.22
CA VAL D 95 -0.41 -18.69 -26.13
C VAL D 95 -1.71 -17.95 -26.53
N LYS D 96 -1.85 -16.73 -26.02
CA LYS D 96 -3.05 -15.93 -26.19
C LYS D 96 -3.21 -15.54 -27.65
N GLN D 97 -4.42 -15.68 -28.17
CA GLN D 97 -4.76 -15.08 -29.45
C GLN D 97 -5.54 -13.78 -29.16
N TRP D 98 -6.86 -13.77 -29.33
CA TRP D 98 -7.62 -12.54 -29.13
C TRP D 98 -8.11 -12.43 -27.66
N ARG D 99 -9.27 -11.83 -27.45
CA ARG D 99 -9.78 -11.56 -26.11
C ARG D 99 -10.00 -12.85 -25.33
N HIS D 100 -10.57 -13.84 -26.00
CA HIS D 100 -10.91 -15.14 -25.42
C HIS D 100 -10.09 -16.30 -25.98
N SER D 101 -9.74 -16.20 -27.25
CA SER D 101 -9.12 -17.31 -27.98
C SER D 101 -7.68 -17.47 -27.54
N TYR D 102 -7.21 -18.70 -27.67
CA TYR D 102 -5.82 -19.05 -27.41
C TYR D 102 -5.59 -20.49 -27.84
N THR D 103 -4.31 -20.88 -27.92
CA THR D 103 -3.95 -22.30 -28.06
C THR D 103 -3.08 -22.73 -26.90
N ALA D 104 -2.98 -24.03 -26.71
CA ALA D 104 -2.17 -24.60 -25.65
C ALA D 104 -1.98 -26.12 -25.79
N SER D 105 -1.08 -26.66 -25.00
CA SER D 105 -0.86 -28.09 -24.93
C SER D 105 -1.63 -28.65 -23.75
N TYR D 106 -2.00 -29.93 -23.85
CA TYR D 106 -2.86 -30.60 -22.86
C TYR D 106 -2.40 -32.03 -22.60
N ASP D 107 -2.17 -32.35 -21.34
CA ASP D 107 -1.99 -33.74 -20.92
C ASP D 107 -3.16 -34.09 -20.04
N ILE D 108 -3.60 -35.33 -20.11
CA ILE D 108 -4.64 -35.83 -19.22
C ILE D 108 -3.94 -36.65 -18.16
N TYR D 109 -4.58 -36.75 -17.00
CA TYR D 109 -4.04 -37.49 -15.89
C TYR D 109 -5.17 -38.29 -15.27
N ASP D 110 -5.03 -39.61 -15.31
CA ASP D 110 -5.98 -40.54 -14.66
C ASP D 110 -5.81 -40.42 -13.16
N LEU D 111 -6.88 -40.05 -12.46
CA LEU D 111 -6.82 -39.83 -11.01
C LEU D 111 -6.83 -41.15 -10.26
N ASN D 112 -7.62 -42.10 -10.75
CA ASN D 112 -7.77 -43.41 -10.11
C ASN D 112 -6.51 -44.23 -10.31
N LYS D 113 -6.10 -44.40 -11.57
CA LYS D 113 -4.83 -45.11 -11.89
C LYS D 113 -3.61 -44.26 -11.51
N ARG D 114 -3.82 -42.95 -11.33
CA ARG D 114 -2.84 -42.04 -10.71
C ARG D 114 -1.70 -41.60 -11.63
N GLN D 115 -1.58 -42.23 -12.80
CA GLN D 115 -0.55 -41.89 -13.77
C GLN D 115 -1.08 -40.89 -14.79
N LEU D 116 -0.19 -40.28 -15.58
CA LEU D 116 -0.62 -39.41 -16.67
C LEU D 116 -0.63 -40.20 -17.98
N ILE D 117 -1.73 -40.09 -18.72
CA ILE D 117 -1.88 -40.80 -20.01
C ILE D 117 -0.89 -40.26 -21.07
N THR D 118 -0.28 -41.20 -21.81
CA THR D 118 0.78 -40.87 -22.78
C THR D 118 0.51 -41.35 -24.22
N GLU D 119 -0.61 -42.06 -24.41
CA GLU D 119 -1.00 -42.56 -25.73
C GLU D 119 -2.18 -41.77 -26.29
N GLU D 120 -2.24 -41.67 -27.61
CA GLU D 120 -3.33 -40.97 -28.29
C GLU D 120 -3.54 -39.63 -27.61
N ARG D 121 -2.46 -38.87 -27.49
CA ARG D 121 -2.44 -37.64 -26.71
C ARG D 121 -3.12 -36.53 -27.46
N ILE D 122 -3.54 -35.50 -26.72
CA ILE D 122 -4.08 -34.28 -27.32
C ILE D 122 -2.93 -33.47 -27.89
N PRO D 123 -3.02 -33.11 -29.18
CA PRO D 123 -1.89 -32.48 -29.86
C PRO D 123 -1.52 -31.10 -29.33
N ASN D 124 -0.23 -30.76 -29.41
CA ASN D 124 0.20 -29.37 -29.28
C ASN D 124 -0.72 -28.43 -30.09
N ASN D 125 -0.75 -27.15 -29.74
CA ASN D 125 -1.47 -26.14 -30.53
C ASN D 125 -2.98 -26.37 -30.63
N THR D 126 -3.56 -27.00 -29.60
CA THR D 126 -4.99 -27.24 -29.58
C THR D 126 -5.72 -25.93 -29.28
N GLN D 127 -6.74 -25.66 -30.09
CA GLN D 127 -7.45 -24.39 -30.07
C GLN D 127 -8.52 -24.32 -28.96
N TRP D 128 -9.13 -25.46 -28.66
CA TRP D 128 -10.13 -25.53 -27.60
C TRP D 128 -10.37 -26.98 -27.16
N VAL D 129 -10.53 -27.17 -25.87
CA VAL D 129 -10.90 -28.48 -25.31
C VAL D 129 -12.14 -28.36 -24.43
N THR D 130 -12.93 -29.43 -24.38
CA THR D 130 -14.06 -29.47 -23.46
C THR D 130 -14.52 -30.89 -23.18
N TRP D 131 -14.75 -31.18 -21.91
CA TRP D 131 -15.34 -32.44 -21.52
C TRP D 131 -16.79 -32.49 -21.97
N SER D 132 -17.34 -33.70 -22.06
CA SER D 132 -18.78 -33.84 -22.06
C SER D 132 -19.28 -33.32 -20.70
N PRO D 133 -20.57 -32.94 -20.59
CA PRO D 133 -21.09 -32.46 -19.31
C PRO D 133 -21.19 -33.53 -18.22
N VAL D 134 -21.32 -34.81 -18.61
CA VAL D 134 -21.23 -35.92 -17.69
C VAL D 134 -20.18 -36.89 -18.21
N GLY D 135 -19.74 -37.82 -17.37
CA GLY D 135 -18.75 -38.81 -17.79
C GLY D 135 -17.43 -38.15 -18.11
N HIS D 136 -16.80 -38.57 -19.19
CA HIS D 136 -15.47 -38.07 -19.55
C HIS D 136 -15.12 -38.15 -21.04
N LYS D 137 -16.09 -37.88 -21.91
CA LYS D 137 -15.78 -37.71 -23.33
C LYS D 137 -15.01 -36.42 -23.52
N LEU D 138 -14.20 -36.34 -24.56
CA LEU D 138 -13.45 -35.13 -24.88
C LEU D 138 -13.68 -34.67 -26.33
N ALA D 139 -14.10 -33.43 -26.50
CA ALA D 139 -14.15 -32.80 -27.80
C ALA D 139 -13.12 -31.69 -27.81
N TYR D 140 -12.41 -31.56 -28.92
CA TYR D 140 -11.38 -30.54 -29.01
C TYR D 140 -11.17 -30.17 -30.44
N VAL D 141 -10.69 -28.95 -30.65
CA VAL D 141 -10.48 -28.42 -31.98
C VAL D 141 -8.99 -28.23 -32.22
N TRP D 142 -8.57 -28.58 -33.43
CA TRP D 142 -7.18 -28.51 -33.79
C TRP D 142 -7.06 -28.31 -35.30
N ASN D 143 -6.30 -27.31 -35.70
CA ASN D 143 -6.16 -26.93 -37.11
C ASN D 143 -7.53 -26.77 -37.75
N ASN D 144 -8.39 -26.08 -37.03
CA ASN D 144 -9.75 -25.75 -37.46
C ASN D 144 -10.72 -26.92 -37.64
N ASP D 145 -10.35 -28.13 -37.19
CA ASP D 145 -11.27 -29.25 -37.29
C ASP D 145 -11.60 -29.83 -35.93
N ILE D 146 -12.75 -30.50 -35.85
CA ILE D 146 -13.26 -31.06 -34.60
C ILE D 146 -12.89 -32.53 -34.46
N TYR D 147 -12.33 -32.86 -33.29
CA TYR D 147 -11.95 -34.23 -32.93
C TYR D 147 -12.70 -34.62 -31.65
N VAL D 148 -13.12 -35.88 -31.55
CA VAL D 148 -13.82 -36.40 -30.36
C VAL D 148 -13.17 -37.68 -29.82
N LYS D 149 -13.01 -37.75 -28.49
CA LYS D 149 -12.52 -38.94 -27.80
C LYS D 149 -13.63 -39.47 -26.90
N ILE D 150 -13.81 -40.79 -26.87
CA ILE D 150 -14.76 -41.37 -25.94
C ILE D 150 -14.02 -41.64 -24.63
N GLU D 151 -12.85 -42.26 -24.74
CA GLU D 151 -11.95 -42.43 -23.62
C GLU D 151 -10.67 -41.63 -23.90
N PRO D 152 -10.06 -41.05 -22.84
CA PRO D 152 -8.81 -40.28 -22.95
C PRO D 152 -7.69 -41.03 -23.67
N ASN D 153 -7.52 -42.30 -23.33
CA ASN D 153 -6.46 -43.13 -23.89
C ASN D 153 -6.74 -43.71 -25.27
N LEU D 154 -7.88 -43.35 -25.88
CA LEU D 154 -8.26 -43.88 -27.20
C LEU D 154 -8.09 -42.84 -28.31
N PRO D 155 -7.89 -43.32 -29.56
CA PRO D 155 -7.69 -42.42 -30.70
C PRO D 155 -8.88 -41.49 -30.89
N SER D 156 -8.63 -40.30 -31.41
CA SER D 156 -9.69 -39.32 -31.67
C SER D 156 -10.53 -39.74 -32.89
N TYR D 157 -11.81 -39.40 -32.87
CA TYR D 157 -12.64 -39.53 -34.04
C TYR D 157 -12.76 -38.17 -34.68
N ARG D 158 -12.27 -38.06 -35.91
CA ARG D 158 -12.25 -36.80 -36.63
C ARG D 158 -13.62 -36.50 -37.22
N ILE D 159 -14.31 -35.52 -36.62
CA ILE D 159 -15.67 -35.17 -37.00
C ILE D 159 -15.73 -34.35 -38.28
N THR D 160 -14.72 -33.51 -38.51
CA THR D 160 -14.74 -32.56 -39.63
C THR D 160 -13.44 -32.61 -40.42
N TRP D 161 -13.56 -32.52 -41.74
CA TRP D 161 -12.40 -32.62 -42.61
C TRP D 161 -12.20 -31.38 -43.50
N THR D 162 -12.71 -30.23 -43.10
CA THR D 162 -12.80 -29.07 -43.99
C THR D 162 -12.13 -27.80 -43.45
N GLY D 163 -11.58 -27.89 -42.25
CA GLY D 163 -10.98 -26.74 -41.59
C GLY D 163 -9.77 -26.23 -42.36
N LYS D 164 -9.58 -24.92 -42.32
CA LYS D 164 -8.52 -24.26 -43.10
C LYS D 164 -8.23 -22.91 -42.48
N GLU D 165 -6.95 -22.65 -42.23
CA GLU D 165 -6.52 -21.48 -41.47
C GLU D 165 -7.12 -20.18 -42.04
N ASP D 166 -7.69 -19.36 -41.17
CA ASP D 166 -8.29 -18.11 -41.57
C ASP D 166 -9.45 -18.21 -42.60
N ILE D 167 -9.98 -19.41 -42.86
CA ILE D 167 -11.05 -19.56 -43.86
C ILE D 167 -12.26 -20.32 -43.32
N ILE D 168 -12.09 -21.60 -43.01
CA ILE D 168 -13.18 -22.41 -42.46
C ILE D 168 -12.82 -22.81 -41.02
N TYR D 169 -13.69 -22.41 -40.09
CA TYR D 169 -13.52 -22.64 -38.66
C TYR D 169 -14.58 -23.60 -38.14
N ASN D 170 -14.25 -24.87 -37.98
CA ASN D 170 -15.20 -25.84 -37.45
C ASN D 170 -15.09 -25.93 -35.94
N GLY D 171 -16.19 -25.62 -35.24
CA GLY D 171 -16.26 -25.74 -33.79
C GLY D 171 -15.53 -24.69 -32.98
N ILE D 172 -15.00 -23.67 -33.65
CA ILE D 172 -14.46 -22.49 -33.00
C ILE D 172 -14.92 -21.27 -33.80
N THR D 173 -14.94 -20.11 -33.17
CA THR D 173 -15.45 -18.89 -33.78
C THR D 173 -14.36 -18.10 -34.51
N ASP D 174 -14.73 -17.30 -35.49
CA ASP D 174 -13.77 -16.40 -36.12
C ASP D 174 -13.63 -15.12 -35.27
N TRP D 175 -12.93 -14.11 -35.80
CA TRP D 175 -12.64 -12.92 -35.00
C TRP D 175 -13.90 -12.26 -34.50
N VAL D 176 -14.83 -12.01 -35.42
CA VAL D 176 -15.99 -11.19 -35.10
C VAL D 176 -17.01 -11.97 -34.25
N TYR D 177 -17.17 -13.26 -34.50
CA TYR D 177 -18.01 -14.09 -33.63
C TYR D 177 -17.37 -14.31 -32.26
N GLU D 178 -16.06 -14.21 -32.17
CA GLU D 178 -15.41 -14.33 -30.87
C GLU D 178 -15.69 -13.09 -30.04
N GLU D 179 -15.27 -11.94 -30.55
CA GLU D 179 -15.41 -10.68 -29.84
C GLU D 179 -16.86 -10.27 -29.62
N GLU D 180 -17.71 -10.40 -30.65
CA GLU D 180 -19.00 -9.72 -30.67
C GLU D 180 -20.23 -10.57 -30.44
N VAL D 181 -20.20 -11.82 -30.86
CA VAL D 181 -21.40 -12.65 -30.85
C VAL D 181 -21.43 -13.64 -29.69
N PHE D 182 -20.40 -14.48 -29.58
CA PHE D 182 -20.39 -15.55 -28.56
C PHE D 182 -19.50 -15.29 -27.36
N SER D 183 -18.66 -14.28 -27.44
CA SER D 183 -17.77 -13.90 -26.36
C SER D 183 -17.01 -15.09 -25.86
N ALA D 184 -16.50 -15.86 -26.81
CA ALA D 184 -15.80 -17.12 -26.55
C ALA D 184 -15.19 -17.67 -27.85
N TYR D 185 -14.09 -18.39 -27.73
CA TYR D 185 -13.48 -19.04 -28.88
C TYR D 185 -14.27 -20.28 -29.24
N SER D 186 -14.93 -20.86 -28.25
CA SER D 186 -15.64 -22.11 -28.45
C SER D 186 -16.84 -21.92 -29.38
N ALA D 187 -17.14 -22.94 -30.15
CA ALA D 187 -18.41 -23.05 -30.89
C ALA D 187 -18.81 -24.53 -30.84
N LEU D 188 -18.65 -25.13 -29.66
CA LEU D 188 -18.99 -26.53 -29.40
C LEU D 188 -19.94 -26.59 -28.23
N TRP D 189 -21.10 -27.20 -28.43
CA TRP D 189 -22.07 -27.38 -27.36
C TRP D 189 -22.49 -28.83 -27.31
N TRP D 190 -22.19 -29.48 -26.19
CA TRP D 190 -22.65 -30.85 -25.94
C TRP D 190 -24.12 -30.88 -25.51
N SER D 191 -24.79 -31.98 -25.79
CA SER D 191 -26.11 -32.22 -25.20
C SER D 191 -25.89 -32.52 -23.70
N PRO D 192 -26.91 -32.30 -22.86
CA PRO D 192 -26.73 -32.39 -21.40
C PRO D 192 -26.12 -33.69 -20.89
N ASN D 193 -26.36 -34.81 -21.56
CA ASN D 193 -25.70 -36.07 -21.16
C ASN D 193 -24.61 -36.54 -22.13
N GLY D 194 -24.06 -35.59 -22.89
CA GLY D 194 -22.88 -35.84 -23.72
C GLY D 194 -23.05 -36.75 -24.92
N THR D 195 -24.29 -36.96 -25.36
CA THR D 195 -24.58 -37.85 -26.49
C THR D 195 -24.30 -37.17 -27.82
N PHE D 196 -24.84 -35.97 -27.97
CA PHE D 196 -24.67 -35.19 -29.19
C PHE D 196 -23.66 -34.07 -28.96
N LEU D 197 -22.91 -33.76 -30.01
CA LEU D 197 -22.06 -32.59 -30.03
C LEU D 197 -22.55 -31.72 -31.16
N ALA D 198 -23.04 -30.55 -30.78
CA ALA D 198 -23.47 -29.55 -31.74
C ALA D 198 -22.33 -28.57 -31.98
N TYR D 199 -22.23 -28.04 -33.19
CA TYR D 199 -21.18 -27.08 -33.49
C TYR D 199 -21.48 -26.14 -34.68
N ALA D 200 -20.81 -24.99 -34.66
CA ALA D 200 -20.91 -24.02 -35.74
C ALA D 200 -19.70 -24.17 -36.67
N GLN D 201 -19.94 -23.95 -37.97
CA GLN D 201 -18.88 -23.80 -38.94
C GLN D 201 -18.93 -22.39 -39.47
N PHE D 202 -17.81 -21.69 -39.43
CA PHE D 202 -17.74 -20.36 -40.00
C PHE D 202 -16.84 -20.35 -41.22
N ASN D 203 -17.35 -19.75 -42.30
CA ASN D 203 -16.64 -19.59 -43.56
C ASN D 203 -16.32 -18.11 -43.74
N ASP D 204 -15.03 -17.81 -43.90
CA ASP D 204 -14.56 -16.42 -44.04
C ASP D 204 -14.03 -16.11 -45.42
N THR D 205 -14.37 -16.89 -46.43
CA THR D 205 -13.67 -16.78 -47.72
C THR D 205 -13.58 -15.30 -48.16
N GLU D 206 -14.72 -14.64 -48.33
CA GLU D 206 -14.71 -13.24 -48.80
C GLU D 206 -14.54 -12.17 -47.71
N VAL D 207 -14.25 -12.56 -46.45
CA VAL D 207 -14.07 -11.60 -45.37
C VAL D 207 -12.71 -10.94 -45.55
N PRO D 208 -12.69 -9.65 -45.89
CA PRO D 208 -11.41 -9.02 -46.17
C PRO D 208 -10.49 -9.03 -44.95
N LEU D 209 -9.20 -8.80 -45.16
CA LEU D 209 -8.24 -8.90 -44.06
C LEU D 209 -7.74 -7.56 -43.59
N ILE D 210 -7.72 -7.38 -42.27
CA ILE D 210 -7.00 -6.25 -41.67
C ILE D 210 -5.54 -6.66 -41.64
N GLU D 211 -4.67 -5.77 -42.08
CA GLU D 211 -3.25 -6.04 -42.10
C GLU D 211 -2.50 -5.03 -41.25
N TYR D 212 -1.54 -5.52 -40.46
CA TYR D 212 -0.73 -4.63 -39.63
C TYR D 212 0.60 -5.25 -39.25
N SER D 213 1.57 -4.39 -38.93
CA SER D 213 2.91 -4.80 -38.62
C SER D 213 3.04 -5.27 -37.19
N PHE D 214 3.64 -6.44 -37.02
CA PHE D 214 4.13 -6.90 -35.74
C PHE D 214 5.64 -6.89 -35.80
N TYR D 215 6.26 -6.16 -34.89
CA TYR D 215 7.68 -5.86 -34.96
C TYR D 215 8.51 -6.91 -34.24
N SER D 216 7.84 -7.57 -33.29
CA SER D 216 8.45 -8.62 -32.46
C SER D 216 9.68 -8.15 -31.69
N ASP D 217 10.52 -9.10 -31.30
CA ASP D 217 11.74 -8.78 -30.57
C ASP D 217 12.70 -8.06 -31.49
N GLU D 218 13.62 -7.30 -30.91
CA GLU D 218 14.55 -6.52 -31.73
C GLU D 218 15.36 -7.44 -32.62
N SER D 219 15.39 -8.72 -32.28
CA SER D 219 16.03 -9.75 -33.09
C SER D 219 15.35 -10.02 -34.44
N LEU D 220 14.05 -9.79 -34.56
CA LEU D 220 13.37 -9.96 -35.85
C LEU D 220 13.79 -8.84 -36.78
N GLN D 221 14.40 -9.18 -37.92
CA GLN D 221 15.00 -8.17 -38.79
C GLN D 221 13.96 -7.48 -39.65
N TYR D 222 13.05 -8.26 -40.23
CA TYR D 222 11.96 -7.70 -41.02
C TYR D 222 10.66 -7.84 -40.26
N PRO D 223 9.89 -6.75 -40.17
CA PRO D 223 8.59 -6.80 -39.55
C PRO D 223 7.70 -7.85 -40.19
N LYS D 224 6.93 -8.51 -39.34
CA LYS D 224 5.93 -9.50 -39.73
C LYS D 224 4.64 -8.74 -40.06
N THR D 225 3.90 -9.20 -41.07
CA THR D 225 2.61 -8.62 -41.40
C THR D 225 1.50 -9.59 -41.01
N VAL D 226 0.80 -9.25 -39.92
CA VAL D 226 -0.30 -10.07 -39.42
C VAL D 226 -1.53 -9.80 -40.29
N ARG D 227 -2.31 -10.83 -40.56
CA ARG D 227 -3.47 -10.72 -41.43
C ARG D 227 -4.67 -11.47 -40.83
N VAL D 228 -5.65 -10.72 -40.34
CA VAL D 228 -6.82 -11.27 -39.68
C VAL D 228 -8.09 -10.99 -40.49
N PRO D 229 -8.93 -12.02 -40.74
CA PRO D 229 -10.23 -11.72 -41.33
C PRO D 229 -11.11 -11.00 -40.32
N TYR D 230 -11.55 -9.81 -40.70
CA TYR D 230 -12.20 -8.86 -39.82
C TYR D 230 -13.13 -8.09 -40.71
N PRO D 231 -14.43 -8.35 -40.61
CA PRO D 231 -15.33 -7.55 -41.41
C PRO D 231 -15.58 -6.20 -40.78
N LYS D 232 -15.09 -5.13 -41.41
CA LYS D 232 -15.44 -3.78 -40.99
C LYS D 232 -16.86 -3.47 -41.46
N ALA D 233 -17.45 -2.42 -40.92
CA ALA D 233 -18.85 -2.07 -41.20
C ALA D 233 -19.16 -2.10 -42.70
N GLY D 234 -20.17 -2.90 -43.08
CA GLY D 234 -20.63 -3.00 -44.46
C GLY D 234 -19.86 -3.98 -45.36
N ALA D 235 -18.81 -4.58 -44.84
CA ALA D 235 -18.02 -5.53 -45.61
C ALA D 235 -18.70 -6.90 -45.65
N VAL D 236 -18.20 -7.75 -46.53
CA VAL D 236 -18.67 -9.12 -46.58
C VAL D 236 -18.42 -9.77 -45.21
N ASN D 237 -19.46 -10.39 -44.67
CA ASN D 237 -19.38 -11.02 -43.36
C ASN D 237 -19.08 -12.51 -43.49
N PRO D 238 -18.60 -13.12 -42.40
CA PRO D 238 -18.58 -14.57 -42.38
C PRO D 238 -19.98 -15.11 -42.53
N THR D 239 -20.07 -16.34 -43.04
CA THR D 239 -21.30 -17.05 -43.09
C THR D 239 -21.21 -18.18 -42.06
N VAL D 240 -22.36 -18.70 -41.65
CA VAL D 240 -22.40 -19.68 -40.59
C VAL D 240 -23.29 -20.86 -40.97
N LYS D 241 -22.83 -22.07 -40.68
CA LYS D 241 -23.67 -23.28 -40.82
C LYS D 241 -23.72 -23.97 -39.47
N PHE D 242 -24.72 -24.82 -39.26
CA PHE D 242 -24.86 -25.48 -37.97
C PHE D 242 -25.05 -26.98 -38.10
N PHE D 243 -24.34 -27.72 -37.26
CA PHE D 243 -24.37 -29.18 -37.31
C PHE D 243 -24.49 -29.82 -35.94
N VAL D 244 -25.01 -31.05 -35.93
CA VAL D 244 -25.00 -31.92 -34.77
C VAL D 244 -24.59 -33.31 -35.22
N VAL D 245 -23.61 -33.89 -34.54
CA VAL D 245 -23.18 -35.24 -34.82
C VAL D 245 -23.38 -36.08 -33.55
N ASN D 246 -23.59 -37.37 -33.75
CA ASN D 246 -23.90 -38.30 -32.67
C ASN D 246 -22.62 -38.99 -32.21
N THR D 247 -22.22 -38.75 -30.96
CA THR D 247 -20.93 -39.24 -30.47
C THR D 247 -20.96 -40.67 -29.91
N ASP D 248 -22.14 -41.28 -29.78
CA ASP D 248 -22.24 -42.69 -29.34
C ASP D 248 -22.25 -43.67 -30.53
N SER D 249 -22.28 -43.13 -31.75
CA SER D 249 -22.34 -43.94 -32.96
C SER D 249 -21.18 -43.63 -33.92
N LEU D 250 -20.02 -43.25 -33.38
CA LEU D 250 -18.84 -42.98 -34.21
C LEU D 250 -18.22 -44.29 -34.65
N SER D 251 -17.28 -44.21 -35.58
CA SER D 251 -16.68 -45.42 -36.17
C SER D 251 -15.27 -45.14 -36.66
N SER D 252 -14.43 -46.17 -36.64
CA SER D 252 -13.10 -46.10 -37.24
C SER D 252 -13.21 -46.23 -38.77
N VAL D 253 -13.97 -47.23 -39.21
CA VAL D 253 -14.15 -47.52 -40.64
C VAL D 253 -14.85 -46.39 -41.41
N THR D 254 -15.89 -45.80 -40.81
CA THR D 254 -16.77 -44.88 -41.54
C THR D 254 -16.74 -43.44 -41.01
N ASN D 255 -16.52 -42.48 -41.89
CA ASN D 255 -16.56 -41.06 -41.50
C ASN D 255 -17.88 -40.63 -40.82
N ALA D 256 -17.76 -40.21 -39.57
CA ALA D 256 -18.88 -39.61 -38.82
C ALA D 256 -19.61 -38.56 -39.63
N THR D 257 -20.93 -38.68 -39.73
CA THR D 257 -21.74 -37.83 -40.57
C THR D 257 -22.58 -36.91 -39.70
N SER D 258 -22.28 -35.61 -39.79
CA SER D 258 -22.97 -34.59 -39.02
C SER D 258 -24.27 -34.18 -39.72
N ILE D 259 -25.29 -33.82 -38.96
CA ILE D 259 -26.55 -33.36 -39.54
C ILE D 259 -26.67 -31.86 -39.39
N GLN D 260 -26.85 -31.16 -40.52
CA GLN D 260 -27.00 -29.71 -40.50
C GLN D 260 -28.42 -29.31 -40.11
N ILE D 261 -28.52 -28.34 -39.21
CA ILE D 261 -29.76 -27.64 -38.99
C ILE D 261 -29.61 -26.29 -39.69
N THR D 262 -30.41 -26.11 -40.73
CA THR D 262 -30.42 -24.89 -41.51
C THR D 262 -31.15 -23.78 -40.77
N ALA D 263 -30.85 -22.53 -41.10
CA ALA D 263 -31.51 -21.39 -40.49
C ALA D 263 -32.90 -21.21 -41.12
N PRO D 264 -33.86 -20.63 -40.38
CA PRO D 264 -35.22 -20.47 -40.89
C PRO D 264 -35.32 -19.55 -42.10
N ALA D 265 -36.36 -19.77 -42.90
CA ALA D 265 -36.54 -19.06 -44.18
C ALA D 265 -36.19 -17.60 -44.07
N SER D 266 -36.81 -16.95 -43.09
CA SER D 266 -36.71 -15.50 -42.93
C SER D 266 -35.29 -15.00 -42.61
N MET D 267 -34.37 -15.93 -42.32
CA MET D 267 -32.96 -15.61 -42.07
C MET D 267 -32.07 -15.89 -43.27
N LEU D 268 -32.40 -16.93 -44.03
CA LEU D 268 -31.63 -17.26 -45.23
C LEU D 268 -31.83 -16.20 -46.33
N ILE D 269 -32.95 -15.48 -46.28
CA ILE D 269 -33.27 -14.50 -47.30
C ILE D 269 -32.16 -13.46 -47.50
N GLY D 270 -31.28 -13.30 -46.50
CA GLY D 270 -30.11 -12.42 -46.61
C GLY D 270 -29.03 -12.75 -45.59
N ASP D 271 -28.12 -11.82 -45.35
CA ASP D 271 -27.06 -12.03 -44.39
C ASP D 271 -27.65 -12.15 -42.99
N HIS D 272 -27.03 -12.98 -42.16
CA HIS D 272 -27.56 -13.27 -40.85
C HIS D 272 -26.46 -13.82 -39.97
N TYR D 273 -26.77 -14.02 -38.69
CA TYR D 273 -25.85 -14.64 -37.75
C TYR D 273 -26.56 -15.69 -36.90
N LEU D 274 -25.82 -16.72 -36.51
CA LEU D 274 -26.25 -17.57 -35.43
C LEU D 274 -25.84 -16.81 -34.20
N CYS D 275 -26.75 -16.56 -33.26
CA CYS D 275 -26.38 -15.78 -32.08
C CYS D 275 -26.55 -16.47 -30.73
N ASP D 276 -27.09 -17.68 -30.69
CA ASP D 276 -27.25 -18.44 -29.43
C ASP D 276 -27.55 -19.93 -29.67
N VAL D 277 -26.94 -20.79 -28.85
CA VAL D 277 -27.28 -22.21 -28.86
C VAL D 277 -27.50 -22.69 -27.43
N THR D 278 -28.66 -23.28 -27.18
CA THR D 278 -28.99 -23.85 -25.89
C THR D 278 -29.68 -25.17 -26.08
N TRP D 279 -29.17 -26.21 -25.42
CA TRP D 279 -29.90 -27.49 -25.33
C TRP D 279 -31.04 -27.36 -24.34
N ALA D 280 -32.23 -27.79 -24.75
CA ALA D 280 -33.38 -27.85 -23.86
C ALA D 280 -33.40 -29.16 -23.08
N THR D 281 -33.01 -30.25 -23.76
CA THR D 281 -33.05 -31.60 -23.22
C THR D 281 -31.95 -32.46 -23.85
N GLN D 282 -31.94 -33.75 -23.53
CA GLN D 282 -31.05 -34.74 -24.18
C GLN D 282 -31.27 -34.83 -25.69
N GLU D 283 -32.46 -34.44 -26.15
CA GLU D 283 -32.83 -34.55 -27.56
C GLU D 283 -33.52 -33.34 -28.17
N ARG D 284 -33.46 -32.19 -27.49
CA ARG D 284 -34.02 -30.94 -28.02
C ARG D 284 -33.02 -29.80 -27.94
N ILE D 285 -32.77 -29.13 -29.07
CA ILE D 285 -31.90 -27.97 -29.10
C ILE D 285 -32.63 -26.72 -29.60
N SER D 286 -32.32 -25.59 -28.96
CA SER D 286 -32.81 -24.29 -29.38
C SER D 286 -31.69 -23.47 -30.02
N LEU D 287 -31.92 -22.93 -31.21
CA LEU D 287 -30.97 -22.02 -31.87
C LEU D 287 -31.61 -20.67 -32.10
N GLN D 288 -30.87 -19.59 -31.83
CA GLN D 288 -31.36 -18.25 -32.09
C GLN D 288 -30.53 -17.65 -33.21
N TRP D 289 -31.22 -17.21 -34.27
CA TRP D 289 -30.57 -16.54 -35.37
C TRP D 289 -30.95 -15.07 -35.37
N LEU D 290 -30.06 -14.23 -35.86
CA LEU D 290 -30.27 -12.80 -35.91
C LEU D 290 -29.97 -12.30 -37.32
N ARG D 291 -30.88 -11.52 -37.88
CA ARG D 291 -30.63 -10.88 -39.20
C ARG D 291 -29.48 -9.90 -39.13
N ARG D 292 -28.85 -9.65 -40.26
CA ARG D 292 -27.71 -8.71 -40.34
C ARG D 292 -28.10 -7.32 -39.86
N ILE D 293 -29.27 -6.84 -40.29
CA ILE D 293 -29.95 -5.72 -39.62
C ILE D 293 -30.55 -6.31 -38.36
N GLN D 294 -30.00 -5.96 -37.20
CA GLN D 294 -30.21 -6.73 -35.98
C GLN D 294 -31.44 -6.30 -35.15
N ASN D 295 -32.55 -6.04 -35.83
CA ASN D 295 -33.80 -5.70 -35.16
C ASN D 295 -34.83 -6.84 -35.26
N TYR D 296 -34.46 -7.94 -35.93
CA TYR D 296 -35.34 -9.10 -36.11
C TYR D 296 -34.55 -10.38 -35.83
N SER D 297 -35.01 -11.17 -34.88
CA SER D 297 -34.39 -12.46 -34.58
C SER D 297 -35.41 -13.58 -34.35
N VAL D 298 -35.00 -14.81 -34.66
CA VAL D 298 -35.84 -16.02 -34.58
C VAL D 298 -35.19 -17.11 -33.71
N MET D 299 -35.98 -17.73 -32.86
CA MET D 299 -35.54 -18.92 -32.12
C MET D 299 -36.20 -20.14 -32.75
N ASP D 300 -35.37 -21.11 -33.16
CA ASP D 300 -35.86 -22.39 -33.67
C ASP D 300 -35.73 -23.44 -32.56
N ILE D 301 -36.76 -24.26 -32.39
CA ILE D 301 -36.72 -25.36 -31.42
C ILE D 301 -36.61 -26.64 -32.23
N CYS D 302 -35.48 -27.34 -32.10
CA CYS D 302 -35.23 -28.48 -32.98
C CYS D 302 -35.15 -29.83 -32.25
N ASP D 303 -35.89 -30.81 -32.75
CA ASP D 303 -36.04 -32.13 -32.14
C ASP D 303 -35.37 -33.22 -32.95
N TYR D 304 -34.65 -34.12 -32.28
CA TYR D 304 -34.10 -35.34 -32.92
C TYR D 304 -35.22 -36.33 -33.32
N ASP D 305 -35.09 -36.91 -34.52
CA ASP D 305 -36.03 -37.89 -35.05
C ASP D 305 -35.29 -39.21 -35.30
N GLU D 306 -35.58 -40.24 -34.49
CA GLU D 306 -34.94 -41.57 -34.64
C GLU D 306 -35.00 -42.14 -36.05
N SER D 307 -36.21 -42.38 -36.57
CA SER D 307 -36.41 -43.00 -37.88
C SER D 307 -35.60 -42.37 -39.04
N SER D 308 -35.51 -41.05 -39.07
CA SER D 308 -34.72 -40.35 -40.12
C SER D 308 -33.26 -40.10 -39.69
N GLY D 309 -33.07 -39.85 -38.39
CA GLY D 309 -31.76 -39.44 -37.87
C GLY D 309 -31.52 -37.94 -38.04
N ARG D 310 -32.57 -37.22 -38.40
CA ARG D 310 -32.47 -35.79 -38.68
C ARG D 310 -33.04 -35.01 -37.52
N TRP D 311 -32.92 -33.68 -37.60
CA TRP D 311 -33.48 -32.78 -36.61
C TRP D 311 -34.54 -31.92 -37.28
N ASN D 312 -35.76 -31.96 -36.76
CA ASN D 312 -36.86 -31.13 -37.30
C ASN D 312 -37.10 -29.87 -36.48
N CYS D 313 -37.08 -28.72 -37.15
CA CYS D 313 -37.26 -27.43 -36.50
C CYS D 313 -38.61 -26.85 -36.87
N LEU D 314 -39.67 -27.50 -36.38
CA LEU D 314 -41.05 -27.15 -36.73
C LEU D 314 -41.32 -25.64 -36.80
N VAL D 315 -41.67 -25.16 -38.00
CA VAL D 315 -42.06 -23.77 -38.22
C VAL D 315 -43.04 -23.23 -37.17
N ALA D 316 -43.93 -24.10 -36.69
CA ALA D 316 -44.94 -23.73 -35.69
C ALA D 316 -44.37 -23.49 -34.29
N ARG D 317 -43.08 -23.74 -34.07
CA ARG D 317 -42.46 -23.50 -32.77
C ARG D 317 -41.34 -22.48 -32.85
N GLN D 318 -41.26 -21.75 -33.96
CA GLN D 318 -40.32 -20.64 -34.07
C GLN D 318 -40.83 -19.54 -33.16
N HIS D 319 -39.91 -18.83 -32.48
CA HIS D 319 -40.32 -17.71 -31.64
C HIS D 319 -39.60 -16.42 -32.06
N ILE D 320 -40.38 -15.49 -32.61
CA ILE D 320 -39.85 -14.22 -33.08
C ILE D 320 -39.66 -13.26 -31.91
N GLU D 321 -38.47 -12.67 -31.86
CA GLU D 321 -38.18 -11.56 -30.97
C GLU D 321 -37.70 -10.42 -31.87
N MET D 322 -38.35 -9.26 -31.75
CA MET D 322 -37.95 -8.09 -32.55
C MET D 322 -38.06 -6.76 -31.82
N SER D 323 -37.40 -5.76 -32.38
CA SER D 323 -37.39 -4.41 -31.86
C SER D 323 -37.84 -3.45 -32.94
N THR D 324 -38.58 -2.45 -32.48
CA THR D 324 -39.14 -1.43 -33.33
C THR D 324 -38.36 -0.11 -33.10
N THR D 325 -37.97 0.11 -31.83
CA THR D 325 -37.22 1.29 -31.39
C THR D 325 -35.72 1.15 -31.66
N GLY D 326 -35.22 -0.07 -31.75
CA GLY D 326 -33.78 -0.28 -31.86
C GLY D 326 -33.39 -1.69 -32.27
N TRP D 327 -32.48 -2.30 -31.52
CA TRP D 327 -31.98 -3.66 -31.77
C TRP D 327 -32.47 -4.64 -30.72
N VAL D 328 -32.30 -5.92 -31.03
CA VAL D 328 -32.73 -7.01 -30.17
C VAL D 328 -31.60 -7.39 -29.22
N GLY D 329 -31.94 -7.50 -27.95
CA GLY D 329 -30.99 -7.81 -26.91
C GLY D 329 -30.25 -6.58 -26.42
N ARG D 330 -29.47 -6.76 -25.37
CA ARG D 330 -28.57 -5.74 -24.90
C ARG D 330 -27.46 -5.64 -25.90
N PHE D 331 -26.77 -6.76 -26.12
CA PHE D 331 -25.79 -6.90 -27.19
C PHE D 331 -26.19 -8.04 -28.13
N ARG D 332 -26.99 -8.94 -27.61
CA ARG D 332 -27.54 -10.02 -28.37
C ARG D 332 -28.77 -10.54 -27.67
N PRO D 333 -29.72 -11.08 -28.42
CA PRO D 333 -30.87 -11.71 -27.80
C PRO D 333 -30.49 -12.52 -26.57
N SER D 334 -31.36 -12.59 -25.57
CA SER D 334 -31.03 -13.34 -24.36
C SER D 334 -31.19 -14.85 -24.55
N GLU D 335 -30.49 -15.62 -23.72
CA GLU D 335 -30.56 -17.08 -23.71
C GLU D 335 -31.80 -17.63 -22.98
N PRO D 336 -32.45 -18.64 -23.55
CA PRO D 336 -33.63 -19.22 -22.89
C PRO D 336 -33.23 -20.08 -21.72
N HIS D 337 -34.12 -20.27 -20.75
CA HIS D 337 -33.84 -21.18 -19.67
C HIS D 337 -34.95 -22.19 -19.58
N PHE D 338 -34.68 -23.37 -20.09
CA PHE D 338 -35.71 -24.37 -20.28
C PHE D 338 -36.04 -25.05 -19.00
N THR D 339 -37.31 -25.33 -18.82
CA THR D 339 -37.79 -26.16 -17.72
C THR D 339 -37.24 -27.56 -17.96
N LEU D 340 -37.18 -28.37 -16.92
CA LEU D 340 -36.59 -29.73 -17.00
C LEU D 340 -37.05 -30.54 -18.21
N ASP D 341 -38.36 -30.52 -18.45
CA ASP D 341 -38.98 -31.22 -19.58
C ASP D 341 -38.79 -30.53 -20.94
N GLY D 342 -38.18 -29.35 -20.93
CA GLY D 342 -37.92 -28.61 -22.17
C GLY D 342 -39.13 -28.12 -22.95
N ASN D 343 -40.31 -28.13 -22.32
CA ASN D 343 -41.55 -27.75 -22.98
C ASN D 343 -41.86 -26.27 -22.88
N SER D 344 -41.08 -25.59 -22.04
CA SER D 344 -41.28 -24.20 -21.75
C SER D 344 -39.94 -23.61 -21.41
N PHE D 345 -39.86 -22.28 -21.43
CA PHE D 345 -38.66 -21.59 -21.03
C PHE D 345 -38.91 -20.16 -20.57
N TYR D 346 -37.91 -19.61 -19.88
CA TYR D 346 -37.89 -18.23 -19.47
C TYR D 346 -36.84 -17.51 -20.28
N LYS D 347 -37.12 -16.29 -20.71
CA LYS D 347 -36.02 -15.40 -21.06
C LYS D 347 -36.37 -13.93 -20.87
N ILE D 348 -35.30 -13.16 -20.74
CA ILE D 348 -35.42 -11.73 -20.52
C ILE D 348 -35.69 -11.10 -21.85
N ILE D 349 -36.79 -10.38 -21.96
CA ILE D 349 -37.05 -9.58 -23.13
C ILE D 349 -37.57 -8.21 -22.74
N SER D 350 -37.31 -7.25 -23.61
CA SER D 350 -37.89 -5.92 -23.47
C SER D 350 -39.40 -6.09 -23.41
N ASN D 351 -40.05 -5.42 -22.46
CA ASN D 351 -41.53 -5.47 -22.41
C ASN D 351 -42.09 -4.26 -23.12
N GLU D 352 -43.42 -4.15 -23.18
CA GLU D 352 -44.07 -3.05 -23.88
C GLU D 352 -43.66 -1.66 -23.37
N GLU D 353 -43.24 -1.59 -22.10
CA GLU D 353 -42.66 -0.36 -21.53
C GLU D 353 -41.18 -0.11 -21.89
N GLY D 354 -40.52 -1.08 -22.53
CA GLY D 354 -39.09 -0.96 -22.87
C GLY D 354 -38.15 -1.43 -21.79
N TYR D 355 -38.71 -2.04 -20.76
CA TYR D 355 -37.93 -2.57 -19.65
C TYR D 355 -37.79 -4.07 -19.80
N ARG D 356 -36.58 -4.55 -19.50
CA ARG D 356 -36.22 -5.94 -19.71
C ARG D 356 -36.60 -6.82 -18.54
N HIS D 357 -37.40 -7.85 -18.82
CA HIS D 357 -38.04 -8.67 -17.78
C HIS D 357 -38.22 -10.14 -18.17
N ILE D 358 -38.45 -10.99 -17.17
CA ILE D 358 -38.45 -12.41 -17.40
C ILE D 358 -39.79 -12.79 -18.01
N CYS D 359 -39.76 -13.42 -19.17
CA CYS D 359 -40.99 -13.86 -19.81
C CYS D 359 -41.04 -15.37 -19.96
N TYR D 360 -42.17 -15.97 -19.60
CA TYR D 360 -42.30 -17.42 -19.62
C TYR D 360 -42.99 -17.83 -20.92
N PHE D 361 -42.30 -18.67 -21.68
CA PHE D 361 -42.79 -19.09 -22.99
C PHE D 361 -43.12 -20.58 -22.95
N GLN D 362 -44.12 -20.98 -23.73
CA GLN D 362 -44.41 -22.39 -23.95
C GLN D 362 -44.05 -22.74 -25.39
N ILE D 363 -43.25 -23.80 -25.55
CA ILE D 363 -42.90 -24.34 -26.87
C ILE D 363 -44.01 -24.17 -27.94
N ASP D 364 -45.15 -24.81 -27.74
CA ASP D 364 -46.27 -24.71 -28.68
C ASP D 364 -46.88 -23.29 -28.81
N LYS D 365 -47.12 -22.61 -27.68
CA LYS D 365 -47.84 -21.32 -27.69
C LYS D 365 -46.96 -20.18 -28.21
N LYS D 366 -47.61 -19.08 -28.60
CA LYS D 366 -46.91 -17.96 -29.26
C LYS D 366 -46.60 -16.80 -28.30
N ASP D 367 -47.48 -16.58 -27.31
CA ASP D 367 -47.41 -15.42 -26.41
C ASP D 367 -46.84 -15.81 -25.04
N CYS D 368 -46.01 -14.95 -24.46
CA CYS D 368 -45.46 -15.25 -23.15
C CYS D 368 -46.27 -14.62 -22.01
N THR D 369 -45.90 -14.95 -20.78
CA THR D 369 -46.42 -14.30 -19.60
C THR D 369 -45.19 -13.69 -18.89
N PHE D 370 -45.19 -12.39 -18.69
CA PHE D 370 -44.12 -11.79 -17.91
C PHE D 370 -44.37 -12.11 -16.45
N ILE D 371 -43.31 -12.48 -15.73
CA ILE D 371 -43.43 -12.81 -14.31
C ILE D 371 -42.67 -11.79 -13.42
N THR D 372 -41.86 -10.94 -14.05
CA THR D 372 -41.38 -9.70 -13.42
C THR D 372 -41.83 -8.48 -14.22
N LYS D 373 -41.87 -7.33 -13.53
CA LYS D 373 -42.20 -6.05 -14.15
C LYS D 373 -41.71 -4.89 -13.29
N GLY D 374 -41.81 -3.68 -13.82
CA GLY D 374 -41.35 -2.48 -13.11
C GLY D 374 -40.37 -1.63 -13.89
N THR D 375 -40.03 -0.47 -13.34
CA THR D 375 -39.01 0.43 -13.92
C THR D 375 -37.64 0.10 -13.30
N TRP D 376 -37.15 -1.04 -13.73
CA TRP D 376 -35.84 -1.58 -13.40
C TRP D 376 -35.75 -2.79 -14.33
N GLU D 377 -34.59 -3.40 -14.43
CA GLU D 377 -34.40 -4.50 -15.36
C GLU D 377 -33.87 -5.74 -14.69
N VAL D 378 -34.34 -6.89 -15.14
CA VAL D 378 -33.73 -8.16 -14.81
C VAL D 378 -32.43 -8.25 -15.61
N ILE D 379 -31.32 -8.49 -14.90
CA ILE D 379 -29.99 -8.51 -15.49
C ILE D 379 -29.70 -9.89 -16.07
N GLY D 380 -29.88 -10.92 -15.27
CA GLY D 380 -29.75 -12.28 -15.73
C GLY D 380 -30.53 -13.29 -14.93
N ILE D 381 -30.99 -14.34 -15.61
CA ILE D 381 -31.58 -15.50 -14.95
C ILE D 381 -30.40 -16.38 -14.52
N GLU D 382 -30.28 -16.62 -13.22
CA GLU D 382 -29.10 -17.28 -12.69
C GLU D 382 -29.30 -18.74 -12.40
N ALA D 383 -30.53 -19.15 -12.16
CA ALA D 383 -30.80 -20.57 -11.93
C ALA D 383 -32.30 -20.83 -11.93
N LEU D 384 -32.68 -21.99 -12.42
CA LEU D 384 -34.07 -22.41 -12.42
C LEU D 384 -34.15 -23.78 -11.81
N THR D 385 -34.90 -23.92 -10.73
CA THR D 385 -35.31 -25.24 -10.26
C THR D 385 -36.74 -25.50 -10.71
N SER D 386 -37.39 -26.49 -10.11
CA SER D 386 -38.82 -26.73 -10.33
C SER D 386 -39.65 -25.87 -9.38
N ASP D 387 -39.03 -25.38 -8.31
CA ASP D 387 -39.72 -24.58 -7.29
C ASP D 387 -39.45 -23.07 -7.37
N TYR D 388 -38.23 -22.69 -7.75
CA TYR D 388 -37.84 -21.30 -7.75
C TYR D 388 -37.10 -20.92 -9.03
N LEU D 389 -37.27 -19.69 -9.48
CA LEU D 389 -36.40 -19.12 -10.50
C LEU D 389 -35.58 -18.06 -9.81
N TYR D 390 -34.26 -18.14 -9.99
CA TYR D 390 -33.35 -17.17 -9.39
C TYR D 390 -32.87 -16.22 -10.45
N TYR D 391 -32.80 -14.93 -10.10
CA TYR D 391 -32.35 -13.90 -11.03
C TYR D 391 -31.71 -12.73 -10.31
N ILE D 392 -31.01 -11.91 -11.10
CA ILE D 392 -30.31 -10.72 -10.64
C ILE D 392 -30.99 -9.51 -11.27
N SER D 393 -31.24 -8.48 -10.48
CA SER D 393 -31.83 -7.23 -10.99
C SER D 393 -31.35 -6.01 -10.24
N ASN D 394 -31.63 -4.85 -10.81
CA ASN D 394 -31.29 -3.58 -10.17
C ASN D 394 -32.49 -2.90 -9.49
N GLU D 395 -33.58 -3.65 -9.31
CA GLU D 395 -34.78 -3.23 -8.58
C GLU D 395 -34.51 -2.52 -7.28
N TYR D 396 -33.64 -3.09 -6.46
CA TYR D 396 -33.43 -2.57 -5.10
C TYR D 396 -33.17 -1.07 -5.07
N LYS D 397 -34.00 -0.34 -4.32
CA LYS D 397 -33.86 1.13 -4.15
C LYS D 397 -33.78 1.88 -5.48
N GLY D 398 -34.40 1.34 -6.52
CA GLY D 398 -34.30 1.92 -7.85
C GLY D 398 -32.91 2.42 -8.19
N MET D 399 -31.89 1.63 -7.87
CA MET D 399 -30.54 1.95 -8.26
C MET D 399 -30.18 1.12 -9.48
N PRO D 400 -30.08 1.76 -10.66
CA PRO D 400 -29.75 0.95 -11.82
C PRO D 400 -28.34 0.39 -11.78
N GLY D 401 -27.50 0.91 -10.87
CA GLY D 401 -26.11 0.48 -10.73
C GLY D 401 -25.88 -0.46 -9.55
N GLY D 402 -26.97 -0.87 -8.90
CA GLY D 402 -26.95 -1.96 -7.93
C GLY D 402 -27.36 -3.30 -8.56
N ARG D 403 -26.89 -4.40 -7.96
CA ARG D 403 -27.22 -5.76 -8.42
C ARG D 403 -27.55 -6.62 -7.20
N ASN D 404 -28.62 -7.40 -7.27
CA ASN D 404 -29.04 -8.27 -6.17
C ASN D 404 -29.66 -9.56 -6.66
N LEU D 405 -29.61 -10.59 -5.80
CA LEU D 405 -30.21 -11.88 -6.09
C LEU D 405 -31.62 -11.88 -5.58
N TYR D 406 -32.53 -12.32 -6.44
CA TYR D 406 -33.93 -12.49 -6.09
C TYR D 406 -34.32 -13.90 -6.46
N LYS D 407 -35.30 -14.47 -5.75
CA LYS D 407 -35.86 -15.75 -6.15
C LYS D 407 -37.35 -15.63 -6.31
N ILE D 408 -37.83 -16.08 -7.47
CA ILE D 408 -39.25 -16.11 -7.78
C ILE D 408 -39.80 -17.45 -7.31
N GLN D 409 -40.93 -17.43 -6.62
CA GLN D 409 -41.64 -18.67 -6.27
C GLN D 409 -42.52 -19.12 -7.45
N LEU D 410 -42.07 -20.16 -8.15
CA LEU D 410 -42.76 -20.68 -9.34
C LEU D 410 -44.26 -21.00 -9.15
N SER D 411 -44.68 -21.34 -7.92
CA SER D 411 -46.10 -21.64 -7.67
C SER D 411 -46.98 -20.38 -7.62
N ASP D 412 -46.36 -19.22 -7.44
CA ASP D 412 -47.05 -17.93 -7.44
C ASP D 412 -46.00 -16.84 -7.62
N TYR D 413 -45.78 -16.44 -8.87
CA TYR D 413 -44.65 -15.56 -9.22
C TYR D 413 -44.66 -14.20 -8.53
N THR D 414 -45.78 -13.81 -7.95
CA THR D 414 -45.84 -12.57 -7.19
C THR D 414 -45.06 -12.69 -5.87
N LYS D 415 -44.83 -13.92 -5.42
CA LYS D 415 -44.02 -14.13 -4.23
C LYS D 415 -42.55 -14.16 -4.60
N VAL D 416 -41.87 -13.06 -4.30
CA VAL D 416 -40.50 -12.85 -4.69
C VAL D 416 -39.70 -12.42 -3.46
N THR D 417 -38.57 -13.08 -3.20
CA THR D 417 -37.75 -12.73 -2.05
C THR D 417 -36.40 -12.20 -2.51
N CYS D 418 -35.86 -11.22 -1.79
CA CYS D 418 -34.51 -10.79 -2.04
C CYS D 418 -33.54 -11.50 -1.11
N LEU D 419 -32.64 -12.27 -1.71
CA LEU D 419 -31.64 -13.03 -0.95
C LEU D 419 -30.47 -12.17 -0.50
N SER D 420 -30.04 -11.24 -1.33
CA SER D 420 -28.83 -10.45 -1.08
C SER D 420 -29.07 -9.02 -0.58
N CYS D 421 -30.28 -8.51 -0.79
CA CYS D 421 -30.57 -7.12 -0.49
C CYS D 421 -30.13 -6.70 0.91
N GLU D 422 -30.59 -7.45 1.91
CA GLU D 422 -30.44 -7.06 3.32
C GLU D 422 -29.23 -7.63 4.00
N LEU D 423 -28.52 -8.56 3.34
CA LEU D 423 -27.43 -9.28 4.00
C LEU D 423 -26.44 -8.32 4.65
N ASN D 424 -26.04 -7.31 3.89
CA ASN D 424 -25.21 -6.23 4.41
C ASN D 424 -25.33 -5.01 3.52
N PRO D 425 -26.40 -4.21 3.72
CA PRO D 425 -26.82 -3.15 2.80
C PRO D 425 -25.85 -1.98 2.65
N GLU D 426 -25.11 -1.65 3.72
CA GLU D 426 -24.15 -0.55 3.69
C GLU D 426 -22.97 -0.99 2.86
N ARG D 427 -22.44 -2.18 3.16
CA ARG D 427 -21.25 -2.69 2.51
C ARG D 427 -21.50 -3.21 1.09
N CYS D 428 -22.71 -3.71 0.86
CA CYS D 428 -22.98 -4.62 -0.25
C CYS D 428 -24.25 -4.33 -1.06
N GLN D 429 -24.04 -3.78 -2.26
CA GLN D 429 -25.15 -3.45 -3.17
C GLN D 429 -24.90 -3.95 -4.58
N TYR D 430 -23.75 -4.56 -4.81
CA TYR D 430 -23.47 -5.26 -6.07
C TYR D 430 -23.19 -6.70 -5.76
N TYR D 431 -23.89 -7.58 -6.45
CA TYR D 431 -23.84 -8.99 -6.16
C TYR D 431 -23.84 -9.81 -7.42
N SER D 432 -23.01 -10.84 -7.46
CA SER D 432 -23.15 -11.92 -8.42
C SER D 432 -23.22 -13.23 -7.63
N VAL D 433 -23.64 -14.29 -8.30
CA VAL D 433 -23.95 -15.53 -7.63
C VAL D 433 -23.47 -16.73 -8.45
N SER D 434 -23.12 -17.81 -7.75
CA SER D 434 -22.69 -19.04 -8.39
C SER D 434 -23.36 -20.22 -7.69
N PHE D 435 -24.30 -20.86 -8.37
CA PHE D 435 -25.05 -21.97 -7.77
C PHE D 435 -24.38 -23.33 -7.92
N SER D 436 -24.58 -24.18 -6.92
CA SER D 436 -24.19 -25.57 -7.03
C SER D 436 -24.98 -26.24 -8.13
N LYS D 437 -24.53 -27.43 -8.52
CA LYS D 437 -25.01 -28.15 -9.71
C LYS D 437 -26.54 -28.19 -9.83
N GLU D 438 -27.24 -28.67 -8.80
CA GLU D 438 -28.73 -28.68 -8.78
C GLU D 438 -29.29 -27.47 -8.03
N ALA D 439 -28.45 -26.47 -7.79
CA ALA D 439 -28.87 -25.21 -7.19
C ALA D 439 -29.10 -25.28 -5.68
N LYS D 440 -28.80 -26.40 -5.04
CA LYS D 440 -29.06 -26.53 -3.61
C LYS D 440 -28.21 -25.61 -2.73
N TYR D 441 -27.14 -25.06 -3.27
CA TYR D 441 -26.27 -24.12 -2.54
C TYR D 441 -25.86 -22.99 -3.47
N TYR D 442 -25.47 -21.84 -2.89
CA TYR D 442 -24.95 -20.72 -3.68
C TYR D 442 -23.93 -19.86 -2.97
N GLN D 443 -22.89 -19.48 -3.74
CA GLN D 443 -21.93 -18.48 -3.34
C GLN D 443 -22.41 -17.11 -3.83
N LEU D 444 -22.36 -16.15 -2.92
CA LEU D 444 -22.70 -14.78 -3.21
C LEU D 444 -21.39 -14.02 -3.24
N ARG D 445 -21.14 -13.33 -4.35
CA ARG D 445 -19.98 -12.48 -4.49
C ARG D 445 -20.46 -11.04 -4.52
N CYS D 446 -19.93 -10.21 -3.62
CA CYS D 446 -20.37 -8.83 -3.46
C CYS D 446 -19.23 -7.87 -3.74
N SER D 447 -19.40 -7.00 -4.73
CA SER D 447 -18.30 -6.23 -5.31
C SER D 447 -18.22 -4.78 -4.86
N GLY D 448 -19.18 -4.36 -4.05
CA GLY D 448 -19.21 -3.01 -3.51
C GLY D 448 -20.58 -2.60 -3.00
N PRO D 449 -20.71 -1.38 -2.48
CA PRO D 449 -19.71 -0.30 -2.49
C PRO D 449 -18.53 -0.50 -1.54
N GLY D 450 -18.65 -1.39 -0.57
CA GLY D 450 -17.58 -1.64 0.38
C GLY D 450 -16.58 -2.64 -0.18
N LEU D 451 -15.73 -3.16 0.68
CA LEU D 451 -14.74 -4.17 0.27
C LEU D 451 -15.44 -5.45 -0.17
N PRO D 452 -14.94 -6.11 -1.24
CA PRO D 452 -15.59 -7.34 -1.67
C PRO D 452 -15.75 -8.35 -0.54
N LEU D 453 -16.85 -9.09 -0.58
CA LEU D 453 -17.22 -10.05 0.45
C LEU D 453 -17.73 -11.30 -0.22
N TYR D 454 -17.12 -12.44 0.04
CA TYR D 454 -17.56 -13.68 -0.56
C TYR D 454 -18.16 -14.53 0.53
N THR D 455 -19.36 -15.07 0.29
CA THR D 455 -20.07 -15.81 1.32
C THR D 455 -20.84 -16.96 0.72
N LEU D 456 -20.94 -18.04 1.49
CA LEU D 456 -21.60 -19.27 1.05
C LEU D 456 -22.97 -19.40 1.72
N HIS D 457 -23.96 -19.87 0.95
CA HIS D 457 -25.33 -19.98 1.45
C HIS D 457 -26.01 -21.27 1.00
N SER D 458 -26.96 -21.73 1.84
CA SER D 458 -27.85 -22.85 1.50
C SER D 458 -29.17 -22.31 0.92
N SER D 459 -29.66 -22.92 -0.16
CA SER D 459 -30.96 -22.56 -0.77
C SER D 459 -32.14 -23.05 0.06
N VAL D 460 -31.91 -24.03 0.91
CA VAL D 460 -32.98 -24.67 1.66
C VAL D 460 -33.72 -23.63 2.52
N ASN D 461 -32.99 -22.84 3.30
CA ASN D 461 -33.60 -21.73 4.06
C ASN D 461 -33.15 -20.38 3.57
N ASP D 462 -32.24 -20.38 2.59
CA ASP D 462 -31.38 -19.23 2.30
C ASP D 462 -30.60 -18.84 3.56
N LYS D 463 -30.21 -19.84 4.35
CA LYS D 463 -29.42 -19.63 5.57
C LYS D 463 -27.98 -19.27 5.20
N GLY D 464 -27.43 -18.26 5.87
CA GLY D 464 -26.08 -17.79 5.58
C GLY D 464 -25.13 -18.72 6.28
N LEU D 465 -24.40 -19.53 5.52
CA LEU D 465 -23.53 -20.53 6.13
C LEU D 465 -22.24 -19.91 6.62
N ARG D 466 -21.50 -19.27 5.72
CA ARG D 466 -20.20 -18.73 6.10
C ARG D 466 -19.65 -17.65 5.17
N VAL D 467 -18.65 -16.95 5.69
CA VAL D 467 -17.85 -16.00 4.96
C VAL D 467 -16.64 -16.73 4.38
N LEU D 468 -16.51 -16.69 3.05
CA LEU D 468 -15.40 -17.32 2.36
C LEU D 468 -14.20 -16.38 2.32
N GLU D 469 -14.46 -15.13 1.95
CA GLU D 469 -13.45 -14.09 1.94
C GLU D 469 -14.11 -12.75 2.26
N ASP D 470 -13.52 -12.02 3.20
CA ASP D 470 -14.02 -10.72 3.62
C ASP D 470 -12.97 -9.61 3.55
N ASN D 471 -11.80 -9.92 2.99
CA ASN D 471 -10.76 -8.92 2.72
C ASN D 471 -10.34 -8.05 3.89
N SER D 472 -10.41 -8.58 5.11
CA SER D 472 -9.99 -7.82 6.28
C SER D 472 -8.50 -7.44 6.18
N ALA D 473 -7.71 -8.22 5.45
CA ALA D 473 -6.30 -7.91 5.25
C ALA D 473 -6.15 -6.56 4.52
N LEU D 474 -6.89 -6.42 3.42
CA LEU D 474 -6.92 -5.14 2.71
C LEU D 474 -7.42 -4.00 3.60
N ASP D 475 -8.34 -4.31 4.51
CA ASP D 475 -8.94 -3.31 5.39
C ASP D 475 -7.90 -2.83 6.39
N LYS D 476 -7.38 -3.74 7.20
CA LYS D 476 -6.38 -3.39 8.23
C LYS D 476 -5.05 -3.12 7.53
N MET D 477 -5.01 -1.99 6.82
CA MET D 477 -4.00 -1.74 5.80
C MET D 477 -4.38 -0.44 5.06
N LEU D 478 -5.60 -0.41 4.52
CA LEU D 478 -6.19 0.81 3.94
C LEU D 478 -6.57 1.89 4.97
N GLN D 479 -6.63 1.55 6.24
CA GLN D 479 -6.96 2.55 7.26
C GLN D 479 -5.84 3.59 7.42
N ASN D 480 -4.59 3.16 7.21
CA ASN D 480 -3.45 4.09 7.17
C ASN D 480 -3.29 4.83 5.81
N VAL D 481 -4.30 4.74 4.96
CA VAL D 481 -4.29 5.43 3.67
C VAL D 481 -5.51 6.35 3.53
N GLN D 482 -5.26 7.58 3.12
CA GLN D 482 -6.36 8.52 2.89
C GLN D 482 -7.05 8.14 1.59
N MET D 483 -8.15 7.40 1.68
CA MET D 483 -8.86 6.91 0.50
C MET D 483 -9.85 7.95 -0.02
N PRO D 484 -10.15 7.91 -1.33
CA PRO D 484 -11.24 8.74 -1.82
C PRO D 484 -12.58 8.12 -1.44
N SER D 485 -13.64 8.90 -1.58
CA SER D 485 -15.00 8.40 -1.40
C SER D 485 -15.71 8.42 -2.74
N LYS D 486 -16.51 7.39 -2.99
CA LYS D 486 -17.39 7.35 -4.15
C LYS D 486 -18.73 7.94 -3.75
N LYS D 487 -19.27 8.78 -4.61
CA LYS D 487 -20.65 9.24 -4.50
C LYS D 487 -21.38 8.80 -5.75
N LEU D 488 -22.41 7.99 -5.55
CA LEU D 488 -23.28 7.51 -6.62
C LEU D 488 -24.60 8.23 -6.45
N ASP D 489 -25.00 8.99 -7.46
CA ASP D 489 -26.24 9.75 -7.40
C ASP D 489 -26.70 10.05 -8.84
N PHE D 490 -27.70 10.92 -8.99
CA PHE D 490 -28.22 11.25 -10.29
C PHE D 490 -28.55 12.73 -10.42
N ILE D 491 -28.72 13.17 -11.66
CA ILE D 491 -29.20 14.49 -11.97
C ILE D 491 -30.39 14.28 -12.93
N ILE D 492 -31.24 15.29 -13.06
CA ILE D 492 -32.46 15.19 -13.88
C ILE D 492 -32.40 16.04 -15.15
N LEU D 493 -32.52 15.39 -16.31
CA LEU D 493 -32.59 16.07 -17.61
C LEU D 493 -33.83 15.60 -18.37
N ASN D 494 -34.77 16.52 -18.59
CA ASN D 494 -36.00 16.25 -19.34
C ASN D 494 -36.80 15.13 -18.69
N GLU D 495 -37.19 15.31 -17.43
CA GLU D 495 -37.99 14.32 -16.67
C GLU D 495 -37.34 12.95 -16.39
N THR D 496 -36.10 12.75 -16.85
CA THR D 496 -35.40 11.45 -16.75
C THR D 496 -34.29 11.52 -15.72
N LYS D 497 -34.18 10.50 -14.86
CA LYS D 497 -33.02 10.38 -14.01
C LYS D 497 -31.86 9.91 -14.86
N PHE D 498 -30.71 10.57 -14.72
CA PHE D 498 -29.45 10.05 -15.25
C PHE D 498 -28.43 10.02 -14.15
N TRP D 499 -27.71 8.91 -14.05
CA TRP D 499 -26.84 8.64 -12.91
C TRP D 499 -25.38 8.92 -13.21
N TYR D 500 -24.62 9.16 -12.14
CA TYR D 500 -23.21 9.47 -12.25
C TYR D 500 -22.52 9.05 -10.97
N GLN D 501 -21.22 8.80 -11.07
CA GLN D 501 -20.43 8.59 -9.87
C GLN D 501 -19.24 9.51 -9.88
N MET D 502 -18.79 9.85 -8.68
CA MET D 502 -17.63 10.70 -8.48
C MET D 502 -16.69 10.06 -7.51
N ILE D 503 -15.45 9.86 -7.93
CA ILE D 503 -14.44 9.50 -6.96
C ILE D 503 -14.01 10.85 -6.39
N LEU D 504 -14.21 11.02 -5.09
CA LEU D 504 -13.94 12.27 -4.44
C LEU D 504 -12.67 12.15 -3.61
N PRO D 505 -11.77 13.16 -3.68
CA PRO D 505 -10.57 13.10 -2.86
C PRO D 505 -10.88 12.97 -1.37
N PRO D 506 -9.90 12.50 -0.58
CA PRO D 506 -10.09 12.48 0.87
C PRO D 506 -10.41 13.87 1.39
N HIS D 507 -11.03 13.98 2.56
CA HIS D 507 -11.25 15.29 3.14
C HIS D 507 -11.86 16.28 2.15
N PHE D 508 -12.67 15.75 1.23
CA PHE D 508 -13.29 16.56 0.18
C PHE D 508 -14.07 17.71 0.80
N ASP D 509 -13.83 18.92 0.30
CA ASP D 509 -14.42 20.14 0.83
C ASP D 509 -15.19 20.85 -0.27
N LYS D 510 -16.48 21.09 -0.04
CA LYS D 510 -17.34 21.66 -1.09
C LYS D 510 -17.13 23.17 -1.27
N SER D 511 -16.40 23.79 -0.35
CA SER D 511 -15.91 25.17 -0.51
C SER D 511 -14.88 25.29 -1.62
N LYS D 512 -14.19 24.20 -1.93
CA LYS D 512 -13.07 24.21 -2.86
C LYS D 512 -13.47 23.91 -4.30
N LYS D 513 -12.76 24.56 -5.22
CA LYS D 513 -12.86 24.25 -6.63
C LYS D 513 -11.83 23.19 -6.95
N TYR D 514 -12.30 21.95 -7.12
CA TYR D 514 -11.43 20.84 -7.47
C TYR D 514 -11.36 20.75 -8.98
N PRO D 515 -10.20 20.35 -9.53
CA PRO D 515 -10.13 20.02 -10.94
C PRO D 515 -10.84 18.70 -11.21
N LEU D 516 -11.45 18.56 -12.38
CA LEU D 516 -12.27 17.39 -12.66
C LEU D 516 -11.88 16.64 -13.94
N LEU D 517 -11.70 15.33 -13.78
CA LEU D 517 -11.56 14.44 -14.90
C LEU D 517 -12.84 13.64 -15.09
N LEU D 518 -13.25 13.52 -16.35
CA LEU D 518 -14.45 12.76 -16.71
C LEU D 518 -14.10 11.45 -17.41
N ASP D 519 -14.34 10.32 -16.72
CA ASP D 519 -13.97 8.97 -17.18
C ASP D 519 -15.16 8.46 -17.97
N VAL D 520 -14.99 8.30 -19.28
CA VAL D 520 -16.14 8.06 -20.17
C VAL D 520 -16.01 6.76 -20.96
N TYR D 521 -17.13 6.04 -21.05
CA TYR D 521 -17.31 4.91 -21.94
C TYR D 521 -18.45 5.32 -22.86
N ALA D 522 -19.65 5.35 -22.31
CA ALA D 522 -20.85 5.90 -22.95
C ALA D 522 -21.30 5.18 -24.22
N GLY D 523 -20.85 3.95 -24.42
CA GLY D 523 -21.29 3.14 -25.55
C GLY D 523 -22.66 2.59 -25.24
N PRO D 524 -23.38 2.12 -26.26
CA PRO D 524 -24.70 1.56 -26.06
C PRO D 524 -24.70 0.47 -24.98
N CYS D 525 -25.62 0.58 -24.04
CA CYS D 525 -25.68 -0.34 -22.90
C CYS D 525 -24.49 -0.24 -21.93
N SER D 526 -23.65 0.77 -22.08
CA SER D 526 -22.62 1.05 -21.10
C SER D 526 -23.24 1.39 -19.76
N GLN D 527 -22.52 1.17 -18.68
CA GLN D 527 -22.92 1.68 -17.37
C GLN D 527 -21.66 1.91 -16.54
N LYS D 528 -21.26 3.17 -16.38
CA LYS D 528 -20.07 3.54 -15.61
C LYS D 528 -20.42 4.08 -14.23
N ALA D 529 -21.71 4.09 -13.91
CA ALA D 529 -22.17 4.56 -12.62
C ALA D 529 -22.79 3.39 -11.87
N ASP D 530 -22.03 2.83 -10.93
CA ASP D 530 -22.47 1.66 -10.19
C ASP D 530 -21.90 1.66 -8.78
N THR D 531 -22.29 0.65 -8.01
CA THR D 531 -21.90 0.53 -6.61
C THR D 531 -20.68 -0.39 -6.45
N VAL D 532 -20.01 -0.71 -7.55
CA VAL D 532 -18.81 -1.51 -7.50
C VAL D 532 -17.66 -0.74 -6.85
N PHE D 533 -16.89 -1.43 -6.01
CA PHE D 533 -15.70 -0.86 -5.39
C PHE D 533 -14.47 -1.15 -6.25
N ARG D 534 -13.58 -0.17 -6.37
CA ARG D 534 -12.42 -0.32 -7.26
C ARG D 534 -11.14 0.37 -6.77
N LEU D 535 -10.03 -0.30 -7.01
CA LEU D 535 -8.73 0.32 -6.89
C LEU D 535 -8.14 0.49 -8.28
N ASN D 536 -8.07 1.72 -8.74
CA ASN D 536 -7.57 2.00 -10.07
C ASN D 536 -6.93 3.38 -10.22
N TRP D 537 -6.68 3.78 -11.45
CA TRP D 537 -6.07 5.06 -11.78
C TRP D 537 -6.79 6.25 -11.11
N ALA D 538 -8.12 6.24 -11.14
CA ALA D 538 -8.93 7.26 -10.52
C ALA D 538 -8.71 7.29 -9.01
N THR D 539 -8.65 6.12 -8.39
CA THR D 539 -8.36 6.05 -6.96
C THR D 539 -7.08 6.83 -6.68
N TYR D 540 -6.08 6.68 -7.55
CA TYR D 540 -4.84 7.46 -7.46
C TYR D 540 -5.06 8.96 -7.71
N LEU D 541 -5.76 9.30 -8.78
CA LEU D 541 -6.01 10.70 -9.11
C LEU D 541 -6.79 11.44 -8.01
N ALA D 542 -7.67 10.72 -7.31
CA ALA D 542 -8.45 11.35 -6.26
C ALA D 542 -7.66 11.40 -4.95
N SER D 543 -6.98 10.31 -4.62
CA SER D 543 -6.25 10.21 -3.35
C SER D 543 -5.00 11.08 -3.31
N THR D 544 -4.20 11.02 -4.36
CA THR D 544 -2.97 11.80 -4.44
C THR D 544 -3.23 13.19 -5.06
N GLU D 545 -3.73 13.24 -6.28
CA GLU D 545 -3.75 14.50 -7.03
C GLU D 545 -4.93 15.45 -6.73
N ASN D 546 -5.85 15.00 -5.88
CA ASN D 546 -7.06 15.77 -5.59
C ASN D 546 -7.81 16.13 -6.86
N ILE D 547 -8.03 15.15 -7.73
CA ILE D 547 -8.85 15.34 -8.92
C ILE D 547 -10.12 14.55 -8.76
N ILE D 548 -11.27 15.18 -8.99
CA ILE D 548 -12.52 14.43 -8.98
C ILE D 548 -12.60 13.68 -10.29
N VAL D 549 -12.50 12.36 -10.22
CA VAL D 549 -12.82 11.54 -11.37
C VAL D 549 -14.31 11.26 -11.29
N ALA D 550 -15.01 11.57 -12.37
CA ALA D 550 -16.44 11.33 -12.45
C ALA D 550 -16.73 10.56 -13.70
N SER D 551 -17.89 9.90 -13.69
CA SER D 551 -18.44 9.20 -14.85
C SER D 551 -19.93 9.49 -14.88
N PHE D 552 -20.56 9.39 -16.04
CA PHE D 552 -21.96 9.70 -16.16
C PHE D 552 -22.60 8.83 -17.22
N ASP D 553 -23.68 8.15 -16.84
CA ASP D 553 -24.45 7.31 -17.77
C ASP D 553 -25.61 8.13 -18.33
N GLY D 554 -25.44 8.65 -19.54
CA GLY D 554 -26.50 9.37 -20.21
C GLY D 554 -27.23 8.49 -21.19
N ARG D 555 -27.76 9.10 -22.25
CA ARG D 555 -28.54 8.37 -23.25
C ARG D 555 -27.66 7.41 -24.03
N GLY D 556 -28.24 6.25 -24.32
CA GLY D 556 -27.46 5.12 -24.80
C GLY D 556 -27.14 4.13 -23.69
N SER D 557 -26.93 4.63 -22.48
CA SER D 557 -26.54 3.76 -21.36
C SER D 557 -27.63 2.73 -21.04
N GLY D 558 -27.24 1.67 -20.31
CA GLY D 558 -28.03 0.46 -20.17
C GLY D 558 -28.67 0.20 -18.83
N TYR D 559 -29.41 -0.90 -18.75
CA TYR D 559 -30.07 -1.36 -17.54
C TYR D 559 -31.05 -0.37 -16.94
N GLN D 560 -31.54 0.57 -17.74
CA GLN D 560 -32.49 1.61 -17.33
C GLN D 560 -33.67 1.67 -18.32
N GLY D 561 -33.84 0.61 -19.10
CA GLY D 561 -34.89 0.55 -20.11
C GLY D 561 -34.45 0.99 -21.49
N ASP D 562 -35.31 0.71 -22.47
CA ASP D 562 -35.00 0.93 -23.87
C ASP D 562 -35.14 2.39 -24.30
N LYS D 563 -36.02 3.15 -23.65
CA LYS D 563 -36.16 4.55 -24.01
C LYS D 563 -34.79 5.21 -23.91
N ILE D 564 -34.11 5.00 -22.79
CA ILE D 564 -32.74 5.49 -22.62
C ILE D 564 -31.73 4.82 -23.55
N MET D 565 -31.78 3.49 -23.63
CA MET D 565 -30.73 2.74 -24.32
C MET D 565 -30.82 2.89 -25.84
N HIS D 566 -32.03 2.84 -26.40
CA HIS D 566 -32.21 2.99 -27.85
C HIS D 566 -32.22 4.46 -28.29
N ALA D 567 -31.90 5.39 -27.37
CA ALA D 567 -31.91 6.81 -27.70
C ALA D 567 -30.85 7.12 -28.74
N ILE D 568 -29.72 6.39 -28.74
CA ILE D 568 -28.63 6.63 -29.72
C ILE D 568 -28.73 5.77 -30.99
N ASN D 569 -29.85 5.07 -31.14
CA ASN D 569 -30.07 4.17 -32.28
C ASN D 569 -29.93 4.85 -33.62
N ARG D 570 -29.07 4.31 -34.47
CA ARG D 570 -28.74 4.90 -35.77
C ARG D 570 -28.05 6.26 -35.66
N ARG D 571 -27.55 6.60 -34.48
CA ARG D 571 -27.09 7.95 -34.19
C ARG D 571 -25.95 7.95 -33.17
N LEU D 572 -24.95 7.10 -33.38
CA LEU D 572 -23.75 7.14 -32.52
C LEU D 572 -23.01 8.47 -32.74
N GLY D 573 -22.30 8.92 -31.73
CA GLY D 573 -21.62 10.21 -31.78
C GLY D 573 -22.55 11.40 -31.71
N THR D 574 -23.72 11.21 -31.10
CA THR D 574 -24.68 12.30 -30.94
C THR D 574 -25.08 12.47 -29.48
N PHE D 575 -26.15 11.80 -29.05
CA PHE D 575 -26.70 12.05 -27.72
C PHE D 575 -25.77 11.65 -26.58
N GLU D 576 -25.09 10.54 -26.73
CA GLU D 576 -24.13 10.13 -25.72
C GLU D 576 -22.98 11.15 -25.56
N VAL D 577 -22.64 11.84 -26.65
CA VAL D 577 -21.62 12.88 -26.62
C VAL D 577 -22.20 14.13 -25.93
N GLU D 578 -23.31 14.64 -26.44
CA GLU D 578 -23.96 15.81 -25.83
C GLU D 578 -24.16 15.63 -24.33
N ASP D 579 -24.55 14.44 -23.92
CA ASP D 579 -24.85 14.18 -22.51
C ASP D 579 -23.61 14.25 -21.63
N GLN D 580 -22.46 13.89 -22.17
CA GLN D 580 -21.23 14.05 -21.41
C GLN D 580 -20.89 15.52 -21.22
N ILE D 581 -21.14 16.37 -22.22
CA ILE D 581 -20.84 17.80 -22.11
C ILE D 581 -21.75 18.40 -21.06
N GLU D 582 -23.00 17.93 -21.04
CA GLU D 582 -23.98 18.37 -20.06
C GLU D 582 -23.61 17.96 -18.62
N ALA D 583 -23.25 16.70 -18.43
CA ALA D 583 -22.78 16.26 -17.12
C ALA D 583 -21.70 17.20 -16.57
N ALA D 584 -20.73 17.58 -17.42
CA ALA D 584 -19.71 18.56 -17.05
C ALA D 584 -20.36 19.86 -16.62
N ARG D 585 -21.30 20.34 -17.43
CA ARG D 585 -21.99 21.58 -17.11
C ARG D 585 -22.69 21.45 -15.75
N GLN D 586 -23.36 20.33 -15.51
CA GLN D 586 -24.02 20.09 -14.22
C GLN D 586 -23.01 20.03 -13.06
N PHE D 587 -21.88 19.37 -13.29
CA PHE D 587 -20.85 19.24 -12.26
C PHE D 587 -20.19 20.60 -11.94
N SER D 588 -20.01 21.45 -12.94
CA SER D 588 -19.56 22.83 -12.73
C SER D 588 -20.58 23.62 -11.95
N LYS D 589 -21.86 23.44 -12.30
CA LYS D 589 -22.96 24.15 -11.66
C LYS D 589 -23.19 23.63 -10.21
N MET D 590 -22.66 22.46 -9.88
CA MET D 590 -22.69 21.96 -8.50
C MET D 590 -21.78 22.75 -7.56
N GLY D 591 -20.84 23.50 -8.14
CA GLY D 591 -20.12 24.55 -7.41
C GLY D 591 -18.79 24.19 -6.77
N PHE D 592 -18.37 22.93 -6.89
CA PHE D 592 -17.10 22.49 -6.33
C PHE D 592 -16.13 22.02 -7.41
N VAL D 593 -16.32 22.54 -8.62
CA VAL D 593 -15.46 22.21 -9.75
C VAL D 593 -14.79 23.49 -10.29
N ASP D 594 -13.51 23.39 -10.58
CA ASP D 594 -12.78 24.44 -11.25
C ASP D 594 -13.07 24.34 -12.75
N ASN D 595 -13.88 25.25 -13.27
CA ASN D 595 -14.17 25.35 -14.70
C ASN D 595 -12.94 25.39 -15.60
N LYS D 596 -11.82 25.94 -15.08
CA LYS D 596 -10.61 26.08 -15.87
C LYS D 596 -9.85 24.76 -16.02
N ARG D 597 -10.18 23.76 -15.18
CA ARG D 597 -9.47 22.48 -15.19
C ARG D 597 -10.42 21.28 -15.25
N ILE D 598 -11.11 21.13 -16.38
CA ILE D 598 -11.94 19.96 -16.61
C ILE D 598 -11.42 19.13 -17.77
N ALA D 599 -10.96 17.92 -17.48
CA ALA D 599 -10.49 17.01 -18.52
C ALA D 599 -11.48 15.89 -18.77
N ILE D 600 -11.22 15.15 -19.84
CA ILE D 600 -12.07 14.04 -20.26
C ILE D 600 -11.20 12.95 -20.90
N TRP D 601 -11.40 11.70 -20.52
CA TRP D 601 -10.60 10.66 -21.13
C TRP D 601 -11.37 9.34 -21.24
N GLY D 602 -10.84 8.45 -22.06
CA GLY D 602 -11.43 7.13 -22.19
C GLY D 602 -10.80 6.28 -23.27
N TRP D 603 -11.41 5.11 -23.43
CA TRP D 603 -10.85 3.98 -24.14
C TRP D 603 -11.94 3.40 -25.06
N SER D 604 -11.59 3.01 -26.29
CA SER D 604 -12.56 2.42 -27.23
C SER D 604 -13.62 3.45 -27.56
N TYR D 605 -14.88 3.02 -27.52
CA TYR D 605 -16.01 3.93 -27.53
C TYR D 605 -15.72 5.18 -26.69
N GLY D 606 -15.18 4.96 -25.51
CA GLY D 606 -14.88 6.05 -24.60
C GLY D 606 -13.94 7.08 -25.21
N GLY D 607 -12.93 6.58 -25.90
CA GLY D 607 -11.97 7.44 -26.58
C GLY D 607 -12.53 8.15 -27.79
N TYR D 608 -13.52 7.53 -28.43
CA TYR D 608 -14.30 8.17 -29.48
C TYR D 608 -15.13 9.31 -28.88
N VAL D 609 -15.85 9.04 -27.80
CA VAL D 609 -16.64 10.09 -27.16
C VAL D 609 -15.72 11.23 -26.71
N THR D 610 -14.63 10.89 -26.04
CA THR D 610 -13.67 11.87 -25.60
C THR D 610 -13.27 12.73 -26.76
N SER D 611 -12.95 12.07 -27.87
CA SER D 611 -12.44 12.78 -29.04
C SER D 611 -13.54 13.62 -29.66
N MET D 612 -14.76 13.10 -29.68
CA MET D 612 -15.90 13.84 -30.21
C MET D 612 -16.21 15.07 -29.33
N VAL D 613 -16.09 14.90 -28.02
CA VAL D 613 -16.30 15.99 -27.07
C VAL D 613 -15.24 17.09 -27.21
N LEU D 614 -13.97 16.71 -27.26
CA LEU D 614 -12.90 17.68 -27.43
C LEU D 614 -13.03 18.42 -28.75
N GLY D 615 -13.57 17.75 -29.77
CA GLY D 615 -13.74 18.36 -31.10
C GLY D 615 -15.06 19.09 -31.29
N SER D 616 -15.83 19.20 -30.21
CA SER D 616 -17.21 19.68 -30.28
C SER D 616 -17.34 21.20 -30.30
N GLY D 617 -16.30 21.89 -29.84
CA GLY D 617 -16.35 23.33 -29.66
C GLY D 617 -17.21 23.74 -28.48
N SER D 618 -17.45 22.82 -27.54
CA SER D 618 -18.26 23.15 -26.35
C SER D 618 -17.57 24.20 -25.50
N GLY D 619 -16.25 24.11 -25.44
CA GLY D 619 -15.48 25.00 -24.61
C GLY D 619 -15.43 24.60 -23.16
N VAL D 620 -16.13 23.53 -22.80
CA VAL D 620 -16.22 23.13 -21.41
C VAL D 620 -14.91 22.48 -20.99
N PHE D 621 -14.30 21.72 -21.89
CA PHE D 621 -13.11 20.91 -21.58
C PHE D 621 -11.77 21.53 -22.01
N LYS D 622 -10.79 21.45 -21.11
CA LYS D 622 -9.45 21.98 -21.34
C LYS D 622 -8.58 20.98 -22.10
N CYS D 623 -8.65 19.72 -21.70
CA CYS D 623 -7.83 18.67 -22.31
C CYS D 623 -8.54 17.33 -22.31
N GLY D 624 -7.94 16.37 -23.02
CA GLY D 624 -8.44 14.99 -22.99
C GLY D 624 -7.46 13.98 -23.50
N ILE D 625 -7.74 12.70 -23.20
CA ILE D 625 -6.90 11.57 -23.62
C ILE D 625 -7.76 10.50 -24.23
N ALA D 626 -7.46 10.11 -25.47
CA ALA D 626 -8.21 9.09 -26.15
C ALA D 626 -7.29 7.91 -26.29
N VAL D 627 -7.64 6.78 -25.69
CA VAL D 627 -6.82 5.56 -25.77
C VAL D 627 -7.53 4.53 -26.64
N ALA D 628 -6.84 4.05 -27.68
CA ALA D 628 -7.44 3.15 -28.66
C ALA D 628 -8.86 3.59 -29.02
N PRO D 629 -9.04 4.84 -29.47
CA PRO D 629 -10.37 5.31 -29.86
C PRO D 629 -10.86 4.72 -31.16
N VAL D 630 -12.17 4.65 -31.30
CA VAL D 630 -12.81 4.55 -32.60
C VAL D 630 -12.84 5.98 -33.15
N SER D 631 -12.50 6.12 -34.42
CA SER D 631 -12.47 7.43 -35.07
C SER D 631 -13.54 7.53 -36.14
N ARG D 632 -13.98 6.39 -36.66
CA ARG D 632 -14.88 6.38 -37.79
C ARG D 632 -15.50 5.01 -37.83
N TRP D 633 -16.82 4.97 -37.86
CA TRP D 633 -17.53 3.71 -37.66
C TRP D 633 -17.34 2.72 -38.81
N GLU D 634 -17.03 3.22 -40.01
CA GLU D 634 -16.66 2.32 -41.12
C GLU D 634 -15.41 1.51 -40.83
N TYR D 635 -14.64 1.91 -39.81
CA TYR D 635 -13.41 1.22 -39.46
C TYR D 635 -13.64 0.13 -38.45
N TYR D 636 -14.79 0.12 -37.79
CA TYR D 636 -14.96 -0.86 -36.73
C TYR D 636 -15.72 -2.07 -37.28
N ASP D 637 -15.74 -3.18 -36.53
CA ASP D 637 -16.31 -4.43 -37.05
C ASP D 637 -17.80 -4.33 -37.29
N SER D 638 -18.31 -5.18 -38.15
CA SER D 638 -19.70 -5.11 -38.59
C SER D 638 -20.72 -5.46 -37.49
N VAL D 639 -20.50 -6.52 -36.73
CA VAL D 639 -21.55 -7.02 -35.84
C VAL D 639 -21.94 -5.98 -34.78
N TYR D 640 -20.94 -5.34 -34.20
CA TYR D 640 -21.16 -4.27 -33.23
C TYR D 640 -21.70 -3.04 -33.92
N THR D 641 -20.91 -2.48 -34.82
CA THR D 641 -21.19 -1.16 -35.38
C THR D 641 -22.57 -1.15 -35.99
N GLU D 642 -22.91 -2.17 -36.76
CA GLU D 642 -24.14 -2.15 -37.54
C GLU D 642 -25.39 -2.33 -36.69
N ARG D 643 -25.26 -3.05 -35.58
CA ARG D 643 -26.33 -3.15 -34.61
C ARG D 643 -26.90 -1.75 -34.29
N TYR D 644 -25.97 -0.80 -34.17
CA TYR D 644 -26.30 0.54 -33.76
C TYR D 644 -26.43 1.48 -34.95
N MET D 645 -25.64 1.24 -35.98
CA MET D 645 -25.51 2.22 -37.07
C MET D 645 -26.17 1.79 -38.38
N GLY D 646 -26.71 0.58 -38.42
CA GLY D 646 -27.14 0.00 -39.67
C GLY D 646 -25.99 -0.09 -40.66
N LEU D 647 -26.31 -0.21 -41.93
CA LEU D 647 -25.28 -0.32 -42.94
C LEU D 647 -24.83 1.08 -43.38
N PRO D 648 -23.55 1.22 -43.79
CA PRO D 648 -23.05 2.47 -44.30
C PRO D 648 -23.25 2.57 -45.80
N THR D 649 -24.52 2.58 -46.21
CA THR D 649 -24.91 2.73 -47.61
C THR D 649 -25.89 3.89 -47.80
N PRO D 650 -25.94 4.46 -49.01
CA PRO D 650 -26.94 5.48 -49.35
C PRO D 650 -28.35 5.07 -48.97
N GLU D 651 -28.66 3.78 -49.08
CA GLU D 651 -30.01 3.27 -48.81
C GLU D 651 -30.26 3.01 -47.32
N ASP D 652 -29.23 3.11 -46.50
CA ASP D 652 -29.39 2.93 -45.07
C ASP D 652 -28.90 4.18 -44.32
N ASN D 653 -27.65 4.21 -43.90
CA ASN D 653 -27.23 5.22 -42.92
C ASN D 653 -25.84 5.81 -43.18
N LEU D 654 -25.42 5.80 -44.44
CA LEU D 654 -24.11 6.36 -44.85
C LEU D 654 -23.88 7.80 -44.38
N ASP D 655 -24.88 8.68 -44.50
CA ASP D 655 -24.68 10.09 -44.12
C ASP D 655 -24.26 10.26 -42.67
N HIS D 656 -24.89 9.51 -41.77
CA HIS D 656 -24.53 9.67 -40.36
C HIS D 656 -23.17 9.03 -40.06
N TYR D 657 -22.80 7.99 -40.80
CA TYR D 657 -21.44 7.44 -40.74
C TYR D 657 -20.48 8.55 -41.16
N ARG D 658 -20.83 9.25 -42.23
CA ARG D 658 -20.06 10.39 -42.69
C ARG D 658 -19.98 11.48 -41.63
N ASN D 659 -21.10 11.80 -40.96
CA ASN D 659 -21.16 12.91 -39.99
C ASN D 659 -20.45 12.58 -38.67
N SER D 660 -20.52 11.32 -38.24
CA SER D 660 -20.08 10.94 -36.91
C SER D 660 -18.58 10.62 -36.76
N THR D 661 -17.73 11.14 -37.65
CA THR D 661 -16.31 10.85 -37.57
C THR D 661 -15.60 11.85 -36.66
N VAL D 662 -14.55 11.41 -35.98
CA VAL D 662 -13.71 12.34 -35.22
C VAL D 662 -12.95 13.30 -36.19
N MET D 663 -12.46 12.77 -37.30
CA MET D 663 -11.63 13.55 -38.22
C MET D 663 -12.29 14.87 -38.68
N SER D 664 -13.60 14.81 -38.93
CA SER D 664 -14.32 15.98 -39.42
C SER D 664 -14.34 17.13 -38.40
N ARG D 665 -14.05 16.84 -37.12
CA ARG D 665 -13.96 17.86 -36.07
C ARG D 665 -12.55 18.32 -35.74
N ALA D 666 -11.56 17.88 -36.52
CA ALA D 666 -10.14 18.20 -36.32
C ALA D 666 -9.88 19.67 -36.01
N GLU D 667 -10.46 20.55 -36.81
CA GLU D 667 -10.23 21.98 -36.64
C GLU D 667 -10.38 22.41 -35.18
N ASN D 668 -11.39 21.87 -34.51
CA ASN D 668 -11.72 22.28 -33.15
C ASN D 668 -10.81 21.71 -32.05
N PHE D 669 -9.86 20.86 -32.42
CA PHE D 669 -8.85 20.44 -31.46
C PHE D 669 -7.84 21.55 -31.20
N LYS D 670 -7.92 22.64 -31.96
CA LYS D 670 -7.18 23.86 -31.60
C LYS D 670 -7.64 24.38 -30.25
N GLN D 671 -8.86 24.03 -29.85
CA GLN D 671 -9.45 24.53 -28.59
C GLN D 671 -9.12 23.71 -27.35
N VAL D 672 -8.43 22.58 -27.51
CA VAL D 672 -8.10 21.70 -26.40
C VAL D 672 -6.63 21.31 -26.38
N GLU D 673 -6.22 20.62 -25.33
CA GLU D 673 -4.98 19.82 -25.32
C GLU D 673 -5.33 18.34 -25.37
N TYR D 674 -4.74 17.61 -26.30
CA TYR D 674 -5.16 16.26 -26.66
C TYR D 674 -4.00 15.30 -26.62
N LEU D 675 -4.21 14.15 -26.00
CA LEU D 675 -3.24 13.06 -26.02
C LEU D 675 -3.91 11.88 -26.69
N LEU D 676 -3.29 11.36 -27.76
CA LEU D 676 -3.81 10.23 -28.50
C LEU D 676 -2.86 9.06 -28.33
N ILE D 677 -3.37 7.96 -27.78
CA ILE D 677 -2.56 6.78 -27.49
C ILE D 677 -3.20 5.57 -28.14
N HIS D 678 -2.41 4.77 -28.86
CA HIS D 678 -2.95 3.57 -29.50
C HIS D 678 -1.82 2.53 -29.62
N GLY D 679 -2.11 1.27 -29.28
CA GLY D 679 -1.15 0.19 -29.49
C GLY D 679 -1.16 -0.29 -30.94
N THR D 680 0.02 -0.54 -31.51
CA THR D 680 0.15 -0.84 -32.94
C THR D 680 -0.37 -2.21 -33.36
N ALA D 681 -0.31 -3.20 -32.50
CA ALA D 681 -0.81 -4.53 -32.83
C ALA D 681 -2.24 -4.70 -32.31
N ASP D 682 -3.07 -3.67 -32.43
CA ASP D 682 -4.44 -3.72 -31.92
C ASP D 682 -5.33 -4.34 -32.98
N ASP D 683 -5.84 -5.53 -32.68
CA ASP D 683 -6.61 -6.31 -33.64
C ASP D 683 -8.05 -5.89 -33.65
N ASN D 684 -8.45 -5.18 -32.59
CA ASN D 684 -9.88 -4.88 -32.35
C ASN D 684 -10.24 -3.49 -32.86
N VAL D 685 -9.73 -2.47 -32.20
CA VAL D 685 -9.86 -1.11 -32.66
C VAL D 685 -8.51 -0.85 -33.32
N HIS D 686 -8.51 -0.89 -34.64
CA HIS D 686 -7.27 -0.87 -35.41
C HIS D 686 -6.53 0.45 -35.32
N PHE D 687 -5.21 0.38 -35.19
CA PHE D 687 -4.34 1.55 -35.11
C PHE D 687 -4.65 2.60 -36.19
N GLN D 688 -4.98 2.12 -37.39
CA GLN D 688 -5.64 2.90 -38.43
C GLN D 688 -6.50 4.04 -37.88
N GLN D 689 -7.40 3.68 -36.99
CA GLN D 689 -8.38 4.62 -36.46
C GLN D 689 -7.70 5.86 -35.91
N SER D 690 -6.71 5.66 -35.05
CA SER D 690 -5.88 6.75 -34.54
C SER D 690 -4.94 7.33 -35.59
N ALA D 691 -4.44 6.51 -36.53
CA ALA D 691 -3.55 7.03 -37.59
C ALA D 691 -4.27 8.07 -38.45
N GLN D 692 -5.57 7.88 -38.57
CA GLN D 692 -6.41 8.79 -39.29
C GLN D 692 -6.76 10.03 -38.45
N ILE D 693 -6.90 9.87 -37.15
CA ILE D 693 -7.13 11.04 -36.31
C ILE D 693 -5.88 11.94 -36.41
N SER D 694 -4.72 11.40 -36.06
CA SER D 694 -3.47 12.10 -36.15
C SER D 694 -3.32 12.86 -37.49
N LYS D 695 -3.57 12.16 -38.59
CA LYS D 695 -3.41 12.75 -39.91
C LYS D 695 -4.32 13.97 -40.12
N ALA D 696 -5.59 13.81 -39.75
CA ALA D 696 -6.57 14.90 -39.85
C ALA D 696 -6.12 16.11 -39.04
N LEU D 697 -5.54 15.86 -37.86
CA LEU D 697 -5.10 16.94 -36.98
C LEU D 697 -3.89 17.65 -37.58
N VAL D 698 -3.00 16.88 -38.19
CA VAL D 698 -1.85 17.47 -38.87
C VAL D 698 -2.29 18.35 -40.02
N ASP D 699 -3.31 17.91 -40.78
CA ASP D 699 -3.75 18.64 -41.98
C ASP D 699 -4.45 19.96 -41.73
N VAL D 700 -4.86 20.21 -40.48
CA VAL D 700 -5.42 21.49 -40.09
C VAL D 700 -4.52 22.24 -39.09
N GLY D 701 -3.31 21.74 -38.86
CA GLY D 701 -2.31 22.47 -38.09
C GLY D 701 -2.46 22.41 -36.58
N VAL D 702 -3.23 21.44 -36.10
CA VAL D 702 -3.42 21.23 -34.67
C VAL D 702 -2.25 20.48 -34.04
N ASP D 703 -1.71 21.05 -32.97
CA ASP D 703 -0.72 20.38 -32.15
C ASP D 703 -1.39 19.53 -31.04
N PHE D 704 -0.75 18.39 -30.70
CA PHE D 704 -1.28 17.39 -29.78
C PHE D 704 -0.20 16.38 -29.41
N GLN D 705 -0.42 15.66 -28.33
CA GLN D 705 0.54 14.66 -27.88
C GLN D 705 0.10 13.35 -28.50
N ALA D 706 1.07 12.48 -28.75
CA ALA D 706 0.81 11.16 -29.26
C ALA D 706 1.70 10.14 -28.54
N MET D 707 1.23 8.90 -28.51
CA MET D 707 2.03 7.80 -28.03
C MET D 707 1.51 6.55 -28.70
N TRP D 708 2.39 5.87 -29.43
CA TRP D 708 2.11 4.52 -29.93
C TRP D 708 2.71 3.54 -28.95
N TYR D 709 2.16 2.33 -28.90
CA TYR D 709 2.78 1.25 -28.13
C TYR D 709 3.09 0.10 -29.06
N THR D 710 4.38 -0.12 -29.34
CA THR D 710 4.78 -1.19 -30.24
C THR D 710 4.31 -2.56 -29.77
N ASP D 711 3.61 -3.24 -30.67
CA ASP D 711 3.13 -4.61 -30.50
C ASP D 711 2.04 -4.79 -29.45
N GLU D 712 1.61 -3.71 -28.82
CA GLU D 712 0.56 -3.84 -27.82
C GLU D 712 -0.78 -3.95 -28.52
N ASP D 713 -1.75 -4.64 -27.91
CA ASP D 713 -3.08 -4.73 -28.51
C ASP D 713 -4.08 -3.81 -27.81
N HIS D 714 -5.38 -4.09 -27.93
CA HIS D 714 -6.40 -3.20 -27.42
C HIS D 714 -6.35 -3.03 -25.89
N GLY D 715 -5.76 -3.99 -25.19
CA GLY D 715 -5.70 -3.87 -23.76
C GLY D 715 -4.51 -3.07 -23.25
N ILE D 716 -3.51 -2.86 -24.12
CA ILE D 716 -2.19 -2.34 -23.70
C ILE D 716 -1.86 -2.90 -22.31
N ALA D 717 -1.88 -4.23 -22.25
CA ALA D 717 -1.96 -4.97 -21.00
C ALA D 717 -0.64 -5.57 -20.53
N SER D 718 0.41 -5.50 -21.35
CA SER D 718 1.70 -5.98 -20.86
C SER D 718 2.04 -5.26 -19.57
N SER D 719 2.70 -5.96 -18.66
CA SER D 719 3.08 -5.34 -17.42
C SER D 719 3.78 -3.99 -17.63
N THR D 720 4.80 -3.95 -18.48
CA THR D 720 5.63 -2.75 -18.62
C THR D 720 4.96 -1.69 -19.45
N ALA D 721 4.08 -2.11 -20.36
CA ALA D 721 3.29 -1.18 -21.16
C ALA D 721 2.15 -0.60 -20.35
N HIS D 722 1.47 -1.43 -19.57
CA HIS D 722 0.41 -0.95 -18.68
C HIS D 722 0.94 0.12 -17.76
N GLN D 723 2.13 -0.08 -17.24
CA GLN D 723 2.74 0.90 -16.35
C GLN D 723 3.11 2.17 -17.12
N HIS D 724 3.64 2.00 -18.32
CA HIS D 724 4.07 3.15 -19.09
C HIS D 724 2.89 4.04 -19.42
N ILE D 725 1.76 3.44 -19.80
CA ILE D 725 0.64 4.24 -20.29
C ILE D 725 0.07 5.09 -19.14
N TYR D 726 -0.21 4.47 -18.00
CA TYR D 726 -0.74 5.24 -16.88
C TYR D 726 0.22 6.31 -16.38
N THR D 727 1.52 6.02 -16.36
CA THR D 727 2.52 7.02 -16.01
C THR D 727 2.42 8.20 -16.97
N HIS D 728 2.34 7.90 -18.27
CA HIS D 728 2.31 8.95 -19.31
C HIS D 728 1.04 9.77 -19.24
N MET D 729 -0.09 9.09 -19.05
CA MET D 729 -1.38 9.77 -18.87
C MET D 729 -1.40 10.60 -17.61
N SER D 730 -0.72 10.12 -16.56
CA SER D 730 -0.67 10.85 -15.30
C SER D 730 0.03 12.18 -15.51
N HIS D 731 1.22 12.16 -16.10
CA HIS D 731 1.96 13.40 -16.41
C HIS D 731 1.15 14.40 -17.22
N PHE D 732 0.44 13.90 -18.21
CA PHE D 732 -0.36 14.77 -19.07
C PHE D 732 -1.44 15.47 -18.27
N ILE D 733 -2.16 14.68 -17.47
CA ILE D 733 -3.25 15.21 -16.66
C ILE D 733 -2.69 16.24 -15.70
N LYS D 734 -1.73 15.81 -14.88
CA LYS D 734 -1.08 16.71 -13.91
C LYS D 734 -0.69 18.03 -14.55
N GLN D 735 -0.17 17.95 -15.76
CA GLN D 735 0.30 19.15 -16.44
C GLN D 735 -0.86 19.98 -16.95
N CYS D 736 -1.85 19.34 -17.56
CA CYS D 736 -3.07 20.03 -17.96
C CYS D 736 -3.67 20.78 -16.79
N PHE D 737 -3.50 20.25 -15.58
CA PHE D 737 -4.07 20.84 -14.36
C PHE D 737 -3.05 21.63 -13.51
N SER D 738 -1.89 21.90 -14.07
CA SER D 738 -0.84 22.66 -13.38
C SER D 738 -0.43 22.06 -12.04
N LEU D 739 -0.59 20.75 -11.91
CA LEU D 739 -0.24 20.05 -10.66
C LEU D 739 1.28 19.79 -10.62
N PRO D 740 1.86 19.77 -9.41
CA PRO D 740 3.31 19.71 -9.25
C PRO D 740 3.88 18.28 -9.13
C1 NAG E . 16.29 -13.53 -61.59
C2 NAG E . 16.28 -14.25 -62.92
C3 NAG E . 15.46 -15.49 -62.67
C4 NAG E . 16.12 -16.31 -61.56
C5 NAG E . 16.37 -15.48 -60.31
C6 NAG E . 17.20 -16.26 -59.30
C7 NAG E . 16.51 -12.71 -64.82
C8 NAG E . 15.89 -11.97 -65.97
N2 NAG E . 15.74 -13.48 -64.05
O3 NAG E . 15.37 -16.32 -63.80
O4 NAG E . 15.23 -17.36 -61.29
O5 NAG E . 17.03 -14.27 -60.64
O6 NAG E . 17.42 -15.44 -58.18
O7 NAG E . 17.71 -12.58 -64.60
C1 NAG E . 16.25 -19.10 -61.09
C2 NAG E . 15.19 -19.87 -60.34
C3 NAG E . 15.35 -21.35 -60.75
C4 NAG E . 15.13 -21.46 -62.27
C5 NAG E . 16.15 -20.55 -62.96
C6 NAG E . 16.08 -20.54 -64.49
C7 NAG E . 14.39 -18.72 -58.29
C8 NAG E . 14.57 -18.60 -56.80
N2 NAG E . 15.23 -19.59 -58.90
O3 NAG E . 14.48 -22.21 -60.06
O4 NAG E . 15.20 -22.81 -62.73
O5 NAG E . 15.95 -19.23 -62.48
O6 NAG E . 14.84 -20.01 -64.91
O7 NAG E . 13.50 -18.03 -58.84
C4 LUI F . 9.37 16.09 31.61
C5 LUI F . 8.78 16.71 30.51
C6 LUI F . 9.52 16.85 29.33
C7 LUI F . 12.83 15.27 30.33
C10 LUI F . 11.33 14.99 32.68
C13 LUI F . 9.18 13.23 35.15
C15 LUI F . 9.72 15.38 36.07
C17 LUI F . 13.34 13.86 33.76
C20 LUI F . 15.78 15.43 31.22
C21 LUI F . 17.15 15.03 31.74
C22 LUI F . 15.29 16.60 32.06
C26 LUI F . 5.72 18.77 30.22
O28 LUI F . 5.19 19.61 29.51
N27 LUI F . 5.22 18.29 31.37
C25 LUI F . 7.05 18.22 29.80
O24 LUI F . 7.48 17.15 30.64
C1 LUI F . 10.84 16.40 29.26
C3 LUI F . 10.69 15.63 31.53
C9 LUI F . 12.73 14.51 32.55
N18 LUI F . 12.91 12.48 33.80
N8 LUI F . 13.41 14.68 31.38
C19 LUI F . 14.80 14.24 31.22
O23 LUI F . 13.49 15.40 29.28
C2 LUI F . 11.42 15.78 30.36
C11 LUI F . 10.56 14.78 33.92
C16 LUI F . 10.46 15.70 34.94
C14 LUI F . 9.08 14.16 36.17
C12 LUI F . 9.92 13.54 34.02
C1 NAG G . 20.53 -12.34 13.01
C2 NAG G . 21.33 -13.59 12.66
C3 NAG G . 21.25 -13.76 11.13
C4 NAG G . 19.77 -14.00 10.77
C5 NAG G . 18.81 -13.00 11.46
C6 NAG G . 17.34 -13.51 11.46
C7 NAG G . 23.81 -13.21 12.84
C8 NAG G . 25.03 -13.66 13.61
N2 NAG G . 22.65 -13.73 13.27
O3 NAG G . 22.06 -14.83 10.65
O4 NAG G . 19.62 -13.97 9.36
O5 NAG G . 19.17 -12.69 12.81
O6 NAG G . 16.98 -14.30 12.59
O7 NAG G . 23.90 -12.38 11.91
C1 NAG H . 46.07 10.09 16.95
C2 NAG H . 47.27 10.21 16.03
C3 NAG H . 48.34 9.20 16.43
C4 NAG H . 48.65 9.33 17.93
C5 NAG H . 47.38 9.44 18.80
C6 NAG H . 47.68 9.84 20.25
C7 NAG H . 47.36 11.13 13.74
C8 NAG H . 46.80 11.12 12.32
N2 NAG H . 46.87 10.23 14.62
O3 NAG H . 49.51 9.49 15.73
O4 NAG H . 49.44 8.22 18.32
O5 NAG H . 46.48 10.40 18.27
O6 NAG H . 48.39 11.06 20.32
O7 NAG H . 48.26 11.94 14.04
C1 NAG I . 29.37 -4.61 41.33
C2 NAG I . 30.67 -5.35 41.19
C3 NAG I . 30.63 -6.61 42.01
C4 NAG I . 30.00 -6.40 43.39
C5 NAG I . 28.86 -5.38 43.47
C6 NAG I . 28.66 -4.91 44.91
C7 NAG I . 31.76 -5.10 39.02
C8 NAG I . 31.76 -5.51 37.57
N2 NAG I . 30.84 -5.67 39.79
O3 NAG I . 31.94 -7.08 42.23
O4 NAG I . 29.51 -7.66 43.79
O5 NAG I . 29.15 -4.26 42.69
O6 NAG I . 27.33 -4.45 45.10
O7 NAG I . 32.59 -4.29 39.43
C1 NAG J . 30.32 -7.76 45.85
C2 NAG J . 29.50 -8.93 46.37
C3 NAG J . 30.29 -9.53 47.54
C4 NAG J . 31.72 -9.94 47.09
C5 NAG J . 32.39 -8.85 46.22
C6 NAG J . 33.63 -9.38 45.50
C7 NAG J . 27.09 -8.57 45.84
C8 NAG J . 25.80 -8.02 46.36
N2 NAG J . 28.15 -8.45 46.67
O3 NAG J . 29.62 -10.63 48.13
O4 NAG J . 32.57 -10.29 48.18
O5 NAG J . 31.49 -8.31 45.26
O6 NAG J . 33.26 -9.77 44.20
O7 NAG J . 27.11 -9.10 44.72
C1 NAG K . 40.12 -13.16 28.50
C2 NAG K . 40.70 -14.54 28.14
C3 NAG K . 40.37 -15.63 29.19
C4 NAG K . 38.95 -15.50 29.82
C5 NAG K . 38.38 -14.06 29.85
C6 NAG K . 37.60 -13.74 31.16
C7 NAG K . 40.96 -14.33 25.71
C8 NAG K . 40.34 -14.62 24.34
N2 NAG K . 40.29 -14.83 26.77
O3 NAG K . 41.37 -15.72 30.22
O4 NAG K . 38.06 -16.38 29.14
O5 NAG K . 39.41 -13.11 29.72
O6 NAG K . 38.45 -13.29 32.20
O7 NAG K . 42.01 -13.69 25.80
C1 NAG L . 25.08 21.33 49.64
C2 NAG L . 25.65 22.49 50.46
C3 NAG L . 25.55 22.23 51.95
C4 NAG L . 24.16 21.71 52.35
C5 NAG L . 23.77 20.53 51.46
C6 NAG L . 22.36 19.99 51.76
C7 NAG L . 27.52 23.79 49.49
C8 NAG L . 28.98 23.76 49.12
N2 NAG L . 27.05 22.67 50.05
O3 NAG L . 25.87 23.43 52.60
O4 NAG L . 24.15 21.33 53.71
O5 NAG L . 23.79 20.93 50.10
O6 NAG L . 21.36 20.84 51.26
O7 NAG L . 26.84 24.79 49.26
C4 LUI M . -19.76 -15.53 40.31
C5 LUI M . -20.77 -14.82 40.95
C6 LUI M . -21.18 -15.25 42.23
C7 LUI M . -18.93 -18.25 42.79
C10 LUI M . -18.11 -17.42 40.25
C13 LUI M . -15.93 -15.70 37.80
C15 LUI M . -17.68 -16.77 36.56
C17 LUI M . -16.42 -19.31 40.20
C20 LUI M . -18.44 -21.24 43.03
C21 LUI M . -17.80 -22.56 43.40
C22 LUI M . -19.32 -21.44 41.79
C26 LUI M . -23.16 -12.24 39.83
O28 LUI M . -24.29 -11.84 40.10
N27 LUI M . -22.56 -12.05 38.66
C25 LUI M . -22.40 -13.01 40.87
O24 LUI M . -21.32 -13.73 40.30
C1 LUI M . -20.59 -16.35 42.83
C3 LUI M . -19.18 -16.64 40.93
C9 LUI M . -17.52 -18.58 40.94
N18 LUI M . -15.13 -18.82 40.66
N8 LUI M . -17.96 -18.94 42.18
C19 LUI M . -17.39 -20.11 42.88
O23 LUI M . -19.31 -18.60 43.93
C2 LUI M . -19.58 -17.06 42.18
C11 LUI M . -17.61 -16.97 38.94
C16 LUI M . -18.23 -17.27 37.73
C14 LUI M . -16.53 -15.99 36.59
C12 LUI M . -16.47 -16.18 38.97
C1 NAG N . -33.15 -23.99 81.72
C2 NAG N . -32.07 -24.22 82.81
C3 NAG N . -32.48 -25.19 83.95
C4 NAG N . -33.97 -25.45 84.17
C5 NAG N . -34.75 -25.43 82.86
C6 NAG N . -36.25 -25.49 83.17
C7 NAG N . -29.65 -24.86 82.78
C8 NAG N . -28.57 -25.72 82.12
N2 NAG N . -30.89 -24.85 82.23
O3 NAG N . -31.96 -24.81 85.22
O4 NAG N . -34.14 -26.69 84.85
O5 NAG N . -34.49 -24.25 82.10
O6 NAG N . -36.61 -26.49 84.13
O7 NAG N . -29.32 -24.19 83.77
C1 NAG O . 2.51 -13.99 68.21
C2 NAG O . 3.22 -14.86 69.28
C3 NAG O . 3.44 -14.02 70.54
C4 NAG O . 4.24 -12.75 70.16
C5 NAG O . 3.58 -11.97 69.00
C6 NAG O . 4.41 -10.74 68.53
C7 NAG O . 2.88 -17.31 69.31
C8 NAG O . 1.91 -18.43 69.60
N2 NAG O . 2.43 -16.06 69.52
O3 NAG O . 4.12 -14.81 71.50
O4 NAG O . 4.49 -11.91 71.28
O5 NAG O . 3.24 -12.81 67.91
O6 NAG O . 5.01 -10.86 67.24
O7 NAG O . 4.01 -17.58 68.90
C1 NAG P . 5.45 -32.68 43.20
C2 NAG P . 6.17 -33.76 44.00
C3 NAG P . 7.62 -33.88 43.52
C4 NAG P . 7.69 -34.11 42.01
C5 NAG P . 6.87 -33.01 41.31
C6 NAG P . 6.73 -33.27 39.82
C7 NAG P . 5.62 -34.08 46.35
C8 NAG P . 5.99 -33.71 47.76
N2 NAG P . 6.32 -33.46 45.41
O3 NAG P . 8.22 -34.91 44.26
O4 NAG P . 9.04 -34.10 41.54
O5 NAG P . 5.55 -32.99 41.82
O6 NAG P . 5.86 -32.28 39.29
O7 NAG P . 4.72 -34.89 46.10
C1 NAG Q . 10.53 -37.07 60.49
C2 NAG Q . 11.76 -37.52 61.25
C3 NAG Q . 12.78 -36.40 61.17
C4 NAG Q . 13.04 -36.09 59.69
C5 NAG Q . 11.75 -35.82 58.90
C6 NAG Q . 12.03 -35.69 57.39
C7 NAG Q . 11.43 -39.11 63.13
C8 NAG Q . 10.97 -39.32 64.56
N2 NAG Q . 11.37 -37.86 62.63
O3 NAG Q . 13.95 -36.81 61.83
O4 NAG Q . 13.93 -34.99 59.60
O5 NAG Q . 10.78 -36.83 59.12
O6 NAG Q . 11.30 -36.65 56.66
O7 NAG Q . 11.84 -40.07 62.49
C1 NAG R . -16.70 -36.24 27.75
C2 NAG R . -17.22 -37.57 27.18
C3 NAG R . -17.02 -37.77 25.66
C4 NAG R . -16.52 -36.57 24.85
C5 NAG R . -15.80 -35.54 25.71
C6 NAG R . -15.47 -34.23 24.97
C7 NAG R . -17.42 -39.52 28.69
C8 NAG R . -16.69 -40.59 29.46
N2 NAG R . -16.65 -38.67 27.98
O3 NAG R . -18.28 -38.15 25.12
O4 NAG R . -15.71 -37.02 23.76
O5 NAG R . -16.68 -35.23 26.77
O6 NAG R . -16.63 -33.41 24.85
O7 NAG R . -18.66 -39.45 28.71
C4 LUI S . 21.33 11.35 -44.76
C5 LUI S . 21.33 12.73 -44.67
C6 LUI S . 21.47 13.50 -45.81
C7 LUI S . 21.79 10.78 -48.44
C10 LUI S . 21.50 9.25 -46.10
C13 LUI S . 19.83 7.20 -43.45
C15 LUI S . 22.18 7.29 -42.98
C17 LUI S . 21.67 7.12 -47.63
C20 LUI S . 23.45 9.03 -50.32
C21 LUI S . 23.77 8.20 -51.56
C22 LUI S . 24.42 8.71 -49.18
C26 LUI S . 21.27 14.86 -41.72
O28 LUI S . 21.82 15.93 -41.45
N27 LUI S . 21.06 13.88 -40.83
C25 LUI S . 20.80 14.60 -43.12
O24 LUI S . 21.18 13.26 -43.42
C1 LUI S . 21.63 12.87 -47.03
C3 LUI S . 21.48 10.73 -45.98
C9 LUI S . 21.67 8.64 -47.46
N18 LUI S . 22.14 6.38 -46.50
N8 LUI S . 21.80 9.44 -48.54
C19 LUI S . 21.98 8.89 -49.89
O23 LUI S . 21.92 11.49 -49.46
C2 LUI S . 21.63 11.48 -47.13
C11 LUI S . 21.33 8.42 -44.89
C16 LUI S . 22.40 8.08 -44.10
C14 LUI S . 20.91 6.84 -42.65
C12 LUI S . 20.04 8.00 -44.57
C4 LUI T . -15.58 -1.94 -24.59
C5 LUI T . -15.23 -1.77 -23.26
C6 LUI T . -15.34 -2.87 -22.40
C7 LUI T . -16.64 -5.57 -24.72
C10 LUI T . -16.44 -3.37 -26.45
C13 LUI T . -14.80 -1.22 -29.01
C15 LUI T . -16.95 -0.24 -28.53
C17 LUI T . -17.29 -4.86 -28.36
C20 LUI T . -18.89 -7.39 -25.89
C21 LUI T . -19.62 -8.41 -26.76
C22 LUI T . -19.74 -6.14 -25.84
C26 LUI T . -14.57 1.31 -21.20
O28 LUI T . -14.58 1.78 -20.04
N27 LUI T . -14.37 2.04 -22.31
C25 LUI T . -14.80 -0.17 -21.44
O24 LUI T . -14.79 -0.53 -22.84
C1 LUI T . -15.79 -4.11 -22.86
C3 LUI T . -16.05 -3.18 -25.04
C9 LUI T . -16.90 -4.72 -26.89
N18 LUI T . -16.17 -5.22 -29.20
N8 LUI T . -16.99 -5.75 -26.02
C19 LUI T . -17.47 -7.10 -26.40
O23 LUI T . -16.73 -6.54 -23.94
C2 LUI T . -16.15 -4.26 -24.19
C11 LUI T . -16.28 -2.24 -27.40
C16 LUI T . -17.22 -1.24 -27.61
C14 LUI T . -15.75 -0.23 -29.23
C12 LUI T . -15.07 -2.21 -28.09
C1 NAG U . 4.78 -31.23 -28.82
C2 NAG U . 6.08 -31.42 -27.99
C3 NAG U . 6.62 -32.87 -28.03
C4 NAG U . 5.49 -33.92 -27.92
C5 NAG U . 4.43 -33.55 -28.98
C6 NAG U . 3.34 -34.61 -29.19
C7 NAG U . 7.67 -30.23 -29.56
C8 NAG U . 8.90 -29.33 -29.62
N2 NAG U . 7.18 -30.50 -28.34
O3 NAG U . 7.58 -33.15 -27.02
O4 NAG U . 6.00 -35.24 -28.03
O5 NAG U . 3.86 -32.30 -28.60
O6 NAG U . 2.07 -34.00 -29.31
O7 NAG U . 7.19 -30.65 -30.63
C1 NAG V . -28.21 -39.98 -23.29
C2 NAG V . -28.63 -41.27 -22.59
C3 NAG V . -29.13 -42.25 -23.63
C4 NAG V . -30.11 -41.62 -24.64
C5 NAG V . -29.49 -40.34 -25.20
C6 NAG V . -30.40 -39.59 -26.17
C7 NAG V . -27.37 -41.98 -20.53
C8 NAG V . -26.08 -42.57 -20.00
N2 NAG V . -27.46 -41.80 -21.87
O3 NAG V . -29.75 -43.34 -22.97
O4 NAG V . -30.46 -42.55 -25.66
O5 NAG V . -29.21 -39.46 -24.14
O6 NAG V . -31.50 -39.05 -25.47
O7 NAG V . -28.26 -41.70 -19.74
C1 NAG W . -16.72 -21.34 -48.39
C2 NAG W . -17.42 -22.59 -48.85
C3 NAG W . -17.39 -22.73 -50.36
C4 NAG W . -17.87 -21.48 -51.09
C5 NAG W . -17.42 -20.14 -50.45
C6 NAG W . -18.55 -19.16 -50.13
C7 NAG W . -17.24 -24.45 -47.24
C8 NAG W . -16.35 -25.51 -46.70
N2 NAG W . -16.72 -23.69 -48.20
O3 NAG W . -18.26 -23.78 -50.69
O4 NAG W . -17.44 -21.53 -52.46
O5 NAG W . -16.58 -20.26 -49.29
O6 NAG W . -18.15 -17.83 -50.40
O7 NAG W . -18.39 -24.35 -46.79
C1 NAG X . -12.71 -39.28 -44.63
C2 NAG X . -12.02 -40.52 -45.25
C3 NAG X . -11.10 -40.19 -46.43
C4 NAG X . -11.21 -38.76 -47.01
C5 NAG X . -11.64 -37.72 -45.94
C6 NAG X . -11.81 -36.31 -46.49
C7 NAG X . -11.78 -42.17 -43.38
C8 NAG X . -10.92 -42.54 -42.19
N2 NAG X . -11.32 -41.14 -44.12
O3 NAG X . -11.36 -41.14 -47.45
O4 NAG X . -10.00 -38.35 -47.65
O5 NAG X . -12.88 -38.15 -45.43
O6 NAG X . -12.86 -36.28 -47.44
O7 NAG X . -12.81 -42.81 -43.61
#